data_5VLB
#
_entry.id   5VLB
#
_cell.length_a   105.752
_cell.length_b   142.814
_cell.length_c   105.357
_cell.angle_alpha   90.00
_cell.angle_beta   120.16
_cell.angle_gamma   90.00
#
_symmetry.space_group_name_H-M   'P 1 21 1'
#
loop_
_entity.id
_entity.type
_entity.pdbx_description
1 polymer 'Histidinol dehydrogenase, chloroplastic'
2 non-polymer 'ZINC ION'
3 non-polymer IMIDAZOLE
4 non-polymer DI(HYDROXYETHYL)ETHER
5 water water
#
_entity_poly.entity_id   1
_entity_poly.type   'polypeptide(L)'
_entity_poly.pdbx_seq_one_letter_code
;SNASISMANPIKTYHLSNLTQTELLSLKSRPRIDFSSVFDIVNPIVDDVHAHGDAAVKQYTSKFDKVDLENIVELVSDLP
DPVLDPAIKEAFDVAYSNIYAFHAAQKSPEKSVENMKGVQCKRVARSINSVGLYVPGGTAVLPSTALMLAVPAQIAGCKT
IVLANPPTRDGTTCKEVLYCAKKAGVTHLLKAGGAQAISAMAWGTETCPKVEKIFGPGNQYVTAAKMILQNSEAMVSIDM
PAGPSEVLVIADKHAIPSHVAADLLSQAEHGPDSQVVLVIAGDGVDQNAIQEEVSKQCQSLPRGEFAAKALSHSFIVHAR
DMLEAITFSNMYAPEHLIINVKDAEKWESFIENAGSVFLGSWTPESVGDYASGTNHVLPTYGYARMYSGVSLDSFLKYIT
VQSLTEEGLRKLGPYVETMAEVEGLEAHKRAVTLRLQDIEARQVSR
;
_entity_poly.pdbx_strand_id   A,B,C,D,E,F
#
loop_
_chem_comp.id
_chem_comp.type
_chem_comp.name
_chem_comp.formula
IMD non-polymer IMIDAZOLE 'C3 H5 N2 1'
PEG non-polymer DI(HYDROXYETHYL)ETHER 'C4 H10 O3'
ZN non-polymer 'ZINC ION' 'Zn 2'
#
# COMPACT_ATOMS: atom_id res chain seq x y z
N ILE A 11 -35.11 -36.85 10.58
CA ILE A 11 -35.17 -37.94 11.58
C ILE A 11 -33.89 -38.82 11.42
N LYS A 12 -33.62 -39.33 10.22
CA LYS A 12 -32.55 -40.33 9.97
C LYS A 12 -31.16 -39.86 10.47
N THR A 13 -30.42 -40.72 11.14
CA THR A 13 -29.22 -40.31 11.86
C THR A 13 -28.09 -41.27 11.53
N TYR A 14 -26.87 -40.76 11.54
CA TYR A 14 -25.69 -41.56 11.35
C TYR A 14 -24.66 -41.06 12.32
N HIS A 15 -23.70 -41.92 12.69
CA HIS A 15 -22.55 -41.52 13.49
C HIS A 15 -21.25 -41.86 12.75
N LEU A 16 -20.34 -40.91 12.69
CA LEU A 16 -19.16 -41.05 11.83
C LEU A 16 -18.27 -42.22 12.22
N SER A 17 -18.10 -42.46 13.52
CA SER A 17 -17.48 -43.71 14.03
C SER A 17 -18.06 -45.04 13.57
N ASN A 18 -19.37 -45.15 13.42
CA ASN A 18 -20.04 -46.41 13.04
C ASN A 18 -19.94 -46.82 11.56
N LEU A 19 -19.47 -45.92 10.69
CA LEU A 19 -19.60 -46.08 9.23
C LEU A 19 -18.38 -46.67 8.54
N THR A 20 -18.64 -47.41 7.46
CA THR A 20 -17.59 -47.89 6.55
C THR A 20 -17.33 -46.85 5.47
N GLN A 21 -16.16 -46.99 4.83
CA GLN A 21 -15.81 -46.25 3.60
C GLN A 21 -16.96 -46.30 2.62
N THR A 22 -17.39 -47.51 2.32
CA THR A 22 -18.56 -47.72 1.46
C THR A 22 -19.68 -46.75 1.84
N GLU A 23 -20.03 -46.72 3.12
CA GLU A 23 -21.15 -45.89 3.62
C GLU A 23 -20.96 -44.34 3.59
N LEU A 24 -19.80 -43.81 4.03
CA LEU A 24 -19.46 -42.37 3.84
C LEU A 24 -19.69 -41.99 2.39
N LEU A 25 -19.07 -42.71 1.46
CA LEU A 25 -19.18 -42.38 0.03
C LEU A 25 -20.61 -42.32 -0.44
N SER A 26 -21.47 -43.09 0.19
CA SER A 26 -22.91 -42.99 -0.13
C SER A 26 -23.52 -41.66 0.37
N LEU A 27 -23.07 -41.17 1.54
CA LEU A 27 -23.49 -39.87 2.11
C LEU A 27 -22.98 -38.65 1.33
N LYS A 28 -21.74 -38.71 0.89
CA LYS A 28 -21.17 -37.71 -0.03
C LYS A 28 -22.01 -37.40 -1.29
N SER A 29 -22.65 -38.41 -1.87
CA SER A 29 -23.26 -38.27 -3.18
C SER A 29 -24.74 -38.00 -3.04
N ARG A 30 -25.23 -37.07 -3.86
CA ARG A 30 -26.64 -36.69 -3.83
C ARG A 30 -27.41 -37.76 -4.62
N PRO A 31 -28.75 -37.78 -4.48
CA PRO A 31 -29.55 -38.67 -5.36
C PRO A 31 -29.43 -38.38 -6.87
N ARG A 32 -29.38 -39.40 -7.72
CA ARG A 32 -29.26 -39.16 -9.17
C ARG A 32 -30.53 -38.51 -9.66
N ILE A 33 -30.38 -37.62 -10.63
CA ILE A 33 -31.56 -37.03 -11.23
C ILE A 33 -31.70 -37.58 -12.65
N ASP A 34 -32.93 -37.90 -13.03
CA ASP A 34 -33.18 -38.36 -14.38
C ASP A 34 -33.15 -37.18 -15.34
N PHE A 35 -32.01 -36.97 -15.97
CA PHE A 35 -31.90 -35.89 -16.96
C PHE A 35 -32.43 -36.34 -18.31
N SER A 36 -32.42 -37.64 -18.55
CA SER A 36 -32.84 -38.19 -19.84
C SER A 36 -34.21 -37.71 -20.23
N SER A 37 -35.17 -37.81 -19.29
CA SER A 37 -36.55 -37.34 -19.52
C SER A 37 -36.57 -35.82 -19.77
N VAL A 38 -35.81 -35.09 -18.95
CA VAL A 38 -35.69 -33.64 -19.09
C VAL A 38 -35.07 -33.29 -20.46
N PHE A 39 -33.98 -33.96 -20.80
CA PHE A 39 -33.38 -33.83 -22.14
C PHE A 39 -34.39 -34.04 -23.29
N ASP A 40 -35.31 -35.01 -23.16
CA ASP A 40 -36.30 -35.30 -24.21
C ASP A 40 -37.25 -34.12 -24.43
N ILE A 41 -37.55 -33.42 -23.33
CA ILE A 41 -38.40 -32.24 -23.37
C ILE A 41 -37.63 -31.03 -23.93
N VAL A 42 -36.41 -30.82 -23.43
CA VAL A 42 -35.67 -29.58 -23.62
C VAL A 42 -35.11 -29.46 -25.03
N ASN A 43 -34.51 -30.54 -25.51
CA ASN A 43 -33.77 -30.52 -26.79
C ASN A 43 -34.54 -29.97 -28.03
N PRO A 44 -35.79 -30.43 -28.27
CA PRO A 44 -36.58 -29.85 -29.38
C PRO A 44 -37.10 -28.42 -29.16
N ILE A 45 -37.26 -28.02 -27.91
CA ILE A 45 -37.47 -26.62 -27.60
C ILE A 45 -36.26 -25.81 -28.08
N VAL A 46 -35.06 -26.23 -27.70
CA VAL A 46 -33.85 -25.46 -28.08
C VAL A 46 -33.79 -25.24 -29.60
N ASP A 47 -33.94 -26.34 -30.33
CA ASP A 47 -33.87 -26.37 -31.81
C ASP A 47 -34.91 -25.46 -32.43
N ASP A 48 -36.12 -25.56 -31.88
CA ASP A 48 -37.25 -24.79 -32.36
C ASP A 48 -37.01 -23.30 -32.21
N VAL A 49 -36.50 -22.87 -31.06
CA VAL A 49 -36.13 -21.47 -30.86
C VAL A 49 -34.96 -21.05 -31.77
N HIS A 50 -33.92 -21.88 -31.87
CA HIS A 50 -32.82 -21.68 -32.85
C HIS A 50 -33.37 -21.41 -34.30
N ALA A 51 -34.27 -22.28 -34.79
CA ALA A 51 -34.81 -22.13 -36.17
C ALA A 51 -35.90 -21.04 -36.33
N HIS A 52 -36.82 -20.89 -35.37
CA HIS A 52 -38.01 -20.04 -35.57
C HIS A 52 -38.08 -18.72 -34.75
N GLY A 53 -37.14 -18.52 -33.83
CA GLY A 53 -36.99 -17.21 -33.21
C GLY A 53 -38.15 -16.84 -32.32
N ASP A 54 -38.51 -15.57 -32.34
CA ASP A 54 -39.45 -15.05 -31.36
C ASP A 54 -40.80 -15.76 -31.37
N ALA A 55 -41.24 -16.16 -32.57
CA ALA A 55 -42.54 -16.86 -32.76
C ALA A 55 -42.55 -18.19 -32.00
N ALA A 56 -41.43 -18.91 -32.07
CA ALA A 56 -41.27 -20.13 -31.29
C ALA A 56 -41.30 -19.86 -29.79
N VAL A 57 -40.72 -18.73 -29.37
CA VAL A 57 -40.68 -18.35 -27.95
C VAL A 57 -42.08 -17.95 -27.45
N LYS A 58 -42.76 -17.14 -28.22
CA LYS A 58 -44.16 -16.73 -27.91
C LYS A 58 -45.09 -17.91 -27.63
N GLN A 59 -44.95 -18.95 -28.45
CA GLN A 59 -45.71 -20.19 -28.33
C GLN A 59 -45.45 -20.94 -27.06
N TYR A 60 -44.17 -21.12 -26.71
CA TYR A 60 -43.81 -21.81 -25.47
C TYR A 60 -44.22 -21.02 -24.26
N THR A 61 -44.08 -19.69 -24.29
CA THR A 61 -44.57 -18.86 -23.20
C THR A 61 -46.10 -19.05 -23.02
N SER A 62 -46.81 -19.01 -24.15
CA SER A 62 -48.25 -19.24 -24.13
C SER A 62 -48.69 -20.60 -23.57
N LYS A 63 -47.99 -21.66 -23.92
CA LYS A 63 -48.31 -23.00 -23.44
C LYS A 63 -48.02 -23.17 -21.93
N PHE A 64 -46.78 -22.90 -21.48
CA PHE A 64 -46.32 -23.22 -20.09
C PHE A 64 -46.60 -22.10 -19.07
N ASP A 65 -46.43 -20.86 -19.49
CA ASP A 65 -46.68 -19.74 -18.60
C ASP A 65 -48.12 -19.20 -18.72
N LYS A 66 -48.87 -19.63 -19.75
CA LYS A 66 -50.29 -19.25 -19.98
C LYS A 66 -50.45 -17.74 -20.15
N VAL A 67 -49.58 -17.18 -20.98
CA VAL A 67 -49.51 -15.74 -21.23
C VAL A 67 -49.24 -15.57 -22.71
N ASP A 68 -49.97 -14.63 -23.32
CA ASP A 68 -49.83 -14.33 -24.76
C ASP A 68 -49.33 -12.89 -24.91
N LEU A 69 -48.10 -12.74 -25.38
CA LEU A 69 -47.44 -11.43 -25.38
C LEU A 69 -46.70 -11.24 -26.68
N GLU A 70 -46.90 -10.09 -27.34
CA GLU A 70 -46.27 -9.84 -28.63
C GLU A 70 -44.88 -9.21 -28.49
N ASN A 71 -44.70 -8.28 -27.57
CA ASN A 71 -43.38 -7.71 -27.32
C ASN A 71 -42.68 -8.46 -26.19
N ILE A 72 -41.83 -9.43 -26.59
CA ILE A 72 -41.12 -10.30 -25.64
C ILE A 72 -39.76 -9.76 -25.21
N VAL A 73 -39.23 -8.76 -25.92
CA VAL A 73 -38.01 -8.13 -25.50
C VAL A 73 -38.21 -6.64 -25.36
N GLU A 74 -37.77 -6.14 -24.23
CA GLU A 74 -38.03 -4.79 -23.85
C GLU A 74 -36.69 -4.16 -23.51
N LEU A 75 -36.40 -3.03 -24.15
CA LEU A 75 -35.30 -2.18 -23.73
C LEU A 75 -35.63 -1.47 -22.37
N VAL A 76 -34.86 -1.81 -21.35
CA VAL A 76 -35.11 -1.40 -19.97
C VAL A 76 -35.15 0.14 -19.77
N SER A 77 -34.30 0.83 -20.52
CA SER A 77 -34.27 2.31 -20.59
C SER A 77 -35.62 2.99 -20.77
N ASP A 78 -36.40 2.51 -21.72
CA ASP A 78 -37.69 3.14 -21.99
C ASP A 78 -38.88 2.39 -21.35
N LEU A 79 -38.60 1.70 -20.25
CA LEU A 79 -39.65 1.19 -19.36
C LEU A 79 -39.80 2.18 -18.20
N PRO A 80 -41.04 2.45 -17.79
CA PRO A 80 -41.21 3.38 -16.68
C PRO A 80 -40.77 2.72 -15.39
N ASP A 81 -40.13 3.50 -14.53
CA ASP A 81 -39.89 3.09 -13.17
C ASP A 81 -41.13 2.49 -12.52
N PRO A 82 -40.98 1.30 -11.91
CA PRO A 82 -42.05 0.82 -11.07
C PRO A 82 -42.06 1.62 -9.74
N VAL A 83 -43.24 1.71 -9.16
CA VAL A 83 -43.44 2.31 -7.84
C VAL A 83 -43.80 1.11 -6.96
N LEU A 84 -43.02 0.97 -5.88
CA LEU A 84 -43.19 -0.10 -4.90
C LEU A 84 -43.31 0.64 -3.61
N ASP A 85 -43.79 -0.03 -2.58
CA ASP A 85 -43.84 0.59 -1.26
C ASP A 85 -42.44 0.96 -0.80
N PRO A 86 -42.30 2.04 -0.02
CA PRO A 86 -40.97 2.51 0.37
C PRO A 86 -40.09 1.63 1.29
N ALA A 87 -40.65 0.73 2.08
CA ALA A 87 -39.83 -0.13 2.93
C ALA A 87 -39.09 -1.11 2.07
N ILE A 88 -39.79 -1.54 1.02
CA ILE A 88 -39.35 -2.51 0.05
C ILE A 88 -38.24 -1.90 -0.83
N LYS A 89 -38.46 -0.67 -1.34
CA LYS A 89 -37.38 0.07 -2.03
C LYS A 89 -36.17 0.18 -1.13
N GLU A 90 -36.37 0.55 0.13
CA GLU A 90 -35.23 0.78 1.01
C GLU A 90 -34.42 -0.50 1.25
N ALA A 91 -35.14 -1.61 1.41
CA ALA A 91 -34.51 -2.91 1.64
C ALA A 91 -33.65 -3.39 0.47
N PHE A 92 -34.16 -3.28 -0.76
CA PHE A 92 -33.41 -3.62 -1.99
C PHE A 92 -32.26 -2.67 -2.26
N ASP A 93 -32.42 -1.39 -1.90
CA ASP A 93 -31.30 -0.44 -1.90
C ASP A 93 -30.12 -0.78 -0.96
N VAL A 94 -30.42 -1.21 0.25
CA VAL A 94 -29.41 -1.69 1.17
C VAL A 94 -28.71 -2.93 0.56
N ALA A 95 -29.50 -3.82 -0.01
CA ALA A 95 -28.99 -5.02 -0.59
C ALA A 95 -28.08 -4.68 -1.74
N TYR A 96 -28.58 -3.84 -2.65
CA TYR A 96 -27.81 -3.31 -3.76
C TYR A 96 -26.51 -2.74 -3.25
N SER A 97 -26.56 -1.93 -2.20
CA SER A 97 -25.35 -1.31 -1.73
C SER A 97 -24.29 -2.32 -1.21
N ASN A 98 -24.73 -3.30 -0.40
CA ASN A 98 -23.79 -4.29 0.14
C ASN A 98 -23.22 -5.26 -0.92
N ILE A 99 -24.06 -5.65 -1.86
CA ILE A 99 -23.65 -6.52 -2.97
C ILE A 99 -22.66 -5.76 -3.89
N TYR A 100 -22.94 -4.50 -4.18
CA TYR A 100 -22.00 -3.69 -4.89
C TYR A 100 -20.63 -3.61 -4.21
N ALA A 101 -20.61 -3.17 -2.95
CA ALA A 101 -19.36 -3.00 -2.24
C ALA A 101 -18.57 -4.32 -2.22
N PHE A 102 -19.26 -5.42 -1.90
CA PHE A 102 -18.63 -6.72 -1.82
C PHE A 102 -17.97 -7.10 -3.15
N HIS A 103 -18.71 -6.93 -4.26
CA HIS A 103 -18.20 -7.27 -5.55
C HIS A 103 -17.17 -6.32 -6.13
N ALA A 104 -17.31 -5.03 -5.86
CA ALA A 104 -16.31 -4.07 -6.24
C ALA A 104 -15.01 -4.31 -5.56
N ALA A 105 -15.00 -4.80 -4.32
CA ALA A 105 -13.72 -5.07 -3.71
C ALA A 105 -12.95 -6.22 -4.40
N GLN A 106 -13.53 -6.91 -5.38
CA GLN A 106 -12.84 -8.04 -6.05
C GLN A 106 -11.98 -7.68 -7.27
N LYS A 107 -11.92 -6.41 -7.65
CA LYS A 107 -11.15 -5.97 -8.83
C LYS A 107 -9.66 -6.23 -8.58
N SER A 108 -9.02 -6.86 -9.55
CA SER A 108 -7.61 -7.18 -9.44
C SER A 108 -6.78 -5.96 -9.75
N PRO A 109 -5.69 -5.79 -9.01
CA PRO A 109 -4.66 -4.92 -9.59
C PRO A 109 -4.07 -5.67 -10.79
N GLU A 110 -3.57 -4.92 -11.76
CA GLU A 110 -3.01 -5.44 -12.99
C GLU A 110 -1.56 -4.99 -13.03
N LYS A 111 -0.82 -5.37 -12.01
CA LYS A 111 0.59 -4.99 -11.91
C LYS A 111 1.41 -5.83 -12.86
N SER A 112 2.33 -5.19 -13.56
CA SER A 112 3.20 -5.90 -14.44
C SER A 112 4.23 -6.67 -13.64
N VAL A 113 4.55 -7.84 -14.16
CA VAL A 113 5.60 -8.68 -13.66
C VAL A 113 6.84 -8.50 -14.57
N GLU A 114 8.00 -8.32 -13.96
CA GLU A 114 9.23 -8.15 -14.73
C GLU A 114 10.31 -8.99 -14.04
N ASN A 115 10.24 -10.31 -14.26
CA ASN A 115 11.14 -11.28 -13.61
C ASN A 115 12.58 -11.29 -14.19
N MET A 116 12.72 -10.79 -15.41
CA MET A 116 13.97 -10.60 -16.11
C MET A 116 13.92 -9.24 -16.79
N LYS A 117 14.96 -8.44 -16.65
CA LYS A 117 14.97 -7.11 -17.26
C LYS A 117 14.48 -7.07 -18.73
N GLY A 118 13.51 -6.21 -19.00
CA GLY A 118 12.99 -6.02 -20.35
C GLY A 118 11.99 -7.08 -20.78
N VAL A 119 11.53 -7.93 -19.85
CA VAL A 119 10.48 -8.92 -20.09
C VAL A 119 9.33 -8.55 -19.19
N GLN A 120 8.34 -7.85 -19.75
CA GLN A 120 7.22 -7.27 -19.00
C GLN A 120 5.95 -7.94 -19.40
N CYS A 121 5.31 -8.55 -18.39
CA CYS A 121 4.15 -9.35 -18.54
C CYS A 121 3.04 -8.85 -17.63
N LYS A 122 1.80 -8.92 -18.14
CA LYS A 122 0.66 -8.66 -17.32
C LYS A 122 -0.61 -9.34 -17.74
N ARG A 123 -1.57 -9.28 -16.84
CA ARG A 123 -2.86 -9.92 -16.96
C ARG A 123 -3.91 -8.83 -16.75
N VAL A 124 -4.65 -8.51 -17.81
CA VAL A 124 -5.69 -7.45 -17.78
C VAL A 124 -7.10 -8.00 -17.89
N ALA A 125 -8.01 -7.37 -17.16
CA ALA A 125 -9.42 -7.67 -17.18
C ALA A 125 -10.18 -7.03 -18.34
N ARG A 126 -11.01 -7.79 -19.05
CA ARG A 126 -11.93 -7.23 -20.06
C ARG A 126 -13.28 -7.87 -19.84
N SER A 127 -14.32 -7.07 -19.82
CA SER A 127 -15.64 -7.63 -19.61
C SER A 127 -16.14 -8.54 -20.77
N ILE A 128 -16.99 -9.50 -20.44
CA ILE A 128 -17.67 -10.32 -21.43
C ILE A 128 -18.73 -9.36 -22.01
N ASN A 129 -18.71 -9.20 -23.33
CA ASN A 129 -19.43 -8.13 -24.00
C ASN A 129 -20.92 -8.33 -23.82
N SER A 130 -21.45 -9.54 -24.03
CA SER A 130 -22.86 -9.75 -23.67
C SER A 130 -23.17 -10.97 -22.84
N VAL A 131 -24.09 -10.77 -21.90
CA VAL A 131 -24.37 -11.74 -20.87
C VAL A 131 -25.86 -11.84 -20.68
N GLY A 132 -26.30 -13.06 -20.33
CA GLY A 132 -27.64 -13.37 -20.04
C GLY A 132 -27.78 -13.79 -18.60
N LEU A 133 -28.83 -13.31 -17.94
CA LEU A 133 -29.15 -13.58 -16.56
C LEU A 133 -30.52 -14.25 -16.43
N TYR A 134 -30.57 -15.47 -15.94
CA TYR A 134 -31.85 -16.16 -15.73
C TYR A 134 -32.35 -16.00 -14.28
N VAL A 135 -33.57 -15.46 -14.15
CA VAL A 135 -34.22 -15.26 -12.87
C VAL A 135 -35.59 -15.92 -12.99
N PRO A 136 -35.82 -17.05 -12.28
CA PRO A 136 -37.13 -17.72 -12.31
C PRO A 136 -38.29 -16.77 -12.01
N GLY A 137 -39.46 -17.08 -12.58
CA GLY A 137 -40.72 -16.33 -12.35
C GLY A 137 -41.94 -17.26 -12.17
N GLY A 138 -43.08 -16.86 -12.74
CA GLY A 138 -44.37 -17.57 -12.51
C GLY A 138 -44.70 -17.59 -11.03
N THR A 139 -44.60 -18.77 -10.41
CA THR A 139 -44.88 -18.93 -8.97
C THR A 139 -43.76 -18.34 -8.05
N ALA A 140 -42.58 -18.06 -8.60
CA ALA A 140 -41.48 -17.43 -7.87
C ALA A 140 -41.39 -15.94 -8.12
N VAL A 141 -40.82 -15.25 -7.15
CA VAL A 141 -40.62 -13.80 -7.16
C VAL A 141 -39.21 -13.73 -6.62
N LEU A 142 -38.26 -13.36 -7.49
CA LEU A 142 -36.83 -13.52 -7.19
C LEU A 142 -35.97 -12.30 -7.53
N PRO A 143 -36.34 -11.15 -6.97
CA PRO A 143 -35.51 -9.96 -7.12
C PRO A 143 -34.12 -10.07 -6.49
N SER A 144 -33.96 -10.87 -5.45
CA SER A 144 -32.65 -11.06 -4.87
C SER A 144 -31.69 -11.57 -5.95
N THR A 145 -32.06 -12.66 -6.62
CA THR A 145 -31.30 -13.18 -7.79
C THR A 145 -30.98 -12.17 -8.89
N ALA A 146 -31.93 -11.27 -9.18
CA ALA A 146 -31.68 -10.18 -10.11
C ALA A 146 -30.52 -9.32 -9.71
N LEU A 147 -30.47 -8.91 -8.45
CA LEU A 147 -29.31 -8.18 -7.93
C LEU A 147 -28.03 -9.04 -7.98
N MET A 148 -28.11 -10.30 -7.56
CA MET A 148 -26.91 -11.15 -7.52
C MET A 148 -26.23 -11.30 -8.86
N LEU A 149 -27.01 -11.41 -9.93
CA LEU A 149 -26.51 -11.56 -11.26
C LEU A 149 -26.16 -10.24 -11.96
N ALA A 150 -27.02 -9.27 -11.80
CA ALA A 150 -26.87 -7.98 -12.43
C ALA A 150 -25.81 -7.06 -11.87
N VAL A 151 -25.61 -7.02 -10.55
CA VAL A 151 -24.61 -6.12 -9.98
C VAL A 151 -23.16 -6.38 -10.44
N PRO A 152 -22.69 -7.63 -10.41
CA PRO A 152 -21.33 -7.85 -10.89
C PRO A 152 -21.19 -7.67 -12.40
N ALA A 153 -22.23 -7.90 -13.21
CA ALA A 153 -22.22 -7.52 -14.65
C ALA A 153 -22.03 -6.04 -14.89
N GLN A 154 -22.74 -5.24 -14.12
CA GLN A 154 -22.60 -3.80 -14.11
C GLN A 154 -21.23 -3.34 -13.68
N ILE A 155 -20.74 -3.87 -12.58
CA ILE A 155 -19.36 -3.57 -12.19
C ILE A 155 -18.37 -4.05 -13.26
N ALA A 156 -18.63 -5.16 -13.90
CA ALA A 156 -17.67 -5.64 -14.87
C ALA A 156 -17.67 -4.79 -16.14
N GLY A 157 -18.78 -4.11 -16.43
CA GLY A 157 -18.87 -3.23 -17.57
C GLY A 157 -19.39 -3.92 -18.79
N CYS A 158 -20.05 -5.08 -18.63
CA CYS A 158 -20.68 -5.78 -19.76
C CYS A 158 -21.64 -4.86 -20.56
N LYS A 159 -21.49 -4.79 -21.89
CA LYS A 159 -22.24 -3.82 -22.69
C LYS A 159 -23.67 -4.17 -22.88
N THR A 160 -23.94 -5.42 -23.14
CA THR A 160 -25.27 -5.92 -23.24
C THR A 160 -25.54 -6.91 -22.09
N ILE A 161 -26.59 -6.62 -21.31
CA ILE A 161 -27.00 -7.43 -20.21
C ILE A 161 -28.46 -7.79 -20.40
N VAL A 162 -28.76 -9.05 -20.68
CA VAL A 162 -30.09 -9.54 -20.95
C VAL A 162 -30.58 -10.30 -19.71
N LEU A 163 -31.71 -9.84 -19.17
CA LEU A 163 -32.27 -10.48 -17.99
C LEU A 163 -33.54 -11.16 -18.44
N ALA A 164 -33.57 -12.49 -18.36
CA ALA A 164 -34.70 -13.31 -18.69
C ALA A 164 -35.53 -13.52 -17.43
N ASN A 165 -36.83 -13.27 -17.53
CA ASN A 165 -37.75 -13.37 -16.41
C ASN A 165 -39.12 -13.59 -17.04
N PRO A 166 -39.75 -14.75 -16.78
CA PRO A 166 -41.05 -14.93 -17.42
C PRO A 166 -42.08 -13.95 -16.82
N PRO A 167 -43.01 -13.42 -17.65
CA PRO A 167 -44.00 -12.46 -17.19
C PRO A 167 -45.03 -12.99 -16.16
N THR A 168 -45.62 -12.06 -15.40
CA THR A 168 -46.82 -12.36 -14.62
C THR A 168 -48.03 -12.57 -15.58
N ARG A 169 -49.13 -13.07 -15.03
CA ARG A 169 -50.26 -13.57 -15.84
C ARG A 169 -50.87 -12.56 -16.82
N ASP A 170 -50.79 -11.28 -16.46
CA ASP A 170 -51.20 -10.19 -17.35
C ASP A 170 -50.16 -9.73 -18.38
N GLY A 171 -48.98 -10.36 -18.42
CA GLY A 171 -47.91 -9.94 -19.32
C GLY A 171 -46.96 -8.88 -18.78
N THR A 172 -47.14 -8.42 -17.54
CA THR A 172 -46.20 -7.47 -16.93
C THR A 172 -44.99 -8.17 -16.29
N THR A 173 -43.93 -7.40 -16.15
CA THR A 173 -42.77 -7.88 -15.44
C THR A 173 -43.00 -7.68 -13.95
N CYS A 174 -42.72 -8.73 -13.18
CA CYS A 174 -42.64 -8.64 -11.73
C CYS A 174 -41.95 -7.34 -11.34
N LYS A 175 -42.64 -6.56 -10.54
CA LYS A 175 -42.26 -5.17 -10.37
C LYS A 175 -40.99 -5.01 -9.55
N GLU A 176 -40.79 -5.88 -8.57
CA GLU A 176 -39.58 -5.86 -7.74
C GLU A 176 -38.32 -6.26 -8.53
N VAL A 177 -38.50 -7.24 -9.40
CA VAL A 177 -37.46 -7.65 -10.35
C VAL A 177 -37.09 -6.51 -11.33
N LEU A 178 -38.09 -5.80 -11.86
CA LEU A 178 -37.79 -4.69 -12.74
C LEU A 178 -37.00 -3.60 -12.01
N TYR A 179 -37.42 -3.25 -10.79
CA TYR A 179 -36.70 -2.24 -9.96
C TYR A 179 -35.21 -2.57 -9.82
N CYS A 180 -34.94 -3.83 -9.47
CA CYS A 180 -33.55 -4.27 -9.27
C CYS A 180 -32.74 -4.22 -10.59
N ALA A 181 -33.37 -4.52 -11.72
CA ALA A 181 -32.73 -4.47 -13.07
C ALA A 181 -32.31 -3.11 -13.53
N LYS A 182 -33.14 -2.10 -13.22
CA LYS A 182 -32.83 -0.70 -13.51
C LYS A 182 -31.73 -0.19 -12.62
N LYS A 183 -31.78 -0.55 -11.34
CA LYS A 183 -30.69 -0.20 -10.45
C LYS A 183 -29.33 -0.82 -10.88
N ALA A 184 -29.34 -2.05 -11.35
CA ALA A 184 -28.08 -2.73 -11.64
C ALA A 184 -27.66 -2.57 -13.08
N GLY A 185 -28.44 -1.86 -13.91
CA GLY A 185 -28.01 -1.55 -15.24
C GLY A 185 -28.27 -2.59 -16.31
N VAL A 186 -29.24 -3.47 -16.09
CA VAL A 186 -29.65 -4.39 -17.16
C VAL A 186 -30.07 -3.58 -18.41
N THR A 187 -29.59 -3.96 -19.58
CA THR A 187 -29.96 -3.24 -20.80
C THR A 187 -31.21 -3.79 -21.44
N HIS A 188 -31.44 -5.10 -21.37
CA HIS A 188 -32.62 -5.71 -22.03
C HIS A 188 -33.29 -6.68 -21.10
N LEU A 189 -34.60 -6.74 -21.24
CA LEU A 189 -35.46 -7.66 -20.52
C LEU A 189 -36.16 -8.56 -21.53
N LEU A 190 -35.97 -9.87 -21.36
CA LEU A 190 -36.60 -10.90 -22.17
C LEU A 190 -37.65 -11.55 -21.30
N LYS A 191 -38.90 -11.51 -21.78
CA LYS A 191 -40.05 -11.88 -20.98
C LYS A 191 -40.42 -13.26 -21.42
N ALA A 192 -39.59 -14.18 -20.97
CA ALA A 192 -39.76 -15.57 -21.20
C ALA A 192 -38.86 -16.32 -20.20
N GLY A 193 -39.14 -17.58 -20.05
CA GLY A 193 -38.52 -18.41 -19.03
C GLY A 193 -38.20 -19.75 -19.68
N GLY A 194 -37.73 -20.69 -18.86
CA GLY A 194 -37.48 -22.02 -19.29
C GLY A 194 -36.43 -22.15 -20.38
N ALA A 195 -36.39 -23.32 -21.00
CA ALA A 195 -35.48 -23.64 -22.07
C ALA A 195 -35.57 -22.64 -23.24
N GLN A 196 -36.78 -22.19 -23.53
CA GLN A 196 -36.99 -21.32 -24.66
C GLN A 196 -36.28 -19.98 -24.43
N ALA A 197 -36.31 -19.48 -23.19
CA ALA A 197 -35.52 -18.30 -22.82
C ALA A 197 -34.01 -18.50 -23.05
N ILE A 198 -33.53 -19.64 -22.58
CA ILE A 198 -32.09 -19.95 -22.65
C ILE A 198 -31.58 -20.01 -24.08
N SER A 199 -32.33 -20.67 -24.96
CA SER A 199 -32.01 -20.79 -26.39
C SER A 199 -32.04 -19.45 -27.06
N ALA A 200 -33.08 -18.68 -26.77
CA ALA A 200 -33.18 -17.32 -27.29
C ALA A 200 -31.94 -16.47 -26.95
N MET A 201 -31.42 -16.56 -25.72
CA MET A 201 -30.20 -15.83 -25.36
C MET A 201 -28.95 -16.47 -25.96
N ALA A 202 -28.87 -17.80 -25.97
CA ALA A 202 -27.73 -18.49 -26.54
C ALA A 202 -27.61 -18.26 -28.06
N TRP A 203 -28.73 -18.26 -28.79
CA TRP A 203 -28.68 -18.06 -30.25
C TRP A 203 -28.93 -16.64 -30.69
N GLY A 204 -29.67 -15.86 -29.87
CA GLY A 204 -30.24 -14.60 -30.38
C GLY A 204 -31.48 -14.93 -31.19
N THR A 205 -32.43 -14.00 -31.24
CA THR A 205 -33.66 -14.17 -32.02
C THR A 205 -33.76 -12.90 -32.83
N GLU A 206 -34.95 -12.63 -33.39
CA GLU A 206 -35.18 -11.40 -34.13
C GLU A 206 -34.95 -10.17 -33.24
N THR A 207 -35.47 -10.20 -32.00
CA THR A 207 -35.32 -9.08 -31.05
C THR A 207 -34.41 -9.32 -29.79
N CYS A 208 -34.16 -10.58 -29.41
CA CYS A 208 -33.24 -10.86 -28.29
C CYS A 208 -31.77 -10.93 -28.72
N PRO A 209 -30.90 -10.05 -28.15
CA PRO A 209 -29.46 -10.14 -28.38
C PRO A 209 -28.93 -11.52 -28.06
N LYS A 210 -28.00 -12.03 -28.88
CA LYS A 210 -27.20 -13.23 -28.55
C LYS A 210 -26.22 -12.86 -27.45
N VAL A 211 -26.03 -13.77 -26.50
CA VAL A 211 -25.12 -13.54 -25.36
C VAL A 211 -24.04 -14.60 -25.42
N GLU A 212 -22.93 -14.30 -24.78
CA GLU A 212 -21.72 -15.17 -24.72
C GLU A 212 -21.62 -16.09 -23.53
N LYS A 213 -22.34 -15.74 -22.47
CA LYS A 213 -22.39 -16.48 -21.26
C LYS A 213 -23.77 -16.28 -20.60
N ILE A 214 -24.28 -17.37 -20.01
CA ILE A 214 -25.55 -17.40 -19.34
C ILE A 214 -25.38 -17.80 -17.89
N PHE A 215 -26.04 -17.07 -16.98
CA PHE A 215 -25.94 -17.26 -15.54
C PHE A 215 -27.28 -17.53 -14.92
N GLY A 216 -27.34 -18.31 -13.83
CA GLY A 216 -28.56 -18.52 -13.03
C GLY A 216 -29.08 -19.95 -13.03
N PRO A 217 -29.36 -20.53 -11.84
CA PRO A 217 -29.71 -21.95 -11.77
C PRO A 217 -30.96 -22.38 -12.56
N GLY A 218 -32.07 -21.70 -12.32
CA GLY A 218 -33.35 -22.23 -12.79
C GLY A 218 -33.77 -23.62 -12.30
N ASN A 219 -34.83 -24.13 -12.89
CA ASN A 219 -35.23 -25.49 -12.61
C ASN A 219 -34.41 -26.42 -13.52
N GLN A 220 -34.78 -27.69 -13.48
CA GLN A 220 -34.05 -28.70 -14.20
C GLN A 220 -34.20 -28.61 -15.74
N TYR A 221 -35.27 -27.98 -16.22
CA TYR A 221 -35.39 -27.70 -17.66
C TYR A 221 -34.40 -26.60 -18.14
N VAL A 222 -34.32 -25.53 -17.38
CA VAL A 222 -33.35 -24.47 -17.61
C VAL A 222 -31.93 -25.04 -17.58
N THR A 223 -31.66 -25.80 -16.52
CA THR A 223 -30.35 -26.36 -16.31
C THR A 223 -29.95 -27.29 -17.46
N ALA A 224 -30.90 -28.10 -17.91
CA ALA A 224 -30.61 -29.04 -18.99
C ALA A 224 -30.33 -28.26 -20.25
N ALA A 225 -31.12 -27.23 -20.51
CA ALA A 225 -30.89 -26.34 -21.67
C ALA A 225 -29.52 -25.66 -21.64
N LYS A 226 -29.12 -25.20 -20.47
CA LYS A 226 -27.80 -24.57 -20.34
C LYS A 226 -26.70 -25.56 -20.71
N MET A 227 -26.91 -26.79 -20.25
CA MET A 227 -25.96 -27.86 -20.42
C MET A 227 -25.83 -28.32 -21.86
N ILE A 228 -26.95 -28.50 -22.52
CA ILE A 228 -26.94 -28.82 -23.91
C ILE A 228 -26.26 -27.67 -24.65
N LEU A 229 -26.78 -26.45 -24.43
CA LEU A 229 -26.25 -25.34 -25.20
C LEU A 229 -24.75 -25.08 -25.02
N GLN A 230 -24.17 -25.30 -23.83
CA GLN A 230 -22.73 -25.16 -23.66
C GLN A 230 -21.86 -26.11 -24.55
N ASN A 231 -22.41 -27.26 -24.96
CA ASN A 231 -21.72 -28.20 -25.87
C ASN A 231 -22.20 -28.06 -27.30
N SER A 232 -23.05 -27.07 -27.57
CA SER A 232 -23.62 -26.85 -28.88
C SER A 232 -22.71 -25.92 -29.66
N GLU A 233 -23.16 -25.58 -30.87
CA GLU A 233 -22.50 -24.63 -31.73
C GLU A 233 -22.89 -23.17 -31.51
N ALA A 234 -23.68 -22.91 -30.49
CA ALA A 234 -24.15 -21.57 -30.23
C ALA A 234 -23.04 -20.63 -29.75
N MET A 235 -21.91 -21.15 -29.25
CA MET A 235 -20.83 -20.32 -28.72
C MET A 235 -21.31 -19.58 -27.46
N VAL A 236 -21.56 -20.36 -26.43
CA VAL A 236 -22.02 -19.82 -25.16
C VAL A 236 -21.46 -20.66 -24.01
N SER A 237 -20.93 -20.02 -22.96
CA SER A 237 -20.53 -20.67 -21.74
C SER A 237 -21.60 -20.51 -20.68
N ILE A 238 -21.46 -21.25 -19.58
CA ILE A 238 -22.39 -21.13 -18.44
C ILE A 238 -21.69 -20.86 -17.10
N ASP A 239 -22.42 -20.38 -16.12
CA ASP A 239 -21.79 -20.16 -14.82
C ASP A 239 -21.29 -21.47 -14.17
N MET A 240 -22.17 -22.45 -14.08
CA MET A 240 -21.91 -23.73 -13.40
C MET A 240 -23.12 -24.64 -13.70
N PRO A 241 -22.94 -25.97 -13.65
CA PRO A 241 -24.04 -26.88 -13.72
C PRO A 241 -24.77 -26.83 -12.38
N ALA A 242 -25.86 -27.55 -12.20
CA ALA A 242 -26.55 -27.40 -10.94
C ALA A 242 -27.50 -28.53 -10.63
N GLY A 243 -27.80 -28.62 -9.33
CA GLY A 243 -28.82 -29.49 -8.80
C GLY A 243 -29.66 -28.70 -7.79
N PRO A 244 -30.45 -29.41 -6.96
CA PRO A 244 -31.26 -28.82 -5.89
C PRO A 244 -30.38 -28.12 -4.93
N SER A 245 -30.92 -27.05 -4.35
CA SER A 245 -30.17 -26.21 -3.40
C SER A 245 -29.97 -26.98 -2.11
N GLU A 246 -29.00 -26.59 -1.26
CA GLU A 246 -28.66 -27.35 -0.06
C GLU A 246 -28.11 -26.49 1.02
N VAL A 247 -28.20 -26.97 2.25
CA VAL A 247 -27.54 -26.39 3.40
C VAL A 247 -26.99 -27.49 4.27
N LEU A 248 -25.81 -27.25 4.84
CA LEU A 248 -25.28 -28.11 5.90
C LEU A 248 -25.02 -27.23 7.10
N VAL A 249 -25.56 -27.63 8.25
CA VAL A 249 -25.46 -26.84 9.48
C VAL A 249 -24.67 -27.67 10.44
N ILE A 250 -23.59 -27.10 10.97
CA ILE A 250 -22.79 -27.69 12.01
C ILE A 250 -23.16 -26.99 13.29
N ALA A 251 -23.54 -27.77 14.29
CA ALA A 251 -24.01 -27.25 15.56
C ALA A 251 -23.34 -28.00 16.70
N ASP A 252 -22.89 -27.25 17.72
CA ASP A 252 -22.38 -27.81 18.96
C ASP A 252 -23.38 -27.50 20.13
N LYS A 253 -22.95 -27.74 21.35
CA LYS A 253 -23.83 -27.63 22.51
C LYS A 253 -24.22 -26.21 22.88
N HIS A 254 -23.56 -25.19 22.30
CA HIS A 254 -23.90 -23.77 22.60
C HIS A 254 -24.96 -23.17 21.68
N ALA A 255 -25.30 -23.90 20.62
CA ALA A 255 -26.31 -23.48 19.65
C ALA A 255 -27.67 -23.51 20.29
N ILE A 256 -28.54 -22.55 19.99
CA ILE A 256 -29.92 -22.54 20.54
C ILE A 256 -30.74 -23.43 19.63
N PRO A 257 -31.35 -24.50 20.21
CA PRO A 257 -32.04 -25.45 19.34
C PRO A 257 -33.06 -24.84 18.37
N SER A 258 -33.85 -23.87 18.85
CA SER A 258 -34.84 -23.25 18.01
C SER A 258 -34.21 -22.52 16.85
N HIS A 259 -33.02 -21.97 17.03
CA HIS A 259 -32.34 -21.27 15.93
C HIS A 259 -31.86 -22.27 14.91
N VAL A 260 -31.37 -23.38 15.42
CA VAL A 260 -30.88 -24.47 14.58
C VAL A 260 -32.04 -25.01 13.74
N ALA A 261 -33.21 -25.13 14.35
CA ALA A 261 -34.36 -25.63 13.62
C ALA A 261 -34.83 -24.64 12.55
N ALA A 262 -34.78 -23.35 12.85
CA ALA A 262 -35.26 -22.35 11.89
C ALA A 262 -34.31 -22.27 10.67
N ASP A 263 -33.02 -22.48 10.91
CA ASP A 263 -32.01 -22.61 9.82
C ASP A 263 -32.28 -23.77 8.86
N LEU A 264 -32.68 -24.91 9.41
CA LEU A 264 -32.99 -26.03 8.58
C LEU A 264 -34.24 -25.79 7.75
N LEU A 265 -35.24 -25.18 8.36
CA LEU A 265 -36.48 -24.87 7.68
C LEU A 265 -36.31 -23.81 6.61
N SER A 266 -35.40 -22.90 6.87
CA SER A 266 -35.11 -21.84 5.92
C SER A 266 -34.62 -22.44 4.58
N GLN A 267 -33.72 -23.41 4.63
CA GLN A 267 -33.35 -24.10 3.40
C GLN A 267 -34.51 -24.97 2.87
N ALA A 268 -35.13 -25.74 3.75
CA ALA A 268 -36.14 -26.72 3.36
C ALA A 268 -37.33 -26.14 2.60
N GLU A 269 -37.74 -24.93 2.98
CA GLU A 269 -38.93 -24.31 2.36
C GLU A 269 -38.76 -23.96 0.87
N HIS A 270 -37.53 -23.97 0.33
CA HIS A 270 -37.32 -23.77 -1.11
C HIS A 270 -38.06 -24.76 -2.02
N GLY A 271 -38.11 -26.01 -1.60
CA GLY A 271 -38.84 -26.98 -2.39
C GLY A 271 -38.64 -28.35 -1.83
N PRO A 272 -39.43 -29.32 -2.36
CA PRO A 272 -39.37 -30.72 -1.94
C PRO A 272 -38.02 -31.38 -2.17
N ASP A 273 -37.26 -30.95 -3.16
CA ASP A 273 -35.89 -31.49 -3.40
C ASP A 273 -34.80 -30.75 -2.60
N SER A 274 -35.09 -29.60 -2.01
CA SER A 274 -34.10 -28.88 -1.22
C SER A 274 -33.45 -29.82 -0.21
N GLN A 275 -32.13 -29.90 -0.21
CA GLN A 275 -31.41 -30.86 0.67
C GLN A 275 -30.82 -30.22 1.96
N VAL A 276 -31.06 -30.86 3.10
CA VAL A 276 -30.73 -30.32 4.41
C VAL A 276 -29.90 -31.35 5.19
N VAL A 277 -28.79 -30.93 5.79
CA VAL A 277 -27.92 -31.85 6.55
C VAL A 277 -27.58 -31.17 7.86
N LEU A 278 -27.79 -31.85 8.98
CA LEU A 278 -27.36 -31.34 10.29
C LEU A 278 -26.24 -32.24 10.80
N VAL A 279 -25.12 -31.63 11.13
CA VAL A 279 -24.00 -32.30 11.70
C VAL A 279 -23.91 -31.77 13.12
N ILE A 280 -24.04 -32.68 14.07
CA ILE A 280 -23.99 -32.38 15.48
C ILE A 280 -22.58 -32.69 15.90
N ALA A 281 -21.89 -31.69 16.42
CA ALA A 281 -20.49 -31.84 16.74
C ALA A 281 -20.30 -31.82 18.25
N GLY A 282 -19.66 -32.89 18.74
CA GLY A 282 -19.44 -33.06 20.17
C GLY A 282 -20.72 -33.50 20.86
N ASP A 283 -20.77 -33.22 22.15
CA ASP A 283 -21.85 -33.68 23.04
C ASP A 283 -22.59 -32.53 23.68
N GLY A 284 -23.65 -32.88 24.40
CA GLY A 284 -24.43 -31.92 25.18
C GLY A 284 -25.43 -31.20 24.29
N VAL A 285 -25.71 -31.78 23.16
CA VAL A 285 -26.64 -31.21 22.24
C VAL A 285 -27.96 -31.94 22.36
N ASP A 286 -29.00 -31.19 22.63
CA ASP A 286 -30.32 -31.68 22.76
C ASP A 286 -30.92 -31.90 21.36
N GLN A 287 -30.62 -33.05 20.75
CA GLN A 287 -31.19 -33.40 19.46
C GLN A 287 -32.68 -33.43 19.47
N ASN A 288 -33.25 -33.81 20.61
CA ASN A 288 -34.71 -33.86 20.75
C ASN A 288 -35.37 -32.53 20.66
N ALA A 289 -34.83 -31.58 21.44
CA ALA A 289 -35.29 -30.20 21.45
C ALA A 289 -35.24 -29.66 20.02
N ILE A 290 -34.17 -29.98 19.28
CA ILE A 290 -34.07 -29.62 17.86
C ILE A 290 -35.15 -30.27 16.96
N GLN A 291 -35.41 -31.57 17.10
CA GLN A 291 -36.47 -32.20 16.27
C GLN A 291 -37.87 -31.69 16.63
N GLU A 292 -38.13 -31.47 17.94
CA GLU A 292 -39.40 -30.91 18.43
C GLU A 292 -39.65 -29.56 17.81
N GLU A 293 -38.60 -28.79 17.81
CA GLU A 293 -38.60 -27.42 17.38
C GLU A 293 -38.79 -27.34 15.85
N VAL A 294 -38.14 -28.21 15.10
CA VAL A 294 -38.42 -28.35 13.69
C VAL A 294 -39.90 -28.61 13.45
N SER A 295 -40.48 -29.59 14.15
CA SER A 295 -41.95 -29.88 14.02
C SER A 295 -42.88 -28.70 14.37
N LYS A 296 -42.72 -28.03 15.52
CA LYS A 296 -43.58 -26.85 15.82
C LYS A 296 -43.47 -25.78 14.74
N GLN A 297 -42.23 -25.47 14.37
CA GLN A 297 -41.99 -24.47 13.39
C GLN A 297 -42.51 -24.87 12.03
N CYS A 298 -42.38 -26.12 11.66
CA CYS A 298 -42.79 -26.51 10.31
C CYS A 298 -44.30 -26.35 10.04
N GLN A 299 -45.14 -26.72 11.01
CA GLN A 299 -46.62 -26.59 10.86
C GLN A 299 -47.18 -25.16 10.91
N SER A 300 -46.47 -24.22 11.55
CA SER A 300 -46.82 -22.77 11.49
C SER A 300 -46.32 -21.98 10.25
N LEU A 301 -45.75 -22.68 9.24
CA LEU A 301 -45.26 -22.06 8.01
C LEU A 301 -46.18 -22.19 6.83
N PRO A 302 -46.34 -21.11 6.05
CA PRO A 302 -47.08 -21.22 4.79
C PRO A 302 -46.59 -22.33 3.85
N ARG A 303 -45.27 -22.43 3.65
CA ARG A 303 -44.67 -23.46 2.79
C ARG A 303 -44.29 -24.70 3.61
N GLY A 304 -44.90 -24.89 4.79
CA GLY A 304 -44.73 -26.08 5.60
C GLY A 304 -44.84 -27.44 4.92
N GLU A 305 -45.68 -27.54 3.89
CA GLU A 305 -45.83 -28.84 3.18
C GLU A 305 -44.59 -29.08 2.32
N PHE A 306 -44.11 -28.02 1.65
CA PHE A 306 -42.79 -28.07 0.92
C PHE A 306 -41.63 -28.39 1.86
N ALA A 307 -41.54 -27.71 2.99
CA ALA A 307 -40.47 -28.02 3.98
C ALA A 307 -40.48 -29.46 4.49
N ALA A 308 -41.67 -30.01 4.75
CA ALA A 308 -41.81 -31.42 5.24
C ALA A 308 -41.34 -32.45 4.23
N LYS A 309 -41.69 -32.23 2.95
CA LYS A 309 -41.24 -33.12 1.90
C LYS A 309 -39.71 -33.17 1.79
N ALA A 310 -39.08 -31.98 1.85
CA ALA A 310 -37.61 -31.84 1.91
C ALA A 310 -36.99 -32.55 3.10
N LEU A 311 -37.52 -32.28 4.29
CA LEU A 311 -37.06 -32.93 5.55
C LEU A 311 -37.20 -34.44 5.57
N SER A 312 -38.11 -34.99 4.76
CA SER A 312 -38.19 -36.46 4.64
C SER A 312 -36.91 -37.08 4.06
N HIS A 313 -36.12 -36.34 3.29
CA HIS A 313 -34.83 -36.86 2.79
C HIS A 313 -33.64 -36.13 3.43
N SER A 314 -33.87 -35.49 4.58
CA SER A 314 -32.78 -34.86 5.32
C SER A 314 -32.08 -35.93 6.11
N PHE A 315 -30.92 -35.59 6.65
CA PHE A 315 -30.27 -36.46 7.56
C PHE A 315 -29.41 -35.73 8.58
N ILE A 316 -29.11 -36.41 9.67
CA ILE A 316 -28.22 -35.99 10.75
C ILE A 316 -26.94 -36.84 10.79
N VAL A 317 -25.84 -36.21 11.14
CA VAL A 317 -24.57 -36.89 11.32
C VAL A 317 -24.00 -36.44 12.63
N HIS A 318 -23.64 -37.37 13.50
CA HIS A 318 -22.97 -37.06 14.76
C HIS A 318 -21.49 -37.22 14.55
N ALA A 319 -20.76 -36.23 15.02
CA ALA A 319 -19.31 -36.17 14.92
C ALA A 319 -18.80 -36.02 16.33
N ARG A 320 -17.72 -36.71 16.65
CA ARG A 320 -17.19 -36.74 18.02
C ARG A 320 -16.52 -35.41 18.37
N ASP A 321 -15.91 -34.77 17.38
CA ASP A 321 -15.43 -33.42 17.55
C ASP A 321 -15.61 -32.56 16.27
N MET A 322 -15.29 -31.28 16.42
CA MET A 322 -15.43 -30.31 15.35
C MET A 322 -14.55 -30.57 14.13
N LEU A 323 -13.30 -31.01 14.34
CA LEU A 323 -12.45 -31.40 13.18
C LEU A 323 -13.13 -32.47 12.33
N GLU A 324 -13.75 -33.45 12.97
CA GLU A 324 -14.39 -34.54 12.24
C GLU A 324 -15.65 -34.02 11.55
N ALA A 325 -16.30 -33.03 12.14
CA ALA A 325 -17.47 -32.40 11.55
C ALA A 325 -17.10 -31.64 10.28
N ILE A 326 -16.08 -30.82 10.40
CA ILE A 326 -15.55 -30.06 9.24
C ILE A 326 -15.10 -30.99 8.10
N THR A 327 -14.51 -32.13 8.48
CA THR A 327 -13.96 -33.08 7.54
C THR A 327 -15.07 -33.72 6.75
N PHE A 328 -16.11 -34.08 7.46
CA PHE A 328 -17.27 -34.60 6.81
C PHE A 328 -17.87 -33.55 5.86
N SER A 329 -18.04 -32.34 6.34
CA SER A 329 -18.54 -31.25 5.51
C SER A 329 -17.64 -31.00 4.27
N ASN A 330 -16.33 -31.01 4.47
CA ASN A 330 -15.44 -30.89 3.30
C ASN A 330 -15.67 -31.97 2.27
N MET A 331 -16.00 -33.18 2.74
CA MET A 331 -16.35 -34.25 1.82
C MET A 331 -17.67 -34.03 1.09
N TYR A 332 -18.70 -33.66 1.85
CA TYR A 332 -19.99 -33.39 1.31
C TYR A 332 -19.99 -32.17 0.30
N ALA A 333 -19.27 -31.10 0.63
CA ALA A 333 -19.08 -29.95 -0.26
C ALA A 333 -20.42 -29.25 -0.52
N PRO A 334 -20.96 -28.62 0.55
CA PRO A 334 -22.30 -28.08 0.48
C PRO A 334 -22.36 -26.77 -0.23
N GLU A 335 -23.49 -26.47 -0.87
CA GLU A 335 -23.79 -25.13 -1.37
C GLU A 335 -23.60 -24.06 -0.27
N HIS A 336 -24.28 -24.28 0.87
CA HIS A 336 -24.22 -23.35 2.00
C HIS A 336 -23.72 -24.09 3.23
N LEU A 337 -22.81 -23.49 3.97
CA LEU A 337 -22.38 -24.11 5.19
C LEU A 337 -22.61 -23.16 6.34
N ILE A 338 -23.33 -23.61 7.38
CA ILE A 338 -23.48 -22.78 8.58
C ILE A 338 -22.70 -23.40 9.70
N ILE A 339 -21.86 -22.61 10.35
CA ILE A 339 -21.10 -23.08 11.45
C ILE A 339 -21.51 -22.41 12.72
N ASN A 340 -22.40 -23.04 13.45
CA ASN A 340 -22.88 -22.47 14.71
C ASN A 340 -22.22 -23.24 15.80
N VAL A 341 -20.92 -23.01 15.98
CA VAL A 341 -20.20 -23.58 17.10
C VAL A 341 -19.44 -22.48 17.79
N LYS A 342 -18.83 -22.86 18.91
CA LYS A 342 -18.04 -21.97 19.70
C LYS A 342 -16.76 -21.63 18.96
N ASP A 343 -16.41 -20.34 18.96
CA ASP A 343 -15.22 -19.83 18.22
C ASP A 343 -15.25 -20.27 16.77
N ALA A 344 -16.38 -20.01 16.11
CA ALA A 344 -16.61 -20.47 14.75
C ALA A 344 -15.59 -19.96 13.77
N GLU A 345 -15.23 -18.67 13.92
CA GLU A 345 -14.19 -17.94 13.13
C GLU A 345 -12.85 -18.69 13.02
N LYS A 346 -12.44 -19.33 14.09
CA LYS A 346 -11.17 -20.08 14.14
C LYS A 346 -11.09 -21.27 13.19
N TRP A 347 -12.23 -21.87 12.86
CA TRP A 347 -12.26 -23.05 11.99
C TRP A 347 -12.17 -22.76 10.51
N GLU A 348 -12.18 -21.48 10.18
CA GLU A 348 -12.20 -21.02 8.81
C GLU A 348 -11.08 -21.67 7.97
N SER A 349 -9.92 -21.80 8.57
CA SER A 349 -8.78 -22.28 7.85
C SER A 349 -8.96 -23.75 7.47
N PHE A 350 -9.86 -24.48 8.15
CA PHE A 350 -10.11 -25.91 7.87
C PHE A 350 -11.17 -26.20 6.81
N ILE A 351 -11.83 -25.17 6.30
CA ILE A 351 -12.88 -25.36 5.32
C ILE A 351 -12.25 -25.45 3.95
N GLU A 352 -12.57 -26.46 3.18
CA GLU A 352 -11.96 -26.68 1.86
C GLU A 352 -12.95 -26.58 0.75
N ASN A 353 -14.19 -27.06 1.00
CA ASN A 353 -15.24 -27.13 -0.01
C ASN A 353 -16.56 -26.64 0.55
N ALA A 354 -17.01 -25.51 0.03
CA ALA A 354 -18.32 -24.94 0.41
C ALA A 354 -18.57 -23.75 -0.50
N GLY A 355 -19.82 -23.54 -0.93
CA GLY A 355 -20.17 -22.34 -1.71
C GLY A 355 -20.04 -21.05 -0.92
N SER A 356 -20.78 -20.98 0.16
CA SER A 356 -20.69 -19.84 1.04
C SER A 356 -20.86 -20.31 2.44
N VAL A 357 -20.19 -19.60 3.35
CA VAL A 357 -20.05 -19.97 4.74
C VAL A 357 -20.65 -18.89 5.62
N PHE A 358 -21.32 -19.31 6.68
CA PHE A 358 -22.00 -18.44 7.63
C PHE A 358 -21.47 -18.81 9.00
N LEU A 359 -20.74 -17.90 9.62
CA LEU A 359 -20.00 -18.21 10.84
C LEU A 359 -20.70 -17.64 12.06
N GLY A 360 -20.93 -18.47 13.06
CA GLY A 360 -21.35 -18.01 14.37
C GLY A 360 -22.85 -18.14 14.58
N SER A 361 -23.33 -17.47 15.59
CA SER A 361 -24.76 -17.55 16.00
C SER A 361 -25.70 -16.54 15.37
N TRP A 362 -25.17 -15.43 14.87
CA TRP A 362 -26.00 -14.30 14.39
C TRP A 362 -26.06 -14.20 12.89
N THR A 363 -25.76 -15.28 12.18
CA THR A 363 -25.52 -15.21 10.74
C THR A 363 -26.33 -16.27 10.00
N PRO A 364 -27.61 -16.04 9.85
CA PRO A 364 -28.45 -17.05 9.14
C PRO A 364 -28.26 -17.09 7.63
N GLU A 365 -28.60 -18.19 6.99
CA GLU A 365 -28.46 -18.31 5.55
C GLU A 365 -29.10 -17.13 4.82
N SER A 366 -30.25 -16.69 5.30
CA SER A 366 -31.06 -15.73 4.58
C SER A 366 -30.40 -14.40 4.48
N VAL A 367 -29.52 -14.08 5.42
CA VAL A 367 -28.62 -12.92 5.34
C VAL A 367 -27.79 -12.92 4.06
N GLY A 368 -27.21 -14.05 3.74
CA GLY A 368 -26.52 -14.23 2.47
C GLY A 368 -27.48 -14.32 1.31
N ASP A 369 -28.66 -14.92 1.48
CA ASP A 369 -29.62 -14.98 0.36
C ASP A 369 -29.98 -13.56 -0.07
N TYR A 370 -29.99 -12.61 0.86
CA TYR A 370 -30.57 -11.26 0.55
C TYR A 370 -29.63 -10.09 0.56
N ALA A 371 -28.79 -9.96 1.58
CA ALA A 371 -28.17 -8.65 1.76
C ALA A 371 -26.81 -8.55 2.43
N SER A 372 -26.18 -9.63 2.81
CA SER A 372 -24.84 -9.48 3.40
C SER A 372 -23.88 -8.89 2.39
N GLY A 373 -24.17 -9.12 1.12
CA GLY A 373 -23.30 -8.68 0.05
C GLY A 373 -22.68 -9.84 -0.71
N THR A 374 -22.65 -11.03 -0.10
CA THR A 374 -22.13 -12.18 -0.82
C THR A 374 -23.12 -12.61 -1.87
N ASN A 375 -22.68 -13.51 -2.74
CA ASN A 375 -23.49 -13.93 -3.87
C ASN A 375 -24.22 -15.23 -3.58
N HIS A 376 -25.52 -15.21 -3.76
CA HIS A 376 -26.29 -16.39 -3.49
C HIS A 376 -26.39 -17.38 -4.63
N VAL A 377 -25.82 -17.05 -5.79
CA VAL A 377 -25.86 -18.00 -6.88
C VAL A 377 -24.66 -18.93 -6.77
N LEU A 378 -24.87 -20.10 -6.16
CA LEU A 378 -23.80 -20.90 -5.60
C LEU A 378 -23.85 -22.29 -6.12
N PRO A 379 -22.72 -23.00 -6.09
CA PRO A 379 -22.66 -24.39 -6.58
C PRO A 379 -23.30 -25.43 -5.64
N THR A 380 -24.23 -26.19 -6.19
CA THR A 380 -24.98 -27.26 -5.49
C THR A 380 -24.46 -28.61 -5.93
N TYR A 381 -25.01 -29.70 -5.35
CA TYR A 381 -24.75 -31.08 -5.83
C TYR A 381 -23.28 -31.56 -5.65
N GLY A 382 -22.46 -30.81 -4.90
CA GLY A 382 -21.06 -31.17 -4.74
C GLY A 382 -20.15 -30.51 -5.74
N TYR A 383 -20.71 -29.64 -6.58
CA TYR A 383 -19.92 -28.86 -7.52
C TYR A 383 -19.12 -27.73 -6.81
N ALA A 384 -19.39 -27.49 -5.52
CA ALA A 384 -18.45 -26.69 -4.75
C ALA A 384 -17.03 -27.28 -4.70
N ARG A 385 -16.82 -28.55 -5.04
CA ARG A 385 -15.49 -29.11 -5.10
C ARG A 385 -14.59 -28.48 -6.20
N MET A 386 -15.20 -27.83 -7.20
CA MET A 386 -14.44 -27.27 -8.28
C MET A 386 -14.99 -26.02 -8.91
N TYR A 387 -16.15 -25.54 -8.49
CA TYR A 387 -16.72 -24.30 -8.99
C TYR A 387 -16.93 -23.30 -7.86
N SER A 388 -16.85 -22.01 -8.16
CA SER A 388 -17.16 -21.00 -7.19
C SER A 388 -18.55 -20.43 -7.42
N GLY A 389 -19.07 -19.76 -6.40
CA GLY A 389 -20.18 -18.89 -6.64
C GLY A 389 -19.92 -17.83 -7.68
N VAL A 390 -21.00 -17.27 -8.21
CA VAL A 390 -20.89 -16.17 -9.16
C VAL A 390 -20.18 -15.01 -8.45
N SER A 391 -19.30 -14.32 -9.16
CA SER A 391 -18.53 -13.25 -8.61
C SER A 391 -18.19 -12.27 -9.73
N LEU A 392 -17.46 -11.21 -9.40
CA LEU A 392 -17.02 -10.30 -10.44
C LEU A 392 -16.30 -11.04 -11.60
N ASP A 393 -15.45 -11.99 -11.25
CA ASP A 393 -14.65 -12.72 -12.19
C ASP A 393 -15.45 -13.49 -13.19
N SER A 394 -16.63 -13.92 -12.80
CA SER A 394 -17.51 -14.68 -13.68
C SER A 394 -17.86 -13.89 -14.95
N PHE A 395 -17.79 -12.54 -14.88
CA PHE A 395 -18.13 -11.60 -15.97
C PHE A 395 -16.95 -10.96 -16.71
N LEU A 396 -15.76 -11.52 -16.50
CA LEU A 396 -14.51 -11.06 -17.03
C LEU A 396 -13.79 -12.21 -17.78
N LYS A 397 -12.92 -11.81 -18.72
CA LYS A 397 -11.88 -12.66 -19.26
C LYS A 397 -10.64 -11.90 -18.90
N TYR A 398 -9.58 -12.61 -18.60
CA TYR A 398 -8.31 -12.03 -18.30
C TYR A 398 -7.36 -12.30 -19.46
N ILE A 399 -6.94 -11.24 -20.17
CA ILE A 399 -6.05 -11.32 -21.30
C ILE A 399 -4.61 -11.23 -20.78
N THR A 400 -3.73 -12.14 -21.17
CA THR A 400 -2.33 -11.94 -20.82
C THR A 400 -1.57 -11.17 -21.89
N VAL A 401 -0.60 -10.35 -21.44
CA VAL A 401 0.07 -9.40 -22.28
C VAL A 401 1.56 -9.50 -21.97
N GLN A 402 2.37 -9.55 -23.01
CA GLN A 402 3.79 -9.49 -22.83
C GLN A 402 4.35 -8.55 -23.87
N SER A 403 5.41 -7.89 -23.48
CA SER A 403 6.16 -7.01 -24.36
C SER A 403 7.65 -7.11 -23.95
N LEU A 404 8.50 -7.35 -24.93
CA LEU A 404 9.94 -7.41 -24.72
C LEU A 404 10.65 -6.22 -25.33
N THR A 405 11.59 -5.63 -24.61
CA THR A 405 12.61 -4.80 -25.24
C THR A 405 13.62 -5.68 -26.03
N GLU A 406 14.47 -5.05 -26.80
CA GLU A 406 15.59 -5.73 -27.48
C GLU A 406 16.48 -6.48 -26.47
N GLU A 407 16.81 -5.80 -25.36
CA GLU A 407 17.61 -6.41 -24.29
C GLU A 407 16.87 -7.62 -23.74
N GLY A 408 15.58 -7.47 -23.47
CA GLY A 408 14.77 -8.57 -23.01
C GLY A 408 14.86 -9.82 -23.90
N LEU A 409 14.74 -9.63 -25.21
CA LEU A 409 14.80 -10.73 -26.13
C LEU A 409 16.24 -11.32 -26.22
N ARG A 410 17.26 -10.47 -26.12
CA ARG A 410 18.68 -10.90 -26.06
C ARG A 410 18.92 -11.77 -24.87
N LYS A 411 18.30 -11.46 -23.73
CA LYS A 411 18.40 -12.30 -22.53
C LYS A 411 17.56 -13.54 -22.60
N LEU A 412 16.32 -13.43 -23.03
CA LEU A 412 15.39 -14.58 -22.91
C LEU A 412 15.38 -15.48 -24.15
N GLY A 413 15.60 -14.89 -25.32
CA GLY A 413 15.53 -15.63 -26.58
C GLY A 413 16.36 -16.90 -26.69
N PRO A 414 17.59 -16.89 -26.12
CA PRO A 414 18.49 -18.08 -26.23
C PRO A 414 17.94 -19.30 -25.47
N TYR A 415 17.43 -19.05 -24.27
CA TYR A 415 16.66 -20.08 -23.56
C TYR A 415 15.51 -20.65 -24.38
N VAL A 416 14.84 -19.79 -25.13
CA VAL A 416 13.68 -20.17 -25.91
C VAL A 416 14.10 -20.96 -27.15
N GLU A 417 15.11 -20.49 -27.85
CA GLU A 417 15.68 -21.25 -28.98
C GLU A 417 15.93 -22.74 -28.57
N THR A 418 16.59 -22.94 -27.44
CA THR A 418 16.88 -24.29 -26.90
C THR A 418 15.62 -25.14 -26.64
N MET A 419 14.61 -24.53 -26.00
CA MET A 419 13.43 -25.28 -25.67
C MET A 419 12.66 -25.58 -26.94
N ALA A 420 12.70 -24.67 -27.90
CA ALA A 420 12.13 -24.92 -29.19
C ALA A 420 12.87 -26.06 -29.90
N GLU A 421 14.21 -26.08 -29.87
CA GLU A 421 15.01 -27.26 -30.37
C GLU A 421 14.50 -28.56 -29.73
N VAL A 422 14.36 -28.61 -28.42
CA VAL A 422 13.97 -29.80 -27.71
C VAL A 422 12.62 -30.35 -28.16
N GLU A 423 11.69 -29.47 -28.40
CA GLU A 423 10.32 -29.83 -28.85
C GLU A 423 10.21 -30.10 -30.36
N GLY A 424 11.27 -29.80 -31.09
CA GLY A 424 11.34 -30.12 -32.54
C GLY A 424 10.49 -29.15 -33.32
N LEU A 425 10.63 -27.87 -32.96
CA LEU A 425 9.76 -26.82 -33.45
C LEU A 425 10.67 -25.70 -33.95
N GLU A 426 11.28 -25.97 -35.11
CA GLU A 426 12.28 -25.10 -35.72
C GLU A 426 11.71 -23.69 -36.06
N ALA A 427 10.49 -23.62 -36.61
CA ALA A 427 9.87 -22.31 -36.87
C ALA A 427 9.71 -21.43 -35.61
N HIS A 428 9.41 -22.03 -34.48
CA HIS A 428 9.39 -21.33 -33.20
C HIS A 428 10.77 -20.75 -32.84
N LYS A 429 11.82 -21.55 -33.07
CA LYS A 429 13.19 -21.09 -32.86
C LYS A 429 13.57 -19.92 -33.77
N ARG A 430 13.29 -20.07 -35.05
CA ARG A 430 13.70 -19.11 -36.08
C ARG A 430 13.07 -17.74 -35.93
N ALA A 431 11.85 -17.69 -35.40
CA ALA A 431 11.19 -16.44 -35.15
C ALA A 431 12.00 -15.64 -34.14
N VAL A 432 12.60 -16.30 -33.17
CA VAL A 432 13.53 -15.63 -32.27
C VAL A 432 14.91 -15.26 -32.88
N THR A 433 15.50 -16.19 -33.61
CA THR A 433 16.81 -16.05 -34.24
C THR A 433 16.91 -14.93 -35.27
N LEU A 434 15.95 -14.86 -36.18
CA LEU A 434 15.88 -13.73 -37.14
C LEU A 434 15.86 -12.42 -36.42
N ARG A 435 15.13 -12.36 -35.31
CA ARG A 435 15.12 -11.16 -34.50
C ARG A 435 16.45 -10.85 -33.82
N LEU A 436 17.06 -11.86 -33.18
CA LEU A 436 18.36 -11.69 -32.55
C LEU A 436 19.41 -11.28 -33.62
N GLN A 437 19.34 -11.88 -34.82
CA GLN A 437 20.19 -11.44 -35.97
C GLN A 437 20.01 -9.99 -36.36
N ASP A 438 18.76 -9.53 -36.45
CA ASP A 438 18.50 -8.12 -36.79
C ASP A 438 19.08 -7.18 -35.74
N ILE A 439 18.89 -7.53 -34.46
CA ILE A 439 19.41 -6.73 -33.34
C ILE A 439 20.94 -6.65 -33.38
N GLU A 440 21.58 -7.75 -33.77
CA GLU A 440 23.03 -7.80 -33.80
C GLU A 440 23.54 -6.93 -34.95
N ALA A 441 22.96 -7.12 -36.13
CA ALA A 441 23.27 -6.30 -37.32
C ALA A 441 23.28 -4.79 -37.06
N ARG A 442 22.31 -4.30 -36.31
CA ARG A 442 22.16 -2.88 -35.99
C ARG A 442 23.16 -2.14 -35.12
N GLN A 443 23.71 -2.79 -34.14
CA GLN A 443 24.68 -2.10 -33.25
C GLN A 443 26.11 -2.09 -33.82
N VAL A 444 26.40 -2.97 -34.79
CA VAL A 444 27.66 -2.94 -35.54
C VAL A 444 27.51 -2.18 -36.87
N ILE B 11 -4.53 -18.22 -49.04
CA ILE B 11 -3.98 -17.20 -49.95
C ILE B 11 -4.89 -16.02 -50.06
N LYS B 12 -6.12 -16.22 -49.67
CA LYS B 12 -7.17 -15.26 -49.78
C LYS B 12 -6.86 -13.96 -49.06
N THR B 13 -7.30 -12.89 -49.72
CA THR B 13 -7.12 -11.55 -49.26
C THR B 13 -8.45 -10.87 -49.26
N TYR B 14 -8.71 -10.11 -48.24
CA TYR B 14 -9.96 -9.38 -48.06
C TYR B 14 -9.63 -7.95 -47.67
N HIS B 15 -10.44 -7.00 -48.10
CA HIS B 15 -10.25 -5.63 -47.71
C HIS B 15 -11.48 -5.32 -46.94
N LEU B 16 -11.33 -4.76 -45.74
CA LEU B 16 -12.47 -4.51 -44.86
C LEU B 16 -13.52 -3.56 -45.42
N SER B 17 -13.09 -2.62 -46.23
CA SER B 17 -13.98 -1.79 -47.05
C SER B 17 -14.80 -2.52 -48.13
N ASN B 18 -14.37 -3.69 -48.63
CA ASN B 18 -15.14 -4.45 -49.65
C ASN B 18 -16.30 -5.31 -49.09
N LEU B 19 -16.38 -5.45 -47.77
CA LEU B 19 -17.23 -6.48 -47.19
C LEU B 19 -18.60 -6.00 -46.67
N THR B 20 -19.61 -6.84 -46.92
CA THR B 20 -20.96 -6.68 -46.32
C THR B 20 -20.94 -7.26 -44.93
N GLN B 21 -21.93 -6.89 -44.12
CA GLN B 21 -22.12 -7.53 -42.80
C GLN B 21 -22.14 -9.05 -42.84
N THR B 22 -22.76 -9.63 -43.87
CA THR B 22 -22.74 -11.09 -44.02
C THR B 22 -21.34 -11.69 -44.26
N GLU B 23 -20.55 -11.02 -45.11
CA GLU B 23 -19.16 -11.44 -45.37
C GLU B 23 -18.26 -11.30 -44.13
N LEU B 24 -18.37 -10.20 -43.37
CA LEU B 24 -17.65 -10.07 -42.09
C LEU B 24 -17.79 -11.35 -41.27
N LEU B 25 -19.04 -11.76 -41.08
CA LEU B 25 -19.43 -12.80 -40.13
C LEU B 25 -18.84 -14.16 -40.45
N SER B 26 -18.70 -14.46 -41.73
CA SER B 26 -18.08 -15.71 -42.16
C SER B 26 -16.57 -15.72 -41.82
N LEU B 27 -15.96 -14.52 -41.75
CA LEU B 27 -14.59 -14.37 -41.24
C LEU B 27 -14.45 -14.60 -39.75
N LYS B 28 -15.42 -14.14 -38.99
CA LYS B 28 -15.39 -14.29 -37.55
C LYS B 28 -15.47 -15.76 -37.15
N SER B 29 -16.24 -16.55 -37.91
CA SER B 29 -16.49 -17.93 -37.54
C SER B 29 -15.46 -18.82 -38.18
N ARG B 30 -14.94 -19.75 -37.40
CA ARG B 30 -13.95 -20.70 -37.89
C ARG B 30 -14.66 -21.76 -38.75
N PRO B 31 -13.90 -22.50 -39.57
CA PRO B 31 -14.54 -23.67 -40.19
C PRO B 31 -15.18 -24.57 -39.11
N ARG B 32 -16.44 -24.95 -39.33
CA ARG B 32 -17.19 -25.86 -38.45
C ARG B 32 -16.41 -27.10 -38.19
N ILE B 33 -16.35 -27.49 -36.92
CA ILE B 33 -15.96 -28.84 -36.55
C ILE B 33 -17.27 -29.39 -36.01
N ASP B 34 -17.77 -30.43 -36.64
CA ASP B 34 -18.92 -31.11 -36.12
C ASP B 34 -18.40 -32.08 -35.04
N PHE B 35 -18.59 -31.65 -33.79
CA PHE B 35 -18.22 -32.46 -32.64
C PHE B 35 -19.16 -33.66 -32.39
N SER B 36 -20.45 -33.52 -32.77
CA SER B 36 -21.43 -34.65 -32.80
C SER B 36 -20.86 -35.88 -33.47
N SER B 37 -20.26 -35.65 -34.64
CA SER B 37 -19.51 -36.70 -35.33
C SER B 37 -18.41 -37.30 -34.45
N VAL B 38 -17.59 -36.42 -33.83
CA VAL B 38 -16.47 -36.87 -32.95
C VAL B 38 -16.96 -37.52 -31.64
N PHE B 39 -18.11 -37.08 -31.13
CA PHE B 39 -18.75 -37.71 -29.94
C PHE B 39 -19.06 -39.18 -30.20
N ASP B 40 -19.60 -39.49 -31.39
CA ASP B 40 -19.98 -40.86 -31.78
C ASP B 40 -18.72 -41.75 -31.69
N ILE B 41 -17.58 -41.27 -32.21
CA ILE B 41 -16.30 -41.99 -32.07
C ILE B 41 -15.86 -42.12 -30.60
N VAL B 42 -16.00 -41.04 -29.81
CA VAL B 42 -15.46 -40.98 -28.42
C VAL B 42 -16.28 -41.66 -27.29
N ASN B 43 -17.62 -41.60 -27.38
CA ASN B 43 -18.50 -42.16 -26.31
C ASN B 43 -18.23 -43.63 -25.91
N PRO B 44 -18.11 -44.55 -26.90
CA PRO B 44 -17.77 -45.95 -26.56
C PRO B 44 -16.48 -46.07 -25.72
N ILE B 45 -15.50 -45.22 -26.02
CA ILE B 45 -14.18 -45.26 -25.36
C ILE B 45 -14.32 -44.77 -23.92
N VAL B 46 -15.03 -43.66 -23.78
CA VAL B 46 -15.30 -43.11 -22.45
C VAL B 46 -16.05 -44.13 -21.59
N ASP B 47 -17.09 -44.76 -22.16
CA ASP B 47 -17.95 -45.76 -21.45
C ASP B 47 -17.16 -47.05 -21.05
N ASP B 48 -16.33 -47.51 -21.97
CA ASP B 48 -15.46 -48.67 -21.74
C ASP B 48 -14.49 -48.48 -20.56
N VAL B 49 -13.77 -47.35 -20.56
CA VAL B 49 -12.92 -46.99 -19.42
C VAL B 49 -13.74 -46.85 -18.15
N HIS B 50 -14.88 -46.16 -18.24
CA HIS B 50 -15.79 -46.03 -17.09
C HIS B 50 -16.11 -47.39 -16.54
N ALA B 51 -16.54 -48.32 -17.40
CA ALA B 51 -16.94 -49.67 -16.95
C ALA B 51 -15.77 -50.61 -16.54
N HIS B 52 -14.73 -50.71 -17.37
CA HIS B 52 -13.66 -51.73 -17.20
C HIS B 52 -12.25 -51.21 -16.88
N GLY B 53 -12.09 -49.89 -16.69
CA GLY B 53 -10.95 -49.34 -15.97
C GLY B 53 -9.64 -49.58 -16.66
N ASP B 54 -8.64 -50.01 -15.90
CA ASP B 54 -7.28 -50.12 -16.44
C ASP B 54 -7.14 -51.07 -17.64
N ALA B 55 -7.84 -52.19 -17.62
CA ALA B 55 -7.85 -53.10 -18.78
C ALA B 55 -8.28 -52.39 -20.07
N ALA B 56 -9.34 -51.58 -19.95
CA ALA B 56 -9.86 -50.86 -21.09
C ALA B 56 -8.85 -49.82 -21.58
N VAL B 57 -8.34 -49.00 -20.67
CA VAL B 57 -7.23 -48.05 -20.96
C VAL B 57 -6.00 -48.72 -21.67
N LYS B 58 -5.63 -49.90 -21.19
CA LYS B 58 -4.52 -50.66 -21.79
C LYS B 58 -4.86 -51.08 -23.21
N GLN B 59 -6.07 -51.60 -23.42
CA GLN B 59 -6.48 -51.97 -24.78
C GLN B 59 -6.38 -50.79 -25.77
N TYR B 60 -6.96 -49.63 -25.42
CA TYR B 60 -6.96 -48.47 -26.34
C TYR B 60 -5.56 -47.91 -26.58
N THR B 61 -4.73 -47.98 -25.55
CA THR B 61 -3.34 -47.58 -25.68
C THR B 61 -2.60 -48.56 -26.64
N SER B 62 -2.82 -49.88 -26.48
CA SER B 62 -2.26 -50.86 -27.47
C SER B 62 -2.79 -50.59 -28.86
N LYS B 63 -4.08 -50.32 -28.95
CA LYS B 63 -4.76 -50.10 -30.21
C LYS B 63 -4.27 -48.84 -30.95
N PHE B 64 -4.22 -47.71 -30.24
CA PHE B 64 -3.97 -46.40 -30.87
C PHE B 64 -2.54 -45.91 -30.84
N ASP B 65 -1.83 -46.11 -29.71
CA ASP B 65 -0.44 -45.65 -29.57
C ASP B 65 0.56 -46.76 -29.91
N LYS B 66 0.06 -47.96 -30.20
CA LYS B 66 0.84 -49.15 -30.52
C LYS B 66 1.92 -49.46 -29.47
N VAL B 67 1.52 -49.41 -28.20
CA VAL B 67 2.38 -49.74 -27.05
C VAL B 67 1.57 -50.57 -26.05
N ASP B 68 2.24 -51.56 -25.45
CA ASP B 68 1.65 -52.48 -24.49
C ASP B 68 2.28 -52.24 -23.12
N LEU B 69 1.45 -51.87 -22.16
CA LEU B 69 1.89 -51.41 -20.85
C LEU B 69 1.57 -52.39 -19.75
N GLU B 70 2.51 -52.53 -18.81
CA GLU B 70 2.28 -53.30 -17.62
C GLU B 70 1.40 -52.43 -16.70
N ASN B 71 1.94 -51.27 -16.30
CA ASN B 71 1.29 -50.34 -15.36
C ASN B 71 1.04 -49.01 -16.04
N ILE B 72 -0.22 -48.61 -16.13
CA ILE B 72 -0.54 -47.38 -16.83
C ILE B 72 -0.34 -46.11 -15.99
N VAL B 73 -0.20 -46.25 -14.67
CA VAL B 73 0.03 -45.14 -13.78
C VAL B 73 1.23 -45.38 -12.87
N GLU B 74 2.04 -44.36 -12.68
CA GLU B 74 3.07 -44.39 -11.66
C GLU B 74 3.08 -43.16 -10.79
N LEU B 75 3.53 -43.38 -9.57
CA LEU B 75 3.69 -42.34 -8.60
C LEU B 75 5.01 -41.69 -8.96
N VAL B 76 4.95 -40.39 -9.28
CA VAL B 76 6.12 -39.61 -9.76
C VAL B 76 7.29 -39.64 -8.77
N SER B 77 7.00 -39.61 -7.47
CA SER B 77 8.05 -39.65 -6.44
C SER B 77 8.79 -41.01 -6.38
N ASP B 78 8.26 -42.06 -7.01
CA ASP B 78 9.03 -43.30 -7.22
C ASP B 78 9.87 -43.39 -8.52
N LEU B 79 9.78 -42.41 -9.42
CA LEU B 79 10.54 -42.50 -10.66
C LEU B 79 11.87 -41.78 -10.44
N PRO B 80 12.98 -42.30 -11.03
CA PRO B 80 14.25 -41.60 -10.83
C PRO B 80 14.25 -40.21 -11.48
N ASP B 81 14.86 -39.24 -10.77
CA ASP B 81 15.27 -37.96 -11.34
C ASP B 81 16.05 -38.11 -12.65
N PRO B 82 15.46 -37.72 -13.80
CA PRO B 82 16.17 -37.88 -15.05
C PRO B 82 17.28 -36.85 -15.16
N VAL B 83 18.31 -37.21 -15.93
CA VAL B 83 19.47 -36.36 -16.12
C VAL B 83 19.40 -35.82 -17.55
N LEU B 84 19.49 -34.50 -17.61
CA LEU B 84 19.33 -33.77 -18.85
C LEU B 84 20.64 -33.09 -19.09
N ASP B 85 20.89 -32.85 -20.37
CA ASP B 85 21.95 -31.93 -20.78
C ASP B 85 21.82 -30.65 -19.96
N PRO B 86 22.92 -30.20 -19.33
CA PRO B 86 22.85 -29.00 -18.44
C PRO B 86 22.21 -27.76 -19.06
N ALA B 87 22.38 -27.54 -20.37
CA ALA B 87 21.80 -26.36 -21.07
C ALA B 87 20.31 -26.45 -21.23
N ILE B 88 19.85 -27.63 -21.57
CA ILE B 88 18.47 -27.97 -21.60
C ILE B 88 17.78 -27.80 -20.23
N LYS B 89 18.41 -28.35 -19.19
CA LYS B 89 17.94 -28.19 -17.80
C LYS B 89 17.80 -26.73 -17.34
N GLU B 90 18.82 -25.92 -17.62
CA GLU B 90 18.84 -24.49 -17.25
C GLU B 90 17.72 -23.68 -18.01
N ALA B 91 17.51 -24.01 -19.27
CA ALA B 91 16.45 -23.41 -20.07
C ALA B 91 15.04 -23.66 -19.47
N PHE B 92 14.77 -24.90 -19.06
CA PHE B 92 13.50 -25.24 -18.41
C PHE B 92 13.39 -24.72 -16.99
N ASP B 93 14.50 -24.62 -16.27
CA ASP B 93 14.54 -23.85 -15.00
C ASP B 93 14.24 -22.37 -15.17
N VAL B 94 14.78 -21.75 -16.21
CA VAL B 94 14.41 -20.37 -16.49
C VAL B 94 12.85 -20.24 -16.75
N ALA B 95 12.29 -21.06 -17.63
CA ALA B 95 10.84 -21.09 -17.91
C ALA B 95 10.03 -21.25 -16.62
N TYR B 96 10.37 -22.30 -15.88
CA TYR B 96 9.77 -22.54 -14.61
C TYR B 96 9.81 -21.33 -13.73
N SER B 97 11.00 -20.77 -13.55
CA SER B 97 11.11 -19.54 -12.74
C SER B 97 10.19 -18.43 -13.24
N ASN B 98 10.09 -18.19 -14.54
CA ASN B 98 9.28 -17.03 -15.05
C ASN B 98 7.77 -17.30 -14.98
N ILE B 99 7.39 -18.55 -15.26
CA ILE B 99 6.01 -18.98 -15.18
C ILE B 99 5.55 -18.98 -13.73
N TYR B 100 6.41 -19.46 -12.82
CA TYR B 100 6.13 -19.42 -11.39
C TYR B 100 5.87 -18.00 -10.91
N ALA B 101 6.79 -17.09 -11.22
CA ALA B 101 6.62 -15.70 -10.81
C ALA B 101 5.39 -14.97 -11.39
N PHE B 102 5.07 -15.20 -12.66
CA PHE B 102 3.90 -14.57 -13.28
C PHE B 102 2.62 -15.01 -12.61
N HIS B 103 2.55 -16.31 -12.32
CA HIS B 103 1.35 -16.89 -11.73
C HIS B 103 1.19 -16.68 -10.25
N ALA B 104 2.28 -16.76 -9.49
CA ALA B 104 2.26 -16.39 -8.05
C ALA B 104 1.79 -14.97 -7.86
N ALA B 105 2.13 -14.06 -8.78
CA ALA B 105 1.62 -12.70 -8.64
C ALA B 105 0.08 -12.53 -8.82
N GLN B 106 -0.64 -13.54 -9.31
CA GLN B 106 -2.11 -13.50 -9.41
C GLN B 106 -2.87 -13.82 -8.09
N LYS B 107 -2.20 -14.07 -6.95
CA LYS B 107 -2.92 -14.26 -5.68
C LYS B 107 -3.78 -13.06 -5.28
N SER B 108 -5.05 -13.33 -4.95
CA SER B 108 -5.91 -12.27 -4.41
C SER B 108 -5.58 -12.03 -2.95
N PRO B 109 -5.46 -10.76 -2.54
CA PRO B 109 -5.57 -10.54 -1.10
C PRO B 109 -7.02 -10.84 -0.66
N GLU B 110 -7.23 -11.14 0.59
CA GLU B 110 -8.54 -11.64 1.01
C GLU B 110 -9.08 -10.66 1.98
N LYS B 111 -9.20 -9.41 1.55
CA LYS B 111 -9.55 -8.42 2.54
C LYS B 111 -11.06 -8.34 2.76
N SER B 112 -11.42 -8.20 4.02
CA SER B 112 -12.79 -8.20 4.39
C SER B 112 -13.42 -6.87 4.04
N VAL B 113 -14.70 -6.96 3.69
CA VAL B 113 -15.57 -5.84 3.41
C VAL B 113 -16.50 -5.74 4.59
N GLU B 114 -16.63 -4.53 5.12
CA GLU B 114 -17.60 -4.22 6.16
C GLU B 114 -18.32 -2.92 5.73
N ASN B 115 -19.35 -3.08 4.92
CA ASN B 115 -20.08 -1.97 4.34
C ASN B 115 -21.12 -1.41 5.30
N MET B 116 -21.59 -2.24 6.23
CA MET B 116 -22.30 -1.80 7.46
C MET B 116 -21.59 -2.38 8.67
N LYS B 117 -21.60 -1.65 9.77
CA LYS B 117 -20.90 -2.12 10.97
C LYS B 117 -21.42 -3.50 11.36
N GLY B 118 -20.51 -4.39 11.73
CA GLY B 118 -20.83 -5.74 12.06
C GLY B 118 -21.27 -6.68 10.95
N VAL B 119 -21.16 -6.32 9.69
CA VAL B 119 -21.52 -7.23 8.61
C VAL B 119 -20.22 -7.38 7.86
N GLN B 120 -19.47 -8.43 8.20
CA GLN B 120 -18.11 -8.67 7.68
C GLN B 120 -18.16 -9.82 6.69
N CYS B 121 -17.78 -9.55 5.44
CA CYS B 121 -17.77 -10.53 4.40
C CYS B 121 -16.38 -10.62 3.76
N LYS B 122 -16.02 -11.80 3.26
CA LYS B 122 -14.82 -11.95 2.47
C LYS B 122 -14.84 -13.17 1.57
N ARG B 123 -13.90 -13.18 0.66
CA ARG B 123 -13.80 -14.15 -0.37
C ARG B 123 -12.41 -14.77 -0.15
N VAL B 124 -12.36 -16.10 0.11
CA VAL B 124 -11.13 -16.86 0.32
C VAL B 124 -10.93 -18.01 -0.67
N ALA B 125 -9.69 -18.21 -1.06
CA ALA B 125 -9.31 -19.15 -2.11
C ALA B 125 -8.94 -20.48 -1.47
N ARG B 126 -9.43 -21.57 -2.06
CA ARG B 126 -9.09 -22.93 -1.65
C ARG B 126 -8.75 -23.71 -2.92
N SER B 127 -7.72 -24.56 -2.87
CA SER B 127 -7.32 -25.28 -4.06
C SER B 127 -8.30 -26.35 -4.43
N ILE B 128 -8.49 -26.57 -5.71
CA ILE B 128 -9.18 -27.75 -6.14
C ILE B 128 -8.30 -28.95 -5.72
N ASN B 129 -8.89 -29.89 -5.00
CA ASN B 129 -8.14 -30.98 -4.42
C ASN B 129 -7.42 -31.89 -5.40
N SER B 130 -8.09 -32.26 -6.47
CA SER B 130 -7.59 -33.20 -7.41
C SER B 130 -7.77 -32.65 -8.79
N VAL B 131 -6.67 -32.59 -9.55
CA VAL B 131 -6.70 -32.12 -10.95
C VAL B 131 -5.90 -33.01 -11.89
N GLY B 132 -6.34 -33.00 -13.15
CA GLY B 132 -5.77 -33.79 -14.24
C GLY B 132 -5.33 -32.87 -15.34
N LEU B 133 -4.12 -33.11 -15.86
CA LEU B 133 -3.49 -32.27 -16.89
C LEU B 133 -3.12 -33.11 -18.10
N TYR B 134 -3.56 -32.69 -19.29
CA TYR B 134 -3.31 -33.43 -20.51
C TYR B 134 -2.19 -32.76 -21.28
N VAL B 135 -1.10 -33.50 -21.48
CA VAL B 135 0.03 -33.06 -22.31
C VAL B 135 0.10 -34.05 -23.46
N PRO B 136 -0.15 -33.57 -24.70
CA PRO B 136 -0.04 -34.55 -25.83
C PRO B 136 1.34 -35.27 -25.88
N GLY B 137 1.40 -36.48 -26.44
CA GLY B 137 2.59 -37.34 -26.37
C GLY B 137 2.86 -38.14 -27.64
N GLY B 138 3.24 -39.40 -27.49
CA GLY B 138 3.70 -40.21 -28.61
C GLY B 138 4.96 -39.55 -29.14
N THR B 139 4.89 -38.93 -30.32
CA THR B 139 6.08 -38.28 -30.87
C THR B 139 6.22 -36.81 -30.41
N ALA B 140 5.12 -36.14 -30.01
CA ALA B 140 5.21 -34.75 -29.56
C ALA B 140 5.98 -34.75 -28.27
N VAL B 141 6.81 -33.77 -28.09
CA VAL B 141 7.60 -33.63 -26.90
C VAL B 141 7.16 -32.27 -26.38
N LEU B 142 6.33 -32.24 -25.33
CA LEU B 142 5.69 -30.97 -24.88
C LEU B 142 5.95 -30.58 -23.40
N PRO B 143 7.23 -30.59 -22.99
CA PRO B 143 7.48 -30.17 -21.61
C PRO B 143 6.99 -28.77 -21.24
N SER B 144 6.93 -27.89 -22.23
CA SER B 144 6.44 -26.52 -22.00
C SER B 144 5.01 -26.54 -21.50
N THR B 145 4.15 -27.36 -22.10
CA THR B 145 2.75 -27.48 -21.70
C THR B 145 2.61 -28.07 -20.30
N ALA B 146 3.51 -28.97 -19.99
CA ALA B 146 3.60 -29.54 -18.66
C ALA B 146 3.91 -28.46 -17.62
N LEU B 147 4.79 -27.49 -17.94
CA LEU B 147 5.05 -26.40 -16.97
C LEU B 147 3.80 -25.52 -16.87
N MET B 148 3.12 -25.32 -18.01
CA MET B 148 1.97 -24.41 -18.07
C MET B 148 0.80 -24.90 -17.21
N LEU B 149 0.58 -26.20 -17.15
CA LEU B 149 -0.52 -26.76 -16.40
C LEU B 149 -0.16 -27.02 -14.97
N ALA B 150 1.03 -27.59 -14.73
CA ALA B 150 1.47 -27.97 -13.39
C ALA B 150 1.97 -26.86 -12.49
N VAL B 151 2.65 -25.85 -13.02
CA VAL B 151 3.08 -24.74 -12.12
C VAL B 151 1.92 -24.09 -11.35
N PRO B 152 0.86 -23.60 -12.05
CA PRO B 152 -0.24 -22.99 -11.30
C PRO B 152 -0.95 -23.98 -10.36
N ALA B 153 -1.06 -25.25 -10.74
CA ALA B 153 -1.50 -26.30 -9.81
C ALA B 153 -0.68 -26.35 -8.54
N GLN B 154 0.64 -26.28 -8.69
CA GLN B 154 1.57 -26.29 -7.59
C GLN B 154 1.38 -25.08 -6.71
N ILE B 155 1.31 -23.92 -7.31
CA ILE B 155 1.07 -22.71 -6.54
C ILE B 155 -0.27 -22.72 -5.82
N ALA B 156 -1.28 -23.30 -6.45
CA ALA B 156 -2.61 -23.29 -5.85
C ALA B 156 -2.65 -24.24 -4.67
N GLY B 157 -1.80 -25.26 -4.65
CA GLY B 157 -1.72 -26.20 -3.55
C GLY B 157 -2.48 -27.49 -3.75
N CYS B 158 -2.86 -27.81 -4.98
CA CYS B 158 -3.64 -29.01 -5.24
C CYS B 158 -2.92 -30.26 -4.71
N LYS B 159 -3.62 -31.14 -3.99
CA LYS B 159 -3.00 -32.32 -3.38
C LYS B 159 -2.71 -33.44 -4.35
N THR B 160 -3.60 -33.72 -5.29
CA THR B 160 -3.37 -34.77 -6.25
C THR B 160 -3.23 -34.11 -7.59
N ILE B 161 -2.14 -34.38 -8.32
CA ILE B 161 -1.94 -33.79 -9.66
C ILE B 161 -1.58 -34.91 -10.63
N VAL B 162 -2.56 -35.31 -11.43
CA VAL B 162 -2.39 -36.35 -12.42
C VAL B 162 -2.03 -35.73 -13.75
N LEU B 163 -0.87 -36.12 -14.28
CA LEU B 163 -0.45 -35.65 -15.60
C LEU B 163 -0.61 -36.80 -16.56
N ALA B 164 -1.37 -36.61 -17.62
CA ALA B 164 -1.64 -37.68 -18.59
C ALA B 164 -0.73 -37.38 -19.76
N ASN B 165 0.10 -38.34 -20.17
CA ASN B 165 1.10 -38.10 -21.22
C ASN B 165 1.34 -39.44 -21.95
N PRO B 166 0.77 -39.61 -23.16
CA PRO B 166 0.90 -40.87 -23.84
C PRO B 166 2.34 -41.15 -24.20
N PRO B 167 2.76 -42.40 -24.06
CA PRO B 167 4.18 -42.70 -24.19
C PRO B 167 4.67 -42.65 -25.63
N THR B 168 5.98 -42.48 -25.79
CA THR B 168 6.68 -42.76 -27.08
C THR B 168 6.41 -44.20 -27.55
N ARG B 169 6.68 -44.47 -28.82
CA ARG B 169 6.37 -45.78 -29.48
C ARG B 169 6.96 -47.03 -28.80
N ASP B 170 8.07 -46.84 -28.09
CA ASP B 170 8.66 -47.90 -27.22
C ASP B 170 7.98 -48.00 -25.83
N GLY B 171 7.37 -46.91 -25.38
CA GLY B 171 6.79 -46.84 -24.04
C GLY B 171 7.54 -45.94 -23.06
N THR B 172 8.56 -45.20 -23.50
CA THR B 172 9.41 -44.39 -22.60
C THR B 172 8.77 -43.03 -22.36
N THR B 173 8.76 -42.59 -21.11
CA THR B 173 8.31 -41.25 -20.80
C THR B 173 9.36 -40.24 -21.27
N CYS B 174 8.91 -39.31 -22.10
CA CYS B 174 9.69 -38.12 -22.44
C CYS B 174 10.34 -37.53 -21.18
N LYS B 175 11.66 -37.45 -21.19
CA LYS B 175 12.38 -37.16 -19.96
C LYS B 175 12.38 -35.68 -19.56
N GLU B 176 12.24 -34.79 -20.54
CA GLU B 176 12.07 -33.37 -20.29
C GLU B 176 10.72 -33.04 -19.60
N VAL B 177 9.66 -33.73 -20.05
CA VAL B 177 8.33 -33.70 -19.43
C VAL B 177 8.37 -34.15 -18.00
N LEU B 178 9.09 -35.24 -17.79
CA LEU B 178 9.26 -35.79 -16.47
C LEU B 178 10.01 -34.85 -15.55
N TYR B 179 11.11 -34.28 -16.05
CA TYR B 179 11.85 -33.26 -15.31
C TYR B 179 10.90 -32.12 -14.90
N CYS B 180 10.18 -31.61 -15.88
CA CYS B 180 9.23 -30.50 -15.64
C CYS B 180 8.16 -30.90 -14.62
N ALA B 181 7.64 -32.12 -14.77
CA ALA B 181 6.62 -32.64 -13.86
C ALA B 181 7.12 -32.72 -12.45
N LYS B 182 8.33 -33.24 -12.27
CA LYS B 182 8.98 -33.30 -10.93
C LYS B 182 9.22 -31.93 -10.30
N LYS B 183 9.66 -30.99 -11.09
CA LYS B 183 9.86 -29.65 -10.60
C LYS B 183 8.54 -28.97 -10.12
N ALA B 184 7.42 -29.25 -10.79
CA ALA B 184 6.10 -28.66 -10.44
C ALA B 184 5.22 -29.53 -9.52
N GLY B 185 5.79 -30.54 -8.88
CA GLY B 185 5.07 -31.39 -7.94
C GLY B 185 3.92 -32.21 -8.48
N VAL B 186 3.98 -32.62 -9.75
CA VAL B 186 3.05 -33.60 -10.24
C VAL B 186 3.18 -34.85 -9.38
N THR B 187 2.05 -35.39 -8.89
CA THR B 187 2.08 -36.59 -8.05
C THR B 187 1.96 -37.91 -8.83
N HIS B 188 1.25 -37.93 -9.97
CA HIS B 188 0.91 -39.18 -10.63
C HIS B 188 1.10 -38.96 -12.10
N LEU B 189 1.71 -39.93 -12.78
CA LEU B 189 1.92 -39.85 -14.21
C LEU B 189 1.07 -40.92 -14.90
N LEU B 190 0.16 -40.51 -15.75
CA LEU B 190 -0.71 -41.46 -16.42
C LEU B 190 -0.24 -41.60 -17.86
N LYS B 191 0.18 -42.80 -18.21
CA LYS B 191 0.84 -43.04 -19.47
C LYS B 191 -0.17 -43.42 -20.52
N ALA B 192 -1.14 -42.53 -20.75
CA ALA B 192 -2.20 -42.74 -21.71
C ALA B 192 -2.60 -41.39 -22.31
N GLY B 193 -3.25 -41.47 -23.46
CA GLY B 193 -3.64 -40.28 -24.22
C GLY B 193 -5.09 -40.45 -24.56
N GLY B 194 -5.56 -39.61 -25.45
CA GLY B 194 -6.89 -39.79 -26.04
C GLY B 194 -8.07 -39.59 -25.08
N ALA B 195 -9.26 -39.88 -25.60
CA ALA B 195 -10.45 -40.04 -24.80
C ALA B 195 -10.28 -41.00 -23.63
N GLN B 196 -9.50 -42.06 -23.84
CA GLN B 196 -9.34 -43.10 -22.81
C GLN B 196 -8.69 -42.54 -21.56
N ALA B 197 -7.68 -41.68 -21.73
CA ALA B 197 -7.05 -40.99 -20.60
C ALA B 197 -8.00 -39.98 -19.91
N ILE B 198 -8.82 -39.30 -20.68
CA ILE B 198 -9.73 -38.27 -20.11
C ILE B 198 -10.72 -38.98 -19.22
N SER B 199 -11.36 -40.03 -19.72
CA SER B 199 -12.30 -40.87 -18.93
C SER B 199 -11.73 -41.46 -17.61
N ALA B 200 -10.50 -41.97 -17.68
CA ALA B 200 -9.80 -42.47 -16.51
C ALA B 200 -9.58 -41.43 -15.41
N MET B 201 -9.27 -40.19 -15.80
CA MET B 201 -9.13 -39.14 -14.78
C MET B 201 -10.51 -38.66 -14.26
N ALA B 202 -11.49 -38.62 -15.16
CA ALA B 202 -12.82 -38.16 -14.83
C ALA B 202 -13.51 -39.12 -13.90
N TRP B 203 -13.44 -40.42 -14.22
CA TRP B 203 -14.03 -41.46 -13.36
C TRP B 203 -13.09 -42.06 -12.35
N GLY B 204 -11.77 -42.01 -12.57
CA GLY B 204 -10.83 -42.80 -11.75
C GLY B 204 -10.87 -44.26 -12.16
N THR B 205 -9.85 -45.02 -11.75
CA THR B 205 -9.66 -46.45 -12.05
C THR B 205 -9.09 -47.15 -10.79
N GLU B 206 -8.67 -48.41 -10.95
CA GLU B 206 -7.96 -49.10 -9.89
C GLU B 206 -6.73 -48.29 -9.50
N THR B 207 -6.02 -47.75 -10.47
CA THR B 207 -4.72 -47.07 -10.21
C THR B 207 -4.63 -45.55 -10.48
N CYS B 208 -5.56 -45.02 -11.27
CA CYS B 208 -5.61 -43.59 -11.57
C CYS B 208 -6.63 -42.93 -10.67
N PRO B 209 -6.20 -41.96 -9.83
CA PRO B 209 -7.16 -41.13 -9.04
C PRO B 209 -8.18 -40.42 -9.91
N LYS B 210 -9.37 -40.31 -9.35
CA LYS B 210 -10.40 -39.47 -9.89
C LYS B 210 -10.02 -38.01 -9.62
N VAL B 211 -10.19 -37.17 -10.64
CA VAL B 211 -9.87 -35.74 -10.51
C VAL B 211 -11.12 -34.89 -10.66
N GLU B 212 -11.11 -33.69 -10.13
CA GLU B 212 -12.32 -32.86 -10.12
C GLU B 212 -12.39 -31.87 -11.26
N LYS B 213 -11.22 -31.62 -11.87
CA LYS B 213 -11.07 -30.73 -13.00
C LYS B 213 -9.95 -31.19 -13.92
N ILE B 214 -10.17 -31.03 -15.23
CA ILE B 214 -9.25 -31.45 -16.27
C ILE B 214 -8.88 -30.32 -17.23
N PHE B 215 -7.58 -30.15 -17.48
CA PHE B 215 -7.01 -29.06 -18.24
C PHE B 215 -6.19 -29.56 -19.44
N GLY B 216 -6.02 -28.73 -20.45
CA GLY B 216 -5.21 -29.05 -21.63
C GLY B 216 -6.09 -29.61 -22.74
N PRO B 217 -6.02 -29.03 -23.94
CA PRO B 217 -7.00 -29.32 -24.97
C PRO B 217 -6.78 -30.59 -25.78
N GLY B 218 -5.53 -31.08 -25.83
CA GLY B 218 -5.22 -32.27 -26.60
C GLY B 218 -5.66 -32.07 -28.04
N ASN B 219 -6.12 -33.14 -28.67
CA ASN B 219 -6.62 -33.01 -30.01
C ASN B 219 -8.13 -32.93 -29.93
N GLN B 220 -8.79 -32.91 -31.08
CA GLN B 220 -10.24 -32.90 -31.12
C GLN B 220 -10.93 -34.13 -30.40
N TYR B 221 -10.24 -35.27 -30.27
CA TYR B 221 -10.80 -36.41 -29.54
C TYR B 221 -10.72 -36.22 -28.02
N VAL B 222 -9.60 -35.70 -27.54
CA VAL B 222 -9.45 -35.31 -26.13
C VAL B 222 -10.51 -34.26 -25.76
N THR B 223 -10.65 -33.27 -26.64
CA THR B 223 -11.52 -32.14 -26.42
C THR B 223 -12.99 -32.61 -26.35
N ALA B 224 -13.37 -33.57 -27.21
CA ALA B 224 -14.72 -34.09 -27.25
C ALA B 224 -15.05 -34.81 -25.97
N ALA B 225 -14.12 -35.64 -25.50
CA ALA B 225 -14.33 -36.36 -24.27
C ALA B 225 -14.49 -35.43 -23.08
N LYS B 226 -13.74 -34.32 -23.10
CA LYS B 226 -13.84 -33.33 -22.04
C LYS B 226 -15.24 -32.69 -22.10
N MET B 227 -15.71 -32.37 -23.30
CA MET B 227 -17.02 -31.77 -23.48
C MET B 227 -18.06 -32.72 -22.98
N ILE B 228 -17.92 -34.00 -23.36
CA ILE B 228 -18.89 -35.01 -22.96
C ILE B 228 -18.88 -35.21 -21.45
N LEU B 229 -17.71 -35.43 -20.88
CA LEU B 229 -17.63 -35.73 -19.44
C LEU B 229 -18.04 -34.58 -18.52
N GLN B 230 -17.89 -33.32 -18.95
CA GLN B 230 -18.44 -32.21 -18.13
C GLN B 230 -19.97 -32.20 -18.01
N ASN B 231 -20.67 -32.89 -18.91
CA ASN B 231 -22.12 -32.94 -18.83
C ASN B 231 -22.53 -34.32 -18.32
N SER B 232 -21.59 -35.13 -17.85
CA SER B 232 -21.92 -36.49 -17.38
C SER B 232 -22.09 -36.50 -15.87
N GLU B 233 -22.33 -37.68 -15.35
CA GLU B 233 -22.36 -37.91 -13.91
C GLU B 233 -20.96 -37.97 -13.27
N ALA B 234 -19.87 -37.80 -14.03
CA ALA B 234 -18.52 -38.07 -13.45
C ALA B 234 -18.13 -37.03 -12.42
N MET B 235 -18.81 -35.89 -12.42
CA MET B 235 -18.52 -34.76 -11.52
C MET B 235 -17.11 -34.24 -11.85
N VAL B 236 -16.97 -33.69 -13.04
CA VAL B 236 -15.72 -33.13 -13.48
C VAL B 236 -16.02 -31.87 -14.31
N SER B 237 -15.18 -30.86 -14.12
CA SER B 237 -15.21 -29.63 -14.85
C SER B 237 -13.94 -29.59 -15.73
N ILE B 238 -13.91 -28.69 -16.71
CA ILE B 238 -12.76 -28.52 -17.57
C ILE B 238 -12.41 -27.06 -17.63
N ASP B 239 -11.23 -26.80 -18.18
CA ASP B 239 -10.77 -25.45 -18.38
C ASP B 239 -11.52 -24.65 -19.48
N MET B 240 -11.77 -25.26 -20.61
CA MET B 240 -12.41 -24.63 -21.73
C MET B 240 -12.59 -25.63 -22.90
N PRO B 241 -13.61 -25.44 -23.76
CA PRO B 241 -13.63 -26.18 -25.01
C PRO B 241 -12.54 -25.63 -25.97
N ALA B 242 -12.46 -26.18 -27.17
CA ALA B 242 -11.34 -25.89 -28.04
C ALA B 242 -11.57 -26.31 -29.50
N GLY B 243 -10.80 -25.66 -30.38
CA GLY B 243 -10.66 -26.00 -31.76
C GLY B 243 -9.17 -25.88 -32.08
N PRO B 244 -8.83 -25.68 -33.35
CA PRO B 244 -7.41 -25.62 -33.67
C PRO B 244 -6.70 -24.35 -33.11
N SER B 245 -5.40 -24.44 -32.87
CA SER B 245 -4.57 -23.30 -32.48
C SER B 245 -4.58 -22.19 -33.56
N GLU B 246 -4.35 -20.95 -33.13
CA GLU B 246 -4.50 -19.76 -33.97
C GLU B 246 -3.54 -18.67 -33.59
N VAL B 247 -3.14 -17.90 -34.60
CA VAL B 247 -2.54 -16.58 -34.37
C VAL B 247 -3.12 -15.63 -35.38
N LEU B 248 -3.19 -14.39 -34.95
CA LEU B 248 -3.58 -13.28 -35.73
C LEU B 248 -2.44 -12.30 -35.56
N VAL B 249 -1.93 -11.81 -36.64
CA VAL B 249 -0.84 -10.87 -36.61
C VAL B 249 -1.26 -9.58 -37.25
N ILE B 250 -1.02 -8.50 -36.58
CA ILE B 250 -1.27 -7.19 -37.12
C ILE B 250 0.07 -6.59 -37.42
N ALA B 251 0.21 -6.15 -38.63
CA ALA B 251 1.46 -5.59 -39.09
C ALA B 251 1.21 -4.32 -39.86
N ASP B 252 2.03 -3.32 -39.57
CA ASP B 252 2.04 -2.05 -40.23
C ASP B 252 3.31 -1.94 -41.08
N LYS B 253 3.51 -0.81 -41.75
CA LYS B 253 4.67 -0.65 -42.63
C LYS B 253 6.01 -0.69 -41.90
N HIS B 254 6.02 -0.53 -40.57
CA HIS B 254 7.27 -0.65 -39.79
C HIS B 254 7.67 -2.11 -39.46
N ALA B 255 6.83 -3.08 -39.74
CA ALA B 255 7.17 -4.46 -39.53
C ALA B 255 8.11 -5.00 -40.60
N ILE B 256 9.11 -5.78 -40.20
CA ILE B 256 10.09 -6.37 -41.10
C ILE B 256 9.46 -7.59 -41.73
N PRO B 257 9.36 -7.60 -43.10
CA PRO B 257 8.61 -8.67 -43.73
C PRO B 257 9.05 -10.04 -43.35
N SER B 258 10.33 -10.22 -43.18
CA SER B 258 10.81 -11.56 -42.87
C SER B 258 10.47 -12.00 -41.46
N HIS B 259 10.35 -11.05 -40.53
CA HIS B 259 9.98 -11.39 -39.15
C HIS B 259 8.48 -11.70 -39.07
N VAL B 260 7.67 -10.99 -39.86
CA VAL B 260 6.24 -11.29 -40.00
C VAL B 260 6.05 -12.69 -40.57
N ALA B 261 6.76 -13.00 -41.67
CA ALA B 261 6.69 -14.34 -42.27
C ALA B 261 6.99 -15.42 -41.25
N ALA B 262 8.00 -15.18 -40.42
CA ALA B 262 8.49 -16.18 -39.43
C ALA B 262 7.45 -16.41 -38.32
N ASP B 263 6.72 -15.35 -38.02
CA ASP B 263 5.60 -15.40 -37.09
C ASP B 263 4.48 -16.25 -37.61
N LEU B 264 4.16 -16.11 -38.88
CA LEU B 264 3.13 -16.92 -39.47
C LEU B 264 3.52 -18.39 -39.45
N LEU B 265 4.78 -18.69 -39.82
CA LEU B 265 5.21 -20.07 -39.90
C LEU B 265 5.33 -20.69 -38.51
N SER B 266 5.75 -19.89 -37.54
CA SER B 266 5.78 -20.33 -36.15
C SER B 266 4.46 -20.91 -35.67
N GLN B 267 3.34 -20.34 -36.08
CA GLN B 267 2.07 -20.90 -35.72
C GLN B 267 1.75 -22.04 -36.65
N ALA B 268 1.95 -21.83 -37.96
CA ALA B 268 1.60 -22.81 -38.97
C ALA B 268 2.19 -24.20 -38.73
N GLU B 269 3.41 -24.25 -38.20
CA GLU B 269 4.08 -25.54 -38.07
C GLU B 269 3.48 -26.47 -36.99
N HIS B 270 2.58 -25.97 -36.13
CA HIS B 270 1.86 -26.81 -35.15
C HIS B 270 1.07 -27.95 -35.83
N GLY B 271 0.51 -27.71 -37.01
CA GLY B 271 -0.09 -28.77 -37.75
C GLY B 271 -1.02 -28.24 -38.80
N PRO B 272 -1.57 -29.13 -39.63
CA PRO B 272 -2.29 -28.76 -40.84
C PRO B 272 -3.55 -27.99 -40.59
N ASP B 273 -4.11 -28.12 -39.40
CA ASP B 273 -5.29 -27.38 -39.00
C ASP B 273 -5.04 -26.04 -38.29
N SER B 274 -3.79 -25.66 -38.01
CA SER B 274 -3.54 -24.34 -37.42
C SER B 274 -4.03 -23.20 -38.31
N GLN B 275 -4.57 -22.19 -37.65
CA GLN B 275 -5.20 -21.07 -38.29
C GLN B 275 -4.30 -19.83 -38.15
N VAL B 276 -4.03 -19.21 -39.29
CA VAL B 276 -3.18 -18.04 -39.37
C VAL B 276 -3.99 -16.93 -40.07
N VAL B 277 -3.93 -15.74 -39.48
CA VAL B 277 -4.56 -14.57 -40.05
C VAL B 277 -3.58 -13.45 -40.03
N LEU B 278 -3.32 -12.85 -41.19
CA LEU B 278 -2.47 -11.66 -41.25
C LEU B 278 -3.37 -10.46 -41.49
N VAL B 279 -3.34 -9.52 -40.54
CA VAL B 279 -4.02 -8.24 -40.72
C VAL B 279 -3.00 -7.09 -40.99
N ILE B 280 -3.12 -6.46 -42.16
CA ILE B 280 -2.25 -5.36 -42.57
C ILE B 280 -2.95 -4.08 -42.27
N ALA B 281 -2.36 -3.35 -41.33
CA ALA B 281 -2.92 -2.11 -40.87
C ALA B 281 -2.21 -1.00 -41.61
N GLY B 282 -2.99 -0.19 -42.32
CA GLY B 282 -2.43 0.97 -43.02
C GLY B 282 -1.84 0.67 -44.40
N ASP B 283 -1.20 1.69 -44.98
CA ASP B 283 -0.58 1.59 -46.28
C ASP B 283 0.95 1.45 -46.18
N GLY B 284 1.60 1.24 -47.31
CA GLY B 284 3.04 1.09 -47.33
C GLY B 284 3.63 -0.22 -46.91
N VAL B 285 2.82 -1.25 -46.84
CA VAL B 285 3.33 -2.53 -46.44
C VAL B 285 3.54 -3.37 -47.66
N ASP B 286 4.70 -4.00 -47.75
CA ASP B 286 4.99 -4.82 -48.88
C ASP B 286 4.42 -6.20 -48.71
N GLN B 287 3.17 -6.35 -49.06
CA GLN B 287 2.56 -7.65 -48.95
C GLN B 287 3.37 -8.70 -49.73
N ASN B 288 3.82 -8.34 -50.93
CA ASN B 288 4.62 -9.29 -51.70
C ASN B 288 5.82 -9.86 -50.98
N ALA B 289 6.62 -8.98 -50.40
CA ALA B 289 7.83 -9.43 -49.72
C ALA B 289 7.50 -10.45 -48.62
N ILE B 290 6.47 -10.15 -47.84
CA ILE B 290 6.04 -11.04 -46.75
C ILE B 290 5.71 -12.45 -47.29
N GLN B 291 4.90 -12.46 -48.33
CA GLN B 291 4.44 -13.68 -48.94
C GLN B 291 5.58 -14.49 -49.53
N GLU B 292 6.52 -13.82 -50.20
CA GLU B 292 7.66 -14.52 -50.80
C GLU B 292 8.55 -15.07 -49.68
N GLU B 293 8.79 -14.23 -48.70
CA GLU B 293 9.48 -14.60 -47.49
C GLU B 293 8.86 -15.83 -46.72
N VAL B 294 7.55 -15.93 -46.68
CA VAL B 294 6.88 -17.15 -46.21
C VAL B 294 7.24 -18.37 -47.06
N SER B 295 7.17 -18.24 -48.38
CA SER B 295 7.54 -19.35 -49.26
C SER B 295 9.00 -19.82 -49.09
N LYS B 296 9.93 -18.87 -49.01
CA LYS B 296 11.37 -19.19 -48.88
C LYS B 296 11.66 -19.88 -47.56
N GLN B 297 11.13 -19.32 -46.47
CA GLN B 297 11.35 -19.88 -45.13
C GLN B 297 10.70 -21.25 -44.94
N CYS B 298 9.56 -21.45 -45.61
CA CYS B 298 8.81 -22.69 -45.44
C CYS B 298 9.56 -23.88 -46.02
N GLN B 299 10.30 -23.68 -47.12
CA GLN B 299 10.91 -24.80 -47.83
C GLN B 299 11.93 -25.57 -46.97
N SER B 300 12.67 -24.90 -46.07
CA SER B 300 13.65 -25.56 -45.19
C SER B 300 13.10 -26.08 -43.81
N LEU B 301 11.80 -25.97 -43.54
CA LEU B 301 11.31 -26.35 -42.22
C LEU B 301 11.08 -27.83 -42.22
N PRO B 302 11.57 -28.54 -41.18
CA PRO B 302 11.24 -29.95 -41.18
C PRO B 302 9.73 -30.21 -41.07
N ARG B 303 8.97 -29.31 -40.44
CA ARG B 303 7.51 -29.38 -40.45
C ARG B 303 6.92 -28.47 -41.55
N GLY B 304 7.68 -28.23 -42.62
CA GLY B 304 7.22 -27.44 -43.78
C GLY B 304 5.97 -27.94 -44.48
N GLU B 305 5.79 -29.26 -44.57
CA GLU B 305 4.55 -29.83 -45.16
C GLU B 305 3.32 -29.48 -44.33
N PHE B 306 3.43 -29.61 -43.01
CA PHE B 306 2.38 -29.13 -42.09
C PHE B 306 2.12 -27.64 -42.26
N ALA B 307 3.16 -26.81 -42.12
CA ALA B 307 3.00 -25.36 -42.23
C ALA B 307 2.33 -24.96 -43.54
N ALA B 308 2.77 -25.55 -44.67
CA ALA B 308 2.15 -25.25 -45.99
C ALA B 308 0.70 -25.68 -46.06
N LYS B 309 0.37 -26.81 -45.45
CA LYS B 309 -1.02 -27.25 -45.46
C LYS B 309 -1.89 -26.27 -44.63
N ALA B 310 -1.35 -25.86 -43.48
CA ALA B 310 -1.94 -24.82 -42.63
C ALA B 310 -2.14 -23.50 -43.37
N LEU B 311 -1.10 -23.01 -44.01
CA LEU B 311 -1.19 -21.74 -44.73
C LEU B 311 -2.08 -21.80 -45.98
N SER B 312 -2.36 -22.99 -46.53
CA SER B 312 -3.33 -23.09 -47.61
C SER B 312 -4.74 -22.57 -47.25
N HIS B 313 -5.10 -22.53 -45.96
CA HIS B 313 -6.38 -21.93 -45.51
C HIS B 313 -6.15 -20.75 -44.52
N SER B 314 -4.96 -20.15 -44.55
CA SER B 314 -4.75 -18.85 -43.94
C SER B 314 -5.42 -17.78 -44.79
N PHE B 315 -5.47 -16.57 -44.29
CA PHE B 315 -5.99 -15.45 -45.02
C PHE B 315 -5.43 -14.13 -44.53
N ILE B 316 -5.59 -13.13 -45.38
CA ILE B 316 -5.12 -11.80 -45.18
C ILE B 316 -6.30 -10.83 -45.21
N VAL B 317 -6.17 -9.78 -44.40
CA VAL B 317 -7.19 -8.77 -44.25
C VAL B 317 -6.50 -7.42 -44.33
N HIS B 318 -7.03 -6.53 -45.16
CA HIS B 318 -6.48 -5.19 -45.29
C HIS B 318 -7.42 -4.28 -44.54
N ALA B 319 -6.84 -3.55 -43.60
CA ALA B 319 -7.54 -2.54 -42.84
C ALA B 319 -6.85 -1.25 -43.15
N ARG B 320 -7.64 -0.21 -43.33
CA ARG B 320 -7.12 1.06 -43.73
C ARG B 320 -6.43 1.74 -42.54
N ASP B 321 -6.85 1.42 -41.33
CA ASP B 321 -6.13 1.92 -40.15
C ASP B 321 -6.09 0.91 -39.00
N MET B 322 -5.29 1.26 -37.99
CA MET B 322 -5.10 0.43 -36.83
C MET B 322 -6.37 0.24 -36.01
N LEU B 323 -7.23 1.25 -35.91
CA LEU B 323 -8.48 1.05 -35.18
C LEU B 323 -9.36 -0.02 -35.85
N GLU B 324 -9.44 -0.01 -37.20
CA GLU B 324 -10.16 -1.02 -37.95
C GLU B 324 -9.53 -2.38 -37.79
N ALA B 325 -8.20 -2.44 -37.80
CA ALA B 325 -7.51 -3.72 -37.62
C ALA B 325 -7.87 -4.36 -36.27
N ILE B 326 -7.86 -3.57 -35.24
CA ILE B 326 -8.09 -4.04 -33.90
C ILE B 326 -9.53 -4.41 -33.74
N THR B 327 -10.42 -3.63 -34.34
CA THR B 327 -11.85 -3.93 -34.35
C THR B 327 -12.17 -5.26 -35.01
N PHE B 328 -11.50 -5.52 -36.12
CA PHE B 328 -11.65 -6.81 -36.69
C PHE B 328 -11.10 -7.93 -35.76
N SER B 329 -9.90 -7.74 -35.23
CA SER B 329 -9.31 -8.70 -34.29
C SER B 329 -10.21 -8.97 -33.06
N ASN B 330 -10.86 -7.94 -32.54
CA ASN B 330 -11.83 -8.13 -31.44
C ASN B 330 -12.98 -9.01 -31.80
N MET B 331 -13.48 -8.88 -33.01
CA MET B 331 -14.57 -9.69 -33.54
C MET B 331 -14.13 -11.14 -33.73
N TYR B 332 -12.98 -11.28 -34.37
CA TYR B 332 -12.36 -12.61 -34.53
C TYR B 332 -12.11 -13.33 -33.23
N ALA B 333 -11.58 -12.62 -32.22
CA ALA B 333 -11.20 -13.19 -30.90
C ALA B 333 -10.09 -14.27 -30.96
N PRO B 334 -8.88 -13.89 -31.40
CA PRO B 334 -7.80 -14.87 -31.59
C PRO B 334 -7.20 -15.47 -30.31
N GLU B 335 -6.81 -16.75 -30.40
CA GLU B 335 -6.04 -17.39 -29.36
C GLU B 335 -4.85 -16.51 -28.99
N HIS B 336 -4.02 -16.20 -29.98
CA HIS B 336 -2.83 -15.40 -29.83
C HIS B 336 -2.95 -14.17 -30.72
N LEU B 337 -2.51 -13.03 -30.23
CA LEU B 337 -2.57 -11.82 -30.99
C LEU B 337 -1.20 -11.18 -31.01
N ILE B 338 -0.65 -10.98 -32.21
CA ILE B 338 0.62 -10.27 -32.31
C ILE B 338 0.40 -8.92 -32.91
N ILE B 339 0.79 -7.87 -32.17
CA ILE B 339 0.64 -6.51 -32.67
C ILE B 339 2.02 -5.86 -32.93
N ASN B 340 2.46 -5.98 -34.19
CA ASN B 340 3.75 -5.45 -34.67
C ASN B 340 3.48 -4.18 -35.44
N VAL B 341 3.20 -3.12 -34.69
CA VAL B 341 2.96 -1.81 -35.25
C VAL B 341 3.68 -0.81 -34.38
N LYS B 342 3.99 0.35 -34.93
CA LYS B 342 4.57 1.43 -34.17
C LYS B 342 3.67 1.76 -32.98
N ASP B 343 4.28 1.90 -31.81
CA ASP B 343 3.59 2.21 -30.56
C ASP B 343 2.51 1.21 -30.18
N ALA B 344 2.83 -0.09 -30.28
CA ALA B 344 1.88 -1.20 -30.06
C ALA B 344 1.23 -1.13 -28.71
N GLU B 345 2.05 -0.82 -27.70
CA GLU B 345 1.66 -0.69 -26.29
C GLU B 345 0.49 0.27 -26.10
N LYS B 346 0.46 1.33 -26.90
CA LYS B 346 -0.60 2.30 -26.74
C LYS B 346 -1.97 1.71 -27.14
N TRP B 347 -2.00 0.71 -28.03
CA TRP B 347 -3.26 0.09 -28.46
C TRP B 347 -3.91 -0.89 -27.48
N GLU B 348 -3.27 -1.15 -26.35
CA GLU B 348 -3.70 -2.14 -25.39
C GLU B 348 -5.13 -1.94 -24.88
N SER B 349 -5.48 -0.71 -24.56
CA SER B 349 -6.82 -0.50 -24.07
C SER B 349 -7.89 -0.65 -25.15
N PHE B 350 -7.51 -0.84 -26.41
CA PHE B 350 -8.47 -1.21 -27.44
C PHE B 350 -8.75 -2.68 -27.62
N ILE B 351 -7.92 -3.52 -27.01
CA ILE B 351 -8.07 -4.94 -27.16
C ILE B 351 -9.15 -5.40 -26.21
N GLU B 352 -10.12 -6.16 -26.72
CA GLU B 352 -11.23 -6.66 -25.96
C GLU B 352 -11.30 -8.18 -25.86
N ASN B 353 -10.87 -8.90 -26.90
CA ASN B 353 -10.92 -10.38 -26.96
C ASN B 353 -9.63 -10.94 -27.59
N ALA B 354 -8.86 -11.65 -26.78
CA ALA B 354 -7.67 -12.36 -27.23
C ALA B 354 -7.16 -13.21 -26.09
N GLY B 355 -6.59 -14.36 -26.40
CA GLY B 355 -6.11 -15.19 -25.31
C GLY B 355 -4.85 -14.50 -24.77
N SER B 356 -3.91 -14.23 -25.65
CA SER B 356 -2.68 -13.63 -25.19
C SER B 356 -2.16 -12.75 -26.25
N VAL B 357 -1.52 -11.67 -25.79
CA VAL B 357 -1.15 -10.57 -26.64
C VAL B 357 0.38 -10.32 -26.59
N PHE B 358 0.96 -10.09 -27.77
CA PHE B 358 2.41 -9.91 -27.94
C PHE B 358 2.60 -8.52 -28.59
N LEU B 359 3.21 -7.56 -27.88
CA LEU B 359 3.26 -6.18 -28.33
C LEU B 359 4.64 -5.84 -28.83
N GLY B 360 4.72 -5.16 -29.99
CA GLY B 360 5.97 -4.66 -30.48
C GLY B 360 6.67 -5.65 -31.39
N SER B 361 7.93 -5.34 -31.65
CA SER B 361 8.71 -6.05 -32.68
C SER B 361 9.60 -7.15 -32.13
N TRP B 362 9.79 -7.18 -30.82
CA TRP B 362 10.76 -8.10 -30.21
C TRP B 362 10.12 -9.21 -29.42
N THR B 363 8.88 -9.53 -29.72
CA THR B 363 8.05 -10.37 -28.82
C THR B 363 7.30 -11.39 -29.67
N PRO B 364 8.03 -12.37 -30.19
CA PRO B 364 7.36 -13.41 -30.94
C PRO B 364 6.50 -14.30 -30.05
N GLU B 365 5.55 -15.00 -30.69
CA GLU B 365 4.69 -15.97 -30.05
C GLU B 365 5.45 -16.97 -29.16
N SER B 366 6.63 -17.42 -29.62
CA SER B 366 7.31 -18.52 -28.93
C SER B 366 7.94 -18.12 -27.60
N VAL B 367 8.13 -16.84 -27.39
CA VAL B 367 8.51 -16.33 -26.10
C VAL B 367 7.38 -16.65 -25.09
N GLY B 368 6.14 -16.47 -25.49
CA GLY B 368 5.00 -16.87 -24.63
C GLY B 368 4.80 -18.38 -24.65
N ASP B 369 5.04 -19.04 -25.78
CA ASP B 369 4.96 -20.50 -25.78
C ASP B 369 5.90 -21.09 -24.76
N TYR B 370 7.04 -20.47 -24.50
CA TYR B 370 8.05 -21.14 -23.66
C TYR B 370 8.35 -20.50 -22.35
N ALA B 371 8.54 -19.19 -22.28
CA ALA B 371 9.26 -18.66 -21.14
C ALA B 371 9.00 -17.26 -20.67
N SER B 372 8.18 -16.48 -21.34
CA SER B 372 7.91 -15.14 -20.84
C SER B 372 7.30 -15.20 -19.43
N GLY B 373 6.54 -16.26 -19.16
CA GLY B 373 5.87 -16.41 -17.86
C GLY B 373 4.35 -16.50 -17.97
N THR B 374 3.77 -15.99 -19.07
CA THR B 374 2.35 -16.14 -19.31
C THR B 374 2.01 -17.60 -19.62
N ASN B 375 0.72 -17.90 -19.66
CA ASN B 375 0.26 -19.25 -19.91
C ASN B 375 -0.10 -19.49 -21.36
N HIS B 376 0.41 -20.57 -21.95
CA HIS B 376 0.10 -20.84 -23.36
C HIS B 376 -1.14 -21.69 -23.64
N VAL B 377 -1.77 -22.23 -22.60
CA VAL B 377 -3.01 -22.98 -22.76
C VAL B 377 -4.12 -21.92 -22.78
N LEU B 378 -4.46 -21.55 -24.01
CA LEU B 378 -5.28 -20.40 -24.28
C LEU B 378 -6.56 -20.78 -25.01
N PRO B 379 -7.55 -19.90 -24.94
CA PRO B 379 -8.81 -20.20 -25.63
C PRO B 379 -8.79 -19.95 -27.16
N THR B 380 -9.19 -20.99 -27.86
CA THR B 380 -9.25 -21.03 -29.31
C THR B 380 -10.71 -21.00 -29.77
N TYR B 381 -10.87 -20.92 -31.08
CA TYR B 381 -12.13 -21.13 -31.81
C TYR B 381 -13.09 -19.96 -31.64
N GLY B 382 -12.66 -18.87 -31.03
CA GLY B 382 -13.55 -17.78 -30.66
C GLY B 382 -13.93 -17.78 -29.19
N TYR B 383 -13.54 -18.82 -28.45
CA TYR B 383 -13.82 -18.91 -27.03
C TYR B 383 -13.13 -17.86 -26.15
N ALA B 384 -12.18 -17.08 -26.70
CA ALA B 384 -11.64 -15.94 -26.01
C ALA B 384 -12.63 -14.82 -25.79
N ARG B 385 -13.79 -14.95 -26.39
CA ARG B 385 -14.91 -14.07 -26.20
C ARG B 385 -15.42 -14.20 -24.78
N MET B 386 -15.35 -15.37 -24.18
CA MET B 386 -15.82 -15.54 -22.77
C MET B 386 -14.98 -16.43 -21.82
N TYR B 387 -13.88 -16.99 -22.29
CA TYR B 387 -13.00 -17.78 -21.46
C TYR B 387 -11.64 -17.16 -21.44
N SER B 388 -10.91 -17.44 -20.35
CA SER B 388 -9.59 -16.93 -20.15
C SER B 388 -8.61 -18.04 -20.40
N GLY B 389 -7.36 -17.69 -20.69
CA GLY B 389 -6.31 -18.68 -20.58
C GLY B 389 -6.15 -19.20 -19.15
N VAL B 390 -5.61 -20.39 -19.04
CA VAL B 390 -5.33 -20.99 -17.75
C VAL B 390 -4.46 -20.06 -16.90
N SER B 391 -4.84 -19.94 -15.63
CA SER B 391 -4.21 -19.05 -14.70
C SER B 391 -4.29 -19.71 -13.32
N LEU B 392 -3.76 -19.05 -12.29
CA LEU B 392 -3.83 -19.57 -10.94
C LEU B 392 -5.27 -19.82 -10.53
N ASP B 393 -6.15 -18.91 -10.91
CA ASP B 393 -7.56 -19.06 -10.54
C ASP B 393 -8.24 -20.22 -11.15
N SER B 394 -7.72 -20.75 -12.24
CA SER B 394 -8.31 -21.95 -12.86
C SER B 394 -8.27 -23.16 -11.91
N PHE B 395 -7.33 -23.13 -10.98
CA PHE B 395 -7.08 -24.20 -10.00
C PHE B 395 -7.59 -23.93 -8.59
N LEU B 396 -8.34 -22.84 -8.39
CA LEU B 396 -8.91 -22.49 -7.11
C LEU B 396 -10.45 -22.45 -7.14
N LYS B 397 -11.11 -22.55 -6.00
CA LYS B 397 -12.51 -22.13 -5.84
C LYS B 397 -12.39 -21.03 -4.87
N TYR B 398 -13.26 -20.07 -5.00
CA TYR B 398 -13.31 -19.00 -4.05
C TYR B 398 -14.53 -19.22 -3.15
N ILE B 399 -14.30 -19.31 -1.85
CA ILE B 399 -15.34 -19.46 -0.85
C ILE B 399 -15.69 -18.10 -0.19
N THR B 400 -16.96 -17.72 -0.24
CA THR B 400 -17.44 -16.49 0.44
C THR B 400 -17.85 -16.80 1.87
N VAL B 401 -17.53 -15.89 2.80
CA VAL B 401 -17.67 -16.03 4.22
C VAL B 401 -18.37 -14.78 4.77
N GLN B 402 -19.33 -14.95 5.64
CA GLN B 402 -19.92 -13.81 6.30
C GLN B 402 -20.09 -14.14 7.77
N SER B 403 -19.86 -13.14 8.57
CA SER B 403 -20.00 -13.29 9.99
C SER B 403 -20.63 -12.01 10.51
N LEU B 404 -21.79 -12.12 11.15
CA LEU B 404 -22.41 -10.94 11.80
C LEU B 404 -22.20 -10.94 13.32
N THR B 405 -21.98 -9.76 13.85
CA THR B 405 -22.15 -9.48 15.27
C THR B 405 -23.65 -9.28 15.50
N GLU B 406 -24.03 -9.35 16.76
CA GLU B 406 -25.38 -8.93 17.19
C GLU B 406 -25.82 -7.59 16.60
N GLU B 407 -25.02 -6.55 16.81
CA GLU B 407 -25.40 -5.24 16.27
C GLU B 407 -25.65 -5.32 14.74
N GLY B 408 -24.81 -6.08 14.05
CA GLY B 408 -24.90 -6.23 12.60
C GLY B 408 -26.23 -6.84 12.22
N LEU B 409 -26.62 -7.87 12.94
CA LEU B 409 -27.87 -8.51 12.65
C LEU B 409 -29.03 -7.58 13.01
N ARG B 410 -28.93 -6.90 14.16
CA ARG B 410 -29.89 -5.83 14.55
C ARG B 410 -30.11 -4.87 13.41
N LYS B 411 -29.02 -4.46 12.80
CA LYS B 411 -29.09 -3.46 11.77
C LYS B 411 -29.50 -4.00 10.38
N LEU B 412 -29.05 -5.22 10.03
CA LEU B 412 -29.30 -5.75 8.68
C LEU B 412 -30.58 -6.62 8.64
N GLY B 413 -30.88 -7.27 9.74
CA GLY B 413 -32.00 -8.19 9.81
C GLY B 413 -33.34 -7.71 9.29
N PRO B 414 -33.78 -6.51 9.71
CA PRO B 414 -35.10 -6.01 9.27
C PRO B 414 -35.19 -5.93 7.75
N TYR B 415 -34.13 -5.50 7.09
CA TYR B 415 -34.16 -5.42 5.63
C TYR B 415 -34.30 -6.81 5.04
N VAL B 416 -33.68 -7.80 5.69
CA VAL B 416 -33.80 -9.16 5.23
C VAL B 416 -35.22 -9.66 5.42
N GLU B 417 -35.78 -9.35 6.57
CA GLU B 417 -37.17 -9.71 6.86
C GLU B 417 -38.06 -9.23 5.72
N THR B 418 -37.91 -7.97 5.36
CA THR B 418 -38.69 -7.36 4.29
C THR B 418 -38.55 -8.11 2.95
N MET B 419 -37.31 -8.46 2.57
CA MET B 419 -37.13 -9.05 1.26
C MET B 419 -37.65 -10.47 1.21
N ALA B 420 -37.48 -11.18 2.30
CA ALA B 420 -38.02 -12.52 2.38
C ALA B 420 -39.55 -12.53 2.26
N GLU B 421 -40.23 -11.53 2.84
CA GLU B 421 -41.70 -11.47 2.76
C GLU B 421 -42.12 -11.22 1.35
N VAL B 422 -41.43 -10.32 0.71
CA VAL B 422 -41.73 -9.97 -0.65
C VAL B 422 -41.60 -11.21 -1.55
N GLU B 423 -40.62 -12.04 -1.28
CA GLU B 423 -40.36 -13.24 -2.07
C GLU B 423 -41.28 -14.40 -1.71
N GLY B 424 -42.08 -14.29 -0.64
CA GLY B 424 -42.95 -15.38 -0.20
C GLY B 424 -42.23 -16.42 0.66
N LEU B 425 -41.12 -16.03 1.31
CA LEU B 425 -40.23 -17.01 1.99
C LEU B 425 -40.13 -16.77 3.49
N GLU B 426 -41.13 -17.26 4.20
CA GLU B 426 -41.35 -16.92 5.59
C GLU B 426 -40.39 -17.62 6.57
N ALA B 427 -39.96 -18.84 6.25
CA ALA B 427 -38.90 -19.49 7.04
C ALA B 427 -37.58 -18.68 6.98
N HIS B 428 -37.32 -18.12 5.81
CA HIS B 428 -36.15 -17.23 5.64
C HIS B 428 -36.24 -16.08 6.59
N LYS B 429 -37.45 -15.55 6.73
CA LYS B 429 -37.67 -14.42 7.62
C LYS B 429 -37.51 -14.81 9.09
N ARG B 430 -38.08 -15.93 9.47
CA ARG B 430 -38.10 -16.31 10.88
C ARG B 430 -36.72 -16.67 11.43
N ALA B 431 -35.85 -17.15 10.56
CA ALA B 431 -34.50 -17.51 10.95
C ALA B 431 -33.88 -16.26 11.52
N VAL B 432 -34.16 -15.12 10.90
CA VAL B 432 -33.79 -13.83 11.44
C VAL B 432 -34.60 -13.31 12.66
N THR B 433 -35.90 -13.41 12.61
CA THR B 433 -36.74 -12.84 13.66
C THR B 433 -36.52 -13.47 15.00
N LEU B 434 -36.46 -14.78 14.99
CA LEU B 434 -36.18 -15.60 16.15
C LEU B 434 -34.83 -15.20 16.80
N ARG B 435 -33.81 -14.98 15.97
CA ARG B 435 -32.58 -14.41 16.48
C ARG B 435 -32.71 -12.99 17.05
N LEU B 436 -33.47 -12.12 16.38
CA LEU B 436 -33.68 -10.77 16.90
C LEU B 436 -34.48 -10.75 18.20
N GLN B 437 -35.45 -11.63 18.32
CA GLN B 437 -36.17 -11.76 19.59
C GLN B 437 -35.24 -12.10 20.72
N ASP B 438 -34.38 -13.10 20.50
CA ASP B 438 -33.44 -13.53 21.54
C ASP B 438 -32.52 -12.40 22.00
N ILE B 439 -32.09 -11.58 21.04
CA ILE B 439 -31.16 -10.52 21.30
C ILE B 439 -31.82 -9.43 22.10
N GLU B 440 -32.93 -8.91 21.58
CA GLU B 440 -33.71 -7.89 22.30
C GLU B 440 -34.21 -8.37 23.66
N ALA B 441 -34.45 -9.67 23.81
CA ALA B 441 -34.84 -10.25 25.12
C ALA B 441 -33.75 -10.11 26.19
N ARG B 442 -32.49 -10.06 25.76
CA ARG B 442 -31.35 -9.96 26.69
C ARG B 442 -30.91 -8.56 27.08
N GLN B 443 -31.57 -7.53 26.54
CA GLN B 443 -31.59 -6.23 27.23
C GLN B 443 -32.64 -6.29 28.37
N VAL B 444 -32.18 -6.33 29.62
CA VAL B 444 -33.04 -6.38 30.83
C VAL B 444 -34.32 -7.22 30.63
N ILE C 11 -14.96 28.89 -40.83
CA ILE C 11 -14.88 28.91 -42.31
C ILE C 11 -13.71 28.01 -42.78
N LYS C 12 -12.46 28.45 -42.60
CA LYS C 12 -11.32 27.92 -43.38
C LYS C 12 -10.90 26.46 -43.05
N THR C 13 -10.66 25.66 -44.09
CA THR C 13 -10.60 24.19 -44.02
C THR C 13 -9.36 23.61 -44.71
N TYR C 14 -8.74 22.61 -44.07
CA TYR C 14 -7.59 21.90 -44.62
C TYR C 14 -7.84 20.37 -44.64
N HIS C 15 -7.05 19.68 -45.44
CA HIS C 15 -7.06 18.23 -45.46
C HIS C 15 -5.64 17.79 -45.29
N LEU C 16 -5.42 16.80 -44.41
CA LEU C 16 -4.08 16.34 -44.14
C LEU C 16 -3.50 15.48 -45.27
N SER C 17 -4.34 14.79 -46.04
CA SER C 17 -3.94 14.17 -47.33
C SER C 17 -3.17 15.15 -48.24
N ASN C 18 -3.66 16.39 -48.31
CA ASN C 18 -3.12 17.39 -49.24
C ASN C 18 -1.79 18.01 -48.83
N LEU C 19 -1.58 18.26 -47.54
CA LEU C 19 -0.54 19.21 -47.14
C LEU C 19 0.88 18.71 -47.29
N THR C 20 1.77 19.67 -47.56
CA THR C 20 3.21 19.46 -47.52
C THR C 20 3.76 19.82 -46.13
N GLN C 21 4.96 19.33 -45.86
CA GLN C 21 5.68 19.59 -44.61
C GLN C 21 5.72 21.06 -44.20
N THR C 22 5.84 21.94 -45.20
CA THR C 22 5.83 23.38 -44.97
C THR C 22 4.40 23.90 -44.68
N GLU C 23 3.36 23.34 -45.33
CA GLU C 23 1.96 23.75 -45.04
C GLU C 23 1.51 23.34 -43.63
N LEU C 24 2.04 22.22 -43.12
CA LEU C 24 1.81 21.78 -41.73
C LEU C 24 2.40 22.75 -40.73
N LEU C 25 3.70 23.03 -40.88
CA LEU C 25 4.43 24.03 -40.07
C LEU C 25 3.68 25.36 -39.92
N SER C 26 2.91 25.74 -40.94
CA SER C 26 2.01 26.88 -40.84
C SER C 26 0.88 26.61 -39.83
N LEU C 27 0.21 25.46 -39.96
CA LEU C 27 -0.87 25.09 -39.05
C LEU C 27 -0.41 24.93 -37.61
N LYS C 28 0.72 24.28 -37.43
CA LYS C 28 1.32 24.07 -36.12
C LYS C 28 1.62 25.34 -35.35
N SER C 29 2.31 26.28 -36.00
CA SER C 29 2.82 27.48 -35.31
C SER C 29 1.74 28.55 -35.26
N ARG C 30 1.59 29.18 -34.10
CA ARG C 30 0.60 30.23 -33.88
C ARG C 30 0.98 31.53 -34.63
N PRO C 31 -0.01 32.38 -34.94
CA PRO C 31 0.28 33.76 -35.37
C PRO C 31 1.26 34.48 -34.44
N ARG C 32 2.40 34.91 -35.00
CA ARG C 32 3.45 35.61 -34.24
C ARG C 32 2.92 36.89 -33.64
N ILE C 33 3.43 37.21 -32.46
CA ILE C 33 2.92 38.30 -31.66
C ILE C 33 3.92 39.46 -31.63
N ASP C 34 3.42 40.68 -31.83
CA ASP C 34 4.25 41.89 -31.73
C ASP C 34 4.71 42.09 -30.27
N PHE C 35 5.75 41.35 -29.89
CA PHE C 35 6.35 41.43 -28.54
C PHE C 35 7.11 42.72 -28.31
N SER C 36 7.85 43.15 -29.33
CA SER C 36 8.67 44.33 -29.27
C SER C 36 7.87 45.52 -28.75
N SER C 37 6.76 45.82 -29.43
CA SER C 37 5.84 46.93 -29.08
C SER C 37 5.28 46.80 -27.66
N VAL C 38 5.19 45.57 -27.16
CA VAL C 38 4.75 45.31 -25.79
C VAL C 38 5.89 45.64 -24.81
N PHE C 39 7.09 45.12 -25.07
CA PHE C 39 8.27 45.42 -24.22
C PHE C 39 8.49 46.92 -24.02
N ASP C 40 8.25 47.68 -25.08
CA ASP C 40 8.52 49.11 -25.09
C ASP C 40 7.62 49.83 -24.11
N ILE C 41 6.35 49.47 -24.10
CA ILE C 41 5.40 50.02 -23.15
C ILE C 41 5.80 49.62 -21.73
N VAL C 42 6.14 48.35 -21.58
CA VAL C 42 6.15 47.68 -20.28
C VAL C 42 7.44 47.97 -19.51
N ASN C 43 8.58 47.93 -20.18
CA ASN C 43 9.85 48.07 -19.49
C ASN C 43 10.07 49.39 -18.69
N PRO C 44 9.64 50.54 -19.25
CA PRO C 44 9.73 51.76 -18.47
C PRO C 44 8.79 51.73 -17.27
N ILE C 45 7.62 51.10 -17.42
CA ILE C 45 6.68 50.97 -16.31
C ILE C 45 7.28 50.12 -15.14
N VAL C 46 7.99 49.06 -15.51
CA VAL C 46 8.63 48.18 -14.54
C VAL C 46 9.71 48.93 -13.75
N ASP C 47 10.55 49.66 -14.47
CA ASP C 47 11.63 50.48 -13.88
C ASP C 47 11.11 51.59 -13.00
N ASP C 48 10.06 52.26 -13.45
CA ASP C 48 9.43 53.28 -12.63
C ASP C 48 9.01 52.71 -11.27
N VAL C 49 8.27 51.60 -11.30
CA VAL C 49 7.70 51.02 -10.09
C VAL C 49 8.86 50.54 -9.22
N HIS C 50 9.88 49.92 -9.84
CA HIS C 50 11.12 49.55 -9.16
C HIS C 50 11.68 50.75 -8.39
N ALA C 51 11.87 51.87 -9.08
CA ALA C 51 12.53 53.05 -8.48
C ALA C 51 11.64 53.91 -7.56
N HIS C 52 10.33 53.99 -7.81
CA HIS C 52 9.44 54.93 -7.04
C HIS C 52 8.22 54.33 -6.33
N GLY C 53 8.14 52.99 -6.27
CA GLY C 53 7.14 52.32 -5.43
C GLY C 53 5.69 52.68 -5.66
N ASP C 54 4.97 52.81 -4.55
CA ASP C 54 3.51 52.98 -4.57
C ASP C 54 3.05 54.22 -5.27
N ALA C 55 3.83 55.29 -5.19
CA ALA C 55 3.52 56.55 -5.88
C ALA C 55 3.48 56.33 -7.41
N ALA C 56 4.43 55.55 -7.94
CA ALA C 56 4.40 55.16 -9.37
C ALA C 56 3.21 54.26 -9.72
N VAL C 57 2.92 53.29 -8.87
CA VAL C 57 1.83 52.36 -9.13
C VAL C 57 0.49 53.13 -9.15
N LYS C 58 0.37 54.09 -8.23
CA LYS C 58 -0.80 54.95 -8.19
C LYS C 58 -0.96 55.73 -9.49
N GLN C 59 0.12 56.31 -9.98
CA GLN C 59 0.02 57.04 -11.24
C GLN C 59 -0.54 56.18 -12.35
N TYR C 60 0.04 54.99 -12.54
CA TYR C 60 -0.33 54.13 -13.67
C TYR C 60 -1.75 53.66 -13.55
N THR C 61 -2.21 53.49 -12.32
CA THR C 61 -3.59 53.07 -12.08
C THR C 61 -4.56 54.16 -12.51
N SER C 62 -4.25 55.40 -12.13
CA SER C 62 -4.97 56.58 -12.64
C SER C 62 -5.01 56.65 -14.16
N LYS C 63 -3.85 56.63 -14.81
CA LYS C 63 -3.85 56.71 -16.26
C LYS C 63 -4.64 55.55 -16.89
N PHE C 64 -4.28 54.31 -16.58
CA PHE C 64 -4.81 53.16 -17.33
C PHE C 64 -6.18 52.74 -16.87
N ASP C 65 -6.38 52.58 -15.56
CA ASP C 65 -7.65 52.07 -15.04
C ASP C 65 -8.67 53.17 -14.72
N LYS C 66 -8.28 54.45 -14.90
CA LYS C 66 -9.08 55.65 -14.50
C LYS C 66 -9.66 55.59 -13.07
N VAL C 67 -8.77 55.32 -12.12
CA VAL C 67 -9.11 55.17 -10.71
C VAL C 67 -8.00 55.77 -9.88
N ASP C 68 -8.40 56.53 -8.86
CA ASP C 68 -7.51 57.03 -7.83
C ASP C 68 -7.80 56.30 -6.53
N LEU C 69 -6.75 55.74 -5.94
CA LEU C 69 -6.79 55.11 -4.62
C LEU C 69 -5.62 55.61 -3.82
N GLU C 70 -5.75 55.66 -2.50
CA GLU C 70 -4.60 55.89 -1.61
C GLU C 70 -4.11 54.59 -0.94
N ASN C 71 -5.05 53.72 -0.52
CA ASN C 71 -4.70 52.38 -0.02
C ASN C 71 -4.74 51.33 -1.14
N ILE C 72 -3.57 51.08 -1.71
CA ILE C 72 -3.44 50.26 -2.90
C ILE C 72 -3.18 48.80 -2.57
N VAL C 73 -2.70 48.54 -1.35
CA VAL C 73 -2.58 47.19 -0.82
C VAL C 73 -3.39 47.03 0.45
N GLU C 74 -4.31 46.06 0.45
CA GLU C 74 -5.16 45.73 1.60
C GLU C 74 -4.76 44.40 2.20
N LEU C 75 -4.69 44.33 3.51
CA LEU C 75 -4.65 43.06 4.22
C LEU C 75 -6.07 42.40 4.21
N VAL C 76 -6.17 41.13 3.78
CA VAL C 76 -7.49 40.53 3.45
C VAL C 76 -8.33 40.24 4.70
N SER C 77 -7.66 39.75 5.73
CA SER C 77 -8.24 39.61 7.06
C SER C 77 -8.95 40.88 7.58
N ASP C 78 -8.47 42.06 7.20
CA ASP C 78 -9.11 43.31 7.62
C ASP C 78 -10.29 43.73 6.75
N LEU C 79 -10.44 43.18 5.55
CA LEU C 79 -11.62 43.48 4.69
C LEU C 79 -12.83 42.68 5.16
N PRO C 80 -14.05 43.29 5.16
CA PRO C 80 -15.24 42.54 5.59
C PRO C 80 -15.79 41.54 4.55
N ASP C 81 -16.51 40.53 5.00
CA ASP C 81 -17.03 39.50 4.08
C ASP C 81 -17.97 40.13 3.05
N PRO C 82 -17.68 39.93 1.76
CA PRO C 82 -18.55 40.55 0.76
C PRO C 82 -20.00 40.00 0.76
N VAL C 83 -20.93 40.84 0.33
CA VAL C 83 -22.35 40.52 0.33
C VAL C 83 -22.68 39.83 -0.99
N LEU C 84 -22.92 38.53 -0.92
CA LEU C 84 -23.18 37.79 -2.14
C LEU C 84 -24.44 36.99 -2.03
N ASP C 85 -25.11 36.92 -3.17
CA ASP C 85 -26.18 35.98 -3.41
C ASP C 85 -25.79 34.57 -2.96
N PRO C 86 -26.60 33.89 -2.13
CA PRO C 86 -26.22 32.53 -1.66
C PRO C 86 -26.15 31.39 -2.71
N ALA C 87 -26.86 31.51 -3.84
CA ALA C 87 -26.76 30.53 -4.95
C ALA C 87 -25.38 30.62 -5.61
N ILE C 88 -24.85 31.85 -5.59
CA ILE C 88 -23.50 32.17 -6.03
C ILE C 88 -22.42 31.68 -5.02
N LYS C 89 -22.56 31.95 -3.72
CA LYS C 89 -21.61 31.42 -2.74
C LYS C 89 -21.51 29.91 -2.84
N GLU C 90 -22.66 29.26 -2.89
CA GLU C 90 -22.74 27.82 -2.95
C GLU C 90 -22.01 27.23 -4.16
N ALA C 91 -22.17 27.82 -5.33
CA ALA C 91 -21.54 27.35 -6.56
C ALA C 91 -20.01 27.55 -6.54
N PHE C 92 -19.52 28.59 -5.89
CA PHE C 92 -18.11 28.74 -5.66
C PHE C 92 -17.57 27.81 -4.58
N ASP C 93 -18.42 27.42 -3.63
CA ASP C 93 -18.06 26.41 -2.59
C ASP C 93 -17.88 25.03 -3.19
N VAL C 94 -18.78 24.67 -4.11
CA VAL C 94 -18.64 23.48 -4.97
C VAL C 94 -17.30 23.45 -5.76
N ALA C 95 -17.02 24.55 -6.45
CA ALA C 95 -15.75 24.77 -7.20
C ALA C 95 -14.56 24.70 -6.27
N TYR C 96 -14.54 25.49 -5.21
CA TYR C 96 -13.47 25.41 -4.24
C TYR C 96 -13.24 23.99 -3.75
N SER C 97 -14.30 23.30 -3.37
CA SER C 97 -14.20 21.95 -2.86
C SER C 97 -13.55 21.00 -3.85
N ASN C 98 -14.00 21.03 -5.10
CA ASN C 98 -13.45 20.14 -6.14
C ASN C 98 -11.94 20.42 -6.49
N ILE C 99 -11.61 21.69 -6.57
CA ILE C 99 -10.25 22.16 -6.84
C ILE C 99 -9.32 21.75 -5.70
N TYR C 100 -9.75 21.99 -4.47
CA TYR C 100 -9.00 21.59 -3.29
C TYR C 100 -8.59 20.11 -3.33
N ALA C 101 -9.61 19.27 -3.55
CA ALA C 101 -9.46 17.81 -3.55
C ALA C 101 -8.56 17.35 -4.68
N PHE C 102 -8.77 17.89 -5.86
CA PHE C 102 -7.94 17.52 -6.97
C PHE C 102 -6.47 17.86 -6.73
N HIS C 103 -6.20 19.00 -6.09
CA HIS C 103 -4.84 19.48 -5.84
C HIS C 103 -4.18 18.86 -4.64
N ALA C 104 -4.91 18.68 -3.55
CA ALA C 104 -4.40 17.97 -2.39
C ALA C 104 -3.99 16.52 -2.70
N ALA C 105 -4.66 15.88 -3.64
CA ALA C 105 -4.28 14.54 -4.08
C ALA C 105 -2.92 14.42 -4.81
N GLN C 106 -2.29 15.56 -5.11
CA GLN C 106 -0.99 15.61 -5.79
C GLN C 106 0.22 15.59 -4.84
N LYS C 107 0.00 15.65 -3.53
CA LYS C 107 1.08 15.51 -2.54
C LYS C 107 1.97 14.33 -2.82
N SER C 108 3.27 14.60 -3.00
CA SER C 108 4.23 13.54 -3.23
C SER C 108 4.54 12.79 -1.91
N PRO C 109 4.60 11.45 -1.99
CA PRO C 109 5.16 10.73 -0.86
C PRO C 109 6.67 11.02 -0.83
N GLU C 110 7.22 11.04 0.36
CA GLU C 110 8.63 11.35 0.55
C GLU C 110 9.23 10.14 1.23
N LYS C 111 9.24 9.03 0.50
CA LYS C 111 9.80 7.79 0.97
C LYS C 111 11.32 7.80 0.76
N SER C 112 12.07 7.27 1.71
CA SER C 112 13.51 7.20 1.52
C SER C 112 13.94 6.09 0.55
N VAL C 113 15.11 6.30 -0.03
CA VAL C 113 15.71 5.47 -1.01
C VAL C 113 17.06 5.03 -0.39
N GLU C 114 17.27 3.72 -0.38
CA GLU C 114 18.48 3.11 0.15
C GLU C 114 18.93 2.01 -0.82
N ASN C 115 19.71 2.38 -1.82
CA ASN C 115 20.13 1.46 -2.88
C ASN C 115 21.44 0.76 -2.51
N MET C 116 22.16 1.36 -1.57
CA MET C 116 23.23 0.70 -0.84
C MET C 116 22.96 0.95 0.63
N LYS C 117 23.30 -0.03 1.46
CA LYS C 117 23.10 0.02 2.92
C LYS C 117 23.84 1.20 3.51
N GLY C 118 23.19 1.89 4.44
CA GLY C 118 23.74 3.11 5.02
C GLY C 118 23.80 4.34 4.13
N VAL C 119 23.18 4.30 2.95
CA VAL C 119 23.13 5.45 2.07
C VAL C 119 21.65 5.83 1.95
N GLN C 120 21.18 6.77 2.77
CA GLN C 120 19.76 7.19 2.81
C GLN C 120 19.54 8.50 2.07
N CYS C 121 18.57 8.50 1.14
CA CYS C 121 18.32 9.63 0.25
C CYS C 121 16.84 9.91 0.12
N LYS C 122 16.45 11.17 0.17
CA LYS C 122 15.06 11.50 -0.07
C LYS C 122 14.89 12.85 -0.66
N ARG C 123 13.65 13.09 -1.09
CA ARG C 123 13.28 14.30 -1.78
C ARG C 123 12.02 14.83 -1.07
N VAL C 124 12.14 15.97 -0.38
CA VAL C 124 11.05 16.56 0.42
C VAL C 124 10.51 17.88 -0.15
N ALA C 125 9.20 18.06 -0.05
CA ALA C 125 8.57 19.26 -0.57
C ALA C 125 8.66 20.35 0.49
N ARG C 126 8.95 21.57 0.07
CA ARG C 126 8.75 22.76 0.89
C ARG C 126 8.01 23.82 0.10
N SER C 127 7.20 24.61 0.78
CA SER C 127 6.42 25.64 0.12
C SER C 127 7.28 26.82 -0.28
N ILE C 128 6.90 27.46 -1.36
CA ILE C 128 7.53 28.70 -1.71
C ILE C 128 6.97 29.75 -0.75
N ASN C 129 7.86 30.51 -0.11
CA ASN C 129 7.45 31.38 0.99
C ASN C 129 6.47 32.52 0.61
N SER C 130 6.72 33.27 -0.45
CA SER C 130 5.71 34.22 -0.93
C SER C 130 5.46 34.18 -2.43
N VAL C 131 4.17 34.33 -2.77
CA VAL C 131 3.78 34.15 -4.13
C VAL C 131 2.83 35.26 -4.51
N GLY C 132 2.86 35.63 -5.79
CA GLY C 132 1.97 36.61 -6.34
C GLY C 132 1.09 35.94 -7.37
N LEU C 133 -0.21 36.23 -7.28
CA LEU C 133 -1.23 35.71 -8.16
C LEU C 133 -1.84 36.85 -8.93
N TYR C 134 -1.95 36.73 -10.25
CA TYR C 134 -2.54 37.81 -11.06
C TYR C 134 -3.88 37.40 -11.52
N VAL C 135 -4.86 38.22 -11.17
CA VAL C 135 -6.20 38.00 -11.69
C VAL C 135 -6.66 39.26 -12.38
N PRO C 136 -6.99 39.18 -13.70
CA PRO C 136 -7.58 40.33 -14.40
C PRO C 136 -8.84 40.86 -13.71
N GLY C 137 -8.96 42.19 -13.69
CA GLY C 137 -9.94 42.90 -12.88
C GLY C 137 -10.65 43.95 -13.73
N GLY C 138 -10.77 45.17 -13.23
CA GLY C 138 -11.54 46.20 -13.95
C GLY C 138 -12.98 45.74 -14.10
N THR C 139 -13.45 45.60 -15.34
CA THR C 139 -14.78 45.04 -15.62
C THR C 139 -14.79 43.48 -15.71
N ALA C 140 -13.61 42.85 -15.72
CA ALA C 140 -13.54 41.39 -15.77
C ALA C 140 -13.83 40.87 -14.37
N VAL C 141 -14.65 39.82 -14.30
CA VAL C 141 -15.13 39.20 -13.06
C VAL C 141 -14.62 37.75 -13.09
N LEU C 142 -13.49 37.51 -12.41
CA LEU C 142 -12.73 36.26 -12.61
C LEU C 142 -12.48 35.50 -11.30
N PRO C 143 -13.55 35.27 -10.53
CA PRO C 143 -13.37 34.49 -9.29
C PRO C 143 -12.84 33.06 -9.55
N SER C 144 -13.13 32.49 -10.69
CA SER C 144 -12.57 31.21 -11.05
C SER C 144 -11.04 31.19 -11.01
N THR C 145 -10.43 32.12 -11.75
CA THR C 145 -8.98 32.30 -11.69
C THR C 145 -8.49 32.59 -10.26
N ALA C 146 -9.22 33.32 -9.44
CA ALA C 146 -8.76 33.51 -8.05
C ALA C 146 -8.57 32.17 -7.32
N LEU C 147 -9.54 31.26 -7.52
CA LEU C 147 -9.51 29.93 -6.95
C LEU C 147 -8.38 29.10 -7.57
N MET C 148 -8.29 29.05 -8.88
CA MET C 148 -7.23 28.28 -9.56
C MET C 148 -5.86 28.56 -8.99
N LEU C 149 -5.57 29.82 -8.73
CA LEU C 149 -4.25 30.24 -8.24
C LEU C 149 -4.09 30.15 -6.74
N ALA C 150 -5.10 30.61 -6.01
CA ALA C 150 -4.99 30.73 -4.55
C ALA C 150 -5.11 29.41 -3.79
N VAL C 151 -5.93 28.48 -4.29
CA VAL C 151 -6.15 27.18 -3.62
C VAL C 151 -4.90 26.29 -3.49
N PRO C 152 -4.21 26.01 -4.63
CA PRO C 152 -2.99 25.24 -4.46
C PRO C 152 -1.96 26.01 -3.63
N ALA C 153 -1.95 27.34 -3.68
CA ALA C 153 -1.10 28.17 -2.75
C ALA C 153 -1.39 27.85 -1.30
N GLN C 154 -2.67 27.76 -0.96
CA GLN C 154 -3.10 27.43 0.41
C GLN C 154 -2.67 26.03 0.81
N ILE C 155 -2.92 25.05 -0.05
CA ILE C 155 -2.57 23.67 0.26
C ILE C 155 -1.05 23.55 0.38
N ALA C 156 -0.27 24.30 -0.40
CA ALA C 156 1.16 24.19 -0.29
C ALA C 156 1.66 24.80 1.01
N GLY C 157 0.89 25.68 1.64
CA GLY C 157 1.34 26.32 2.87
C GLY C 157 2.17 27.57 2.66
N CYS C 158 2.09 28.20 1.49
CA CYS C 158 2.71 29.47 1.25
C CYS C 158 2.29 30.49 2.31
N LYS C 159 3.27 31.07 2.99
CA LYS C 159 3.07 32.07 4.04
C LYS C 159 2.57 33.47 3.62
N THR C 160 3.02 34.03 2.51
CA THR C 160 2.47 35.29 2.00
C THR C 160 1.87 35.00 0.63
N ILE C 161 0.63 35.43 0.40
CA ILE C 161 -0.03 35.18 -0.88
C ILE C 161 -0.64 36.50 -1.36
N VAL C 162 -0.02 37.12 -2.36
CA VAL C 162 -0.52 38.40 -2.87
C VAL C 162 -1.36 38.20 -4.14
N LEU C 163 -2.62 38.62 -4.05
CA LEU C 163 -3.51 38.56 -5.18
C LEU C 163 -3.59 39.96 -5.75
N ALA C 164 -3.02 40.15 -6.95
CA ALA C 164 -3.13 41.38 -7.65
C ALA C 164 -4.41 41.31 -8.47
N ASN C 165 -5.27 42.31 -8.30
CA ASN C 165 -6.52 42.41 -9.03
C ASN C 165 -6.89 43.91 -9.18
N PRO C 166 -6.87 44.42 -10.41
CA PRO C 166 -7.23 45.84 -10.54
C PRO C 166 -8.69 46.11 -10.11
N PRO C 167 -8.95 47.21 -9.37
CA PRO C 167 -10.32 47.49 -8.94
C PRO C 167 -11.29 47.82 -10.07
N THR C 168 -12.56 47.88 -9.70
CA THR C 168 -13.61 48.48 -10.55
C THR C 168 -13.49 50.03 -10.53
N ARG C 169 -14.26 50.68 -11.41
CA ARG C 169 -14.37 52.17 -11.49
C ARG C 169 -14.46 52.92 -10.16
N ASP C 170 -15.22 52.38 -9.21
CA ASP C 170 -15.41 53.03 -7.91
C ASP C 170 -14.33 52.66 -6.89
N GLY C 171 -13.30 51.95 -7.32
CA GLY C 171 -12.22 51.50 -6.45
C GLY C 171 -12.52 50.37 -5.48
N THR C 172 -13.64 49.68 -5.65
CA THR C 172 -13.92 48.46 -4.88
C THR C 172 -13.34 47.27 -5.64
N THR C 173 -12.87 46.29 -4.91
CA THR C 173 -12.52 45.00 -5.50
C THR C 173 -13.80 44.19 -5.80
N CYS C 174 -13.81 43.58 -6.99
CA CYS C 174 -14.82 42.61 -7.41
C CYS C 174 -15.24 41.66 -6.29
N LYS C 175 -16.54 41.63 -6.01
CA LYS C 175 -17.04 40.99 -4.79
C LYS C 175 -16.78 39.48 -4.81
N GLU C 176 -16.97 38.86 -5.96
CA GLU C 176 -16.86 37.42 -6.11
C GLU C 176 -15.39 36.97 -6.08
N VAL C 177 -14.49 37.84 -6.53
CA VAL C 177 -13.06 37.64 -6.35
C VAL C 177 -12.72 37.63 -4.86
N LEU C 178 -13.30 38.56 -4.09
CA LEU C 178 -12.93 38.68 -2.69
C LEU C 178 -13.42 37.50 -1.89
N TYR C 179 -14.62 37.00 -2.19
CA TYR C 179 -15.12 35.77 -1.54
C TYR C 179 -14.13 34.61 -1.73
N CYS C 180 -13.83 34.30 -2.98
CA CYS C 180 -12.86 33.24 -3.29
C CYS C 180 -11.46 33.45 -2.65
N ALA C 181 -11.00 34.69 -2.61
CA ALA C 181 -9.76 35.05 -1.91
C ALA C 181 -9.75 34.71 -0.43
N LYS C 182 -10.80 35.14 0.26
CA LYS C 182 -10.93 34.85 1.69
C LYS C 182 -10.99 33.33 1.93
N LYS C 183 -11.80 32.67 1.13
CA LYS C 183 -11.94 31.23 1.21
C LYS C 183 -10.62 30.45 1.00
N ALA C 184 -9.75 30.94 0.10
CA ALA C 184 -8.45 30.30 -0.19
C ALA C 184 -7.29 30.79 0.65
N GLY C 185 -7.51 31.68 1.61
CA GLY C 185 -6.44 32.08 2.55
C GLY C 185 -5.41 33.03 1.95
N VAL C 186 -5.85 33.87 1.03
CA VAL C 186 -5.02 34.92 0.46
C VAL C 186 -4.72 35.94 1.56
N THR C 187 -3.49 36.41 1.66
CA THR C 187 -3.11 37.33 2.74
C THR C 187 -3.21 38.82 2.37
N HIS C 188 -2.83 39.15 1.14
CA HIS C 188 -2.79 40.53 0.67
C HIS C 188 -3.55 40.67 -0.64
N LEU C 189 -4.18 41.81 -0.82
CA LEU C 189 -4.85 42.17 -2.06
C LEU C 189 -4.11 43.38 -2.61
N LEU C 190 -3.65 43.28 -3.84
CA LEU C 190 -3.02 44.42 -4.47
C LEU C 190 -4.01 44.91 -5.50
N LYS C 191 -4.41 46.16 -5.30
CA LYS C 191 -5.49 46.74 -6.05
C LYS C 191 -4.92 47.53 -7.20
N ALA C 192 -4.40 46.77 -8.17
CA ALA C 192 -3.61 47.26 -9.30
C ALA C 192 -3.44 46.14 -10.36
N GLY C 193 -3.34 46.55 -11.64
CA GLY C 193 -3.25 45.64 -12.77
C GLY C 193 -2.01 45.86 -13.60
N GLY C 194 -1.93 45.18 -14.74
CA GLY C 194 -0.90 45.45 -15.73
C GLY C 194 0.52 45.19 -15.25
N ALA C 195 1.46 45.71 -16.03
CA ALA C 195 2.86 45.67 -15.74
C ALA C 195 3.27 46.30 -14.40
N GLN C 196 2.51 47.29 -13.95
CA GLN C 196 2.85 47.99 -12.73
C GLN C 196 2.61 47.08 -11.54
N ALA C 197 1.59 46.21 -11.64
CA ALA C 197 1.29 45.28 -10.56
C ALA C 197 2.42 44.23 -10.39
N ILE C 198 2.88 43.74 -11.54
CA ILE C 198 3.86 42.66 -11.64
C ILE C 198 5.21 43.13 -11.07
N SER C 199 5.59 44.35 -11.42
CA SER C 199 6.78 45.00 -10.86
C SER C 199 6.62 45.25 -9.35
N ALA C 200 5.43 45.67 -8.95
CA ALA C 200 5.21 45.90 -7.52
C ALA C 200 5.44 44.60 -6.74
N MET C 201 4.84 43.51 -7.22
CA MET C 201 5.00 42.23 -6.54
C MET C 201 6.41 41.71 -6.68
N ALA C 202 7.05 41.97 -7.82
CA ALA C 202 8.40 41.39 -8.06
C ALA C 202 9.54 42.00 -7.26
N TRP C 203 9.44 43.32 -7.08
CA TRP C 203 10.46 44.12 -6.40
C TRP C 203 10.00 44.39 -4.98
N GLY C 204 8.70 44.40 -4.74
CA GLY C 204 8.17 44.87 -3.47
C GLY C 204 8.03 46.39 -3.56
N THR C 205 7.13 46.95 -2.74
CA THR C 205 7.01 48.41 -2.55
C THR C 205 6.98 48.74 -1.04
N GLU C 206 6.41 49.89 -0.64
CA GLU C 206 6.26 50.29 0.77
C GLU C 206 5.19 49.43 1.44
N THR C 207 4.17 49.07 0.66
CA THR C 207 3.05 48.30 1.17
C THR C 207 2.88 46.95 0.45
N CYS C 208 3.37 46.78 -0.78
CA CYS C 208 3.30 45.46 -1.47
C CYS C 208 4.50 44.60 -1.14
N PRO C 209 4.28 43.45 -0.46
CA PRO C 209 5.38 42.55 -0.20
C PRO C 209 5.99 42.00 -1.50
N LYS C 210 7.28 41.79 -1.49
CA LYS C 210 8.02 41.14 -2.56
C LYS C 210 7.66 39.66 -2.59
N VAL C 211 7.33 39.15 -3.79
CA VAL C 211 7.14 37.71 -3.96
C VAL C 211 8.27 37.02 -4.73
N GLU C 212 8.43 35.73 -4.46
CA GLU C 212 9.46 34.91 -5.10
C GLU C 212 9.03 34.29 -6.43
N LYS C 213 7.73 34.21 -6.68
CA LYS C 213 7.20 33.62 -7.92
C LYS C 213 5.84 34.21 -8.29
N ILE C 214 5.62 34.44 -9.57
CA ILE C 214 4.39 35.08 -10.02
C ILE C 214 3.58 34.19 -10.97
N PHE C 215 2.27 34.13 -10.69
CA PHE C 215 1.36 33.21 -11.38
C PHE C 215 0.21 33.98 -12.05
N GLY C 216 -0.25 33.46 -13.21
CA GLY C 216 -1.37 34.04 -13.94
C GLY C 216 -0.89 34.83 -15.14
N PRO C 217 -1.43 34.57 -16.34
CA PRO C 217 -0.85 35.19 -17.53
C PRO C 217 -1.35 36.62 -17.74
N GLY C 218 -2.57 36.90 -17.25
CA GLY C 218 -3.19 38.19 -17.54
C GLY C 218 -3.30 38.38 -19.03
N ASN C 219 -3.02 39.59 -19.49
CA ASN C 219 -3.05 39.95 -20.91
C ASN C 219 -1.60 39.95 -21.38
N GLN C 220 -1.35 40.46 -22.58
CA GLN C 220 0.02 40.40 -23.11
C GLN C 220 0.99 41.35 -22.38
N TYR C 221 0.49 42.45 -21.81
CA TYR C 221 1.36 43.41 -21.10
C TYR C 221 1.83 42.86 -19.76
N VAL C 222 0.94 42.12 -19.12
CA VAL C 222 1.23 41.49 -17.86
C VAL C 222 2.29 40.36 -18.09
N THR C 223 2.03 39.55 -19.11
CA THR C 223 2.90 38.44 -19.49
C THR C 223 4.34 38.85 -19.89
N ALA C 224 4.46 39.94 -20.61
CA ALA C 224 5.79 40.48 -20.95
C ALA C 224 6.53 41.04 -19.74
N ALA C 225 5.78 41.72 -18.87
CA ALA C 225 6.33 42.21 -17.60
C ALA C 225 6.98 41.05 -16.82
N LYS C 226 6.31 39.90 -16.85
CA LYS C 226 6.73 38.68 -16.19
C LYS C 226 8.01 38.14 -16.82
N MET C 227 8.03 38.15 -18.15
CA MET C 227 9.22 37.71 -18.87
C MET C 227 10.44 38.58 -18.62
N ILE C 228 10.28 39.90 -18.63
CA ILE C 228 11.39 40.80 -18.39
C ILE C 228 11.91 40.52 -16.98
N LEU C 229 10.98 40.54 -16.04
CA LEU C 229 11.30 40.35 -14.67
C LEU C 229 11.92 38.99 -14.31
N GLN C 230 11.58 37.90 -14.99
CA GLN C 230 12.23 36.60 -14.69
C GLN C 230 13.72 36.59 -15.00
N ASN C 231 14.13 37.43 -15.95
CA ASN C 231 15.54 37.63 -16.29
C ASN C 231 16.25 38.78 -15.59
N SER C 232 15.58 39.43 -14.63
CA SER C 232 16.14 40.58 -13.94
C SER C 232 16.81 40.18 -12.61
N GLU C 233 17.19 41.21 -11.87
CA GLU C 233 17.78 41.10 -10.55
C GLU C 233 16.70 41.09 -9.47
N ALA C 234 15.45 41.05 -9.87
CA ALA C 234 14.39 40.99 -8.87
C ALA C 234 14.28 39.64 -8.15
N MET C 235 14.98 38.58 -8.60
CA MET C 235 14.91 37.28 -7.93
C MET C 235 13.46 36.83 -7.93
N VAL C 236 12.90 36.58 -9.11
CA VAL C 236 11.54 36.15 -9.25
C VAL C 236 11.42 35.19 -10.40
N SER C 237 10.68 34.11 -10.19
CA SER C 237 10.30 33.15 -11.23
C SER C 237 8.85 33.29 -11.60
N ILE C 238 8.46 32.60 -12.65
CA ILE C 238 7.08 32.60 -13.11
C ILE C 238 6.58 31.23 -13.43
N ASP C 239 5.26 31.12 -13.52
CA ASP C 239 4.60 29.86 -13.85
C ASP C 239 4.89 29.40 -15.29
N MET C 240 4.83 30.31 -16.24
CA MET C 240 4.99 29.99 -17.65
C MET C 240 4.85 31.24 -18.53
N PRO C 241 5.50 31.23 -19.71
CA PRO C 241 5.18 32.27 -20.69
C PRO C 241 3.75 32.01 -21.25
N ALA C 242 3.19 32.96 -21.95
CA ALA C 242 1.80 32.85 -22.37
C ALA C 242 1.48 33.63 -23.65
N GLY C 243 0.52 33.12 -24.43
CA GLY C 243 -0.13 33.82 -25.55
C GLY C 243 -1.65 33.71 -25.40
N PRO C 244 -2.40 33.79 -26.51
CA PRO C 244 -3.89 33.70 -26.48
C PRO C 244 -4.39 32.30 -26.15
N SER C 245 -5.58 32.20 -25.55
CA SER C 245 -6.14 30.94 -25.11
C SER C 245 -6.57 30.20 -26.34
N GLU C 246 -6.74 28.89 -26.21
CA GLU C 246 -6.96 28.03 -27.31
C GLU C 246 -7.80 26.84 -26.93
N VAL C 247 -8.52 26.34 -27.93
CA VAL C 247 -9.15 25.03 -27.89
C VAL C 247 -8.97 24.35 -29.25
N LEU C 248 -8.78 23.05 -29.18
CA LEU C 248 -8.77 22.19 -30.31
C LEU C 248 -9.77 21.15 -29.95
N VAL C 249 -10.72 20.93 -30.83
CA VAL C 249 -11.76 19.97 -30.60
C VAL C 249 -11.65 18.89 -31.66
N ILE C 250 -11.58 17.64 -31.23
CA ILE C 250 -11.66 16.54 -32.16
C ILE C 250 -13.10 16.07 -32.09
N ALA C 251 -13.69 15.83 -33.27
CA ALA C 251 -15.03 15.31 -33.35
C ALA C 251 -15.18 14.33 -34.51
N ASP C 252 -15.90 13.25 -34.25
CA ASP C 252 -16.26 12.22 -35.24
C ASP C 252 -17.78 12.29 -35.51
N LYS C 253 -18.29 11.37 -36.34
CA LYS C 253 -19.71 11.39 -36.76
C LYS C 253 -20.76 11.16 -35.66
N HIS C 254 -20.32 10.77 -34.45
CA HIS C 254 -21.19 10.59 -33.29
C HIS C 254 -21.34 11.84 -32.43
N ALA C 255 -20.55 12.87 -32.73
CA ALA C 255 -20.60 14.13 -31.98
C ALA C 255 -21.86 14.86 -32.43
N ILE C 256 -22.56 15.51 -31.51
CA ILE C 256 -23.74 16.30 -31.85
C ILE C 256 -23.31 17.69 -32.40
N PRO C 257 -23.79 18.10 -33.61
CA PRO C 257 -23.20 19.26 -34.27
C PRO C 257 -23.30 20.60 -33.56
N SER C 258 -24.39 20.79 -32.82
CA SER C 258 -24.61 21.99 -32.02
C SER C 258 -23.72 22.07 -30.78
N HIS C 259 -23.40 20.89 -30.25
CA HIS C 259 -22.61 20.79 -29.06
C HIS C 259 -21.21 21.17 -29.43
N VAL C 260 -20.74 20.60 -30.53
CA VAL C 260 -19.47 21.02 -31.11
C VAL C 260 -19.47 22.54 -31.30
N ALA C 261 -20.54 23.06 -31.92
CA ALA C 261 -20.67 24.51 -32.16
C ALA C 261 -20.59 25.33 -30.87
N ALA C 262 -21.31 24.90 -29.84
CA ALA C 262 -21.25 25.60 -28.56
C ALA C 262 -19.84 25.62 -28.01
N ASP C 263 -19.15 24.48 -28.12
CA ASP C 263 -17.79 24.37 -27.57
C ASP C 263 -16.84 25.32 -28.23
N LEU C 264 -16.99 25.45 -29.55
CA LEU C 264 -16.13 26.34 -30.33
C LEU C 264 -16.36 27.78 -29.90
N LEU C 265 -17.62 28.16 -29.76
CA LEU C 265 -17.96 29.51 -29.32
C LEU C 265 -17.60 29.72 -27.85
N SER C 266 -17.71 28.65 -27.07
CA SER C 266 -17.35 28.69 -25.65
C SER C 266 -15.96 29.21 -25.43
N GLN C 267 -15.02 28.80 -26.29
CA GLN C 267 -13.66 29.32 -26.26
C GLN C 267 -13.58 30.70 -26.90
N ALA C 268 -14.15 30.82 -28.10
CA ALA C 268 -14.13 32.05 -28.90
C ALA C 268 -14.60 33.33 -28.22
N GLU C 269 -15.54 33.23 -27.30
CA GLU C 269 -16.06 34.45 -26.67
C GLU C 269 -15.05 35.09 -25.73
N HIS C 270 -13.94 34.42 -25.42
CA HIS C 270 -12.87 35.03 -24.58
C HIS C 270 -12.26 36.32 -25.16
N GLY C 271 -12.11 36.41 -26.48
CA GLY C 271 -11.50 37.58 -27.09
C GLY C 271 -11.18 37.41 -28.57
N PRO C 272 -11.11 38.53 -29.32
CA PRO C 272 -10.74 38.45 -30.75
C PRO C 272 -9.47 37.65 -31.08
N ASP C 273 -8.57 37.48 -30.11
CA ASP C 273 -7.36 36.67 -30.32
C ASP C 273 -7.47 35.19 -29.93
N SER C 274 -8.57 34.74 -29.33
CA SER C 274 -8.73 33.30 -29.01
C SER C 274 -8.67 32.39 -30.22
N GLN C 275 -7.89 31.32 -30.10
CA GLN C 275 -7.60 30.46 -31.21
C GLN C 275 -8.48 29.20 -31.14
N VAL C 276 -9.19 28.94 -32.23
CA VAL C 276 -10.09 27.81 -32.28
C VAL C 276 -9.73 26.87 -33.44
N VAL C 277 -9.57 25.59 -33.12
CA VAL C 277 -9.26 24.56 -34.13
C VAL C 277 -10.26 23.43 -33.97
N LEU C 278 -10.83 22.98 -35.08
CA LEU C 278 -11.73 21.82 -35.08
C LEU C 278 -11.13 20.81 -36.02
N VAL C 279 -10.84 19.64 -35.45
CA VAL C 279 -10.25 18.56 -36.20
C VAL C 279 -11.35 17.55 -36.39
N ILE C 280 -11.75 17.35 -37.63
CA ILE C 280 -12.76 16.36 -37.99
C ILE C 280 -12.08 15.04 -38.25
N ALA C 281 -12.41 14.05 -37.44
CA ALA C 281 -11.76 12.74 -37.53
C ALA C 281 -12.64 11.74 -38.28
N GLY C 282 -12.18 11.33 -39.45
CA GLY C 282 -12.81 10.24 -40.20
C GLY C 282 -13.95 10.72 -41.08
N ASP C 283 -14.88 9.81 -41.35
CA ASP C 283 -16.01 10.02 -42.27
C ASP C 283 -17.27 10.43 -41.54
N GLY C 284 -18.29 10.75 -42.34
CA GLY C 284 -19.64 10.88 -41.84
C GLY C 284 -19.95 12.13 -41.04
N VAL C 285 -19.01 13.06 -40.94
CA VAL C 285 -19.19 14.26 -40.15
C VAL C 285 -19.67 15.41 -41.01
N ASP C 286 -20.68 16.14 -40.54
CA ASP C 286 -21.30 17.18 -41.34
C ASP C 286 -20.78 18.60 -41.03
N GLN C 287 -19.71 18.98 -41.74
CA GLN C 287 -19.06 20.28 -41.55
C GLN C 287 -20.06 21.41 -41.71
N ASN C 288 -20.82 21.32 -42.80
CA ASN C 288 -22.00 22.18 -43.07
C ASN C 288 -22.93 22.41 -41.87
N ALA C 289 -23.35 21.33 -41.23
CA ALA C 289 -24.33 21.41 -40.15
C ALA C 289 -23.72 22.14 -38.98
N ILE C 290 -22.48 21.78 -38.66
CA ILE C 290 -21.73 22.45 -37.59
C ILE C 290 -21.48 23.93 -37.87
N GLN C 291 -21.03 24.23 -39.08
CA GLN C 291 -20.69 25.59 -39.48
C GLN C 291 -21.96 26.46 -39.50
N GLU C 292 -23.09 25.86 -39.90
CA GLU C 292 -24.40 26.54 -39.87
C GLU C 292 -24.74 26.89 -38.43
N GLU C 293 -24.62 25.88 -37.60
CA GLU C 293 -24.98 25.98 -36.20
C GLU C 293 -24.03 26.91 -35.40
N VAL C 294 -22.79 27.08 -35.87
CA VAL C 294 -21.91 28.11 -35.32
C VAL C 294 -22.50 29.52 -35.54
N SER C 295 -23.01 29.77 -36.75
CA SER C 295 -23.53 31.12 -37.12
C SER C 295 -24.70 31.51 -36.21
N LYS C 296 -25.62 30.56 -36.05
CA LYS C 296 -26.92 30.79 -35.43
C LYS C 296 -26.71 31.09 -33.97
N GLN C 297 -25.86 30.27 -33.37
CA GLN C 297 -25.55 30.37 -31.96
C GLN C 297 -24.78 31.65 -31.65
N CYS C 298 -23.93 32.07 -32.57
CA CYS C 298 -23.08 33.23 -32.37
C CYS C 298 -23.84 34.55 -32.17
N GLN C 299 -24.99 34.71 -32.85
CA GLN C 299 -25.72 36.01 -32.79
C GLN C 299 -26.81 36.08 -31.72
N SER C 300 -26.99 35.01 -30.95
CA SER C 300 -27.69 35.11 -29.68
C SER C 300 -26.75 35.54 -28.54
N LEU C 301 -25.44 35.57 -28.77
CA LEU C 301 -24.48 35.82 -27.66
C LEU C 301 -24.25 37.30 -27.40
N PRO C 302 -24.21 37.70 -26.12
CA PRO C 302 -23.78 39.07 -25.84
C PRO C 302 -22.37 39.43 -26.34
N ARG C 303 -21.51 38.42 -26.58
CA ARG C 303 -20.15 38.66 -27.07
C ARG C 303 -19.90 37.97 -28.40
N GLY C 304 -20.91 37.97 -29.27
CA GLY C 304 -20.78 37.46 -30.62
C GLY C 304 -19.82 38.26 -31.50
N GLU C 305 -19.59 39.53 -31.19
CA GLU C 305 -18.57 40.32 -31.91
C GLU C 305 -17.14 39.89 -31.52
N PHE C 306 -16.92 39.62 -30.23
CA PHE C 306 -15.65 39.00 -29.79
C PHE C 306 -15.52 37.66 -30.53
N ALA C 307 -16.57 36.84 -30.41
CA ALA C 307 -16.62 35.48 -30.98
C ALA C 307 -16.34 35.38 -32.50
N ALA C 308 -17.03 36.23 -33.27
CA ALA C 308 -16.91 36.24 -34.74
C ALA C 308 -15.50 36.62 -35.18
N LYS C 309 -14.92 37.56 -34.44
CA LYS C 309 -13.59 38.05 -34.73
C LYS C 309 -12.54 36.97 -34.40
N ALA C 310 -12.77 36.20 -33.32
CA ALA C 310 -11.95 35.01 -33.06
C ALA C 310 -12.12 33.95 -34.17
N LEU C 311 -13.37 33.59 -34.42
CA LEU C 311 -13.73 32.60 -35.43
C LEU C 311 -13.30 32.98 -36.85
N SER C 312 -13.13 34.26 -37.11
CA SER C 312 -12.56 34.70 -38.39
C SER C 312 -11.20 34.06 -38.65
N HIS C 313 -10.41 33.80 -37.59
CA HIS C 313 -9.10 33.08 -37.71
C HIS C 313 -9.07 31.66 -37.08
N SER C 314 -10.24 31.10 -36.81
CA SER C 314 -10.36 29.66 -36.64
C SER C 314 -9.94 28.88 -37.91
N PHE C 315 -9.76 27.57 -37.75
CA PHE C 315 -9.60 26.70 -38.90
C PHE C 315 -10.02 25.30 -38.63
N ILE C 316 -10.28 24.57 -39.71
CA ILE C 316 -10.76 23.21 -39.63
C ILE C 316 -9.76 22.37 -40.40
N VAL C 317 -9.45 21.20 -39.84
CA VAL C 317 -8.50 20.27 -40.40
C VAL C 317 -9.20 18.94 -40.48
N HIS C 318 -9.14 18.30 -41.64
CA HIS C 318 -9.73 16.99 -41.84
C HIS C 318 -8.69 15.91 -41.73
N ALA C 319 -9.00 14.92 -40.88
CA ALA C 319 -8.12 13.77 -40.72
C ALA C 319 -8.84 12.50 -41.10
N ARG C 320 -8.07 11.58 -41.67
CA ARG C 320 -8.60 10.35 -42.23
C ARG C 320 -9.12 9.41 -41.14
N ASP C 321 -8.53 9.53 -39.96
CA ASP C 321 -8.93 8.77 -38.78
C ASP C 321 -8.47 9.44 -37.49
N MET C 322 -8.86 8.84 -36.37
CA MET C 322 -8.53 9.34 -35.06
C MET C 322 -7.04 9.37 -34.73
N LEU C 323 -6.31 8.28 -34.98
CA LEU C 323 -4.86 8.33 -34.81
C LEU C 323 -4.28 9.60 -35.44
N GLU C 324 -4.62 9.83 -36.72
CA GLU C 324 -4.10 11.00 -37.46
C GLU C 324 -4.60 12.30 -36.87
N ALA C 325 -5.84 12.35 -36.38
CA ALA C 325 -6.31 13.51 -35.62
C ALA C 325 -5.47 13.78 -34.36
N ILE C 326 -5.24 12.76 -33.56
CA ILE C 326 -4.51 13.01 -32.33
C ILE C 326 -3.08 13.29 -32.68
N THR C 327 -2.60 12.74 -33.80
CA THR C 327 -1.22 13.00 -34.22
C THR C 327 -1.05 14.45 -34.62
N PHE C 328 -2.01 14.99 -35.33
CA PHE C 328 -1.97 16.42 -35.60
C PHE C 328 -2.08 17.23 -34.31
N SER C 329 -3.05 16.86 -33.46
CA SER C 329 -3.23 17.55 -32.21
C SER C 329 -1.96 17.56 -31.31
N ASN C 330 -1.20 16.48 -31.32
CA ASN C 330 0.06 16.47 -30.57
C ASN C 330 1.10 17.41 -31.10
N MET C 331 1.15 17.56 -32.42
CA MET C 331 2.09 18.48 -33.01
C MET C 331 1.70 19.91 -32.65
N TYR C 332 0.39 20.18 -32.70
CA TYR C 332 -0.16 21.48 -32.39
C TYR C 332 0.02 21.86 -30.92
N ALA C 333 -0.14 20.89 -30.01
CA ALA C 333 0.02 21.14 -28.53
C ALA C 333 -0.99 22.18 -27.97
N PRO C 334 -2.29 21.91 -28.06
CA PRO C 334 -3.28 22.91 -27.65
C PRO C 334 -3.34 23.08 -26.17
N GLU C 335 -3.76 24.27 -25.75
CA GLU C 335 -3.97 24.60 -24.36
C GLU C 335 -5.05 23.66 -23.84
N HIS C 336 -6.18 23.56 -24.54
CA HIS C 336 -7.32 22.72 -24.14
C HIS C 336 -7.58 21.72 -25.26
N LEU C 337 -7.79 20.45 -24.92
CA LEU C 337 -8.16 19.48 -25.95
C LEU C 337 -9.46 18.85 -25.57
N ILE C 338 -10.42 18.87 -26.48
CA ILE C 338 -11.68 18.20 -26.26
C ILE C 338 -11.76 17.04 -27.23
N ILE C 339 -11.93 15.83 -26.71
CA ILE C 339 -12.00 14.68 -27.58
C ILE C 339 -13.43 14.20 -27.54
N ASN C 340 -14.17 14.62 -28.56
CA ASN C 340 -15.55 14.21 -28.68
C ASN C 340 -15.68 13.16 -29.76
N VAL C 341 -15.27 11.95 -29.38
CA VAL C 341 -15.27 10.81 -30.28
C VAL C 341 -15.70 9.59 -29.49
N LYS C 342 -16.10 8.55 -30.20
CA LYS C 342 -16.48 7.26 -29.60
C LYS C 342 -15.32 6.61 -28.85
N ASP C 343 -15.59 6.19 -27.60
CA ASP C 343 -14.58 5.64 -26.68
C ASP C 343 -13.32 6.56 -26.50
N ALA C 344 -13.58 7.86 -26.40
CA ALA C 344 -12.58 8.87 -26.13
C ALA C 344 -11.57 8.49 -25.04
N GLU C 345 -12.07 7.85 -24.00
CA GLU C 345 -11.30 7.45 -22.84
C GLU C 345 -10.15 6.53 -23.28
N LYS C 346 -10.43 5.69 -24.27
CA LYS C 346 -9.43 4.79 -24.81
C LYS C 346 -8.25 5.42 -25.56
N TRP C 347 -8.41 6.68 -25.99
CA TRP C 347 -7.36 7.38 -26.70
C TRP C 347 -6.36 8.08 -25.81
N GLU C 348 -6.58 8.06 -24.51
CA GLU C 348 -5.77 8.81 -23.56
C GLU C 348 -4.28 8.62 -23.70
N SER C 349 -3.85 7.39 -23.92
CA SER C 349 -2.43 7.14 -23.99
C SER C 349 -1.77 7.62 -25.33
N PHE C 350 -2.55 7.96 -26.36
CA PHE C 350 -2.02 8.59 -27.57
C PHE C 350 -1.75 10.09 -27.41
N ILE C 351 -2.34 10.72 -26.39
CA ILE C 351 -2.13 12.14 -26.11
C ILE C 351 -0.77 12.41 -25.55
N GLU C 352 0.00 13.27 -26.20
CA GLU C 352 1.36 13.58 -25.77
C GLU C 352 1.51 15.05 -25.33
N ASN C 353 0.79 15.99 -25.96
CA ASN C 353 0.89 17.44 -25.71
C ASN C 353 -0.50 18.12 -25.65
N ALA C 354 -0.82 18.69 -24.53
CA ALA C 354 -2.11 19.37 -24.30
C ALA C 354 -2.06 19.83 -22.86
N GLY C 355 -2.55 21.02 -22.58
CA GLY C 355 -2.61 21.52 -21.20
C GLY C 355 -3.64 20.75 -20.40
N SER C 356 -4.85 20.66 -20.93
CA SER C 356 -5.89 19.92 -20.27
C SER C 356 -6.86 19.32 -21.28
N VAL C 357 -7.39 18.14 -20.96
CA VAL C 357 -8.09 17.28 -21.89
C VAL C 357 -9.47 16.94 -21.38
N PHE C 358 -10.44 16.97 -22.28
CA PHE C 358 -11.82 16.86 -21.92
C PHE C 358 -12.34 15.72 -22.77
N LEU C 359 -12.74 14.66 -22.07
CA LEU C 359 -12.97 13.37 -22.68
C LEU C 359 -14.44 13.08 -22.90
N GLY C 360 -14.83 12.78 -24.15
CA GLY C 360 -16.17 12.32 -24.46
C GLY C 360 -17.13 13.45 -24.77
N SER C 361 -18.41 13.19 -24.55
CA SER C 361 -19.49 14.06 -24.98
C SER C 361 -20.08 14.93 -23.88
N TRP C 362 -19.81 14.64 -22.60
CA TRP C 362 -20.45 15.32 -21.47
C TRP C 362 -19.52 16.20 -20.66
N THR C 363 -18.43 16.63 -21.30
CA THR C 363 -17.36 17.31 -20.63
C THR C 363 -16.99 18.50 -21.53
N PRO C 364 -17.80 19.56 -21.47
CA PRO C 364 -17.37 20.78 -22.13
C PRO C 364 -16.27 21.49 -21.34
N GLU C 365 -15.58 22.40 -22.03
CA GLU C 365 -14.46 23.12 -21.47
C GLU C 365 -14.77 23.92 -20.22
N SER C 366 -15.99 24.42 -20.14
CA SER C 366 -16.42 25.24 -19.01
C SER C 366 -16.37 24.46 -17.72
N VAL C 367 -16.61 23.15 -17.83
CA VAL C 367 -16.49 22.27 -16.68
C VAL C 367 -15.11 22.39 -16.05
N GLY C 368 -14.09 22.45 -16.90
CA GLY C 368 -12.72 22.64 -16.46
C GLY C 368 -12.44 24.07 -16.11
N ASP C 369 -12.96 25.00 -16.88
CA ASP C 369 -12.83 26.44 -16.55
C ASP C 369 -13.29 26.73 -15.09
N TYR C 370 -14.36 26.08 -14.66
CA TYR C 370 -14.93 26.39 -13.35
C TYR C 370 -14.92 25.45 -12.16
N ALA C 371 -15.38 24.21 -12.29
CA ALA C 371 -15.46 23.36 -11.11
C ALA C 371 -15.14 21.86 -11.17
N SER C 372 -14.56 21.37 -12.25
CA SER C 372 -14.24 19.97 -12.29
C SER C 372 -13.24 19.65 -11.20
N GLY C 373 -12.34 20.58 -10.97
CA GLY C 373 -11.26 20.43 -10.00
C GLY C 373 -9.91 20.70 -10.65
N THR C 374 -9.79 20.53 -11.96
CA THR C 374 -8.53 20.82 -12.64
C THR C 374 -8.27 22.30 -12.64
N ASN C 375 -7.05 22.63 -13.06
CA ASN C 375 -6.62 24.00 -13.08
C ASN C 375 -6.72 24.56 -14.49
N HIS C 376 -7.35 25.73 -14.64
CA HIS C 376 -7.49 26.39 -15.97
C HIS C 376 -6.33 27.35 -16.35
N VAL C 377 -5.38 27.57 -15.44
CA VAL C 377 -4.19 28.29 -15.80
C VAL C 377 -3.22 27.31 -16.50
N LEU C 378 -3.23 27.41 -17.82
CA LEU C 378 -2.76 26.37 -18.67
C LEU C 378 -1.80 26.89 -19.73
N PRO C 379 -0.92 26.02 -20.24
CA PRO C 379 0.07 26.47 -21.21
C PRO C 379 -0.54 26.65 -22.62
N THR C 380 -0.35 27.85 -23.17
CA THR C 380 -0.84 28.27 -24.47
C THR C 380 0.32 28.39 -25.47
N TYR C 381 -0.02 28.66 -26.73
CA TYR C 381 0.96 29.03 -27.75
C TYR C 381 1.91 27.89 -28.13
N GLY C 382 1.55 26.65 -27.79
CA GLY C 382 2.48 25.50 -27.98
C GLY C 382 3.40 25.27 -26.78
N TYR C 383 3.34 26.10 -25.75
CA TYR C 383 4.13 25.84 -24.52
C TYR C 383 3.73 24.59 -23.76
N ALA C 384 2.61 23.95 -24.16
CA ALA C 384 2.26 22.62 -23.69
C ALA C 384 3.26 21.54 -24.05
N ARG C 385 4.15 21.80 -24.98
CA ARG C 385 5.26 20.92 -25.27
C ARG C 385 6.24 20.76 -24.09
N MET C 386 6.32 21.75 -23.18
CA MET C 386 7.27 21.65 -22.08
C MET C 386 6.90 22.28 -20.73
N TYR C 387 5.67 22.79 -20.62
CA TYR C 387 5.12 23.38 -19.42
C TYR C 387 3.86 22.68 -19.09
N SER C 388 3.58 22.56 -17.80
CA SER C 388 2.32 22.03 -17.29
C SER C 388 1.31 23.10 -16.94
N GLY C 389 0.04 22.77 -16.89
CA GLY C 389 -0.89 23.65 -16.20
C GLY C 389 -0.39 23.92 -14.78
N VAL C 390 -0.87 24.96 -14.10
CA VAL C 390 -0.39 25.16 -12.72
C VAL C 390 -1.00 24.06 -11.81
N SER C 391 -0.22 23.64 -10.85
CA SER C 391 -0.60 22.57 -9.96
C SER C 391 -0.05 22.86 -8.58
N LEU C 392 -0.23 21.94 -7.65
CA LEU C 392 0.37 22.07 -6.33
C LEU C 392 1.89 22.25 -6.43
N ASP C 393 2.53 21.41 -7.23
CA ASP C 393 3.95 21.45 -7.42
C ASP C 393 4.48 22.83 -7.86
N SER C 394 3.65 23.66 -8.49
CA SER C 394 4.08 24.98 -8.92
C SER C 394 4.43 25.89 -7.75
N PHE C 395 3.88 25.59 -6.56
CA PHE C 395 4.07 26.39 -5.36
C PHE C 395 5.05 25.79 -4.38
N LEU C 396 5.77 24.78 -4.82
CA LEU C 396 6.64 24.03 -4.01
C LEU C 396 8.00 24.06 -4.64
N LYS C 397 9.03 23.87 -3.82
CA LYS C 397 10.38 23.45 -4.27
C LYS C 397 10.59 22.15 -3.58
N TYR C 398 11.43 21.31 -4.17
CA TYR C 398 11.77 20.02 -3.61
C TYR C 398 13.24 19.99 -3.29
N ILE C 399 13.56 19.62 -2.06
CA ILE C 399 14.88 19.67 -1.56
C ILE C 399 15.27 18.21 -1.46
N THR C 400 16.46 17.87 -1.93
CA THR C 400 16.96 16.53 -1.78
C THR C 400 17.81 16.45 -0.51
N VAL C 401 17.85 15.27 0.11
CA VAL C 401 18.49 15.06 1.38
C VAL C 401 19.25 13.73 1.30
N GLN C 402 20.49 13.72 1.76
CA GLN C 402 21.22 12.47 1.99
C GLN C 402 21.82 12.38 3.39
N SER C 403 22.09 11.15 3.82
CA SER C 403 22.56 10.89 5.16
C SER C 403 23.23 9.52 5.13
N LEU C 404 24.55 9.53 5.25
CA LEU C 404 25.32 8.31 5.29
C LEU C 404 25.68 7.94 6.72
N THR C 405 25.62 6.63 7.02
CA THR C 405 26.27 6.09 8.20
C THR C 405 27.73 5.90 7.88
N GLU C 406 28.55 5.71 8.90
CA GLU C 406 29.95 5.23 8.71
C GLU C 406 30.06 4.12 7.65
N GLU C 407 29.22 3.10 7.76
CA GLU C 407 29.29 1.96 6.86
C GLU C 407 28.85 2.34 5.45
N GLY C 408 27.80 3.16 5.34
CA GLY C 408 27.47 3.79 4.08
C GLY C 408 28.69 4.40 3.41
N LEU C 409 29.38 5.27 4.13
CA LEU C 409 30.56 5.92 3.58
C LEU C 409 31.73 4.94 3.30
N ARG C 410 31.87 3.90 4.13
CA ARG C 410 32.85 2.85 3.84
C ARG C 410 32.66 2.20 2.46
N LYS C 411 31.42 1.85 2.12
CA LYS C 411 31.10 1.18 0.84
C LYS C 411 31.20 2.13 -0.34
N LEU C 412 30.57 3.29 -0.20
CA LEU C 412 30.41 4.22 -1.32
C LEU C 412 31.65 5.06 -1.56
N GLY C 413 32.36 5.42 -0.49
CA GLY C 413 33.44 6.40 -0.57
C GLY C 413 34.55 6.14 -1.57
N PRO C 414 34.97 4.85 -1.70
CA PRO C 414 36.05 4.52 -2.64
C PRO C 414 35.70 4.84 -4.09
N TYR C 415 34.50 4.49 -4.49
CA TYR C 415 34.00 4.86 -5.83
C TYR C 415 34.08 6.34 -6.12
N VAL C 416 33.67 7.12 -5.13
CA VAL C 416 33.71 8.60 -5.20
C VAL C 416 35.13 9.14 -5.30
N GLU C 417 36.09 8.57 -4.56
CA GLU C 417 37.51 8.96 -4.74
C GLU C 417 37.97 8.72 -6.18
N THR C 418 37.58 7.57 -6.73
CA THR C 418 37.91 7.22 -8.13
C THR C 418 37.36 8.27 -9.08
N MET C 419 36.07 8.56 -8.96
CA MET C 419 35.43 9.54 -9.84
C MET C 419 35.97 10.95 -9.67
N ALA C 420 36.21 11.36 -8.42
CA ALA C 420 36.76 12.67 -8.10
C ALA C 420 38.14 12.89 -8.72
N GLU C 421 38.97 11.87 -8.66
CA GLU C 421 40.28 11.92 -9.30
C GLU C 421 40.17 11.90 -10.81
N VAL C 422 39.18 11.20 -11.35
CA VAL C 422 38.98 11.22 -12.79
C VAL C 422 38.71 12.63 -13.28
N GLU C 423 37.91 13.39 -12.55
CA GLU C 423 37.58 14.76 -12.90
C GLU C 423 38.66 15.82 -12.61
N GLY C 424 39.76 15.46 -11.96
CA GLY C 424 40.83 16.42 -11.60
C GLY C 424 40.48 17.34 -10.44
N LEU C 425 39.61 16.82 -9.55
CA LEU C 425 39.08 17.53 -8.37
C LEU C 425 39.55 16.86 -7.10
N GLU C 426 40.73 17.23 -6.66
CA GLU C 426 41.44 16.52 -5.57
C GLU C 426 40.81 16.75 -4.16
N ALA C 427 40.39 17.97 -3.87
CA ALA C 427 39.75 18.28 -2.57
C ALA C 427 38.43 17.55 -2.39
N HIS C 428 37.75 17.29 -3.50
CA HIS C 428 36.55 16.47 -3.52
C HIS C 428 36.92 15.07 -2.99
N LYS C 429 38.02 14.51 -3.48
CA LYS C 429 38.53 13.21 -3.01
C LYS C 429 38.92 13.27 -1.53
N ARG C 430 39.71 14.28 -1.18
CA ARG C 430 40.23 14.44 0.18
C ARG C 430 39.14 14.60 1.22
N ALA C 431 38.02 15.19 0.79
CA ALA C 431 36.81 15.28 1.65
C ALA C 431 36.33 13.90 2.09
N VAL C 432 36.48 12.94 1.19
CA VAL C 432 36.20 11.55 1.47
C VAL C 432 37.35 10.87 2.18
N THR C 433 38.55 11.07 1.67
CA THR C 433 39.73 10.31 2.13
C THR C 433 40.00 10.52 3.62
N LEU C 434 39.94 11.77 4.06
CA LEU C 434 40.09 12.12 5.47
C LEU C 434 39.09 11.44 6.39
N ARG C 435 37.83 11.37 5.97
CA ARG C 435 36.81 10.64 6.73
C ARG C 435 37.10 9.13 6.83
N LEU C 436 37.64 8.55 5.77
CA LEU C 436 37.99 7.13 5.80
C LEU C 436 39.24 6.84 6.61
N GLN C 437 40.29 7.65 6.45
CA GLN C 437 41.49 7.48 7.28
C GLN C 437 41.09 7.55 8.76
N ASP C 438 40.30 8.57 9.10
CA ASP C 438 39.75 8.73 10.45
C ASP C 438 38.97 7.49 10.95
N ILE C 439 38.25 6.84 10.03
CA ILE C 439 37.61 5.54 10.27
C ILE C 439 38.63 4.42 10.59
N GLU C 440 39.55 4.16 9.66
CA GLU C 440 40.56 3.09 9.83
C GLU C 440 41.66 3.51 10.82
N ALA C 441 41.30 3.66 12.10
CA ALA C 441 42.22 4.17 13.14
C ALA C 441 42.14 3.34 14.41
N ILE D 11 39.33 35.50 6.87
CA ILE D 11 37.90 35.22 6.55
C ILE D 11 37.01 36.10 7.41
N LYS D 12 36.27 36.99 6.77
CA LYS D 12 35.29 37.85 7.41
C LYS D 12 34.39 37.09 8.40
N THR D 13 34.05 37.72 9.51
CA THR D 13 33.34 37.04 10.58
C THR D 13 32.24 37.87 11.21
N TYR D 14 31.04 37.30 11.27
CA TYR D 14 29.85 37.99 11.79
C TYR D 14 29.26 37.23 12.98
N HIS D 15 28.80 37.97 14.00
CA HIS D 15 28.12 37.39 15.15
C HIS D 15 26.67 37.82 14.95
N LEU D 16 25.79 36.84 14.77
CA LEU D 16 24.44 37.10 14.24
C LEU D 16 23.61 37.94 15.22
N SER D 17 23.81 37.74 16.52
CA SER D 17 23.15 38.56 17.52
C SER D 17 23.43 40.05 17.36
N ASN D 18 24.56 40.39 16.74
CA ASN D 18 25.07 41.77 16.63
C ASN D 18 24.82 42.57 15.33
N LEU D 19 23.91 42.13 14.46
CA LEU D 19 23.78 42.76 13.13
C LEU D 19 22.48 43.54 12.95
N THR D 20 22.58 44.61 12.17
CA THR D 20 21.44 45.41 11.75
C THR D 20 20.77 44.68 10.59
N GLN D 21 19.48 44.95 10.40
CA GLN D 21 18.71 44.38 9.26
C GLN D 21 19.40 44.55 7.92
N THR D 22 19.99 45.73 7.72
CA THR D 22 20.74 46.03 6.51
C THR D 22 22.00 45.20 6.39
N GLU D 23 22.69 44.97 7.52
CA GLU D 23 23.84 44.08 7.54
C GLU D 23 23.38 42.67 7.20
N LEU D 24 22.24 42.25 7.76
CA LEU D 24 21.65 40.94 7.43
C LEU D 24 21.32 40.77 5.94
N LEU D 25 20.65 41.76 5.33
CA LEU D 25 20.27 41.66 3.91
C LEU D 25 21.44 41.63 2.96
N SER D 26 22.56 42.23 3.34
CA SER D 26 23.72 42.27 2.46
C SER D 26 24.42 40.90 2.38
N LEU D 27 24.29 40.13 3.46
CA LEU D 27 24.73 38.74 3.51
C LEU D 27 23.80 37.78 2.76
N LYS D 28 22.51 37.99 2.87
CA LYS D 28 21.54 37.29 2.01
C LYS D 28 21.89 37.26 0.49
N SER D 29 22.32 38.41 -0.02
CA SER D 29 22.41 38.65 -1.44
C SER D 29 23.81 38.34 -1.93
N ARG D 30 23.89 37.64 -3.05
CA ARG D 30 25.18 37.29 -3.64
C ARG D 30 25.73 38.57 -4.31
N PRO D 31 27.04 38.59 -4.60
CA PRO D 31 27.52 39.73 -5.36
C PRO D 31 26.87 39.79 -6.75
N ARG D 32 26.51 41.01 -7.14
CA ARG D 32 25.98 41.29 -8.46
C ARG D 32 26.88 40.74 -9.52
N ILE D 33 26.26 40.20 -10.56
CA ILE D 33 26.94 39.71 -11.74
C ILE D 33 26.59 40.71 -12.83
N ASP D 34 27.60 41.11 -13.58
CA ASP D 34 27.40 42.01 -14.67
C ASP D 34 26.87 41.27 -15.92
N PHE D 35 25.60 40.92 -15.90
CA PHE D 35 24.98 40.19 -17.02
C PHE D 35 24.77 41.03 -18.27
N SER D 36 24.75 42.36 -18.11
CA SER D 36 24.59 43.24 -19.26
C SER D 36 25.78 43.08 -20.21
N SER D 37 26.99 43.05 -19.67
CA SER D 37 28.21 42.87 -20.50
C SER D 37 28.23 41.52 -21.16
N VAL D 38 27.73 40.52 -20.45
CA VAL D 38 27.68 39.16 -20.94
C VAL D 38 26.66 39.04 -22.10
N PHE D 39 25.44 39.59 -21.94
CA PHE D 39 24.45 39.66 -23.05
C PHE D 39 25.03 40.30 -24.33
N ASP D 40 25.89 41.31 -24.16
CA ASP D 40 26.45 42.06 -25.29
C ASP D 40 27.37 41.19 -26.13
N ILE D 41 28.11 40.31 -25.48
CA ILE D 41 28.87 39.27 -26.19
C ILE D 41 27.92 38.21 -26.73
N VAL D 42 27.04 37.71 -25.85
CA VAL D 42 26.28 36.51 -26.12
C VAL D 42 25.23 36.66 -27.22
N ASN D 43 24.52 37.79 -27.21
CA ASN D 43 23.46 38.03 -28.20
C ASN D 43 23.91 37.81 -29.63
N PRO D 44 25.03 38.46 -30.02
CA PRO D 44 25.49 38.30 -31.41
C PRO D 44 25.64 36.85 -31.80
N ILE D 45 26.18 36.08 -30.87
CA ILE D 45 26.49 34.67 -31.11
C ILE D 45 25.21 33.88 -31.38
N VAL D 46 24.25 34.04 -30.49
CA VAL D 46 22.95 33.38 -30.59
C VAL D 46 22.32 33.72 -31.94
N ASP D 47 22.24 35.02 -32.24
CA ASP D 47 21.73 35.49 -33.52
C ASP D 47 22.48 34.84 -34.71
N ASP D 48 23.80 34.81 -34.63
CA ASP D 48 24.59 34.27 -35.72
C ASP D 48 24.31 32.77 -35.97
N VAL D 49 24.20 31.99 -34.89
CA VAL D 49 23.83 30.57 -35.01
C VAL D 49 22.38 30.40 -35.47
N HIS D 50 21.52 31.32 -35.07
CA HIS D 50 20.13 31.28 -35.55
C HIS D 50 20.11 31.39 -37.09
N ALA D 51 20.78 32.40 -37.61
CA ALA D 51 20.71 32.73 -39.02
C ALA D 51 21.54 31.77 -39.93
N HIS D 52 22.73 31.35 -39.47
CA HIS D 52 23.70 30.62 -40.30
C HIS D 52 24.02 29.16 -39.91
N GLY D 53 23.31 28.58 -38.93
CA GLY D 53 23.48 27.17 -38.57
C GLY D 53 24.90 26.70 -38.20
N ASP D 54 25.32 25.56 -38.77
CA ASP D 54 26.56 24.89 -38.34
C ASP D 54 27.87 25.61 -38.69
N ALA D 55 27.93 26.18 -39.90
CA ALA D 55 29.07 27.02 -40.29
C ALA D 55 29.47 27.95 -39.14
N ALA D 56 28.46 28.59 -38.56
CA ALA D 56 28.63 29.50 -37.45
C ALA D 56 29.08 28.82 -36.15
N VAL D 57 28.63 27.59 -35.88
CA VAL D 57 29.02 26.90 -34.64
C VAL D 57 30.49 26.48 -34.72
N LYS D 58 30.87 26.01 -35.90
CA LYS D 58 32.29 25.75 -36.22
C LYS D 58 33.20 26.96 -36.03
N GLN D 59 32.79 28.13 -36.50
CA GLN D 59 33.60 29.34 -36.34
C GLN D 59 33.96 29.60 -34.89
N TYR D 60 32.95 29.65 -34.02
CA TYR D 60 33.15 29.99 -32.60
C TYR D 60 33.88 28.87 -31.89
N THR D 61 33.59 27.63 -32.25
CA THR D 61 34.31 26.50 -31.68
C THR D 61 35.81 26.62 -31.99
N SER D 62 36.13 26.87 -33.26
CA SER D 62 37.51 27.12 -33.72
C SER D 62 38.13 28.27 -32.92
N LYS D 63 37.45 29.41 -32.89
CA LYS D 63 37.95 30.61 -32.22
C LYS D 63 38.13 30.50 -30.69
N PHE D 64 37.20 29.83 -30.02
CA PHE D 64 37.21 29.76 -28.57
C PHE D 64 37.80 28.48 -28.00
N ASP D 65 37.44 27.32 -28.57
CA ASP D 65 37.96 26.03 -28.07
C ASP D 65 39.22 25.55 -28.81
N LYS D 66 39.59 26.26 -29.88
CA LYS D 66 40.81 25.96 -30.65
C LYS D 66 40.75 24.56 -31.23
N VAL D 67 39.58 24.19 -31.74
CA VAL D 67 39.34 22.89 -32.35
C VAL D 67 38.56 23.11 -33.62
N ASP D 68 39.22 23.00 -34.75
CA ASP D 68 38.50 22.89 -36.00
C ASP D 68 37.92 21.46 -36.10
N LEU D 69 36.70 21.34 -36.63
CA LEU D 69 36.04 20.04 -36.79
C LEU D 69 34.91 20.06 -37.84
N GLU D 70 34.73 18.93 -38.53
CA GLU D 70 33.79 18.83 -39.66
C GLU D 70 32.39 18.30 -39.30
N ASN D 71 32.33 17.34 -38.39
CA ASN D 71 31.07 16.84 -37.85
C ASN D 71 30.91 17.30 -36.41
N ILE D 72 30.25 18.44 -36.22
CA ILE D 72 29.93 18.91 -34.86
C ILE D 72 28.79 18.12 -34.19
N VAL D 73 28.00 17.37 -34.93
CA VAL D 73 27.03 16.49 -34.31
C VAL D 73 27.22 15.06 -34.76
N GLU D 74 27.26 14.17 -33.76
CA GLU D 74 27.35 12.71 -33.97
C GLU D 74 26.15 12.00 -33.32
N LEU D 75 25.65 10.99 -34.00
CA LEU D 75 24.65 10.08 -33.50
C LEU D 75 25.36 9.12 -32.55
N VAL D 76 24.94 9.04 -31.28
CA VAL D 76 25.72 8.28 -30.23
C VAL D 76 25.89 6.77 -30.54
N SER D 77 24.82 6.16 -31.04
CA SER D 77 24.77 4.91 -31.78
C SER D 77 26.08 4.57 -32.52
N ASP D 78 26.48 5.50 -33.38
CA ASP D 78 27.55 5.26 -34.32
C ASP D 78 28.94 5.30 -33.65
N LEU D 79 29.05 5.93 -32.48
CA LEU D 79 30.33 6.01 -31.75
C LEU D 79 30.66 4.70 -31.08
N PRO D 80 31.96 4.39 -30.97
CA PRO D 80 32.37 3.17 -30.30
C PRO D 80 32.26 3.31 -28.78
N ASP D 81 31.69 2.28 -28.16
CA ASP D 81 31.72 2.13 -26.70
C ASP D 81 33.17 2.34 -26.30
N PRO D 82 33.44 3.29 -25.40
CA PRO D 82 34.84 3.50 -25.00
C PRO D 82 35.32 2.39 -24.11
N VAL D 83 36.63 2.19 -23.99
CA VAL D 83 37.16 1.26 -23.00
C VAL D 83 37.71 2.08 -21.83
N LEU D 84 37.22 1.75 -20.64
CA LEU D 84 37.63 2.37 -19.37
C LEU D 84 38.34 1.34 -18.49
N ASP D 85 39.27 1.82 -17.67
CA ASP D 85 39.78 1.06 -16.53
C ASP D 85 38.61 0.37 -15.78
N PRO D 86 38.76 -0.92 -15.40
CA PRO D 86 37.72 -1.58 -14.59
C PRO D 86 37.36 -0.90 -13.26
N ALA D 87 38.32 -0.24 -12.61
CA ALA D 87 38.03 0.53 -11.39
C ALA D 87 37.08 1.72 -11.67
N ILE D 88 37.40 2.49 -12.72
CA ILE D 88 36.68 3.71 -13.09
C ILE D 88 35.29 3.36 -13.64
N LYS D 89 35.28 2.39 -14.52
CA LYS D 89 34.05 1.84 -15.05
C LYS D 89 33.09 1.33 -13.95
N GLU D 90 33.61 0.64 -12.94
CA GLU D 90 32.76 0.14 -11.85
C GLU D 90 32.22 1.27 -10.96
N ALA D 91 33.04 2.31 -10.74
CA ALA D 91 32.59 3.51 -10.04
C ALA D 91 31.41 4.22 -10.79
N PHE D 92 31.55 4.45 -12.10
CA PHE D 92 30.47 5.07 -12.89
C PHE D 92 29.20 4.23 -13.00
N ASP D 93 29.32 2.91 -12.97
CA ASP D 93 28.16 2.03 -12.90
C ASP D 93 27.43 2.07 -11.54
N VAL D 94 28.17 2.18 -10.43
CA VAL D 94 27.58 2.46 -9.10
C VAL D 94 26.85 3.81 -9.03
N ALA D 95 27.42 4.86 -9.62
CA ALA D 95 26.79 6.19 -9.64
C ALA D 95 25.52 6.13 -10.44
N TYR D 96 25.61 5.62 -11.67
CA TYR D 96 24.44 5.32 -12.48
C TYR D 96 23.34 4.57 -11.72
N SER D 97 23.75 3.49 -11.07
CA SER D 97 22.79 2.67 -10.36
C SER D 97 22.07 3.46 -9.25
N ASN D 98 22.82 4.19 -8.41
CA ASN D 98 22.21 4.96 -7.35
C ASN D 98 21.37 6.12 -7.92
N ILE D 99 21.89 6.77 -8.96
CA ILE D 99 21.17 7.90 -9.56
C ILE D 99 19.90 7.44 -10.21
N TYR D 100 19.92 6.29 -10.90
CA TYR D 100 18.73 5.73 -11.52
C TYR D 100 17.72 5.36 -10.48
N ALA D 101 18.19 4.66 -9.45
CA ALA D 101 17.32 4.26 -8.36
C ALA D 101 16.62 5.46 -7.66
N PHE D 102 17.38 6.52 -7.40
CA PHE D 102 16.84 7.68 -6.73
C PHE D 102 15.75 8.39 -7.58
N HIS D 103 16.06 8.53 -8.85
CA HIS D 103 15.19 9.22 -9.76
C HIS D 103 13.93 8.44 -10.15
N ALA D 104 14.04 7.11 -10.25
CA ALA D 104 12.88 6.28 -10.57
C ALA D 104 11.88 6.22 -9.44
N ALA D 105 12.30 6.49 -8.22
CA ALA D 105 11.37 6.54 -7.08
C ALA D 105 10.45 7.78 -7.07
N GLN D 106 10.70 8.75 -7.96
CA GLN D 106 9.89 9.99 -8.05
C GLN D 106 8.66 9.94 -8.99
N LYS D 107 8.46 8.85 -9.72
CA LYS D 107 7.24 8.63 -10.49
C LYS D 107 5.96 8.85 -9.67
N SER D 108 5.14 9.83 -10.06
CA SER D 108 3.87 10.08 -9.39
C SER D 108 2.87 9.00 -9.72
N PRO D 109 2.07 8.55 -8.72
CA PRO D 109 0.90 7.74 -9.11
C PRO D 109 -0.11 8.62 -9.87
N GLU D 110 -0.96 8.02 -10.64
CA GLU D 110 -1.93 8.81 -11.41
C GLU D 110 -3.31 8.39 -10.93
N LYS D 111 -3.54 8.50 -9.63
CA LYS D 111 -4.83 8.10 -9.06
C LYS D 111 -5.94 9.05 -9.53
N SER D 112 -7.05 8.46 -9.95
CA SER D 112 -8.25 9.24 -10.32
C SER D 112 -8.85 9.95 -9.08
N VAL D 113 -9.18 11.24 -9.18
CA VAL D 113 -9.96 11.91 -8.13
C VAL D 113 -11.42 12.00 -8.59
N GLU D 114 -12.33 11.68 -7.66
CA GLU D 114 -13.77 11.64 -7.91
C GLU D 114 -14.49 12.14 -6.65
N ASN D 115 -14.50 13.45 -6.51
CA ASN D 115 -15.07 14.14 -5.37
C ASN D 115 -16.59 14.16 -5.43
N MET D 116 -17.15 14.11 -6.63
CA MET D 116 -18.58 13.98 -6.86
C MET D 116 -18.79 12.85 -7.85
N LYS D 117 -19.69 11.94 -7.53
CA LYS D 117 -19.97 10.79 -8.39
C LYS D 117 -20.12 11.19 -9.87
N GLY D 118 -19.38 10.52 -10.75
CA GLY D 118 -19.42 10.78 -12.18
C GLY D 118 -18.58 11.95 -12.68
N VAL D 119 -17.83 12.60 -11.79
CA VAL D 119 -16.82 13.62 -12.17
C VAL D 119 -15.42 13.08 -11.89
N GLN D 120 -14.74 12.60 -12.92
CA GLN D 120 -13.44 11.91 -12.78
C GLN D 120 -12.34 12.77 -13.38
N CYS D 121 -11.36 13.16 -12.55
CA CYS D 121 -10.18 13.89 -12.99
C CYS D 121 -8.87 13.18 -12.63
N LYS D 122 -7.83 13.46 -13.40
CA LYS D 122 -6.55 12.80 -13.23
C LYS D 122 -5.45 13.73 -13.74
N ARG D 123 -4.25 13.63 -13.20
CA ARG D 123 -3.08 14.32 -13.70
C ARG D 123 -2.10 13.25 -14.17
N VAL D 124 -1.73 13.24 -15.46
CA VAL D 124 -0.86 12.22 -16.04
C VAL D 124 0.43 12.80 -16.59
N ALA D 125 1.47 12.00 -16.57
CA ALA D 125 2.82 12.45 -16.95
C ALA D 125 3.11 12.08 -18.38
N ARG D 126 3.69 13.02 -19.14
CA ARG D 126 4.18 12.77 -20.50
C ARG D 126 5.59 13.33 -20.61
N SER D 127 6.47 12.61 -21.31
CA SER D 127 7.83 13.04 -21.50
C SER D 127 7.91 14.28 -22.40
N ILE D 128 8.80 15.20 -22.04
CA ILE D 128 9.17 16.29 -22.94
C ILE D 128 9.89 15.59 -24.14
N ASN D 129 9.42 15.86 -25.36
CA ASN D 129 9.91 15.13 -26.51
C ASN D 129 11.43 15.23 -26.85
N SER D 130 12.01 16.42 -26.80
CA SER D 130 13.46 16.63 -26.98
C SER D 130 14.05 17.51 -25.94
N VAL D 131 15.22 17.14 -25.43
CA VAL D 131 15.92 17.91 -24.40
C VAL D 131 17.38 18.08 -24.71
N GLY D 132 17.92 19.22 -24.29
CA GLY D 132 19.32 19.55 -24.48
C GLY D 132 20.01 19.59 -23.13
N LEU D 133 21.14 18.90 -23.02
CA LEU D 133 21.92 18.77 -21.81
C LEU D 133 23.31 19.39 -22.01
N TYR D 134 23.64 20.39 -21.19
CA TYR D 134 24.93 21.05 -21.33
C TYR D 134 25.88 20.48 -20.26
N VAL D 135 26.99 19.86 -20.69
CA VAL D 135 28.04 19.38 -19.77
C VAL D 135 29.31 20.09 -20.17
N PRO D 136 29.93 20.88 -19.26
CA PRO D 136 31.17 21.56 -19.63
C PRO D 136 32.26 20.59 -20.08
N GLY D 137 33.13 21.04 -20.97
CA GLY D 137 34.15 20.18 -21.57
C GLY D 137 35.43 20.93 -21.81
N GLY D 138 35.97 20.76 -23.00
CA GLY D 138 37.34 21.18 -23.29
C GLY D 138 38.30 20.35 -22.44
N THR D 139 38.88 21.01 -21.45
CA THR D 139 39.81 20.40 -20.52
C THR D 139 39.10 19.84 -19.30
N ALA D 140 37.96 20.45 -18.95
CA ALA D 140 36.99 19.89 -17.98
C ALA D 140 36.58 18.45 -18.31
N VAL D 141 36.46 17.64 -17.26
CA VAL D 141 36.07 16.22 -17.36
C VAL D 141 34.93 16.06 -16.38
N LEU D 142 33.70 15.96 -16.87
CA LEU D 142 32.52 15.97 -16.01
C LEU D 142 31.51 14.89 -16.39
N PRO D 143 31.97 13.62 -16.42
CA PRO D 143 31.03 12.51 -16.64
C PRO D 143 29.94 12.48 -15.58
N SER D 144 30.24 13.08 -14.44
CA SER D 144 29.33 13.28 -13.32
C SER D 144 28.05 13.97 -13.76
N THR D 145 28.21 15.13 -14.34
CA THR D 145 27.11 15.96 -14.77
C THR D 145 26.35 15.32 -15.93
N ALA D 146 27.04 14.58 -16.81
CA ALA D 146 26.35 13.80 -17.87
C ALA D 146 25.32 12.80 -17.32
N LEU D 147 25.63 12.16 -16.21
CA LEU D 147 24.68 11.24 -15.57
C LEU D 147 23.53 11.98 -14.93
N MET D 148 23.87 13.06 -14.23
CA MET D 148 22.88 13.88 -13.55
C MET D 148 21.78 14.36 -14.48
N LEU D 149 22.15 14.69 -15.71
CA LEU D 149 21.19 15.21 -16.67
C LEU D 149 20.48 14.10 -17.46
N ALA D 150 21.24 13.09 -17.89
CA ALA D 150 20.74 12.13 -18.85
C ALA D 150 19.89 11.01 -18.25
N VAL D 151 20.23 10.59 -17.04
CA VAL D 151 19.51 9.52 -16.33
C VAL D 151 18.03 9.88 -16.14
N PRO D 152 17.72 11.09 -15.62
CA PRO D 152 16.28 11.40 -15.50
C PRO D 152 15.59 11.51 -16.84
N ALA D 153 16.31 11.95 -17.86
CA ALA D 153 15.77 12.00 -19.22
C ALA D 153 15.45 10.61 -19.72
N GLN D 154 16.34 9.65 -19.44
CA GLN D 154 16.10 8.27 -19.83
C GLN D 154 14.90 7.68 -19.13
N ILE D 155 14.79 7.90 -17.82
CA ILE D 155 13.63 7.45 -17.07
C ILE D 155 12.34 8.12 -17.57
N ALA D 156 12.40 9.38 -17.89
CA ALA D 156 11.23 10.10 -18.49
C ALA D 156 10.77 9.57 -19.84
N GLY D 157 11.67 8.99 -20.64
CA GLY D 157 11.31 8.53 -21.97
C GLY D 157 11.46 9.59 -23.07
N CYS D 158 12.18 10.67 -22.80
CA CYS D 158 12.50 11.68 -23.82
C CYS D 158 13.03 11.01 -25.08
N LYS D 159 12.50 11.32 -26.26
CA LYS D 159 12.89 10.58 -27.49
C LYS D 159 14.21 11.04 -28.08
N THR D 160 14.47 12.35 -27.93
CA THR D 160 15.66 12.99 -28.41
C THR D 160 16.40 13.62 -27.21
N ILE D 161 17.65 13.22 -27.02
CA ILE D 161 18.43 13.75 -25.92
C ILE D 161 19.72 14.22 -26.52
N VAL D 162 19.93 15.53 -26.60
CA VAL D 162 21.19 16.08 -27.12
C VAL D 162 22.07 16.47 -25.96
N LEU D 163 23.33 16.03 -26.01
CA LEU D 163 24.29 16.39 -25.04
C LEU D 163 25.31 17.23 -25.75
N ALA D 164 25.41 18.49 -25.35
CA ALA D 164 26.43 19.39 -25.81
C ALA D 164 27.63 19.24 -24.87
N ASN D 165 28.81 19.01 -25.46
CA ASN D 165 30.06 18.86 -24.71
C ASN D 165 31.21 19.33 -25.61
N PRO D 166 31.86 20.47 -25.25
CA PRO D 166 32.88 20.99 -26.14
C PRO D 166 34.05 20.04 -26.11
N PRO D 167 34.63 19.75 -27.28
CA PRO D 167 35.57 18.64 -27.36
C PRO D 167 36.93 19.01 -26.80
N THR D 168 37.78 18.00 -26.63
CA THR D 168 39.19 18.17 -26.19
C THR D 168 40.04 18.84 -27.27
N ARG D 169 41.23 19.29 -26.86
CA ARG D 169 42.24 19.92 -27.76
C ARG D 169 42.33 19.34 -29.20
N ASP D 170 42.29 18.03 -29.33
CA ASP D 170 42.30 17.36 -30.64
C ASP D 170 40.95 17.27 -31.37
N GLY D 171 39.86 17.14 -30.61
CA GLY D 171 38.51 16.95 -31.16
C GLY D 171 37.83 15.65 -30.77
N THR D 172 38.43 14.90 -29.83
CA THR D 172 37.82 13.69 -29.29
C THR D 172 36.99 14.05 -28.07
N THR D 173 35.79 13.48 -27.99
CA THR D 173 34.99 13.60 -26.78
C THR D 173 35.57 12.74 -25.64
N CYS D 174 35.78 13.38 -24.49
CA CYS D 174 36.13 12.73 -23.25
C CYS D 174 35.38 11.38 -23.09
N LYS D 175 36.13 10.28 -23.06
CA LYS D 175 35.49 8.97 -23.16
C LYS D 175 34.66 8.59 -21.94
N GLU D 176 34.97 9.13 -20.76
CA GLU D 176 34.17 8.84 -19.55
C GLU D 176 32.77 9.49 -19.65
N VAL D 177 32.73 10.66 -20.28
CA VAL D 177 31.49 11.35 -20.58
C VAL D 177 30.75 10.59 -21.67
N LEU D 178 31.48 10.11 -22.67
CA LEU D 178 30.84 9.29 -23.70
C LEU D 178 30.27 7.98 -23.12
N TYR D 179 31.00 7.37 -22.18
CA TYR D 179 30.50 6.18 -21.48
C TYR D 179 29.19 6.48 -20.75
N CYS D 180 29.21 7.55 -19.97
CA CYS D 180 28.03 7.95 -19.22
C CYS D 180 26.83 8.26 -20.16
N ALA D 181 27.07 8.96 -21.24
CA ALA D 181 26.03 9.22 -22.28
C ALA D 181 25.37 7.97 -22.85
N LYS D 182 26.22 7.06 -23.35
CA LYS D 182 25.76 5.81 -23.89
C LYS D 182 24.98 5.01 -22.88
N LYS D 183 25.47 4.96 -21.65
CA LYS D 183 24.75 4.22 -20.59
C LYS D 183 23.36 4.84 -20.31
N ALA D 184 23.22 6.15 -20.42
CA ALA D 184 21.94 6.81 -20.14
C ALA D 184 21.08 7.11 -21.36
N GLY D 185 21.43 6.58 -22.53
CA GLY D 185 20.58 6.69 -23.69
C GLY D 185 20.56 8.07 -24.33
N VAL D 186 21.62 8.85 -24.14
CA VAL D 186 21.80 10.08 -24.93
C VAL D 186 21.69 9.70 -26.42
N THR D 187 20.89 10.41 -27.22
CA THR D 187 20.79 10.09 -28.67
C THR D 187 21.80 10.87 -29.53
N HIS D 188 22.07 12.14 -29.21
CA HIS D 188 22.98 12.99 -29.99
C HIS D 188 24.04 13.63 -29.11
N LEU D 189 25.18 13.92 -29.73
CA LEU D 189 26.31 14.54 -29.10
C LEU D 189 26.64 15.76 -29.92
N LEU D 190 26.50 16.93 -29.31
CA LEU D 190 26.91 18.19 -29.94
C LEU D 190 28.32 18.52 -29.44
N LYS D 191 29.28 18.56 -30.36
CA LYS D 191 30.68 18.75 -30.01
C LYS D 191 31.00 20.25 -30.00
N ALA D 192 30.40 20.94 -29.02
CA ALA D 192 30.45 22.38 -28.95
C ALA D 192 30.00 22.85 -27.58
N GLY D 193 30.39 24.07 -27.23
CA GLY D 193 30.09 24.62 -25.95
C GLY D 193 29.64 26.04 -26.04
N GLY D 194 29.56 26.69 -24.88
CA GLY D 194 29.24 28.12 -24.82
C GLY D 194 27.87 28.44 -25.39
N ALA D 195 27.64 29.70 -25.70
CA ALA D 195 26.36 30.16 -26.19
C ALA D 195 26.04 29.63 -27.61
N GLN D 196 27.08 29.39 -28.40
CA GLN D 196 26.92 28.72 -29.69
C GLN D 196 26.23 27.35 -29.55
N ALA D 197 26.60 26.60 -28.52
CA ALA D 197 25.95 25.31 -28.30
C ALA D 197 24.48 25.49 -27.91
N ILE D 198 24.21 26.42 -27.03
CA ILE D 198 22.87 26.61 -26.48
C ILE D 198 21.94 27.03 -27.60
N SER D 199 22.39 27.97 -28.43
CA SER D 199 21.62 28.46 -29.57
C SER D 199 21.41 27.37 -30.59
N ALA D 200 22.41 26.52 -30.76
CA ALA D 200 22.30 25.42 -31.69
C ALA D 200 21.13 24.49 -31.29
N MET D 201 21.04 24.17 -30.00
CA MET D 201 19.96 23.30 -29.53
C MET D 201 18.60 24.00 -29.48
N ALA D 202 18.60 25.27 -29.08
CA ALA D 202 17.35 26.04 -28.93
C ALA D 202 16.65 26.24 -30.26
N TRP D 203 17.41 26.60 -31.29
CA TRP D 203 16.90 26.82 -32.63
C TRP D 203 16.94 25.56 -33.51
N GLY D 204 17.92 24.69 -33.27
CA GLY D 204 18.22 23.58 -34.18
C GLY D 204 19.12 24.11 -35.30
N THR D 205 19.90 23.22 -35.92
CA THR D 205 20.71 23.53 -37.10
C THR D 205 20.42 22.48 -38.20
N GLU D 206 21.24 22.48 -39.26
CA GLU D 206 21.23 21.45 -40.30
C GLU D 206 21.29 20.03 -39.73
N THR D 207 22.15 19.83 -38.74
CA THR D 207 22.38 18.52 -38.12
C THR D 207 22.07 18.41 -36.62
N CYS D 208 21.99 19.54 -35.90
CA CYS D 208 21.59 19.52 -34.50
C CYS D 208 20.07 19.63 -34.31
N PRO D 209 19.43 18.60 -33.72
CA PRO D 209 17.99 18.71 -33.44
C PRO D 209 17.63 19.88 -32.53
N LYS D 210 16.47 20.46 -32.81
CA LYS D 210 15.86 21.49 -31.98
C LYS D 210 15.38 20.76 -30.76
N VAL D 211 15.60 21.34 -29.58
CA VAL D 211 15.07 20.82 -28.32
C VAL D 211 14.05 21.78 -27.74
N GLU D 212 13.12 21.21 -26.96
CA GLU D 212 12.10 21.99 -26.25
C GLU D 212 12.55 22.58 -24.87
N LYS D 213 13.67 22.11 -24.36
CA LYS D 213 14.12 22.44 -23.01
C LYS D 213 15.59 22.11 -22.80
N ILE D 214 16.29 23.01 -22.11
CA ILE D 214 17.73 22.96 -21.94
C ILE D 214 18.12 23.01 -20.48
N PHE D 215 19.06 22.14 -20.14
CA PHE D 215 19.50 21.86 -18.79
C PHE D 215 21.00 21.98 -18.69
N GLY D 216 21.46 22.39 -17.51
CA GLY D 216 22.91 22.48 -17.22
C GLY D 216 23.28 23.94 -17.16
N PRO D 217 23.91 24.38 -16.07
CA PRO D 217 24.27 25.80 -15.97
C PRO D 217 25.47 26.25 -16.84
N GLY D 218 26.47 25.37 -17.04
CA GLY D 218 27.72 25.81 -17.69
C GLY D 218 28.33 27.01 -16.99
N ASN D 219 28.92 27.93 -17.74
CA ASN D 219 29.50 29.18 -17.19
C ASN D 219 28.53 30.35 -17.38
N GLN D 220 28.87 31.55 -16.89
CA GLN D 220 28.01 32.71 -17.09
C GLN D 220 27.57 32.94 -18.58
N TYR D 221 28.40 32.58 -19.57
CA TYR D 221 28.04 32.72 -21.02
C TYR D 221 26.94 31.76 -21.43
N VAL D 222 27.08 30.51 -21.01
CA VAL D 222 26.03 29.52 -21.25
C VAL D 222 24.68 29.94 -20.62
N THR D 223 24.78 30.29 -19.35
CA THR D 223 23.63 30.65 -18.57
C THR D 223 22.95 31.89 -19.17
N ALA D 224 23.76 32.87 -19.55
CA ALA D 224 23.27 34.06 -20.23
C ALA D 224 22.49 33.74 -21.51
N ALA D 225 23.02 32.80 -22.30
CA ALA D 225 22.42 32.38 -23.56
C ALA D 225 21.07 31.76 -23.29
N LYS D 226 21.04 30.93 -22.25
CA LYS D 226 19.83 30.29 -21.79
C LYS D 226 18.79 31.31 -21.36
N MET D 227 19.20 32.35 -20.64
CA MET D 227 18.27 33.42 -20.20
C MET D 227 17.64 34.14 -21.37
N ILE D 228 18.48 34.48 -22.34
CA ILE D 228 18.03 35.17 -23.54
C ILE D 228 17.03 34.32 -24.30
N LEU D 229 17.41 33.06 -24.51
CA LEU D 229 16.65 32.19 -25.36
C LEU D 229 15.32 31.80 -24.77
N GLN D 230 15.24 31.68 -23.45
CA GLN D 230 13.96 31.37 -22.82
C GLN D 230 12.93 32.49 -23.12
N ASN D 231 13.40 33.74 -23.26
CA ASN D 231 12.54 34.89 -23.59
C ASN D 231 12.43 35.22 -25.08
N SER D 232 13.03 34.39 -25.92
CA SER D 232 13.06 34.63 -27.36
C SER D 232 11.89 33.91 -27.97
N GLU D 233 11.85 33.81 -29.28
CA GLU D 233 10.80 33.07 -30.04
C GLU D 233 11.23 31.68 -30.42
N ALA D 234 12.30 31.17 -29.84
CA ALA D 234 12.75 29.83 -30.14
C ALA D 234 11.85 28.71 -29.61
N MET D 235 10.93 29.01 -28.68
CA MET D 235 10.17 27.95 -28.00
C MET D 235 11.09 26.98 -27.22
N VAL D 236 11.76 27.50 -26.21
CA VAL D 236 12.61 26.71 -25.38
C VAL D 236 12.43 27.17 -23.94
N SER D 237 12.38 26.24 -22.98
CA SER D 237 12.43 26.58 -21.58
C SER D 237 13.75 26.10 -21.01
N ILE D 238 14.03 26.45 -19.77
CA ILE D 238 15.21 25.99 -19.13
C ILE D 238 14.92 25.43 -17.75
N ASP D 239 15.92 24.78 -17.21
CA ASP D 239 15.85 24.26 -15.86
C ASP D 239 15.84 25.36 -14.82
N MET D 240 16.75 26.31 -14.90
CA MET D 240 16.83 27.38 -13.90
C MET D 240 17.90 28.41 -14.29
N PRO D 241 17.75 29.69 -13.90
CA PRO D 241 18.88 30.60 -13.99
C PRO D 241 19.98 30.19 -13.04
N ALA D 242 21.11 30.88 -13.12
CA ALA D 242 22.28 30.49 -12.34
C ALA D 242 23.32 31.58 -12.10
N GLY D 243 24.01 31.39 -10.99
CA GLY D 243 25.17 32.14 -10.61
C GLY D 243 26.20 31.10 -10.13
N PRO D 244 27.22 31.55 -9.39
CA PRO D 244 28.29 30.60 -8.96
C PRO D 244 27.77 29.52 -7.99
N SER D 245 28.47 28.38 -7.90
CA SER D 245 28.18 27.36 -6.87
C SER D 245 28.52 27.77 -5.43
N GLU D 246 27.90 27.05 -4.51
CA GLU D 246 27.93 27.43 -3.13
C GLU D 246 27.78 26.24 -2.20
N VAL D 247 28.35 26.39 -1.02
CA VAL D 247 28.05 25.58 0.13
C VAL D 247 27.93 26.48 1.36
N LEU D 248 26.99 26.11 2.22
CA LEU D 248 26.91 26.67 3.55
C LEU D 248 27.10 25.46 4.44
N VAL D 249 28.09 25.50 5.33
CA VAL D 249 28.31 24.42 6.26
C VAL D 249 27.93 24.94 7.61
N ILE D 250 27.01 24.27 8.26
CA ILE D 250 26.75 24.54 9.66
C ILE D 250 27.60 23.53 10.42
N ALA D 251 28.38 24.03 11.39
CA ALA D 251 29.15 23.15 12.29
C ALA D 251 29.00 23.52 13.76
N ASP D 252 28.93 22.50 14.61
CA ASP D 252 28.93 22.67 16.05
C ASP D 252 30.23 22.10 16.65
N LYS D 253 30.25 22.01 17.98
CA LYS D 253 31.47 21.67 18.70
C LYS D 253 31.81 20.20 18.62
N HIS D 254 30.87 19.38 18.14
CA HIS D 254 31.12 17.94 17.94
C HIS D 254 31.74 17.62 16.59
N ALA D 255 31.83 18.61 15.69
CA ALA D 255 32.42 18.41 14.36
C ALA D 255 33.94 18.47 14.37
N ILE D 256 34.53 17.52 13.65
CA ILE D 256 35.97 17.31 13.53
C ILE D 256 36.52 18.35 12.58
N PRO D 257 37.35 19.29 13.09
CA PRO D 257 37.78 20.46 12.34
C PRO D 257 38.46 20.25 11.00
N SER D 258 39.26 19.22 10.86
CA SER D 258 39.86 18.93 9.56
C SER D 258 38.83 18.48 8.52
N HIS D 259 37.74 17.88 8.96
CA HIS D 259 36.67 17.47 8.06
C HIS D 259 35.92 18.72 7.58
N VAL D 260 35.67 19.64 8.52
CA VAL D 260 35.01 20.89 8.20
C VAL D 260 35.83 21.65 7.16
N ALA D 261 37.14 21.74 7.39
CA ALA D 261 38.07 22.40 6.47
C ALA D 261 38.01 21.76 5.10
N ALA D 262 38.10 20.43 5.06
CA ALA D 262 38.06 19.68 3.81
C ALA D 262 36.80 19.97 2.98
N ASP D 263 35.67 20.16 3.62
CA ASP D 263 34.43 20.43 2.90
C ASP D 263 34.39 21.84 2.37
N LEU D 264 34.96 22.77 3.10
CA LEU D 264 35.10 24.12 2.59
C LEU D 264 35.99 24.17 1.33
N LEU D 265 37.10 23.42 1.35
CA LEU D 265 38.00 23.39 0.19
C LEU D 265 37.33 22.61 -0.94
N SER D 266 36.63 21.54 -0.58
CA SER D 266 35.88 20.74 -1.55
C SER D 266 35.01 21.63 -2.49
N GLN D 267 34.28 22.59 -1.93
CA GLN D 267 33.47 23.55 -2.71
C GLN D 267 34.33 24.56 -3.42
N ALA D 268 35.22 25.20 -2.64
CA ALA D 268 36.12 26.24 -3.12
C ALA D 268 36.98 25.91 -4.36
N GLU D 269 37.27 24.63 -4.59
CA GLU D 269 38.12 24.27 -5.73
C GLU D 269 37.41 24.36 -7.09
N HIS D 270 36.07 24.43 -7.09
CA HIS D 270 35.29 24.63 -8.33
C HIS D 270 35.71 25.83 -9.18
N GLY D 271 36.21 26.88 -8.53
CA GLY D 271 36.65 28.06 -9.23
C GLY D 271 36.73 29.21 -8.24
N PRO D 272 37.32 30.34 -8.68
CA PRO D 272 37.54 31.52 -7.84
C PRO D 272 36.26 32.24 -7.40
N ASP D 273 35.14 32.01 -8.12
CA ASP D 273 33.80 32.59 -7.80
C ASP D 273 32.97 31.76 -6.82
N SER D 274 33.42 30.55 -6.48
CA SER D 274 32.65 29.70 -5.59
C SER D 274 32.46 30.32 -4.24
N GLN D 275 31.23 30.21 -3.76
CA GLN D 275 30.87 30.79 -2.52
C GLN D 275 30.84 29.75 -1.41
N VAL D 276 31.55 30.09 -0.34
CA VAL D 276 31.69 29.22 0.79
C VAL D 276 31.26 29.98 2.03
N VAL D 277 30.38 29.36 2.82
CA VAL D 277 29.86 29.99 4.04
C VAL D 277 29.91 29.01 5.18
N LEU D 278 30.42 29.44 6.30
CA LEU D 278 30.50 28.57 7.42
C LEU D 278 29.62 29.22 8.44
N VAL D 279 28.66 28.46 8.95
CA VAL D 279 27.79 28.95 10.00
C VAL D 279 28.10 28.14 11.22
N ILE D 280 28.63 28.82 12.25
CA ILE D 280 29.04 28.16 13.48
C ILE D 280 27.93 28.20 14.51
N ALA D 281 27.55 27.01 14.94
CA ALA D 281 26.37 26.84 15.79
C ALA D 281 26.72 26.60 17.26
N GLY D 282 26.39 27.59 18.09
CA GLY D 282 26.63 27.51 19.53
C GLY D 282 28.10 27.62 19.92
N ASP D 283 28.47 26.87 20.95
CA ASP D 283 29.65 27.14 21.76
C ASP D 283 30.76 26.09 21.70
N GLY D 284 31.94 26.49 22.13
CA GLY D 284 33.09 25.62 22.17
C GLY D 284 33.53 25.08 20.84
N VAL D 285 33.41 25.89 19.81
CA VAL D 285 33.81 25.45 18.52
C VAL D 285 35.10 26.12 18.20
N ASP D 286 36.10 25.35 17.79
CA ASP D 286 37.42 25.86 17.52
C ASP D 286 37.61 26.44 16.14
N GLN D 287 37.07 27.63 15.93
CA GLN D 287 37.20 28.38 14.67
C GLN D 287 38.65 28.56 14.23
N ASN D 288 39.56 28.73 15.20
CA ASN D 288 41.01 28.77 14.94
C ASN D 288 41.55 27.53 14.24
N ALA D 289 41.36 26.38 14.88
CA ALA D 289 41.75 25.07 14.35
C ALA D 289 41.23 24.82 12.94
N ILE D 290 39.95 25.15 12.74
CA ILE D 290 39.31 24.97 11.44
C ILE D 290 40.11 25.73 10.41
N GLN D 291 40.36 26.99 10.73
CA GLN D 291 40.99 27.92 9.79
C GLN D 291 42.46 27.56 9.56
N GLU D 292 43.16 27.16 10.63
CA GLU D 292 44.53 26.61 10.51
C GLU D 292 44.49 25.43 9.55
N GLU D 293 43.57 24.52 9.84
CA GLU D 293 43.47 23.25 9.16
C GLU D 293 42.99 23.42 7.70
N VAL D 294 42.28 24.52 7.44
CA VAL D 294 41.99 24.98 6.07
C VAL D 294 43.24 25.46 5.32
N SER D 295 44.01 26.33 5.98
CA SER D 295 45.31 26.80 5.43
C SER D 295 46.26 25.67 5.04
N LYS D 296 46.37 24.64 5.88
CA LYS D 296 47.29 23.51 5.62
C LYS D 296 46.87 22.79 4.36
N GLN D 297 45.61 22.33 4.36
CA GLN D 297 45.04 21.55 3.27
C GLN D 297 45.07 22.28 1.92
N CYS D 298 44.89 23.60 1.93
CA CYS D 298 44.88 24.36 0.68
C CYS D 298 46.20 24.39 -0.11
N GLN D 299 47.33 24.62 0.55
CA GLN D 299 48.64 24.82 -0.13
C GLN D 299 49.17 23.58 -0.90
N SER D 300 48.72 22.39 -0.51
CA SER D 300 49.08 21.15 -1.20
C SER D 300 48.17 20.76 -2.39
N LEU D 301 47.03 21.44 -2.55
CA LEU D 301 46.07 21.08 -3.62
C LEU D 301 46.53 21.52 -5.03
N PRO D 302 46.30 20.67 -6.06
CA PRO D 302 46.56 21.15 -7.43
C PRO D 302 45.76 22.42 -7.82
N ARG D 303 44.58 22.61 -7.23
CA ARG D 303 43.76 23.80 -7.50
C ARG D 303 43.67 24.69 -6.26
N GLY D 304 44.76 24.78 -5.48
CA GLY D 304 44.85 25.64 -4.31
C GLY D 304 44.69 27.14 -4.59
N GLU D 305 44.94 27.57 -5.83
CA GLU D 305 44.86 28.99 -6.18
C GLU D 305 43.44 29.46 -6.54
N PHE D 306 42.64 28.61 -7.19
CA PHE D 306 41.19 28.88 -7.33
C PHE D 306 40.53 28.88 -5.94
N ALA D 307 40.85 27.83 -5.19
CA ALA D 307 40.44 27.65 -3.80
C ALA D 307 40.66 28.88 -2.95
N ALA D 308 41.85 29.46 -3.00
CA ALA D 308 42.16 30.65 -2.19
C ALA D 308 41.57 31.94 -2.76
N LYS D 309 41.38 32.05 -4.08
CA LYS D 309 40.56 33.16 -4.61
C LYS D 309 39.14 33.07 -4.03
N ALA D 310 38.54 31.88 -4.09
CA ALA D 310 37.21 31.63 -3.52
C ALA D 310 37.15 32.01 -2.05
N LEU D 311 38.02 31.41 -1.23
CA LEU D 311 38.10 31.70 0.21
C LEU D 311 38.42 33.16 0.59
N SER D 312 39.10 33.91 -0.28
CA SER D 312 39.26 35.34 0.03
C SER D 312 37.89 36.00 0.25
N HIS D 313 36.83 35.47 -0.36
CA HIS D 313 35.45 35.99 -0.17
C HIS D 313 34.47 35.00 0.49
N SER D 314 34.99 33.97 1.15
CA SER D 314 34.20 33.18 2.06
C SER D 314 33.87 34.01 3.31
N PHE D 315 32.90 33.56 4.11
CA PHE D 315 32.66 34.18 5.38
C PHE D 315 32.10 33.26 6.42
N ILE D 316 32.21 33.69 7.66
CA ILE D 316 31.88 32.89 8.82
C ILE D 316 30.80 33.61 9.60
N VAL D 317 29.78 32.87 10.05
CA VAL D 317 28.61 33.42 10.79
C VAL D 317 28.45 32.66 12.12
N HIS D 318 28.53 33.37 13.24
CA HIS D 318 28.28 32.77 14.54
C HIS D 318 26.82 32.86 14.85
N ALA D 319 26.27 31.70 15.20
CA ALA D 319 24.91 31.58 15.59
C ALA D 319 24.91 31.14 17.06
N ARG D 320 24.03 31.76 17.86
CA ARG D 320 23.96 31.41 19.27
C ARG D 320 23.47 30.01 19.52
N ASP D 321 22.71 29.43 18.60
CA ASP D 321 22.49 27.98 18.56
C ASP D 321 21.96 27.49 17.19
N MET D 322 21.60 26.20 17.12
CA MET D 322 21.20 25.56 15.90
C MET D 322 19.94 26.13 15.26
N LEU D 323 18.99 26.55 16.09
CA LEU D 323 17.79 27.19 15.59
C LEU D 323 18.09 28.48 14.83
N GLU D 324 18.93 29.31 15.44
CA GLU D 324 19.39 30.57 14.85
C GLU D 324 20.18 30.31 13.56
N ALA D 325 20.98 29.27 13.57
CA ALA D 325 21.78 28.90 12.40
C ALA D 325 20.92 28.46 11.20
N ILE D 326 19.94 27.62 11.46
CA ILE D 326 18.98 27.20 10.45
C ILE D 326 18.14 28.35 9.89
N THR D 327 17.78 29.27 10.75
CA THR D 327 17.06 30.45 10.32
C THR D 327 17.95 31.31 9.44
N PHE D 328 19.24 31.39 9.74
CA PHE D 328 20.11 32.07 8.85
C PHE D 328 20.22 31.31 7.49
N SER D 329 20.47 30.01 7.53
CA SER D 329 20.56 29.23 6.31
C SER D 329 19.31 29.34 5.44
N ASN D 330 18.15 29.35 6.09
CA ASN D 330 16.89 29.48 5.39
C ASN D 330 16.77 30.76 4.64
N MET D 331 17.24 31.85 5.23
CA MET D 331 17.29 33.15 4.54
C MET D 331 18.27 33.18 3.34
N TYR D 332 19.50 32.69 3.55
CA TYR D 332 20.53 32.67 2.49
C TYR D 332 20.15 31.75 1.33
N ALA D 333 19.60 30.57 1.61
CA ALA D 333 19.11 29.64 0.56
C ALA D 333 20.23 29.10 -0.31
N PRO D 334 21.17 28.36 0.29
CA PRO D 334 22.35 27.79 -0.40
C PRO D 334 22.03 26.62 -1.33
N GLU D 335 22.83 26.48 -2.39
CA GLU D 335 22.73 25.41 -3.29
C GLU D 335 22.96 24.12 -2.54
N HIS D 336 24.04 24.08 -1.75
CA HIS D 336 24.35 22.94 -0.92
C HIS D 336 24.38 23.36 0.55
N LEU D 337 23.87 22.51 1.42
CA LEU D 337 23.84 22.76 2.82
C LEU D 337 24.34 21.54 3.51
N ILE D 338 25.39 21.69 4.29
CA ILE D 338 25.89 20.56 5.06
C ILE D 338 25.60 20.85 6.53
N ILE D 339 25.08 19.84 7.20
CA ILE D 339 24.77 19.98 8.60
C ILE D 339 25.63 19.00 9.38
N ASN D 340 26.76 19.52 9.89
CA ASN D 340 27.71 18.70 10.63
C ASN D 340 27.54 18.94 12.09
N VAL D 341 26.40 18.50 12.60
CA VAL D 341 26.10 18.59 14.01
C VAL D 341 25.64 17.23 14.49
N LYS D 342 25.59 17.07 15.81
CA LYS D 342 24.98 15.87 16.41
C LYS D 342 23.44 15.93 16.33
N ASP D 343 22.81 14.78 16.03
CA ASP D 343 21.35 14.72 15.80
C ASP D 343 20.89 15.63 14.63
N ALA D 344 21.76 15.84 13.64
CA ALA D 344 21.45 16.63 12.42
C ALA D 344 20.12 16.28 11.78
N GLU D 345 19.89 14.98 11.66
CA GLU D 345 18.73 14.38 11.00
C GLU D 345 17.42 14.92 11.59
N LYS D 346 17.45 15.34 12.85
CA LYS D 346 16.31 15.98 13.50
C LYS D 346 16.00 17.42 13.07
N TRP D 347 16.92 18.07 12.36
CA TRP D 347 16.68 19.43 11.88
C TRP D 347 16.07 19.44 10.48
N GLU D 348 15.83 18.28 9.89
CA GLU D 348 15.30 18.14 8.52
C GLU D 348 14.02 18.94 8.29
N SER D 349 13.11 18.89 9.23
CA SER D 349 11.85 19.59 9.07
C SER D 349 11.96 21.12 9.20
N PHE D 350 13.07 21.62 9.71
CA PHE D 350 13.26 23.07 9.88
C PHE D 350 13.86 23.76 8.64
N ILE D 351 14.33 22.96 7.72
CA ILE D 351 14.96 23.44 6.52
C ILE D 351 13.93 23.74 5.46
N GLU D 352 13.88 25.00 5.07
CA GLU D 352 12.91 25.53 4.17
C GLU D 352 13.47 25.83 2.76
N ASN D 353 14.72 26.31 2.68
CA ASN D 353 15.34 26.66 1.39
C ASN D 353 16.78 26.12 1.33
N ALA D 354 17.01 25.23 0.37
CA ALA D 354 18.35 24.70 0.07
C ALA D 354 18.23 23.72 -1.10
N GLY D 355 19.18 23.74 -2.03
CA GLY D 355 19.14 22.84 -3.15
C GLY D 355 19.18 21.39 -2.75
N SER D 356 20.21 21.03 -1.98
CA SER D 356 20.40 19.66 -1.47
C SER D 356 21.14 19.67 -0.10
N VAL D 357 20.74 18.76 0.77
CA VAL D 357 21.13 18.77 2.15
C VAL D 357 21.95 17.52 2.50
N PHE D 358 23.00 17.74 3.30
CA PHE D 358 23.95 16.72 3.66
C PHE D 358 23.98 16.66 5.19
N LEU D 359 23.61 15.51 5.75
CA LEU D 359 23.32 15.45 7.16
C LEU D 359 24.34 14.61 7.89
N GLY D 360 24.88 15.18 8.98
CA GLY D 360 25.81 14.48 9.85
C GLY D 360 27.26 14.56 9.41
N SER D 361 28.06 13.66 9.95
CA SER D 361 29.51 13.78 9.89
C SER D 361 30.12 12.95 8.77
N TRP D 362 29.38 11.99 8.22
CA TRP D 362 29.90 11.05 7.24
C TRP D 362 29.31 11.31 5.85
N THR D 363 28.92 12.56 5.60
CA THR D 363 28.19 12.89 4.38
C THR D 363 28.78 14.14 3.71
N PRO D 364 29.95 13.98 3.07
CA PRO D 364 30.52 15.13 2.41
C PRO D 364 29.78 15.45 1.12
N GLU D 365 29.85 16.71 0.73
CA GLU D 365 29.24 17.21 -0.48
C GLU D 365 29.51 16.27 -1.64
N SER D 366 30.79 15.89 -1.76
CA SER D 366 31.23 15.15 -2.94
C SER D 366 30.49 13.84 -3.13
N VAL D 367 29.88 13.33 -2.08
CA VAL D 367 29.09 12.11 -2.18
C VAL D 367 27.86 12.34 -3.00
N GLY D 368 27.21 13.46 -2.75
CA GLY D 368 26.08 13.97 -3.55
C GLY D 368 26.51 14.42 -4.94
N ASP D 369 27.70 15.02 -5.04
CA ASP D 369 28.28 15.36 -6.35
C ASP D 369 28.43 14.16 -7.26
N TYR D 370 28.73 12.99 -6.70
CA TYR D 370 28.99 11.81 -7.48
C TYR D 370 28.09 10.57 -7.44
N ALA D 371 27.73 10.09 -6.28
CA ALA D 371 26.98 8.87 -6.25
C ALA D 371 25.92 8.58 -5.20
N SER D 372 25.52 9.52 -4.38
CA SER D 372 24.46 9.19 -3.43
C SER D 372 23.20 8.83 -4.18
N GLY D 373 22.96 9.50 -5.28
CA GLY D 373 21.81 9.30 -6.15
C GLY D 373 21.07 10.60 -6.43
N THR D 374 21.28 11.61 -5.56
CA THR D 374 20.64 12.91 -5.67
C THR D 374 21.28 13.61 -6.82
N ASN D 375 20.57 14.60 -7.34
CA ASN D 375 21.05 15.35 -8.46
C ASN D 375 21.92 16.54 -8.03
N HIS D 376 23.09 16.69 -8.65
CA HIS D 376 23.96 17.81 -8.31
C HIS D 376 23.71 19.09 -9.15
N VAL D 377 22.82 19.04 -10.16
CA VAL D 377 22.49 20.26 -10.91
C VAL D 377 21.43 21.01 -10.12
N LEU D 378 21.92 21.95 -9.33
CA LEU D 378 21.11 22.53 -8.28
C LEU D 378 21.04 24.04 -8.41
N PRO D 379 19.96 24.65 -7.86
CA PRO D 379 19.81 26.11 -7.85
C PRO D 379 20.77 26.90 -6.94
N THR D 380 21.48 27.82 -7.57
CA THR D 380 22.43 28.68 -6.93
C THR D 380 21.80 30.07 -6.78
N TYR D 381 22.52 30.92 -6.06
CA TYR D 381 22.34 32.35 -6.12
C TYR D 381 21.15 32.88 -5.29
N GLY D 382 20.47 32.01 -4.55
CA GLY D 382 19.18 32.35 -3.97
C GLY D 382 18.05 31.69 -4.70
N TYR D 383 18.33 31.10 -5.87
CA TYR D 383 17.25 30.48 -6.64
C TYR D 383 16.54 29.29 -5.95
N ALA D 384 17.16 28.74 -4.92
CA ALA D 384 16.56 27.72 -4.10
C ALA D 384 15.35 28.20 -3.33
N ARG D 385 15.09 29.50 -3.31
CA ARG D 385 13.84 29.97 -2.79
C ARG D 385 12.67 29.58 -3.68
N MET D 386 12.90 29.29 -4.93
CA MET D 386 11.77 28.94 -5.77
C MET D 386 11.97 27.96 -6.90
N TYR D 387 13.17 27.43 -7.05
CA TYR D 387 13.51 26.45 -8.05
C TYR D 387 14.02 25.19 -7.32
N SER D 388 13.81 24.04 -7.97
CA SER D 388 14.34 22.76 -7.49
C SER D 388 15.60 22.37 -8.22
N GLY D 389 16.34 21.45 -7.64
CA GLY D 389 17.33 20.74 -8.38
C GLY D 389 16.62 20.00 -9.48
N VAL D 390 17.36 19.68 -10.53
CA VAL D 390 16.86 18.88 -11.61
C VAL D 390 16.42 17.54 -11.00
N SER D 391 15.30 17.03 -11.51
CA SER D 391 14.76 15.79 -11.04
C SER D 391 14.01 15.16 -12.19
N LEU D 392 13.35 14.05 -11.92
CA LEU D 392 12.51 13.44 -12.92
C LEU D 392 11.50 14.39 -13.55
N ASP D 393 10.79 15.13 -12.72
CA ASP D 393 9.72 16.01 -13.16
C ASP D 393 10.18 17.15 -14.06
N SER D 394 11.45 17.52 -13.98
CA SER D 394 12.06 18.48 -14.89
C SER D 394 11.95 18.05 -16.38
N PHE D 395 11.78 16.74 -16.63
CA PHE D 395 11.75 16.21 -17.97
C PHE D 395 10.36 15.78 -18.37
N LEU D 396 9.37 16.19 -17.59
CA LEU D 396 7.98 15.75 -17.79
C LEU D 396 7.07 16.95 -17.87
N LYS D 397 5.95 16.81 -18.57
CA LYS D 397 4.82 17.72 -18.43
C LYS D 397 3.71 16.89 -17.91
N TYR D 398 2.82 17.51 -17.17
CA TYR D 398 1.69 16.82 -16.63
C TYR D 398 0.45 17.36 -17.30
N ILE D 399 -0.34 16.47 -17.91
CA ILE D 399 -1.62 16.75 -18.53
C ILE D 399 -2.78 16.41 -17.56
N THR D 400 -3.69 17.36 -17.33
CA THR D 400 -4.91 17.09 -16.57
C THR D 400 -6.02 16.60 -17.51
N VAL D 401 -6.84 15.70 -17.00
CA VAL D 401 -7.83 14.99 -17.81
C VAL D 401 -9.07 14.93 -16.96
N GLN D 402 -10.23 15.30 -17.51
CA GLN D 402 -11.51 15.16 -16.82
C GLN D 402 -12.47 14.41 -17.76
N SER D 403 -13.31 13.55 -17.17
CA SER D 403 -14.34 12.83 -17.91
C SER D 403 -15.59 12.78 -17.07
N LEU D 404 -16.67 13.38 -17.57
CA LEU D 404 -17.98 13.32 -16.90
C LEU D 404 -18.91 12.29 -17.52
N THR D 405 -19.58 11.53 -16.67
CA THR D 405 -20.77 10.78 -17.10
C THR D 405 -21.94 11.78 -17.24
N GLU D 406 -22.99 11.34 -17.95
CA GLU D 406 -24.28 12.08 -18.00
C GLU D 406 -24.71 12.53 -16.60
N GLU D 407 -24.77 11.59 -15.65
CA GLU D 407 -25.04 11.90 -14.22
C GLU D 407 -24.06 12.92 -13.61
N GLY D 408 -22.78 12.80 -13.94
CA GLY D 408 -21.77 13.73 -13.47
C GLY D 408 -22.09 15.16 -13.83
N LEU D 409 -22.36 15.37 -15.11
CA LEU D 409 -22.75 16.66 -15.64
C LEU D 409 -24.09 17.16 -15.07
N ARG D 410 -25.05 16.25 -14.85
CA ARG D 410 -26.37 16.62 -14.29
C ARG D 410 -26.20 17.30 -12.93
N LYS D 411 -25.37 16.72 -12.07
CA LYS D 411 -25.13 17.24 -10.72
C LYS D 411 -24.10 18.39 -10.65
N LEU D 412 -23.14 18.42 -11.58
CA LEU D 412 -22.14 19.52 -11.62
C LEU D 412 -22.55 20.68 -12.50
N GLY D 413 -23.16 20.37 -13.64
CA GLY D 413 -23.62 21.37 -14.62
C GLY D 413 -24.33 22.67 -14.19
N PRO D 414 -25.32 22.58 -13.31
CA PRO D 414 -25.99 23.82 -12.77
C PRO D 414 -25.07 24.81 -12.06
N TYR D 415 -24.14 24.32 -11.25
CA TYR D 415 -23.20 25.23 -10.55
C TYR D 415 -22.31 26.00 -11.52
N VAL D 416 -21.93 25.29 -12.58
CA VAL D 416 -21.07 25.84 -13.58
C VAL D 416 -21.84 26.90 -14.38
N GLU D 417 -23.04 26.56 -14.84
CA GLU D 417 -23.93 27.58 -15.41
C GLU D 417 -23.88 28.83 -14.53
N THR D 418 -24.15 28.65 -13.23
CA THR D 418 -24.23 29.74 -12.26
C THR D 418 -22.97 30.63 -12.31
N MET D 419 -21.77 30.03 -12.35
CA MET D 419 -20.53 30.82 -12.28
C MET D 419 -20.18 31.47 -13.60
N ALA D 420 -20.47 30.78 -14.71
CA ALA D 420 -20.36 31.35 -16.06
C ALA D 420 -21.22 32.64 -16.20
N GLU D 421 -22.42 32.62 -15.60
CA GLU D 421 -23.32 33.79 -15.60
C GLU D 421 -22.68 34.94 -14.87
N VAL D 422 -22.20 34.68 -13.65
CA VAL D 422 -21.51 35.70 -12.85
C VAL D 422 -20.34 36.32 -13.62
N GLU D 423 -19.59 35.49 -14.34
CA GLU D 423 -18.44 36.02 -15.09
C GLU D 423 -18.81 36.71 -16.41
N GLY D 424 -20.09 36.73 -16.76
CA GLY D 424 -20.52 37.31 -18.03
C GLY D 424 -20.16 36.46 -19.25
N LEU D 425 -20.13 35.14 -19.09
CA LEU D 425 -19.62 34.25 -20.12
C LEU D 425 -20.69 33.26 -20.56
N GLU D 426 -21.55 33.74 -21.43
CA GLU D 426 -22.81 33.08 -21.73
C GLU D 426 -22.63 31.86 -22.64
N ALA D 427 -21.73 31.94 -23.62
CA ALA D 427 -21.28 30.75 -24.39
C ALA D 427 -20.65 29.65 -23.52
N HIS D 428 -19.97 30.05 -22.45
CA HIS D 428 -19.50 29.11 -21.41
C HIS D 428 -20.69 28.39 -20.76
N LYS D 429 -21.72 29.16 -20.39
CA LYS D 429 -23.00 28.58 -19.93
C LYS D 429 -23.73 27.71 -20.95
N ARG D 430 -23.75 28.13 -22.22
CA ARG D 430 -24.63 27.49 -23.22
C ARG D 430 -24.14 26.10 -23.64
N ALA D 431 -22.83 25.91 -23.59
CA ALA D 431 -22.25 24.63 -23.87
C ALA D 431 -22.74 23.64 -22.83
N VAL D 432 -22.87 24.06 -21.58
CA VAL D 432 -23.45 23.21 -20.56
C VAL D 432 -24.95 22.95 -20.64
N THR D 433 -25.72 24.02 -20.81
CA THR D 433 -27.16 23.93 -20.82
C THR D 433 -27.64 23.11 -22.00
N LEU D 434 -27.09 23.45 -23.13
CA LEU D 434 -27.43 22.74 -24.36
C LEU D 434 -27.27 21.21 -24.21
N ARG D 435 -26.30 20.78 -23.40
CA ARG D 435 -26.08 19.36 -23.07
C ARG D 435 -27.04 18.82 -21.99
N LEU D 436 -27.39 19.66 -21.03
CA LEU D 436 -28.39 19.30 -20.02
C LEU D 436 -29.79 19.05 -20.60
N GLN D 437 -30.14 19.81 -21.63
CA GLN D 437 -31.40 19.64 -22.34
C GLN D 437 -31.46 18.40 -23.21
N ASP D 438 -30.30 17.93 -23.65
CA ASP D 438 -30.23 16.66 -24.34
C ASP D 438 -30.55 15.50 -23.38
N ILE D 439 -30.16 15.64 -22.10
CA ILE D 439 -30.29 14.59 -21.07
C ILE D 439 -31.68 14.50 -20.42
N GLU D 440 -32.15 15.60 -19.84
CA GLU D 440 -33.51 15.67 -19.29
C GLU D 440 -34.53 15.13 -20.29
N ALA D 441 -34.32 15.48 -21.57
CA ALA D 441 -35.17 15.05 -22.70
C ALA D 441 -35.36 13.53 -22.79
N ARG D 442 -34.24 12.83 -22.88
CA ARG D 442 -34.26 11.38 -22.97
C ARG D 442 -34.63 10.67 -21.67
N GLN D 443 -34.84 11.40 -20.58
CA GLN D 443 -35.31 10.81 -19.33
C GLN D 443 -36.54 11.55 -18.79
N ILE E 11 5.84 29.92 41.13
CA ILE E 11 6.45 31.07 41.89
C ILE E 11 7.97 30.98 41.82
N LYS E 12 8.57 29.94 42.39
CA LYS E 12 10.02 29.76 42.27
C LYS E 12 10.40 29.62 40.79
N THR E 13 11.42 30.37 40.38
CA THR E 13 11.74 30.59 38.98
C THR E 13 13.24 30.44 38.72
N TYR E 14 13.61 29.67 37.70
CA TYR E 14 15.01 29.38 37.40
C TYR E 14 15.31 29.83 35.99
N HIS E 15 16.58 29.78 35.61
CA HIS E 15 16.99 30.19 34.28
C HIS E 15 18.04 29.20 33.81
N LEU E 16 17.73 28.52 32.71
CA LEU E 16 18.56 27.41 32.22
C LEU E 16 20.02 27.83 32.06
N SER E 17 20.28 28.91 31.35
CA SER E 17 21.63 29.44 31.18
C SER E 17 22.37 29.87 32.47
N ASN E 18 21.78 29.65 33.66
CA ASN E 18 22.36 30.03 34.96
C ASN E 18 22.83 28.84 35.82
N LEU E 19 22.43 27.62 35.46
CA LEU E 19 22.48 26.46 36.38
C LEU E 19 23.64 25.46 36.15
N THR E 20 24.21 24.95 37.24
CA THR E 20 25.24 23.91 37.16
C THR E 20 24.59 22.56 36.97
N GLN E 21 25.40 21.53 36.74
CA GLN E 21 24.89 20.17 36.66
C GLN E 21 24.18 19.77 37.93
N THR E 22 24.85 19.90 39.07
CA THR E 22 24.23 19.66 40.39
C THR E 22 22.74 20.02 40.37
N GLU E 23 22.46 21.25 39.97
CA GLU E 23 21.13 21.89 40.12
C GLU E 23 20.17 21.55 38.97
N LEU E 24 20.73 21.39 37.76
CA LEU E 24 19.96 20.91 36.63
C LEU E 24 19.33 19.53 36.87
N LEU E 25 20.06 18.66 37.57
CA LEU E 25 19.57 17.33 37.95
C LEU E 25 18.59 17.32 39.12
N SER E 26 18.64 18.30 40.00
CA SER E 26 17.65 18.36 41.08
C SER E 26 16.25 18.65 40.52
N LEU E 27 16.20 19.54 39.51
CA LEU E 27 14.99 19.84 38.74
C LEU E 27 14.37 18.67 38.00
N LYS E 28 15.23 17.79 37.49
CA LYS E 28 14.80 16.60 36.78
C LYS E 28 14.00 15.63 37.65
N SER E 29 14.49 15.44 38.86
CA SER E 29 14.03 14.36 39.73
C SER E 29 12.88 14.87 40.56
N ARG E 30 11.86 14.05 40.77
CA ARG E 30 10.71 14.44 41.59
C ARG E 30 11.05 14.28 43.07
N PRO E 31 10.24 14.91 43.94
CA PRO E 31 10.39 14.63 45.38
C PRO E 31 10.22 13.14 45.64
N ARG E 32 11.21 12.54 46.34
CA ARG E 32 11.23 11.11 46.62
C ARG E 32 9.98 10.70 47.31
N ILE E 33 9.45 9.54 46.92
CA ILE E 33 8.34 8.92 47.61
C ILE E 33 8.92 7.75 48.35
N ASP E 34 8.50 7.60 49.61
CA ASP E 34 8.97 6.54 50.48
C ASP E 34 8.08 5.32 50.31
N PHE E 35 8.29 4.65 49.20
CA PHE E 35 7.55 3.40 48.94
C PHE E 35 7.88 2.26 49.93
N SER E 36 9.04 2.30 50.61
CA SER E 36 9.38 1.33 51.68
C SER E 36 8.39 1.36 52.80
N SER E 37 8.11 2.56 53.29
CA SER E 37 7.11 2.77 54.30
C SER E 37 5.74 2.32 53.83
N VAL E 38 5.37 2.72 52.61
CA VAL E 38 4.07 2.32 52.06
C VAL E 38 3.99 0.78 51.95
N PHE E 39 5.10 0.11 51.62
CA PHE E 39 5.10 -1.36 51.56
C PHE E 39 4.76 -2.00 52.87
N ASP E 40 5.25 -1.41 53.97
CA ASP E 40 5.00 -1.92 55.34
C ASP E 40 3.50 -1.85 55.67
N ILE E 41 2.87 -0.76 55.27
CA ILE E 41 1.43 -0.61 55.36
C ILE E 41 0.69 -1.66 54.46
N VAL E 42 1.10 -1.79 53.18
CA VAL E 42 0.30 -2.51 52.17
C VAL E 42 0.48 -4.03 52.20
N ASN E 43 1.68 -4.50 52.52
CA ASN E 43 1.96 -5.96 52.48
C ASN E 43 1.05 -6.84 53.34
N PRO E 44 0.82 -6.43 54.60
CA PRO E 44 -0.17 -7.12 55.44
C PRO E 44 -1.57 -7.20 54.81
N ILE E 45 -2.01 -6.14 54.14
CA ILE E 45 -3.32 -6.18 53.47
C ILE E 45 -3.36 -7.17 52.30
N VAL E 46 -2.34 -7.14 51.46
CA VAL E 46 -2.28 -8.04 50.32
C VAL E 46 -2.32 -9.46 50.78
N ASP E 47 -1.53 -9.77 51.82
CA ASP E 47 -1.45 -11.11 52.37
C ASP E 47 -2.76 -11.56 53.02
N ASP E 48 -3.43 -10.63 53.69
CA ASP E 48 -4.72 -10.90 54.32
C ASP E 48 -5.79 -11.28 53.30
N VAL E 49 -5.80 -10.57 52.16
CA VAL E 49 -6.78 -10.81 51.11
C VAL E 49 -6.46 -12.11 50.41
N HIS E 50 -5.18 -12.35 50.16
CA HIS E 50 -4.66 -13.62 49.64
C HIS E 50 -5.14 -14.84 50.46
N ALA E 51 -5.04 -14.73 51.79
CA ALA E 51 -5.40 -15.83 52.70
C ALA E 51 -6.88 -15.90 53.01
N HIS E 52 -7.55 -14.75 53.14
CA HIS E 52 -8.91 -14.74 53.64
C HIS E 52 -10.00 -14.30 52.65
N GLY E 53 -9.66 -14.02 51.40
CA GLY E 53 -10.69 -13.85 50.36
C GLY E 53 -11.63 -12.68 50.55
N ASP E 54 -12.88 -12.86 50.19
CA ASP E 54 -13.87 -11.79 50.28
C ASP E 54 -14.11 -11.16 51.64
N ALA E 55 -13.96 -11.95 52.70
CA ALA E 55 -14.15 -11.45 54.06
C ALA E 55 -13.13 -10.37 54.44
N ALA E 56 -11.88 -10.57 54.04
CA ALA E 56 -10.82 -9.57 54.25
C ALA E 56 -11.02 -8.32 53.37
N VAL E 57 -11.46 -8.51 52.14
CA VAL E 57 -11.76 -7.37 51.28
C VAL E 57 -12.87 -6.51 51.91
N LYS E 58 -13.91 -7.14 52.44
CA LYS E 58 -14.97 -6.38 53.12
C LYS E 58 -14.52 -5.69 54.42
N GLN E 59 -13.61 -6.29 55.19
CA GLN E 59 -13.12 -5.64 56.42
C GLN E 59 -12.38 -4.36 56.15
N TYR E 60 -11.47 -4.40 55.17
CA TYR E 60 -10.79 -3.20 54.72
C TYR E 60 -11.75 -2.20 54.07
N THR E 61 -12.76 -2.69 53.34
CA THR E 61 -13.72 -1.80 52.71
C THR E 61 -14.59 -1.05 53.74
N SER E 62 -14.96 -1.69 54.84
CA SER E 62 -15.71 -0.99 55.91
C SER E 62 -14.90 0.07 56.64
N LYS E 63 -13.68 -0.27 57.06
CA LYS E 63 -12.83 0.66 57.80
C LYS E 63 -12.24 1.80 56.93
N PHE E 64 -11.80 1.48 55.71
CA PHE E 64 -11.30 2.51 54.76
C PHE E 64 -12.46 3.29 54.11
N ASP E 65 -13.51 2.58 53.66
CA ASP E 65 -14.61 3.20 52.87
C ASP E 65 -16.00 3.40 53.58
N LYS E 66 -16.19 2.93 54.83
CA LYS E 66 -17.50 2.86 55.58
C LYS E 66 -18.79 2.43 54.78
N VAL E 67 -18.61 1.45 53.87
CA VAL E 67 -19.74 0.75 53.25
C VAL E 67 -19.79 -0.59 53.96
N ASP E 68 -20.96 -1.21 53.95
CA ASP E 68 -21.09 -2.60 54.33
C ASP E 68 -21.93 -3.27 53.25
N LEU E 69 -21.25 -4.02 52.39
CA LEU E 69 -21.89 -4.63 51.26
C LEU E 69 -21.70 -6.13 51.37
N GLU E 70 -22.74 -6.89 51.04
CA GLU E 70 -22.66 -8.35 51.01
C GLU E 70 -21.98 -8.84 49.71
N ASN E 71 -22.50 -8.38 48.56
CA ASN E 71 -21.91 -8.66 47.24
C ASN E 71 -20.91 -7.57 46.85
N ILE E 72 -19.63 -7.82 47.11
CA ILE E 72 -18.57 -6.92 46.61
C ILE E 72 -18.21 -7.15 45.13
N VAL E 73 -18.61 -8.29 44.58
CA VAL E 73 -18.51 -8.49 43.15
C VAL E 73 -19.87 -8.74 42.52
N GLU E 74 -20.12 -7.99 41.42
CA GLU E 74 -21.29 -8.13 40.53
C GLU E 74 -20.91 -8.44 39.06
N LEU E 75 -21.74 -9.25 38.45
CA LEU E 75 -21.62 -9.55 37.07
C LEU E 75 -22.38 -8.44 36.43
N VAL E 76 -21.74 -7.73 35.52
CA VAL E 76 -22.31 -6.57 34.92
C VAL E 76 -23.61 -6.78 34.15
N SER E 77 -23.71 -7.90 33.47
CA SER E 77 -24.89 -8.21 32.72
C SER E 77 -26.13 -8.35 33.62
N ASP E 78 -25.95 -8.63 34.89
CA ASP E 78 -27.04 -8.72 35.88
C ASP E 78 -27.54 -7.37 36.41
N LEU E 79 -26.85 -6.29 36.09
CA LEU E 79 -27.13 -4.99 36.67
C LEU E 79 -27.96 -4.24 35.66
N PRO E 80 -29.11 -3.66 36.08
CA PRO E 80 -29.95 -2.95 35.10
C PRO E 80 -29.21 -1.79 34.47
N ASP E 81 -29.55 -1.47 33.21
CA ASP E 81 -28.90 -0.39 32.48
C ASP E 81 -29.19 0.91 33.25
N PRO E 82 -28.20 1.80 33.37
CA PRO E 82 -28.53 3.06 33.99
C PRO E 82 -29.21 3.94 32.95
N VAL E 83 -29.87 4.98 33.44
CA VAL E 83 -30.59 5.94 32.64
C VAL E 83 -29.96 7.31 32.93
N LEU E 84 -29.46 7.96 31.87
CA LEU E 84 -28.68 9.20 31.96
C LEU E 84 -29.46 10.34 31.35
N ASP E 85 -29.02 11.55 31.69
CA ASP E 85 -29.47 12.75 31.00
C ASP E 85 -28.91 12.81 29.58
N PRO E 86 -29.72 13.31 28.62
CA PRO E 86 -29.37 13.25 27.18
C PRO E 86 -28.00 13.89 26.80
N ALA E 87 -27.68 15.07 27.35
CA ALA E 87 -26.43 15.77 27.00
C ALA E 87 -25.22 15.01 27.57
N ILE E 88 -25.45 14.34 28.70
CA ILE E 88 -24.42 13.61 29.40
C ILE E 88 -24.16 12.33 28.65
N LYS E 89 -25.21 11.59 28.31
CA LYS E 89 -25.09 10.40 27.47
C LYS E 89 -24.43 10.72 26.13
N GLU E 90 -24.83 11.78 25.46
CA GLU E 90 -24.21 12.17 24.19
C GLU E 90 -22.70 12.45 24.30
N ALA E 91 -22.31 13.10 25.39
CA ALA E 91 -20.93 13.48 25.60
C ALA E 91 -20.06 12.23 25.78
N PHE E 92 -20.53 11.30 26.61
CA PHE E 92 -19.85 10.02 26.77
C PHE E 92 -19.88 9.16 25.51
N ASP E 93 -20.96 9.26 24.69
CA ASP E 93 -20.98 8.52 23.43
C ASP E 93 -19.94 9.05 22.45
N VAL E 94 -19.76 10.37 22.40
CA VAL E 94 -18.65 11.00 21.64
C VAL E 94 -17.23 10.55 22.10
N ALA E 95 -16.94 10.68 23.39
CA ALA E 95 -15.66 10.20 23.96
C ALA E 95 -15.45 8.74 23.61
N TYR E 96 -16.43 7.88 23.91
CA TYR E 96 -16.35 6.45 23.51
C TYR E 96 -16.00 6.30 22.06
N SER E 97 -16.74 6.97 21.18
CA SER E 97 -16.47 6.88 19.73
C SER E 97 -15.01 7.28 19.39
N ASN E 98 -14.54 8.39 19.93
CA ASN E 98 -13.19 8.85 19.57
C ASN E 98 -12.10 7.97 20.20
N ILE E 99 -12.32 7.53 21.43
CA ILE E 99 -11.36 6.69 22.10
C ILE E 99 -11.25 5.35 21.38
N TYR E 100 -12.42 4.80 20.99
CA TYR E 100 -12.43 3.58 20.21
C TYR E 100 -11.68 3.71 18.90
N ALA E 101 -12.02 4.76 18.14
CA ALA E 101 -11.38 4.99 16.87
C ALA E 101 -9.88 5.11 16.99
N PHE E 102 -9.41 5.87 17.96
CA PHE E 102 -7.98 6.10 18.12
C PHE E 102 -7.20 4.81 18.46
N HIS E 103 -7.78 3.99 19.32
CA HIS E 103 -7.21 2.72 19.74
C HIS E 103 -7.35 1.62 18.71
N ALA E 104 -8.48 1.53 17.99
CA ALA E 104 -8.62 0.60 16.88
C ALA E 104 -7.59 0.76 15.76
N ALA E 105 -7.17 1.99 15.49
CA ALA E 105 -6.13 2.24 14.49
C ALA E 105 -4.72 1.73 14.84
N GLN E 106 -4.54 1.27 16.06
CA GLN E 106 -3.26 0.72 16.52
C GLN E 106 -3.06 -0.77 16.14
N LYS E 107 -4.09 -1.44 15.62
CA LYS E 107 -3.99 -2.84 15.21
C LYS E 107 -2.78 -3.05 14.33
N SER E 108 -1.90 -3.99 14.70
CA SER E 108 -0.73 -4.28 13.87
C SER E 108 -1.08 -5.17 12.67
N PRO E 109 -0.49 -4.88 11.49
CA PRO E 109 -0.62 -5.84 10.40
C PRO E 109 0.26 -7.03 10.77
N GLU E 110 -0.14 -8.21 10.36
CA GLU E 110 0.64 -9.40 10.76
C GLU E 110 1.28 -9.93 9.51
N LYS E 111 2.25 -9.20 8.99
CA LYS E 111 2.78 -9.64 7.75
C LYS E 111 3.94 -10.57 7.92
N SER E 112 3.91 -11.56 7.06
CA SER E 112 4.94 -12.57 6.94
C SER E 112 6.23 -12.00 6.39
N VAL E 113 7.33 -12.51 6.97
CA VAL E 113 8.68 -12.21 6.60
C VAL E 113 9.30 -13.52 6.15
N GLU E 114 9.81 -13.52 4.94
CA GLU E 114 10.48 -14.65 4.32
C GLU E 114 11.79 -14.13 3.78
N ASN E 115 12.81 -14.05 4.63
CA ASN E 115 14.06 -13.44 4.24
C ASN E 115 14.94 -14.45 3.49
N MET E 116 14.65 -15.74 3.66
CA MET E 116 15.24 -16.82 2.83
C MET E 116 14.12 -17.65 2.33
N LYS E 117 14.32 -18.30 1.18
CA LYS E 117 13.24 -19.06 0.56
C LYS E 117 12.85 -20.17 1.54
N GLY E 118 11.58 -20.25 1.90
CA GLY E 118 11.07 -21.32 2.75
C GLY E 118 11.24 -21.13 4.26
N VAL E 119 11.59 -19.92 4.71
CA VAL E 119 11.75 -19.58 6.10
C VAL E 119 10.75 -18.47 6.40
N GLN E 120 9.52 -18.86 6.77
CA GLN E 120 8.39 -17.94 6.96
C GLN E 120 8.22 -17.68 8.46
N CYS E 121 8.24 -16.39 8.81
CA CYS E 121 8.22 -15.93 10.16
C CYS E 121 7.19 -14.84 10.32
N LYS E 122 6.42 -14.85 11.40
CA LYS E 122 5.52 -13.75 11.72
C LYS E 122 5.26 -13.58 13.19
N ARG E 123 4.54 -12.51 13.49
CA ARG E 123 4.32 -12.10 14.81
C ARG E 123 2.85 -11.76 14.92
N VAL E 124 2.14 -12.50 15.77
CA VAL E 124 0.67 -12.36 15.88
C VAL E 124 0.25 -11.94 17.27
N ALA E 125 -0.86 -11.25 17.35
CA ALA E 125 -1.38 -10.68 18.56
C ALA E 125 -2.50 -11.56 19.10
N ARG E 126 -2.51 -11.74 20.41
CA ARG E 126 -3.55 -12.44 21.09
C ARG E 126 -3.91 -11.59 22.31
N SER E 127 -5.18 -11.54 22.68
CA SER E 127 -5.56 -10.78 23.86
C SER E 127 -5.04 -11.38 25.17
N ILE E 128 -4.71 -10.54 26.13
CA ILE E 128 -4.54 -11.02 27.48
C ILE E 128 -5.93 -11.48 27.95
N ASN E 129 -6.01 -12.70 28.45
CA ASN E 129 -7.30 -13.28 28.71
C ASN E 129 -8.15 -12.64 29.79
N SER E 130 -7.53 -12.23 30.90
CA SER E 130 -8.27 -11.54 31.88
C SER E 130 -7.47 -10.42 32.49
N VAL E 131 -8.18 -9.29 32.63
CA VAL E 131 -7.56 -8.06 33.00
C VAL E 131 -8.39 -7.39 34.04
N GLY E 132 -7.70 -6.66 34.91
CA GLY E 132 -8.31 -5.81 35.87
C GLY E 132 -8.02 -4.33 35.75
N LEU E 133 -9.05 -3.54 36.02
CA LEU E 133 -9.00 -2.12 35.82
C LEU E 133 -9.33 -1.39 37.10
N TYR E 134 -8.42 -0.54 37.56
CA TYR E 134 -8.65 0.20 38.76
C TYR E 134 -9.08 1.61 38.45
N VAL E 135 -10.24 1.98 38.99
CA VAL E 135 -10.77 3.35 38.81
C VAL E 135 -11.18 3.88 40.16
N PRO E 136 -10.53 4.97 40.63
CA PRO E 136 -10.90 5.49 41.97
C PRO E 136 -12.40 5.82 42.05
N GLY E 137 -12.97 5.71 43.25
CA GLY E 137 -14.45 5.93 43.43
C GLY E 137 -14.79 6.61 44.77
N GLY E 138 -15.75 6.06 45.51
CA GLY E 138 -16.31 6.74 46.69
C GLY E 138 -16.98 8.02 46.22
N THR E 139 -16.33 9.17 46.48
CA THR E 139 -16.83 10.46 45.97
C THR E 139 -16.23 10.87 44.63
N ALA E 140 -15.13 10.22 44.22
CA ALA E 140 -14.58 10.44 42.88
C ALA E 140 -15.54 9.83 41.87
N VAL E 141 -15.78 10.59 40.81
CA VAL E 141 -16.60 10.16 39.68
C VAL E 141 -15.69 10.18 38.47
N LEU E 142 -15.30 9.02 37.97
CA LEU E 142 -14.31 8.98 36.89
C LEU E 142 -14.75 8.03 35.73
N PRO E 143 -15.87 8.34 35.09
CA PRO E 143 -16.23 7.53 33.93
C PRO E 143 -15.26 7.60 32.73
N SER E 144 -14.56 8.72 32.56
CA SER E 144 -13.52 8.90 31.58
C SER E 144 -12.39 7.85 31.71
N THR E 145 -11.86 7.73 32.92
CA THR E 145 -10.91 6.68 33.24
C THR E 145 -11.42 5.30 32.96
N ALA E 146 -12.68 5.03 33.30
CA ALA E 146 -13.30 3.73 32.97
C ALA E 146 -13.29 3.40 31.46
N LEU E 147 -13.61 4.37 30.61
CA LEU E 147 -13.48 4.23 29.16
C LEU E 147 -12.04 3.99 28.72
N MET E 148 -11.08 4.73 29.31
CA MET E 148 -9.65 4.71 28.91
C MET E 148 -9.07 3.31 29.12
N LEU E 149 -9.58 2.61 30.12
CA LEU E 149 -9.08 1.29 30.43
C LEU E 149 -9.87 0.19 29.77
N ALA E 150 -11.18 0.32 29.77
CA ALA E 150 -12.05 -0.70 29.22
C ALA E 150 -12.10 -0.73 27.70
N VAL E 151 -12.06 0.44 27.04
CA VAL E 151 -12.17 0.45 25.59
C VAL E 151 -11.12 -0.42 24.90
N PRO E 152 -9.81 -0.21 25.21
CA PRO E 152 -8.81 -1.04 24.53
C PRO E 152 -8.90 -2.49 24.94
N ALA E 153 -9.30 -2.75 26.14
CA ALA E 153 -9.61 -4.11 26.51
C ALA E 153 -10.63 -4.76 25.59
N GLN E 154 -11.64 -3.98 25.24
CA GLN E 154 -12.76 -4.45 24.43
C GLN E 154 -12.31 -4.66 23.01
N ILE E 155 -11.54 -3.73 22.49
CA ILE E 155 -10.98 -3.89 21.19
C ILE E 155 -10.03 -5.12 21.13
N ALA E 156 -9.19 -5.28 22.15
CA ALA E 156 -8.24 -6.41 22.18
C ALA E 156 -8.94 -7.77 22.17
N GLY E 157 -10.10 -7.87 22.83
CA GLY E 157 -10.87 -9.12 22.94
C GLY E 157 -10.68 -9.84 24.27
N CYS E 158 -10.13 -9.19 25.30
CA CYS E 158 -10.05 -9.85 26.62
C CYS E 158 -11.41 -10.44 27.03
N LYS E 159 -11.44 -11.70 27.46
CA LYS E 159 -12.68 -12.39 27.79
C LYS E 159 -13.26 -11.99 29.14
N THR E 160 -12.39 -11.74 30.11
CA THR E 160 -12.80 -11.32 31.41
C THR E 160 -12.18 -9.97 31.70
N ILE E 161 -13.03 -8.99 32.03
CA ILE E 161 -12.58 -7.66 32.30
C ILE E 161 -13.18 -7.22 33.61
N VAL E 162 -12.32 -7.05 34.63
CA VAL E 162 -12.77 -6.71 35.97
C VAL E 162 -12.50 -5.26 36.26
N LEU E 163 -13.57 -4.52 36.58
CA LEU E 163 -13.43 -3.14 36.94
C LEU E 163 -13.56 -3.00 38.45
N ALA E 164 -12.49 -2.48 39.05
CA ALA E 164 -12.44 -2.22 40.47
C ALA E 164 -12.79 -0.79 40.65
N ASN E 165 -13.88 -0.54 41.37
CA ASN E 165 -14.40 0.84 41.62
C ASN E 165 -15.11 0.81 42.98
N PRO E 166 -14.50 1.46 44.00
CA PRO E 166 -15.22 1.59 45.28
C PRO E 166 -16.48 2.45 45.06
N PRO E 167 -17.65 1.97 45.51
CA PRO E 167 -18.91 2.69 45.24
C PRO E 167 -19.08 3.96 46.08
N THR E 168 -20.10 4.74 45.70
CA THR E 168 -20.61 5.82 46.57
C THR E 168 -20.97 5.24 47.93
N ARG E 169 -21.03 6.10 48.94
CA ARG E 169 -21.12 5.63 50.35
C ARG E 169 -22.40 4.82 50.70
N ASP E 170 -23.43 4.97 49.89
CA ASP E 170 -24.61 4.10 49.99
C ASP E 170 -24.45 2.74 49.28
N GLY E 171 -23.29 2.45 48.69
CA GLY E 171 -23.01 1.13 48.11
C GLY E 171 -23.33 0.94 46.64
N THR E 172 -23.90 1.96 46.00
CA THR E 172 -24.26 1.90 44.59
C THR E 172 -23.17 2.54 43.78
N THR E 173 -22.97 2.08 42.54
CA THR E 173 -21.85 2.61 41.72
C THR E 173 -22.35 3.80 40.97
N CYS E 174 -21.47 4.78 40.82
CA CYS E 174 -21.77 6.01 40.04
C CYS E 174 -22.43 5.60 38.71
N LYS E 175 -23.61 6.12 38.42
CA LYS E 175 -24.32 5.63 37.25
C LYS E 175 -23.61 5.94 35.92
N GLU E 176 -22.85 7.03 35.86
CA GLU E 176 -22.02 7.33 34.69
C GLU E 176 -20.87 6.30 34.47
N VAL E 177 -20.19 5.96 35.55
CA VAL E 177 -19.12 4.96 35.51
C VAL E 177 -19.70 3.66 34.96
N LEU E 178 -20.84 3.26 35.50
CA LEU E 178 -21.55 2.09 35.06
C LEU E 178 -21.98 2.12 33.60
N TYR E 179 -22.46 3.28 33.15
CA TYR E 179 -22.77 3.49 31.74
C TYR E 179 -21.56 3.09 30.89
N CYS E 180 -20.44 3.70 31.19
CA CYS E 180 -19.18 3.48 30.44
C CYS E 180 -18.69 2.04 30.49
N ALA E 181 -18.75 1.46 31.68
CA ALA E 181 -18.41 0.06 31.90
C ALA E 181 -19.22 -0.86 30.98
N LYS E 182 -20.51 -0.65 30.94
CA LYS E 182 -21.39 -1.50 30.13
C LYS E 182 -21.11 -1.29 28.66
N LYS E 183 -20.93 -0.06 28.27
CA LYS E 183 -20.67 0.24 26.89
C LYS E 183 -19.33 -0.32 26.36
N ALA E 184 -18.36 -0.46 27.24
CA ALA E 184 -17.04 -0.98 26.90
C ALA E 184 -16.79 -2.44 27.28
N GLY E 185 -17.84 -3.23 27.54
CA GLY E 185 -17.71 -4.69 27.69
C GLY E 185 -17.12 -5.21 28.99
N VAL E 186 -17.08 -4.34 30.00
CA VAL E 186 -16.69 -4.79 31.33
C VAL E 186 -17.60 -5.95 31.75
N THR E 187 -16.99 -7.05 32.18
CA THR E 187 -17.73 -8.24 32.55
C THR E 187 -18.07 -8.31 34.04
N HIS E 188 -17.20 -7.79 34.89
CA HIS E 188 -17.30 -7.97 36.35
C HIS E 188 -16.93 -6.67 37.04
N LEU E 189 -17.71 -6.34 38.05
CA LEU E 189 -17.54 -5.12 38.74
C LEU E 189 -17.19 -5.50 40.15
N LEU E 190 -16.04 -5.01 40.60
CA LEU E 190 -15.56 -5.25 41.95
C LEU E 190 -15.69 -3.95 42.75
N LYS E 191 -16.59 -3.96 43.72
CA LYS E 191 -16.97 -2.75 44.42
C LYS E 191 -16.05 -2.57 45.63
N ALA E 192 -14.80 -2.28 45.32
CA ALA E 192 -13.76 -2.17 46.32
C ALA E 192 -12.60 -1.41 45.77
N GLY E 193 -11.82 -0.78 46.64
CA GLY E 193 -10.71 0.07 46.24
C GLY E 193 -9.50 -0.37 47.01
N GLY E 194 -8.46 0.48 46.97
CA GLY E 194 -7.26 0.30 47.78
C GLY E 194 -6.47 -0.95 47.43
N ALA E 195 -5.48 -1.23 48.27
CA ALA E 195 -4.64 -2.42 48.16
C ALA E 195 -5.47 -3.72 48.18
N GLN E 196 -6.59 -3.72 48.89
CA GLN E 196 -7.40 -4.92 48.99
C GLN E 196 -8.05 -5.36 47.67
N ALA E 197 -8.45 -4.39 46.85
CA ALA E 197 -9.03 -4.66 45.53
C ALA E 197 -7.96 -5.20 44.57
N ILE E 198 -6.77 -4.64 44.65
CA ILE E 198 -5.67 -5.05 43.75
C ILE E 198 -5.33 -6.50 44.06
N SER E 199 -5.19 -6.83 45.35
CA SER E 199 -4.92 -8.20 45.80
C SER E 199 -6.06 -9.16 45.45
N ALA E 200 -7.29 -8.69 45.52
CA ALA E 200 -8.44 -9.49 45.15
C ALA E 200 -8.39 -9.87 43.68
N MET E 201 -8.05 -8.92 42.82
CA MET E 201 -7.87 -9.25 41.41
C MET E 201 -6.61 -10.08 41.15
N ALA E 202 -5.53 -9.77 41.84
CA ALA E 202 -4.26 -10.44 41.58
C ALA E 202 -4.27 -11.89 41.94
N TRP E 203 -4.93 -12.21 43.04
CA TRP E 203 -5.02 -13.57 43.52
C TRP E 203 -6.33 -14.24 43.14
N GLY E 204 -7.42 -13.49 42.91
CA GLY E 204 -8.76 -14.09 42.80
C GLY E 204 -9.34 -14.29 44.20
N THR E 205 -10.67 -14.24 44.33
CA THR E 205 -11.32 -14.59 45.58
C THR E 205 -12.43 -15.54 45.25
N GLU E 206 -13.27 -15.80 46.25
CA GLU E 206 -14.42 -16.66 46.08
C GLU E 206 -15.28 -16.16 44.93
N THR E 207 -15.45 -14.83 44.82
CA THR E 207 -16.28 -14.24 43.79
C THR E 207 -15.53 -13.34 42.74
N CYS E 208 -14.34 -12.85 43.06
CA CYS E 208 -13.55 -12.01 42.12
C CYS E 208 -12.71 -12.91 41.25
N PRO E 209 -12.87 -12.83 39.91
CA PRO E 209 -11.92 -13.53 39.01
C PRO E 209 -10.48 -13.11 39.26
N LYS E 210 -9.58 -14.06 39.09
CA LYS E 210 -8.14 -13.79 39.06
C LYS E 210 -7.85 -13.18 37.69
N VAL E 211 -7.08 -12.10 37.66
CA VAL E 211 -6.59 -11.46 36.41
C VAL E 211 -5.08 -11.56 36.20
N GLU E 212 -4.66 -11.45 34.94
CA GLU E 212 -3.24 -11.63 34.52
C GLU E 212 -2.45 -10.32 34.49
N LYS E 213 -3.19 -9.23 34.29
CA LYS E 213 -2.65 -7.85 34.22
C LYS E 213 -3.61 -6.85 34.84
N ILE E 214 -3.05 -5.94 35.64
CA ILE E 214 -3.79 -4.91 36.32
C ILE E 214 -3.36 -3.51 35.83
N PHE E 215 -4.36 -2.65 35.57
CA PHE E 215 -4.18 -1.30 34.99
C PHE E 215 -4.79 -0.16 35.85
N GLY E 216 -4.23 1.05 35.74
CA GLY E 216 -4.77 2.25 36.40
C GLY E 216 -4.08 2.57 37.71
N PRO E 217 -3.71 3.83 37.94
CA PRO E 217 -2.70 4.02 39.04
C PRO E 217 -3.22 4.15 40.49
N GLY E 218 -4.47 4.58 40.64
CA GLY E 218 -4.99 4.83 41.99
C GLY E 218 -4.09 5.75 42.80
N ASN E 219 -4.11 5.60 44.11
CA ASN E 219 -3.26 6.36 45.01
C ASN E 219 -1.99 5.55 45.29
N GLN E 220 -1.12 6.06 46.16
CA GLN E 220 0.20 5.44 46.42
C GLN E 220 0.09 4.06 47.04
N TYR E 221 -1.03 3.80 47.70
CA TYR E 221 -1.30 2.50 48.30
C TYR E 221 -1.66 1.46 47.27
N VAL E 222 -2.54 1.86 46.35
CA VAL E 222 -2.88 1.05 45.18
C VAL E 222 -1.64 0.77 44.32
N THR E 223 -0.80 1.79 44.14
CA THR E 223 0.39 1.67 43.35
C THR E 223 1.38 0.72 43.99
N ALA E 224 1.54 0.82 45.30
CA ALA E 224 2.43 -0.06 46.02
C ALA E 224 1.95 -1.47 45.97
N ALA E 225 0.65 -1.66 46.09
CA ALA E 225 0.10 -3.00 45.99
C ALA E 225 0.44 -3.61 44.61
N LYS E 226 0.29 -2.83 43.54
CA LYS E 226 0.64 -3.29 42.19
C LYS E 226 2.13 -3.63 42.05
N MET E 227 2.98 -2.77 42.62
CA MET E 227 4.44 -3.02 42.59
C MET E 227 4.80 -4.32 43.37
N ILE E 228 4.15 -4.58 44.50
CA ILE E 228 4.43 -5.76 45.31
C ILE E 228 3.91 -7.00 44.59
N LEU E 229 2.67 -6.95 44.16
CA LEU E 229 2.12 -8.10 43.47
C LEU E 229 2.86 -8.45 42.19
N GLN E 230 3.40 -7.47 41.47
CA GLN E 230 4.18 -7.85 40.29
C GLN E 230 5.40 -8.70 40.66
N ASN E 231 5.96 -8.51 41.84
CA ASN E 231 7.08 -9.34 42.31
C ASN E 231 6.72 -10.58 43.09
N SER E 232 5.45 -10.88 43.20
CA SER E 232 5.00 -11.99 44.03
C SER E 232 4.82 -13.26 43.15
N GLU E 233 4.22 -14.28 43.72
CA GLU E 233 3.84 -15.50 43.05
C GLU E 233 2.44 -15.44 42.48
N ALA E 234 1.79 -14.27 42.58
CA ALA E 234 0.45 -14.11 42.09
C ALA E 234 0.30 -14.34 40.58
N MET E 235 1.39 -14.23 39.80
CA MET E 235 1.36 -14.27 38.31
C MET E 235 0.42 -13.16 37.78
N VAL E 236 0.87 -11.93 37.98
CA VAL E 236 0.19 -10.73 37.54
C VAL E 236 1.22 -9.69 37.10
N SER E 237 0.94 -9.00 36.00
CA SER E 237 1.76 -7.92 35.50
C SER E 237 0.96 -6.65 35.69
N ILE E 238 1.61 -5.53 35.48
CA ILE E 238 0.96 -4.24 35.63
C ILE E 238 1.34 -3.34 34.47
N ASP E 239 0.54 -2.31 34.28
CA ASP E 239 0.76 -1.33 33.23
C ASP E 239 2.03 -0.54 33.46
N MET E 240 2.17 0.05 34.64
CA MET E 240 3.34 0.85 34.94
C MET E 240 3.31 1.24 36.39
N PRO E 241 4.46 1.57 36.99
CA PRO E 241 4.46 2.23 38.30
C PRO E 241 4.00 3.70 38.19
N ALA E 242 3.87 4.37 39.32
CA ALA E 242 3.32 5.73 39.36
C ALA E 242 3.75 6.61 40.52
N GLY E 243 3.65 7.92 40.29
CA GLY E 243 3.65 8.92 41.31
C GLY E 243 2.54 9.91 41.00
N PRO E 244 2.66 11.15 41.52
CA PRO E 244 1.61 12.15 41.23
C PRO E 244 1.51 12.49 39.74
N SER E 245 0.30 12.83 39.27
CA SER E 245 0.12 13.45 37.94
C SER E 245 0.93 14.74 37.71
N GLU E 246 1.13 15.09 36.44
CA GLU E 246 2.02 16.20 36.08
C GLU E 246 1.56 16.84 34.83
N VAL E 247 1.85 18.12 34.72
CA VAL E 247 1.86 18.79 33.42
C VAL E 247 3.10 19.66 33.32
N LEU E 248 3.63 19.80 32.11
CA LEU E 248 4.67 20.77 31.80
C LEU E 248 4.16 21.51 30.58
N VAL E 249 4.09 22.83 30.69
CA VAL E 249 3.59 23.70 29.63
C VAL E 249 4.72 24.55 29.12
N ILE E 250 4.86 24.63 27.81
CA ILE E 250 5.85 25.48 27.21
C ILE E 250 5.04 26.54 26.52
N ALA E 251 5.42 27.78 26.78
CA ALA E 251 4.72 28.94 26.24
C ALA E 251 5.76 29.89 25.73
N ASP E 252 5.47 30.57 24.61
CA ASP E 252 6.31 31.64 24.07
C ASP E 252 5.53 32.98 24.04
N LYS E 253 6.09 34.01 23.40
CA LYS E 253 5.47 35.35 23.44
C LYS E 253 4.02 35.38 22.95
N HIS E 254 3.62 34.39 22.13
CA HIS E 254 2.29 34.38 21.48
C HIS E 254 1.16 33.71 22.22
N ALA E 255 1.37 33.27 23.46
CA ALA E 255 0.35 32.52 24.21
C ALA E 255 -0.45 33.47 25.04
N ILE E 256 -1.75 33.28 25.10
CA ILE E 256 -2.60 34.14 25.91
C ILE E 256 -2.46 33.79 27.41
N PRO E 257 -1.88 34.70 28.23
CA PRO E 257 -1.65 34.44 29.63
C PRO E 257 -2.74 33.74 30.36
N SER E 258 -4.00 34.09 30.15
CA SER E 258 -5.11 33.42 30.86
C SER E 258 -5.44 31.98 30.43
N HIS E 259 -4.99 31.63 29.24
CA HIS E 259 -5.11 30.27 28.74
C HIS E 259 -4.02 29.44 29.36
N VAL E 260 -2.82 30.01 29.43
CA VAL E 260 -1.70 29.38 30.13
C VAL E 260 -2.07 29.10 31.62
N ALA E 261 -2.76 30.04 32.23
CA ALA E 261 -3.13 29.95 33.64
C ALA E 261 -4.18 28.90 33.85
N ALA E 262 -5.15 28.83 32.94
CA ALA E 262 -6.21 27.84 33.02
C ALA E 262 -5.64 26.43 32.88
N ASP E 263 -4.64 26.27 32.03
CA ASP E 263 -3.95 25.00 31.84
C ASP E 263 -3.20 24.51 33.08
N LEU E 264 -2.43 25.40 33.68
CA LEU E 264 -1.79 25.13 34.96
C LEU E 264 -2.77 24.69 36.01
N LEU E 265 -3.92 25.39 36.13
CA LEU E 265 -4.91 25.06 37.17
C LEU E 265 -5.72 23.78 36.87
N SER E 266 -5.89 23.48 35.58
CA SER E 266 -6.47 22.21 35.13
C SER E 266 -5.71 21.01 35.69
N GLN E 267 -4.38 21.04 35.64
CA GLN E 267 -3.57 19.98 36.27
C GLN E 267 -3.59 20.08 37.79
N ALA E 268 -3.35 21.30 38.29
CA ALA E 268 -3.24 21.54 39.73
C ALA E 268 -4.46 21.14 40.54
N GLU E 269 -5.65 21.15 39.95
CA GLU E 269 -6.89 20.78 40.70
C GLU E 269 -7.07 19.30 40.98
N HIS E 270 -6.24 18.41 40.41
CA HIS E 270 -6.34 16.99 40.71
C HIS E 270 -6.01 16.66 42.17
N GLY E 271 -5.12 17.44 42.79
CA GLY E 271 -4.76 17.20 44.18
C GLY E 271 -3.54 17.99 44.63
N PRO E 272 -3.31 18.03 45.95
CA PRO E 272 -2.15 18.73 46.51
C PRO E 272 -0.80 18.26 45.97
N ASP E 273 -0.70 16.98 45.57
CA ASP E 273 0.53 16.39 45.01
C ASP E 273 0.81 16.64 43.51
N SER E 274 -0.18 17.10 42.75
CA SER E 274 0.00 17.29 41.32
C SER E 274 1.13 18.23 41.05
N GLN E 275 1.94 17.87 40.07
CA GLN E 275 3.10 18.65 39.71
C GLN E 275 2.87 19.47 38.46
N VAL E 276 3.22 20.74 38.57
CA VAL E 276 3.00 21.71 37.54
C VAL E 276 4.33 22.45 37.27
N VAL E 277 4.77 22.41 36.02
CA VAL E 277 6.03 23.04 35.59
C VAL E 277 5.71 23.93 34.39
N LEU E 278 6.18 25.18 34.43
CA LEU E 278 6.01 26.12 33.33
C LEU E 278 7.38 26.46 32.70
N VAL E 279 7.51 26.24 31.40
CA VAL E 279 8.71 26.61 30.68
C VAL E 279 8.43 27.83 29.81
N ILE E 280 9.13 28.94 30.07
CA ILE E 280 9.04 30.14 29.23
C ILE E 280 10.15 30.06 28.20
N ALA E 281 9.78 30.24 26.95
CA ALA E 281 10.66 29.96 25.83
C ALA E 281 10.91 31.27 25.06
N GLY E 282 12.15 31.73 25.09
CA GLY E 282 12.49 33.00 24.47
C GLY E 282 11.93 34.21 25.22
N ASP E 283 11.75 35.30 24.46
CA ASP E 283 11.48 36.64 24.96
C ASP E 283 10.05 37.08 24.77
N GLY E 284 9.74 38.22 25.36
CA GLY E 284 8.51 38.94 25.08
C GLY E 284 7.33 38.41 25.86
N VAL E 285 7.58 37.54 26.81
CA VAL E 285 6.52 36.87 27.55
C VAL E 285 6.26 37.65 28.83
N ASP E 286 4.98 37.91 29.12
CA ASP E 286 4.56 38.59 30.34
C ASP E 286 4.23 37.60 31.44
N GLN E 287 5.29 37.15 32.10
CA GLN E 287 5.21 36.25 33.24
C GLN E 287 4.26 36.73 34.35
N ASN E 288 4.26 38.05 34.63
CA ASN E 288 3.38 38.64 35.64
C ASN E 288 1.90 38.49 35.35
N ALA E 289 1.48 38.89 34.15
CA ALA E 289 0.12 38.58 33.67
C ALA E 289 -0.28 37.10 33.89
N ILE E 290 0.58 36.17 33.46
CA ILE E 290 0.35 34.71 33.73
C ILE E 290 0.20 34.46 35.24
N GLN E 291 1.10 35.03 36.02
CA GLN E 291 1.10 34.89 37.47
C GLN E 291 -0.19 35.40 38.09
N GLU E 292 -0.57 36.62 37.70
CA GLU E 292 -1.68 37.32 38.33
C GLU E 292 -2.94 36.61 37.89
N GLU E 293 -2.94 36.15 36.65
CA GLU E 293 -4.08 35.44 36.08
C GLU E 293 -4.33 34.07 36.75
N VAL E 294 -3.26 33.34 37.09
CA VAL E 294 -3.41 32.18 37.98
C VAL E 294 -4.13 32.48 39.29
N SER E 295 -3.68 33.52 40.01
CA SER E 295 -4.31 33.96 41.28
C SER E 295 -5.81 34.18 41.16
N LYS E 296 -6.21 34.87 40.08
CA LYS E 296 -7.60 35.30 39.91
C LYS E 296 -8.50 34.09 39.69
N GLN E 297 -8.11 33.21 38.76
CA GLN E 297 -8.93 32.05 38.42
C GLN E 297 -8.97 31.09 39.58
N CYS E 298 -7.83 30.99 40.29
CA CYS E 298 -7.74 30.10 41.42
C CYS E 298 -8.72 30.42 42.55
N GLN E 299 -8.91 31.70 42.90
CA GLN E 299 -9.83 32.07 44.02
C GLN E 299 -11.30 31.64 43.77
N SER E 300 -11.71 31.56 42.49
CA SER E 300 -13.09 31.13 42.11
C SER E 300 -13.33 29.61 41.87
N LEU E 301 -12.30 28.76 41.92
CA LEU E 301 -12.46 27.31 41.74
C LEU E 301 -12.97 26.60 42.97
N PRO E 302 -13.95 25.69 42.82
CA PRO E 302 -14.40 24.89 43.95
C PRO E 302 -13.29 24.09 44.62
N ARG E 303 -12.37 23.57 43.82
CA ARG E 303 -11.16 22.88 44.32
C ARG E 303 -9.94 23.84 44.47
N GLY E 304 -10.18 25.13 44.68
CA GLY E 304 -9.11 26.12 44.85
C GLY E 304 -8.06 25.80 45.92
N GLU E 305 -8.46 25.16 47.00
CA GLU E 305 -7.52 24.79 48.08
C GLU E 305 -6.52 23.69 47.65
N PHE E 306 -7.01 22.69 46.93
CA PHE E 306 -6.16 21.64 46.35
C PHE E 306 -5.15 22.27 45.38
N ALA E 307 -5.66 23.07 44.47
CA ALA E 307 -4.84 23.70 43.45
C ALA E 307 -3.76 24.64 43.99
N ALA E 308 -4.09 25.37 45.07
CA ALA E 308 -3.13 26.29 45.70
C ALA E 308 -2.04 25.48 46.30
N LYS E 309 -2.44 24.46 47.05
CA LYS E 309 -1.50 23.49 47.60
C LYS E 309 -0.53 22.91 46.54
N ALA E 310 -1.07 22.56 45.36
CA ALA E 310 -0.29 22.05 44.26
C ALA E 310 0.66 23.10 43.72
N LEU E 311 0.12 24.28 43.46
CA LEU E 311 0.96 25.31 42.91
C LEU E 311 2.06 25.77 43.88
N SER E 312 1.92 25.56 45.18
CA SER E 312 2.98 25.99 46.10
C SER E 312 4.31 25.23 45.87
N HIS E 313 4.26 24.02 45.30
CA HIS E 313 5.46 23.29 44.89
C HIS E 313 5.59 23.20 43.36
N SER E 314 4.94 24.13 42.64
CA SER E 314 5.20 24.34 41.21
C SER E 314 6.52 25.13 40.97
N PHE E 315 6.95 25.24 39.72
CA PHE E 315 8.07 26.10 39.38
C PHE E 315 8.10 26.51 37.92
N ILE E 316 8.88 27.56 37.67
CA ILE E 316 9.03 28.17 36.38
C ILE E 316 10.46 28.01 35.89
N VAL E 317 10.62 27.88 34.59
CA VAL E 317 11.94 27.69 33.98
C VAL E 317 12.00 28.64 32.81
N HIS E 318 13.11 29.35 32.69
CA HIS E 318 13.33 30.25 31.56
C HIS E 318 14.29 29.56 30.61
N ALA E 319 13.86 29.43 29.37
CA ALA E 319 14.68 28.93 28.29
C ALA E 319 14.93 30.06 27.29
N ARG E 320 16.20 30.19 26.88
CA ARG E 320 16.56 31.22 25.90
C ARG E 320 15.86 30.97 24.55
N ASP E 321 15.65 29.71 24.18
CA ASP E 321 14.89 29.41 22.96
C ASP E 321 14.15 28.07 23.05
N MET E 322 13.44 27.72 21.98
CA MET E 322 12.55 26.56 21.98
C MET E 322 13.31 25.25 22.00
N LEU E 323 14.53 25.25 21.47
CA LEU E 323 15.38 24.08 21.55
C LEU E 323 15.75 23.76 22.99
N GLU E 324 16.23 24.76 23.72
CA GLU E 324 16.62 24.58 25.12
C GLU E 324 15.40 24.14 25.99
N ALA E 325 14.24 24.73 25.73
CA ALA E 325 13.02 24.33 26.42
C ALA E 325 12.67 22.84 26.20
N ILE E 326 12.66 22.42 24.94
CA ILE E 326 12.46 21.02 24.55
C ILE E 326 13.47 20.09 25.22
N THR E 327 14.70 20.54 25.27
CA THR E 327 15.78 19.75 25.83
C THR E 327 15.64 19.57 27.34
N PHE E 328 15.12 20.57 28.01
CA PHE E 328 14.76 20.40 29.41
C PHE E 328 13.57 19.47 29.60
N SER E 329 12.49 19.71 28.86
CA SER E 329 11.30 18.84 28.88
C SER E 329 11.69 17.38 28.62
N ASN E 330 12.53 17.14 27.63
CA ASN E 330 13.01 15.77 27.39
C ASN E 330 13.72 15.15 28.57
N MET E 331 14.49 15.94 29.33
CA MET E 331 15.13 15.48 30.58
C MET E 331 14.12 15.23 31.70
N TYR E 332 13.12 16.08 31.81
CA TYR E 332 12.11 15.94 32.88
C TYR E 332 11.15 14.76 32.66
N ALA E 333 10.77 14.55 31.39
CA ALA E 333 9.93 13.46 30.90
C ALA E 333 8.56 13.55 31.53
N PRO E 334 7.83 14.62 31.20
CA PRO E 334 6.52 14.85 31.81
C PRO E 334 5.44 13.86 31.38
N GLU E 335 4.48 13.65 32.27
CA GLU E 335 3.29 12.88 31.96
C GLU E 335 2.54 13.51 30.78
N HIS E 336 2.33 14.81 30.85
CA HIS E 336 1.54 15.56 29.91
C HIS E 336 2.40 16.72 29.51
N LEU E 337 2.54 16.95 28.21
CA LEU E 337 3.33 18.04 27.69
C LEU E 337 2.46 18.89 26.80
N ILE E 338 2.28 20.16 27.18
CA ILE E 338 1.60 21.17 26.33
C ILE E 338 2.59 22.15 25.73
N ILE E 339 2.54 22.30 24.42
CA ILE E 339 3.43 23.20 23.70
C ILE E 339 2.61 24.33 23.03
N ASN E 340 2.46 25.42 23.76
CA ASN E 340 1.71 26.54 23.30
C ASN E 340 2.70 27.55 22.76
N VAL E 341 3.13 27.28 21.55
CA VAL E 341 4.07 28.11 20.87
C VAL E 341 3.62 28.19 19.42
N LYS E 342 4.19 29.16 18.72
CA LYS E 342 3.80 29.38 17.34
C LYS E 342 4.46 28.25 16.59
N ASP E 343 3.72 27.65 15.64
CA ASP E 343 4.20 26.51 14.85
C ASP E 343 4.71 25.35 15.72
N ALA E 344 3.97 25.07 16.80
CA ALA E 344 4.27 24.00 17.75
C ALA E 344 4.55 22.68 17.04
N GLU E 345 3.77 22.42 16.01
CA GLU E 345 3.81 21.21 15.19
C GLU E 345 5.23 20.84 14.70
N LYS E 346 6.06 21.82 14.43
CA LYS E 346 7.43 21.56 13.94
C LYS E 346 8.38 20.96 14.92
N TRP E 347 8.09 21.13 16.20
CA TRP E 347 8.90 20.58 17.29
C TRP E 347 8.58 19.13 17.66
N GLU E 348 7.55 18.54 17.08
CA GLU E 348 7.14 17.18 17.40
C GLU E 348 8.28 16.19 17.27
N SER E 349 9.10 16.30 16.24
CA SER E 349 10.19 15.35 16.03
C SER E 349 11.28 15.44 17.08
N PHE E 350 11.34 16.53 17.85
CA PHE E 350 12.35 16.71 18.93
C PHE E 350 11.97 16.11 20.26
N ILE E 351 10.68 15.85 20.44
CA ILE E 351 10.19 15.37 21.70
C ILE E 351 10.64 13.91 21.83
N GLU E 352 11.32 13.57 22.92
CA GLU E 352 11.90 12.24 23.12
C GLU E 352 11.21 11.50 24.27
N ASN E 353 10.78 12.23 25.31
CA ASN E 353 10.13 11.70 26.49
C ASN E 353 8.93 12.53 26.88
N ALA E 354 7.73 11.96 26.75
CA ALA E 354 6.50 12.52 27.33
C ALA E 354 5.37 11.56 27.18
N GLY E 355 4.45 11.60 28.14
CA GLY E 355 3.33 10.67 28.06
C GLY E 355 2.41 10.98 26.89
N SER E 356 2.02 12.24 26.80
CA SER E 356 1.09 12.68 25.76
C SER E 356 1.33 14.15 25.54
N VAL E 357 1.20 14.58 24.29
CA VAL E 357 1.57 15.89 23.92
C VAL E 357 0.38 16.59 23.34
N PHE E 358 0.24 17.88 23.66
CA PHE E 358 -0.82 18.73 23.22
C PHE E 358 -0.20 19.91 22.49
N LEU E 359 -0.48 20.03 21.19
CA LEU E 359 0.23 21.00 20.34
C LEU E 359 -0.59 22.25 20.01
N GLY E 360 0.03 23.43 20.20
CA GLY E 360 -0.56 24.72 19.82
C GLY E 360 -1.50 25.30 20.87
N SER E 361 -2.43 26.14 20.44
CA SER E 361 -3.19 27.00 21.34
C SER E 361 -4.59 26.50 21.65
N TRP E 362 -5.12 25.58 20.86
CA TRP E 362 -6.50 25.13 21.02
C TRP E 362 -6.61 23.71 21.54
N THR E 363 -5.57 23.26 22.25
CA THR E 363 -5.44 21.86 22.65
C THR E 363 -5.07 21.78 24.11
N PRO E 364 -6.02 22.12 25.01
CA PRO E 364 -5.78 21.96 26.43
C PRO E 364 -5.76 20.47 26.85
N GLU E 365 -5.05 20.18 27.92
CA GLU E 365 -5.03 18.85 28.54
C GLU E 365 -6.39 18.17 28.60
N SER E 366 -7.43 18.91 28.98
CA SER E 366 -8.71 18.23 29.27
C SER E 366 -9.36 17.62 28.01
N VAL E 367 -8.95 18.08 26.85
CA VAL E 367 -9.34 17.45 25.61
C VAL E 367 -8.85 15.97 25.58
N GLY E 368 -7.62 15.77 26.06
CA GLY E 368 -7.01 14.46 26.18
C GLY E 368 -7.63 13.72 27.34
N ASP E 369 -7.87 14.39 28.44
CA ASP E 369 -8.49 13.73 29.57
C ASP E 369 -9.84 13.07 29.20
N TYR E 370 -10.61 13.66 28.28
CA TYR E 370 -12.00 13.24 28.06
C TYR E 370 -12.35 12.68 26.70
N ALA E 371 -11.89 13.29 25.61
CA ALA E 371 -12.55 13.05 24.33
C ALA E 371 -11.76 13.06 23.07
N SER E 372 -10.51 13.54 23.05
CA SER E 372 -9.75 13.48 21.80
C SER E 372 -9.61 12.08 21.24
N GLY E 373 -9.51 11.10 22.12
CA GLY E 373 -9.32 9.72 21.72
C GLY E 373 -8.07 9.15 22.28
N THR E 374 -7.11 9.97 22.69
CA THR E 374 -5.89 9.43 23.32
C THR E 374 -6.18 8.90 24.73
N ASN E 375 -5.25 8.10 25.24
CA ASN E 375 -5.37 7.55 26.56
C ASN E 375 -4.76 8.44 27.63
N HIS E 376 -5.55 8.73 28.67
CA HIS E 376 -5.07 9.53 29.76
C HIS E 376 -4.45 8.75 30.93
N VAL E 377 -4.40 7.42 30.86
CA VAL E 377 -3.63 6.63 31.80
C VAL E 377 -2.19 6.58 31.23
N LEU E 378 -1.39 7.48 31.76
CA LEU E 378 -0.12 7.88 31.25
C LEU E 378 0.98 7.76 32.31
N PRO E 379 2.23 7.53 31.89
CA PRO E 379 3.37 7.37 32.78
C PRO E 379 3.80 8.66 33.47
N THR E 380 3.82 8.60 34.79
CA THR E 380 4.24 9.72 35.66
C THR E 380 5.62 9.49 36.27
N TYR E 381 6.14 10.53 36.94
CA TYR E 381 7.33 10.42 37.83
C TYR E 381 8.65 10.25 37.08
N GLY E 382 8.69 10.61 35.79
CA GLY E 382 9.87 10.32 34.93
C GLY E 382 9.78 8.94 34.26
N TYR E 383 8.75 8.15 34.61
CA TYR E 383 8.58 6.85 33.92
C TYR E 383 8.26 6.96 32.41
N ALA E 384 7.96 8.15 31.90
CA ALA E 384 7.84 8.31 30.47
C ALA E 384 9.20 8.04 29.73
N ARG E 385 10.29 7.97 30.45
CA ARG E 385 11.56 7.62 29.86
C ARG E 385 11.60 6.21 29.27
N MET E 386 10.75 5.32 29.78
CA MET E 386 10.76 3.91 29.32
C MET E 386 9.42 3.15 29.29
N TYR E 387 8.33 3.78 29.73
CA TYR E 387 6.97 3.24 29.62
C TYR E 387 6.13 4.15 28.76
N SER E 388 5.10 3.54 28.16
CA SER E 388 4.13 4.25 27.35
C SER E 388 2.82 4.35 28.09
N GLY E 389 1.97 5.27 27.69
CA GLY E 389 0.62 5.24 28.19
C GLY E 389 -0.11 3.99 27.74
N VAL E 390 -1.20 3.70 28.42
CA VAL E 390 -1.98 2.53 28.12
C VAL E 390 -2.45 2.65 26.66
N SER E 391 -2.38 1.54 25.96
CA SER E 391 -2.83 1.49 24.59
C SER E 391 -3.38 0.12 24.30
N LEU E 392 -3.75 -0.13 23.04
CA LEU E 392 -4.20 -1.42 22.60
C LEU E 392 -3.19 -2.52 22.94
N ASP E 393 -1.93 -2.29 22.63
CA ASP E 393 -0.84 -3.21 22.92
C ASP E 393 -0.66 -3.59 24.37
N SER E 394 -1.07 -2.74 25.31
CA SER E 394 -1.06 -3.05 26.72
C SER E 394 -1.92 -4.25 27.06
N PHE E 395 -2.87 -4.53 26.19
CA PHE E 395 -3.78 -5.61 26.39
C PHE E 395 -3.52 -6.85 25.52
N LEU E 396 -2.40 -6.84 24.79
CA LEU E 396 -2.03 -7.98 23.96
C LEU E 396 -0.70 -8.59 24.38
N LYS E 397 -0.48 -9.82 23.99
CA LYS E 397 0.85 -10.42 23.90
C LYS E 397 1.04 -10.77 22.45
N TYR E 398 2.27 -10.73 22.01
CA TYR E 398 2.61 -11.07 20.65
C TYR E 398 3.35 -12.41 20.59
N ILE E 399 2.78 -13.33 19.85
CA ILE E 399 3.37 -14.64 19.67
C ILE E 399 4.09 -14.63 18.37
N THR E 400 5.34 -15.04 18.38
CA THR E 400 6.09 -15.21 17.14
C THR E 400 5.92 -16.64 16.61
N VAL E 401 5.99 -16.82 15.31
CA VAL E 401 5.62 -18.07 14.62
C VAL E 401 6.61 -18.24 13.50
N GLN E 402 7.17 -19.44 13.36
CA GLN E 402 8.05 -19.71 12.24
C GLN E 402 7.67 -21.05 11.71
N SER E 403 7.78 -21.21 10.42
CA SER E 403 7.44 -22.43 9.74
C SER E 403 8.44 -22.58 8.60
N LEU E 404 9.15 -23.70 8.56
CA LEU E 404 10.06 -24.01 7.45
C LEU E 404 9.50 -25.11 6.56
N THR E 405 9.67 -24.93 5.26
CA THR E 405 9.61 -26.03 4.30
C THR E 405 10.94 -26.80 4.36
N GLU E 406 10.96 -27.98 3.76
CA GLU E 406 12.18 -28.81 3.67
C GLU E 406 13.34 -28.05 3.05
N GLU E 407 13.07 -27.34 1.96
CA GLU E 407 14.08 -26.52 1.28
C GLU E 407 14.60 -25.38 2.16
N GLY E 408 13.70 -24.83 2.96
CA GLY E 408 14.05 -23.86 3.94
C GLY E 408 15.07 -24.39 4.92
N LEU E 409 14.77 -25.52 5.50
CA LEU E 409 15.66 -26.15 6.43
C LEU E 409 16.98 -26.54 5.82
N ARG E 410 16.96 -26.97 4.57
CA ARG E 410 18.15 -27.39 3.85
C ARG E 410 19.10 -26.22 3.77
N LYS E 411 18.59 -25.07 3.43
CA LYS E 411 19.36 -23.88 3.43
C LYS E 411 19.78 -23.28 4.77
N LEU E 412 18.84 -23.10 5.69
CA LEU E 412 19.15 -22.53 6.99
C LEU E 412 19.89 -23.39 7.94
N GLY E 413 19.55 -24.65 7.93
CA GLY E 413 20.06 -25.58 8.89
C GLY E 413 21.54 -25.73 9.08
N PRO E 414 22.32 -25.71 8.02
CA PRO E 414 23.74 -25.82 8.24
C PRO E 414 24.25 -24.66 9.02
N TYR E 415 23.76 -23.48 8.76
CA TYR E 415 24.21 -22.34 9.53
C TYR E 415 23.90 -22.52 11.02
N VAL E 416 22.73 -23.11 11.30
CA VAL E 416 22.29 -23.41 12.67
C VAL E 416 23.18 -24.49 13.31
N GLU E 417 23.50 -25.54 12.56
CA GLU E 417 24.47 -26.56 13.02
C GLU E 417 25.77 -25.91 13.51
N THR E 418 26.32 -25.02 12.68
CA THR E 418 27.57 -24.32 12.98
C THR E 418 27.46 -23.47 14.23
N MET E 419 26.42 -22.68 14.33
CA MET E 419 26.25 -21.85 15.51
C MET E 419 26.03 -22.64 16.80
N ALA E 420 25.30 -23.74 16.69
CA ALA E 420 25.05 -24.60 17.85
C ALA E 420 26.36 -25.24 18.37
N GLU E 421 27.23 -25.64 17.43
CA GLU E 421 28.53 -26.19 17.78
C GLU E 421 29.37 -25.15 18.47
N VAL E 422 29.35 -23.91 18.00
CA VAL E 422 30.09 -22.84 18.61
C VAL E 422 29.64 -22.61 20.06
N GLU E 423 28.35 -22.76 20.35
CA GLU E 423 27.83 -22.59 21.72
C GLU E 423 28.02 -23.82 22.59
N GLY E 424 28.55 -24.93 22.03
CA GLY E 424 28.64 -26.19 22.76
C GLY E 424 27.32 -26.92 23.01
N LEU E 425 26.25 -26.55 22.29
CA LEU E 425 24.92 -27.20 22.41
C LEU E 425 24.68 -28.23 21.29
N GLU E 426 25.17 -29.42 21.56
CA GLU E 426 25.19 -30.53 20.61
C GLU E 426 23.78 -31.08 20.28
N ALA E 427 22.90 -31.18 21.29
CA ALA E 427 21.53 -31.64 21.02
C ALA E 427 20.78 -30.64 20.11
N HIS E 428 21.03 -29.36 20.32
CA HIS E 428 20.50 -28.33 19.44
C HIS E 428 20.92 -28.66 18.03
N LYS E 429 22.21 -28.97 17.84
CA LYS E 429 22.70 -29.30 16.49
C LYS E 429 22.03 -30.55 15.90
N ARG E 430 21.92 -31.57 16.73
CA ARG E 430 21.39 -32.84 16.24
C ARG E 430 19.90 -32.82 15.88
N ALA E 431 19.14 -31.94 16.54
CA ALA E 431 17.74 -31.75 16.18
C ALA E 431 17.63 -31.30 14.71
N VAL E 432 18.61 -30.51 14.25
CA VAL E 432 18.70 -30.16 12.85
C VAL E 432 19.29 -31.29 12.03
N THR E 433 20.41 -31.84 12.49
CA THR E 433 21.18 -32.78 11.67
C THR E 433 20.32 -33.96 11.28
N LEU E 434 19.59 -34.45 12.24
CA LEU E 434 18.75 -35.62 12.04
C LEU E 434 17.64 -35.44 11.04
N ARG E 435 17.14 -34.21 10.94
CA ARG E 435 16.13 -33.85 9.96
C ARG E 435 16.75 -33.69 8.57
N LEU E 436 17.92 -33.08 8.54
CA LEU E 436 18.69 -32.95 7.32
C LEU E 436 19.02 -34.30 6.68
N GLN E 437 19.21 -35.34 7.48
CA GLN E 437 19.46 -36.69 6.91
C GLN E 437 18.26 -37.34 6.31
N ASP E 438 17.13 -37.30 7.01
CA ASP E 438 15.87 -37.87 6.52
C ASP E 438 15.47 -37.18 5.20
N ILE E 439 15.78 -35.89 5.08
CA ILE E 439 15.59 -35.13 3.81
C ILE E 439 16.56 -35.60 2.72
N GLU E 440 17.86 -35.60 3.05
CA GLU E 440 18.94 -36.03 2.17
C GLU E 440 18.68 -37.45 1.68
N ALA E 441 18.42 -38.35 2.63
CA ALA E 441 18.18 -39.78 2.35
C ALA E 441 16.90 -40.08 1.57
N ARG E 442 16.20 -39.05 1.10
CA ARG E 442 14.95 -39.23 0.37
C ARG E 442 14.94 -38.51 -1.02
N GLN E 443 15.66 -37.39 -1.16
CA GLN E 443 15.80 -36.71 -2.47
C GLN E 443 16.64 -37.49 -3.50
N ILE F 11 9.15 -39.79 31.92
CA ILE F 11 8.55 -41.11 32.27
C ILE F 11 7.04 -40.90 32.41
N LYS F 12 6.64 -40.06 33.37
CA LYS F 12 5.23 -39.98 33.83
C LYS F 12 4.27 -39.53 32.75
N THR F 13 3.04 -40.03 32.82
CA THR F 13 2.07 -39.90 31.72
C THR F 13 0.66 -39.65 32.22
N TYR F 14 0.00 -38.66 31.65
CA TYR F 14 -1.30 -38.22 32.11
C TYR F 14 -2.23 -38.28 30.94
N HIS F 15 -3.50 -38.56 31.22
CA HIS F 15 -4.54 -38.57 30.20
C HIS F 15 -5.59 -37.58 30.65
N LEU F 16 -5.88 -36.62 29.81
CA LEU F 16 -6.80 -35.55 30.15
C LEU F 16 -8.22 -36.12 30.29
N SER F 17 -8.53 -37.17 29.54
CA SER F 17 -9.63 -38.11 29.87
C SER F 17 -9.90 -38.34 31.37
N ASN F 18 -8.82 -38.56 32.14
CA ASN F 18 -8.86 -39.09 33.50
C ASN F 18 -8.61 -38.12 34.67
N LEU F 19 -8.38 -36.86 34.40
CA LEU F 19 -7.93 -36.00 35.47
C LEU F 19 -9.06 -35.25 36.12
N THR F 20 -8.89 -35.09 37.43
CA THR F 20 -9.69 -34.18 38.23
C THR F 20 -9.15 -32.78 37.99
N GLN F 21 -9.98 -31.77 38.30
CA GLN F 21 -9.58 -30.39 38.23
C GLN F 21 -8.32 -30.11 38.98
N THR F 22 -8.26 -30.52 40.23
CA THR F 22 -7.05 -30.33 41.01
C THR F 22 -5.85 -30.93 40.31
N GLU F 23 -6.02 -32.09 39.69
CA GLU F 23 -4.89 -32.77 39.03
C GLU F 23 -4.50 -31.97 37.81
N LEU F 24 -5.50 -31.62 36.98
CA LEU F 24 -5.27 -30.78 35.80
C LEU F 24 -4.51 -29.50 36.17
N LEU F 25 -4.99 -28.83 37.21
CA LEU F 25 -4.41 -27.57 37.62
C LEU F 25 -2.99 -27.76 38.17
N SER F 26 -2.70 -28.92 38.73
CA SER F 26 -1.36 -29.24 39.21
C SER F 26 -0.31 -29.28 38.06
N LEU F 27 -0.70 -29.80 36.90
CA LEU F 27 0.15 -29.78 35.67
C LEU F 27 0.38 -28.38 35.08
N LYS F 28 -0.53 -27.46 35.33
CA LYS F 28 -0.45 -26.10 34.77
C LYS F 28 0.64 -25.28 35.41
N SER F 29 0.90 -25.54 36.68
CA SER F 29 1.80 -24.72 37.44
C SER F 29 3.21 -25.31 37.42
N ARG F 30 4.19 -24.43 37.49
CA ARG F 30 5.57 -24.84 37.54
C ARG F 30 5.93 -25.10 38.99
N PRO F 31 6.99 -25.88 39.21
CA PRO F 31 7.45 -25.99 40.57
C PRO F 31 7.81 -24.61 41.11
N ARG F 32 7.51 -24.41 42.40
CA ARG F 32 7.92 -23.21 43.11
C ARG F 32 9.43 -23.12 43.18
N ILE F 33 9.88 -21.89 43.14
CA ILE F 33 11.27 -21.54 43.22
C ILE F 33 11.41 -20.78 44.53
N ASP F 34 12.44 -21.10 45.29
CA ASP F 34 12.76 -20.31 46.45
C ASP F 34 13.37 -18.95 46.08
N PHE F 35 12.55 -17.98 45.70
CA PHE F 35 13.12 -16.66 45.44
C PHE F 35 13.62 -15.90 46.69
N SER F 36 13.03 -16.16 47.87
CA SER F 36 13.46 -15.55 49.16
C SER F 36 14.95 -15.72 49.51
N SER F 37 15.44 -16.93 49.36
CA SER F 37 16.87 -17.24 49.51
C SER F 37 17.74 -16.52 48.47
N VAL F 38 17.21 -16.43 47.24
CA VAL F 38 17.94 -15.76 46.18
C VAL F 38 17.95 -14.27 46.51
N PHE F 39 16.84 -13.75 47.01
CA PHE F 39 16.79 -12.32 47.44
C PHE F 39 17.82 -11.95 48.51
N ASP F 40 18.03 -12.84 49.48
CA ASP F 40 18.90 -12.54 50.61
C ASP F 40 20.36 -12.48 50.18
N ILE F 41 20.70 -13.22 49.14
CA ILE F 41 22.05 -13.14 48.56
C ILE F 41 22.17 -11.87 47.68
N VAL F 42 21.15 -11.63 46.83
CA VAL F 42 21.26 -10.58 45.82
C VAL F 42 21.05 -9.17 46.37
N ASN F 43 20.16 -9.00 47.36
CA ASN F 43 19.93 -7.64 47.89
C ASN F 43 21.19 -6.87 48.34
N PRO F 44 22.08 -7.49 49.13
CA PRO F 44 23.29 -6.76 49.57
C PRO F 44 24.31 -6.48 48.48
N ILE F 45 24.43 -7.40 47.53
CA ILE F 45 25.23 -7.17 46.31
C ILE F 45 24.77 -5.92 45.57
N VAL F 46 23.46 -5.79 45.47
CA VAL F 46 22.82 -4.65 44.81
C VAL F 46 23.10 -3.35 45.55
N ASP F 47 22.82 -3.33 46.84
CA ASP F 47 23.10 -2.17 47.70
C ASP F 47 24.56 -1.74 47.67
N ASP F 48 25.47 -2.73 47.61
CA ASP F 48 26.89 -2.50 47.67
C ASP F 48 27.42 -1.84 46.40
N VAL F 49 26.99 -2.39 45.26
CA VAL F 49 27.32 -1.81 43.96
C VAL F 49 26.72 -0.41 43.82
N HIS F 50 25.54 -0.19 44.39
CA HIS F 50 24.88 1.11 44.36
C HIS F 50 25.77 2.09 45.13
N ALA F 51 26.18 1.69 46.33
CA ALA F 51 26.98 2.55 47.23
C ALA F 51 28.42 2.77 46.74
N HIS F 52 29.10 1.70 46.32
CA HIS F 52 30.56 1.74 46.10
C HIS F 52 31.07 1.60 44.66
N GLY F 53 30.15 1.44 43.70
CA GLY F 53 30.49 1.55 42.28
C GLY F 53 31.44 0.49 41.75
N ASP F 54 32.27 0.88 40.79
CA ASP F 54 33.16 -0.04 40.09
C ASP F 54 34.02 -0.96 40.98
N ALA F 55 34.36 -0.48 42.19
CA ALA F 55 35.20 -1.23 43.14
C ALA F 55 34.46 -2.42 43.74
N ALA F 56 33.19 -2.23 44.08
CA ALA F 56 32.35 -3.37 44.49
C ALA F 56 32.23 -4.38 43.35
N VAL F 57 31.99 -3.92 42.12
CA VAL F 57 31.79 -4.88 41.02
C VAL F 57 33.04 -5.76 40.89
N LYS F 58 34.22 -5.13 40.82
CA LYS F 58 35.50 -5.88 40.75
C LYS F 58 35.64 -6.95 41.84
N GLN F 59 35.21 -6.62 43.06
CA GLN F 59 35.31 -7.56 44.18
C GLN F 59 34.41 -8.78 43.96
N TYR F 60 33.20 -8.61 43.41
CA TYR F 60 32.31 -9.77 43.15
C TYR F 60 32.74 -10.58 41.94
N THR F 61 33.21 -9.93 40.89
CA THR F 61 33.84 -10.63 39.75
C THR F 61 35.06 -11.50 40.22
N SER F 62 35.82 -11.00 41.20
CA SER F 62 36.92 -11.74 41.83
C SER F 62 36.38 -12.89 42.71
N LYS F 63 35.45 -12.57 43.60
CA LYS F 63 34.85 -13.58 44.48
C LYS F 63 34.12 -14.71 43.72
N PHE F 64 33.24 -14.38 42.76
CA PHE F 64 32.36 -15.38 42.12
C PHE F 64 32.93 -15.95 40.84
N ASP F 65 33.47 -15.08 39.98
CA ASP F 65 33.97 -15.48 38.64
C ASP F 65 35.46 -15.86 38.65
N LYS F 66 36.13 -15.62 39.79
CA LYS F 66 37.58 -15.88 40.00
C LYS F 66 38.47 -15.28 38.88
N VAL F 67 38.17 -14.02 38.56
CA VAL F 67 38.89 -13.21 37.57
C VAL F 67 39.14 -11.82 38.20
N ASP F 68 40.32 -11.24 37.97
CA ASP F 68 40.63 -9.87 38.39
C ASP F 68 40.87 -8.98 37.17
N LEU F 69 40.25 -7.80 37.16
CA LEU F 69 40.20 -6.90 36.00
C LEU F 69 40.29 -5.48 36.46
N GLU F 70 40.99 -4.66 35.68
CA GLU F 70 41.05 -3.24 35.94
C GLU F 70 40.08 -2.46 35.05
N ASN F 71 39.84 -2.93 33.82
CA ASN F 71 38.86 -2.27 32.95
C ASN F 71 37.63 -3.17 32.80
N ILE F 72 36.63 -2.86 33.62
CA ILE F 72 35.32 -3.51 33.55
C ILE F 72 34.38 -2.98 32.47
N VAL F 73 34.50 -1.72 32.04
CA VAL F 73 33.74 -1.30 30.88
C VAL F 73 34.65 -0.78 29.79
N GLU F 74 34.35 -1.17 28.56
CA GLU F 74 35.12 -0.80 27.40
C GLU F 74 34.16 -0.23 26.38
N LEU F 75 34.60 0.84 25.76
CA LEU F 75 33.89 1.36 24.66
C LEU F 75 34.10 0.31 23.63
N VAL F 76 33.05 -0.10 22.97
CA VAL F 76 33.13 -1.13 21.98
C VAL F 76 33.98 -0.76 20.78
N SER F 77 33.88 0.48 20.36
CA SER F 77 34.63 0.96 19.21
C SER F 77 36.13 0.89 19.46
N ASP F 78 36.55 1.09 20.68
CA ASP F 78 38.00 0.99 20.99
C ASP F 78 38.56 -0.43 20.87
N LEU F 79 37.72 -1.45 20.97
CA LEU F 79 38.21 -2.83 20.85
C LEU F 79 38.41 -3.13 19.38
N PRO F 80 39.34 -4.07 19.08
CA PRO F 80 39.61 -4.44 17.68
C PRO F 80 38.69 -5.58 17.19
N ASP F 81 38.35 -5.52 15.91
CA ASP F 81 37.55 -6.54 15.25
C ASP F 81 38.18 -7.90 15.48
N PRO F 82 37.47 -8.83 16.15
CA PRO F 82 38.05 -10.14 16.43
C PRO F 82 38.18 -11.02 15.18
N VAL F 83 39.04 -12.04 15.23
CA VAL F 83 39.28 -12.92 14.09
C VAL F 83 38.57 -14.28 14.24
N LEU F 84 37.63 -14.50 13.35
CA LEU F 84 36.76 -15.66 13.42
C LEU F 84 37.03 -16.52 12.21
N ASP F 85 36.96 -17.85 12.39
CA ASP F 85 36.89 -18.77 11.27
C ASP F 85 35.78 -18.28 10.32
N PRO F 86 36.02 -18.33 8.99
CA PRO F 86 35.10 -17.76 8.01
C PRO F 86 33.71 -18.39 7.97
N ALA F 87 33.61 -19.70 8.20
CA ALA F 87 32.31 -20.37 8.20
C ALA F 87 31.44 -19.91 9.39
N ILE F 88 32.09 -19.62 10.51
CA ILE F 88 31.45 -19.15 11.73
C ILE F 88 30.88 -17.74 11.55
N LYS F 89 31.73 -16.87 10.99
CA LYS F 89 31.37 -15.52 10.65
C LYS F 89 30.20 -15.47 9.66
N GLU F 90 30.23 -16.29 8.62
CA GLU F 90 29.15 -16.37 7.65
C GLU F 90 27.82 -16.77 8.32
N ALA F 91 27.87 -17.76 9.21
CA ALA F 91 26.66 -18.27 9.89
C ALA F 91 26.03 -17.21 10.77
N PHE F 92 26.85 -16.46 11.51
CA PHE F 92 26.38 -15.37 12.35
C PHE F 92 25.93 -14.20 11.51
N ASP F 93 26.59 -14.00 10.37
CA ASP F 93 26.10 -13.05 9.38
C ASP F 93 24.71 -13.41 8.93
N VAL F 94 24.44 -14.67 8.61
CA VAL F 94 23.11 -15.07 8.17
C VAL F 94 22.00 -14.85 9.28
N ALA F 95 22.34 -15.19 10.52
CA ALA F 95 21.44 -14.96 11.68
C ALA F 95 21.19 -13.48 11.82
N TYR F 96 22.24 -12.66 11.68
CA TYR F 96 22.06 -11.24 11.82
C TYR F 96 21.10 -10.72 10.78
N SER F 97 21.38 -11.03 9.52
CA SER F 97 20.46 -10.64 8.43
C SER F 97 18.99 -11.04 8.67
N ASN F 98 18.76 -12.29 9.10
CA ASN F 98 17.37 -12.75 9.31
C ASN F 98 16.67 -12.11 10.53
N ILE F 99 17.40 -11.99 11.64
CA ILE F 99 16.92 -11.31 12.86
C ILE F 99 16.66 -9.83 12.60
N TYR F 100 17.56 -9.17 11.87
CA TYR F 100 17.33 -7.80 11.43
C TYR F 100 16.04 -7.61 10.62
N ALA F 101 15.81 -8.45 9.60
CA ALA F 101 14.66 -8.27 8.72
C ALA F 101 13.32 -8.54 9.45
N PHE F 102 13.34 -9.53 10.33
CA PHE F 102 12.17 -9.86 11.13
C PHE F 102 11.80 -8.72 12.10
N HIS F 103 12.80 -8.15 12.78
CA HIS F 103 12.55 -7.03 13.68
C HIS F 103 12.26 -5.70 13.01
N ALA F 104 12.93 -5.42 11.90
CA ALA F 104 12.64 -4.22 11.08
C ALA F 104 11.22 -4.19 10.60
N ALA F 105 10.65 -5.36 10.29
CA ALA F 105 9.32 -5.42 9.75
C ALA F 105 8.23 -5.10 10.81
N GLN F 106 8.62 -4.91 12.08
CA GLN F 106 7.71 -4.58 13.17
C GLN F 106 7.48 -3.07 13.34
N LYS F 107 8.18 -2.23 12.58
CA LYS F 107 7.97 -0.78 12.67
C LYS F 107 6.50 -0.43 12.47
N SER F 108 5.98 0.45 13.33
CA SER F 108 4.60 0.90 13.26
C SER F 108 4.40 2.05 12.26
N PRO F 109 3.32 2.00 11.47
CA PRO F 109 2.97 3.20 10.74
C PRO F 109 2.39 4.18 11.77
N GLU F 110 2.65 5.45 11.57
CA GLU F 110 2.23 6.48 12.50
C GLU F 110 1.13 7.27 11.81
N LYS F 111 0.09 6.53 11.44
CA LYS F 111 -1.04 7.07 10.71
C LYS F 111 -1.82 8.00 11.62
N SER F 112 -2.05 9.22 11.20
CA SER F 112 -2.79 10.13 12.04
C SER F 112 -4.28 9.86 11.97
N VAL F 113 -4.98 10.13 13.06
CA VAL F 113 -6.39 9.77 13.21
C VAL F 113 -7.21 11.06 13.39
N GLU F 114 -8.25 11.19 12.55
CA GLU F 114 -9.11 12.36 12.52
C GLU F 114 -10.58 11.93 12.48
N ASN F 115 -11.12 11.56 13.64
CA ASN F 115 -12.50 11.05 13.78
C ASN F 115 -13.58 12.15 13.77
N MET F 116 -13.16 13.36 14.10
CA MET F 116 -13.92 14.58 13.92
C MET F 116 -12.95 15.53 13.27
N LYS F 117 -13.44 16.36 12.34
CA LYS F 117 -12.58 17.27 11.60
C LYS F 117 -11.99 18.29 12.52
N GLY F 118 -10.70 18.54 12.37
CA GLY F 118 -10.02 19.43 13.22
C GLY F 118 -9.54 18.84 14.53
N VAL F 119 -9.67 17.53 14.73
CA VAL F 119 -9.13 16.82 15.91
C VAL F 119 -8.17 15.75 15.41
N GLN F 120 -6.87 16.06 15.39
CA GLN F 120 -5.88 15.18 14.81
C GLN F 120 -5.09 14.55 15.91
N CYS F 121 -4.99 13.21 15.91
CA CYS F 121 -4.28 12.46 16.91
C CYS F 121 -3.37 11.40 16.27
N LYS F 122 -2.26 11.12 16.94
CA LYS F 122 -1.39 10.07 16.50
C LYS F 122 -0.61 9.47 17.66
N ARG F 123 0.04 8.34 17.42
CA ARG F 123 0.89 7.68 18.38
C ARG F 123 2.18 7.47 17.64
N VAL F 124 3.26 7.96 18.19
CA VAL F 124 4.57 7.93 17.53
C VAL F 124 5.59 7.25 18.39
N ALA F 125 6.50 6.55 17.75
CA ALA F 125 7.55 5.81 18.42
C ALA F 125 8.78 6.67 18.73
N ARG F 126 9.30 6.55 19.93
CA ARG F 126 10.60 7.12 20.28
C ARG F 126 11.40 6.04 20.98
N SER F 127 12.69 5.99 20.71
CA SER F 127 13.51 4.95 21.29
C SER F 127 13.82 5.21 22.78
N ILE F 128 14.02 4.14 23.55
CA ILE F 128 14.48 4.24 24.92
C ILE F 128 15.98 4.59 24.81
N ASN F 129 16.41 5.61 25.55
CA ASN F 129 17.67 6.26 25.30
C ASN F 129 18.86 5.42 25.65
N SER F 130 18.81 4.71 26.77
CA SER F 130 19.83 3.78 27.15
C SER F 130 19.27 2.47 27.70
N VAL F 131 19.84 1.39 27.21
CA VAL F 131 19.39 0.05 27.53
C VAL F 131 20.57 -0.80 27.88
N GLY F 132 20.33 -1.77 28.77
CA GLY F 132 21.29 -2.79 29.09
C GLY F 132 20.82 -4.18 28.74
N LEU F 133 21.76 -5.00 28.30
CA LEU F 133 21.45 -6.33 27.76
C LEU F 133 22.35 -7.31 28.49
N TYR F 134 21.75 -8.34 29.05
CA TYR F 134 22.49 -9.34 29.81
C TYR F 134 22.70 -10.63 29.00
N VAL F 135 23.96 -10.95 28.77
CA VAL F 135 24.33 -12.20 28.09
C VAL F 135 25.21 -13.00 29.03
N PRO F 136 24.69 -14.16 29.53
CA PRO F 136 25.54 -15.02 30.39
C PRO F 136 26.90 -15.30 29.77
N GLY F 137 27.92 -15.49 30.62
CA GLY F 137 29.31 -15.78 30.15
C GLY F 137 30.08 -16.72 31.05
N GLY F 138 31.27 -16.32 31.46
CA GLY F 138 32.25 -17.23 32.08
C GLY F 138 32.65 -18.25 31.03
N THR F 139 32.20 -19.48 31.21
CA THR F 139 32.40 -20.53 30.23
C THR F 139 31.22 -20.69 29.26
N ALA F 140 30.08 -20.06 29.52
CA ALA F 140 28.96 -20.03 28.55
C ALA F 140 29.32 -19.17 27.35
N VAL F 141 28.95 -19.63 26.16
CA VAL F 141 29.26 -18.97 24.89
C VAL F 141 27.91 -18.70 24.21
N LEU F 142 27.41 -17.47 24.30
CA LEU F 142 26.02 -17.14 23.90
C LEU F 142 25.85 -15.97 22.93
N PRO F 143 26.56 -16.04 21.78
CA PRO F 143 26.46 -14.98 20.79
C PRO F 143 25.07 -14.80 20.20
N SER F 144 24.32 -15.89 20.06
CA SER F 144 22.93 -15.79 19.61
C SER F 144 22.13 -14.81 20.50
N THR F 145 22.29 -14.94 21.81
CA THR F 145 21.58 -14.10 22.76
C THR F 145 22.01 -12.64 22.64
N ALA F 146 23.28 -12.43 22.31
CA ALA F 146 23.75 -11.07 22.05
C ALA F 146 23.03 -10.47 20.88
N LEU F 147 22.86 -11.25 19.81
CA LEU F 147 22.12 -10.79 18.63
C LEU F 147 20.65 -10.49 18.95
N MET F 148 20.00 -11.37 19.70
CA MET F 148 18.61 -11.26 20.01
C MET F 148 18.28 -9.94 20.70
N LEU F 149 19.11 -9.57 21.65
CA LEU F 149 18.94 -8.36 22.45
C LEU F 149 19.46 -7.13 21.70
N ALA F 150 20.65 -7.26 21.13
CA ALA F 150 21.27 -6.10 20.48
C ALA F 150 20.64 -5.63 19.16
N VAL F 151 20.19 -6.56 18.32
CA VAL F 151 19.65 -6.19 17.04
C VAL F 151 18.41 -5.32 17.15
N PRO F 152 17.43 -5.70 17.97
CA PRO F 152 16.29 -4.77 18.03
C PRO F 152 16.67 -3.41 18.62
N ALA F 153 17.62 -3.39 19.56
CA ALA F 153 18.10 -2.10 20.15
C ALA F 153 18.68 -1.19 19.12
N GLN F 154 19.46 -1.76 18.21
CA GLN F 154 20.04 -1.05 17.11
C GLN F 154 18.97 -0.49 16.18
N ILE F 155 18.02 -1.32 15.81
CA ILE F 155 16.95 -0.90 14.92
C ILE F 155 16.12 0.24 15.55
N ALA F 156 15.86 0.16 16.84
CA ALA F 156 15.07 1.19 17.48
C ALA F 156 15.80 2.50 17.60
N GLY F 157 17.13 2.51 17.51
CA GLY F 157 17.90 3.73 17.66
C GLY F 157 18.35 4.09 19.09
N CYS F 158 18.26 3.16 20.04
CA CYS F 158 18.82 3.40 21.38
C CYS F 158 20.29 3.92 21.26
N LYS F 159 20.62 4.96 22.03
CA LYS F 159 21.89 5.70 21.90
C LYS F 159 23.00 5.11 22.69
N THR F 160 22.67 4.65 23.90
CA THR F 160 23.56 3.86 24.73
C THR F 160 22.99 2.43 24.89
N ILE F 161 23.81 1.45 24.50
CA ILE F 161 23.46 0.06 24.59
C ILE F 161 24.59 -0.63 25.33
N VAL F 162 24.38 -0.99 26.58
CA VAL F 162 25.36 -1.66 27.39
C VAL F 162 25.11 -3.14 27.38
N LEU F 163 26.15 -3.92 27.03
CA LEU F 163 26.05 -5.37 27.06
C LEU F 163 26.89 -5.89 28.17
N ALA F 164 26.23 -6.48 29.16
CA ALA F 164 26.87 -7.18 30.26
C ALA F 164 27.12 -8.62 29.88
N ASN F 165 28.39 -9.01 29.87
CA ASN F 165 28.84 -10.34 29.55
C ASN F 165 30.02 -10.62 30.49
N PRO F 166 29.82 -11.46 31.53
CA PRO F 166 30.97 -11.68 32.45
C PRO F 166 32.10 -12.37 31.68
N PRO F 167 33.38 -12.04 31.99
CA PRO F 167 34.46 -12.46 31.14
C PRO F 167 34.86 -13.91 31.34
N THR F 168 35.70 -14.40 30.41
CA THR F 168 36.33 -15.72 30.51
C THR F 168 37.44 -15.73 31.58
N ARG F 169 37.90 -16.93 31.95
CA ARG F 169 38.82 -17.16 33.09
C ARG F 169 40.09 -16.31 33.02
N ASP F 170 40.61 -16.16 31.82
CA ASP F 170 41.79 -15.32 31.57
C ASP F 170 41.47 -13.84 31.32
N GLY F 171 40.27 -13.39 31.70
CA GLY F 171 39.89 -11.98 31.59
C GLY F 171 39.46 -11.44 30.23
N THR F 172 39.39 -12.29 29.23
CA THR F 172 39.01 -11.83 27.89
C THR F 172 37.52 -12.05 27.67
N THR F 173 36.95 -11.30 26.72
CA THR F 173 35.54 -11.51 26.33
C THR F 173 35.46 -12.46 25.15
N CYS F 174 34.54 -13.43 25.21
CA CYS F 174 34.25 -14.34 24.09
C CYS F 174 34.28 -13.62 22.74
N LYS F 175 35.06 -14.13 21.80
CA LYS F 175 35.22 -13.41 20.52
C LYS F 175 33.94 -13.38 19.65
N GLU F 176 33.15 -14.45 19.69
CA GLU F 176 31.96 -14.54 18.86
C GLU F 176 30.87 -13.61 19.38
N VAL F 177 30.85 -13.43 20.71
CA VAL F 177 30.02 -12.45 21.33
C VAL F 177 30.45 -11.05 20.91
N LEU F 178 31.73 -10.74 21.07
CA LEU F 178 32.21 -9.43 20.68
C LEU F 178 31.93 -9.16 19.20
N TYR F 179 32.01 -10.18 18.34
CA TYR F 179 31.70 -9.99 16.92
C TYR F 179 30.25 -9.54 16.68
N CYS F 180 29.31 -10.32 17.17
CA CYS F 180 27.87 -9.96 17.15
C CYS F 180 27.56 -8.60 17.81
N ALA F 181 28.23 -8.28 18.93
CA ALA F 181 28.06 -6.94 19.57
C ALA F 181 28.51 -5.74 18.70
N LYS F 182 29.61 -5.91 17.96
CA LYS F 182 30.02 -4.93 16.93
C LYS F 182 29.03 -4.79 15.77
N LYS F 183 28.50 -5.90 15.28
CA LYS F 183 27.61 -5.85 14.14
C LYS F 183 26.27 -5.15 14.51
N ALA F 184 25.86 -5.32 15.75
CA ALA F 184 24.62 -4.73 16.21
C ALA F 184 24.78 -3.36 16.88
N GLY F 185 25.98 -2.78 16.86
CA GLY F 185 26.13 -1.42 17.39
C GLY F 185 26.05 -1.25 18.90
N VAL F 186 26.36 -2.30 19.64
CA VAL F 186 26.53 -2.16 21.09
C VAL F 186 27.58 -1.07 21.30
N THR F 187 27.25 -0.11 22.14
CA THR F 187 28.17 0.99 22.41
C THR F 187 29.14 0.70 23.56
N HIS F 188 28.73 -0.09 24.55
CA HIS F 188 29.58 -0.38 25.74
C HIS F 188 29.55 -1.84 26.15
N LEU F 189 30.70 -2.35 26.60
CA LEU F 189 30.78 -3.71 27.13
C LEU F 189 31.08 -3.70 28.62
N LEU F 190 30.16 -4.26 29.42
CA LEU F 190 30.33 -4.39 30.88
C LEU F 190 30.83 -5.79 31.21
N LYS F 191 32.11 -5.91 31.54
CA LYS F 191 32.73 -7.21 31.79
C LYS F 191 32.48 -7.69 33.22
N ALA F 192 31.22 -8.06 33.45
CA ALA F 192 30.73 -8.45 34.75
C ALA F 192 29.42 -9.22 34.57
N GLY F 193 29.01 -9.96 35.58
CA GLY F 193 27.77 -10.75 35.49
C GLY F 193 27.07 -10.69 36.82
N GLY F 194 26.13 -11.60 37.01
CA GLY F 194 25.41 -11.69 38.26
C GLY F 194 24.59 -10.45 38.60
N ALA F 195 24.14 -10.41 39.84
CA ALA F 195 23.48 -9.24 40.41
C ALA F 195 24.32 -7.95 40.32
N GLN F 196 25.65 -8.10 40.37
CA GLN F 196 26.54 -6.92 40.39
C GLN F 196 26.49 -6.13 39.10
N ALA F 197 26.43 -6.87 37.98
CA ALA F 197 26.27 -6.31 36.62
C ALA F 197 24.94 -5.58 36.46
N ILE F 198 23.88 -6.18 37.00
CA ILE F 198 22.53 -5.61 36.90
C ILE F 198 22.48 -4.29 37.64
N SER F 199 23.03 -4.29 38.86
CA SER F 199 23.12 -3.05 39.71
C SER F 199 23.95 -1.94 39.03
N ALA F 200 25.11 -2.30 38.49
CA ALA F 200 25.95 -1.38 37.74
C ALA F 200 25.17 -0.65 36.65
N MET F 201 24.39 -1.41 35.88
CA MET F 201 23.61 -0.84 34.79
C MET F 201 22.43 -0.04 35.32
N ALA F 202 21.75 -0.57 36.32
CA ALA F 202 20.57 0.11 36.82
C ALA F 202 20.86 1.44 37.50
N TRP F 203 21.89 1.48 38.33
CA TRP F 203 22.34 2.70 39.01
C TRP F 203 23.38 3.46 38.20
N GLY F 204 24.13 2.77 37.34
CA GLY F 204 25.34 3.39 36.75
C GLY F 204 26.49 3.35 37.73
N THR F 205 27.71 3.46 37.22
CA THR F 205 28.91 3.59 38.06
C THR F 205 29.78 4.73 37.53
N GLU F 206 31.02 4.81 38.04
CA GLU F 206 31.98 5.80 37.59
C GLU F 206 32.21 5.57 36.11
N THR F 207 32.21 4.30 35.67
CA THR F 207 32.39 3.97 34.25
C THR F 207 31.17 3.40 33.51
N CYS F 208 30.28 2.68 34.19
CA CYS F 208 29.15 2.04 33.52
C CYS F 208 28.02 3.03 33.35
N PRO F 209 27.61 3.32 32.09
CA PRO F 209 26.42 4.17 31.96
C PRO F 209 25.16 3.63 32.72
N LYS F 210 24.36 4.54 33.26
CA LYS F 210 23.03 4.20 33.77
C LYS F 210 22.04 3.92 32.58
N VAL F 211 21.35 2.77 32.64
CA VAL F 211 20.38 2.41 31.63
C VAL F 211 18.95 2.53 32.20
N GLU F 212 18.01 2.74 31.28
CA GLU F 212 16.61 2.93 31.62
C GLU F 212 15.83 1.64 31.70
N LYS F 213 16.28 0.63 30.98
CA LYS F 213 15.60 -0.66 30.93
C LYS F 213 16.62 -1.78 30.72
N ILE F 214 16.41 -2.91 31.41
CA ILE F 214 17.34 -4.06 31.33
C ILE F 214 16.70 -5.34 30.73
N PHE F 215 17.46 -5.99 29.84
CA PHE F 215 16.99 -7.13 29.05
C PHE F 215 17.82 -8.36 29.24
N GLY F 216 17.17 -9.53 29.23
CA GLY F 216 17.87 -10.81 29.40
C GLY F 216 17.64 -11.47 30.74
N PRO F 217 17.20 -12.73 30.76
CA PRO F 217 16.87 -13.35 32.08
C PRO F 217 18.08 -13.77 32.95
N GLY F 218 19.20 -14.13 32.31
CA GLY F 218 20.35 -14.68 33.04
C GLY F 218 19.93 -15.87 33.87
N ASN F 219 20.59 -16.10 34.99
CA ASN F 219 20.14 -17.10 35.95
C ASN F 219 19.22 -16.46 37.02
N GLN F 220 18.91 -17.22 38.05
CA GLN F 220 17.93 -16.79 39.04
C GLN F 220 18.42 -15.60 39.90
N TYR F 221 19.74 -15.44 39.99
CA TYR F 221 20.36 -14.31 40.69
C TYR F 221 20.23 -13.00 39.91
N VAL F 222 20.46 -13.07 38.61
CA VAL F 222 20.27 -11.95 37.69
C VAL F 222 18.78 -11.50 37.70
N THR F 223 17.91 -12.48 37.58
CA THR F 223 16.49 -12.24 37.47
C THR F 223 15.99 -11.68 38.77
N ALA F 224 16.50 -12.19 39.89
CA ALA F 224 16.13 -11.61 41.19
C ALA F 224 16.61 -10.18 41.31
N ALA F 225 17.85 -9.92 40.90
CA ALA F 225 18.35 -8.55 40.89
C ALA F 225 17.46 -7.60 40.11
N LYS F 226 17.01 -8.03 38.94
CA LYS F 226 16.17 -7.25 38.06
C LYS F 226 14.80 -6.98 38.70
N MET F 227 14.26 -8.02 39.31
CA MET F 227 12.96 -7.90 39.99
C MET F 227 13.05 -6.88 41.12
N ILE F 228 14.10 -6.96 41.93
CA ILE F 228 14.32 -6.01 43.00
C ILE F 228 14.50 -4.60 42.49
N LEU F 229 15.30 -4.42 41.45
CA LEU F 229 15.56 -3.07 40.97
C LEU F 229 14.38 -2.36 40.28
N GLN F 230 13.48 -3.09 39.64
CA GLN F 230 12.37 -2.45 39.00
C GLN F 230 11.44 -1.74 40.00
N ASN F 231 11.35 -2.31 41.22
CA ASN F 231 10.60 -1.69 42.31
C ASN F 231 11.48 -0.78 43.16
N SER F 232 12.75 -0.61 42.84
CA SER F 232 13.62 0.33 43.56
C SER F 232 13.48 1.78 43.05
N GLU F 233 14.30 2.67 43.60
CA GLU F 233 14.40 4.07 43.19
C GLU F 233 15.43 4.29 42.06
N ALA F 234 16.05 3.22 41.54
CA ALA F 234 17.00 3.35 40.41
C ALA F 234 16.36 3.83 39.11
N MET F 235 15.04 3.73 38.98
CA MET F 235 14.33 4.20 37.80
C MET F 235 14.69 3.32 36.57
N VAL F 236 14.35 2.03 36.64
CA VAL F 236 14.70 1.08 35.58
C VAL F 236 13.52 0.12 35.39
N SER F 237 13.21 -0.26 34.15
CA SER F 237 12.17 -1.28 33.88
C SER F 237 12.90 -2.48 33.41
N ILE F 238 12.16 -3.59 33.31
CA ILE F 238 12.72 -4.84 32.76
C ILE F 238 11.84 -5.43 31.68
N ASP F 239 12.44 -6.30 30.88
CA ASP F 239 11.71 -6.98 29.81
C ASP F 239 10.62 -7.88 30.36
N MET F 240 10.96 -8.71 31.35
CA MET F 240 10.02 -9.66 31.93
C MET F 240 10.65 -10.40 33.11
N PRO F 241 9.83 -10.86 34.05
CA PRO F 241 10.30 -11.82 35.04
C PRO F 241 10.57 -13.16 34.35
N ALA F 242 11.10 -14.12 35.07
CA ALA F 242 11.59 -15.38 34.50
C ALA F 242 11.70 -16.53 35.48
N GLY F 243 11.55 -17.74 34.95
CA GLY F 243 11.97 -18.95 35.59
C GLY F 243 12.78 -19.75 34.57
N PRO F 244 12.86 -21.07 34.74
CA PRO F 244 13.58 -21.95 33.80
C PRO F 244 12.93 -22.06 32.42
N SER F 245 13.74 -22.38 31.40
CA SER F 245 13.25 -22.48 30.02
C SER F 245 12.42 -23.72 29.81
N GLU F 246 11.62 -23.74 28.77
CA GLU F 246 10.65 -24.83 28.60
C GLU F 246 10.31 -25.03 27.17
N VAL F 247 9.89 -26.24 26.86
CA VAL F 247 9.33 -26.59 25.54
C VAL F 247 8.14 -27.43 25.81
N LEU F 248 7.15 -27.31 24.93
CA LEU F 248 6.02 -28.23 24.94
C LEU F 248 5.85 -28.65 23.51
N VAL F 249 5.95 -29.96 23.26
CA VAL F 249 5.86 -30.49 21.92
C VAL F 249 4.55 -31.22 21.80
N ILE F 250 3.75 -30.82 20.82
CA ILE F 250 2.57 -31.59 20.41
C ILE F 250 2.91 -32.48 19.20
N ALA F 251 2.56 -33.76 19.32
CA ALA F 251 2.85 -34.75 18.28
C ALA F 251 1.68 -35.66 18.00
N ASP F 252 1.41 -35.90 16.73
CA ASP F 252 0.37 -36.83 16.31
C ASP F 252 1.08 -38.04 15.69
N LYS F 253 0.31 -38.97 15.11
CA LYS F 253 0.88 -40.20 14.52
C LYS F 253 1.74 -40.02 13.28
N HIS F 254 1.69 -38.85 12.67
CA HIS F 254 2.52 -38.51 11.50
C HIS F 254 3.89 -37.97 11.91
N ALA F 255 4.07 -37.63 13.18
CA ALA F 255 5.36 -37.17 13.67
C ALA F 255 6.38 -38.31 13.70
N ILE F 256 7.59 -38.05 13.18
CA ILE F 256 8.68 -39.03 13.22
C ILE F 256 9.28 -39.16 14.65
N PRO F 257 9.12 -40.33 15.28
CA PRO F 257 9.50 -40.39 16.71
C PRO F 257 10.93 -39.96 17.06
N SER F 258 11.88 -40.19 16.17
CA SER F 258 13.24 -39.78 16.46
C SER F 258 13.47 -38.27 16.42
N HIS F 259 12.62 -37.60 15.65
CA HIS F 259 12.70 -36.15 15.53
C HIS F 259 12.06 -35.49 16.78
N VAL F 260 10.96 -36.08 17.22
CA VAL F 260 10.31 -35.67 18.45
C VAL F 260 11.31 -35.78 19.61
N ALA F 261 11.96 -36.95 19.71
CA ALA F 261 12.93 -37.20 20.75
C ALA F 261 14.03 -36.16 20.75
N ALA F 262 14.55 -35.89 19.56
CA ALA F 262 15.66 -34.97 19.44
C ALA F 262 15.27 -33.58 19.97
N ASP F 263 14.06 -33.17 19.60
CA ASP F 263 13.50 -31.94 20.11
C ASP F 263 13.39 -31.86 21.63
N LEU F 264 12.94 -32.94 22.25
CA LEU F 264 12.90 -32.99 23.71
C LEU F 264 14.31 -32.83 24.31
N LEU F 265 15.30 -33.50 23.71
CA LEU F 265 16.67 -33.41 24.22
C LEU F 265 17.29 -32.02 24.06
N SER F 266 16.99 -31.43 22.92
CA SER F 266 17.40 -30.10 22.62
C SER F 266 17.08 -29.12 23.76
N GLN F 267 15.87 -29.17 24.29
CA GLN F 267 15.52 -28.28 25.38
C GLN F 267 16.21 -28.71 26.68
N ALA F 268 16.24 -30.02 26.88
CA ALA F 268 16.76 -30.63 28.08
C ALA F 268 18.20 -30.23 28.38
N GLU F 269 18.99 -29.91 27.37
CA GLU F 269 20.41 -29.69 27.60
C GLU F 269 20.67 -28.28 28.05
N HIS F 270 19.64 -27.46 28.18
CA HIS F 270 19.83 -26.14 28.72
C HIS F 270 20.15 -26.22 30.21
N GLY F 271 19.58 -27.19 30.92
CA GLY F 271 19.94 -27.38 32.31
C GLY F 271 18.97 -28.22 33.09
N PRO F 272 19.38 -28.61 34.30
CA PRO F 272 18.59 -29.58 35.03
C PRO F 272 17.18 -29.12 35.36
N ASP F 273 16.96 -27.80 35.43
CA ASP F 273 15.63 -27.28 35.72
C ASP F 273 14.74 -27.09 34.51
N SER F 274 15.31 -27.17 33.30
CA SER F 274 14.54 -27.04 32.06
C SER F 274 13.36 -27.95 32.05
N GLN F 275 12.22 -27.41 31.64
CA GLN F 275 11.01 -28.13 31.62
C GLN F 275 10.70 -28.64 30.23
N VAL F 276 10.39 -29.92 30.11
CA VAL F 276 10.12 -30.59 28.84
C VAL F 276 8.80 -31.34 28.97
N VAL F 277 7.83 -31.01 28.11
CA VAL F 277 6.48 -31.58 28.13
C VAL F 277 6.15 -32.09 26.75
N LEU F 278 5.62 -33.31 26.68
CA LEU F 278 5.21 -33.90 25.44
C LEU F 278 3.69 -34.11 25.50
N VAL F 279 2.97 -33.55 24.54
CA VAL F 279 1.56 -33.78 24.43
C VAL F 279 1.31 -34.63 23.22
N ILE F 280 0.70 -35.80 23.40
CA ILE F 280 0.38 -36.66 22.29
C ILE F 280 -1.08 -36.46 21.94
N ALA F 281 -1.32 -36.09 20.69
CA ALA F 281 -2.65 -35.75 20.20
C ALA F 281 -3.27 -36.93 19.46
N GLY F 282 -4.31 -37.51 20.07
CA GLY F 282 -5.06 -38.62 19.46
C GLY F 282 -4.40 -39.98 19.39
N ASP F 283 -4.95 -40.81 18.49
CA ASP F 283 -4.64 -42.22 18.38
C ASP F 283 -3.45 -42.50 17.47
N GLY F 284 -2.88 -43.69 17.63
CA GLY F 284 -1.79 -44.17 16.84
C GLY F 284 -0.39 -43.67 17.00
N VAL F 285 -0.06 -43.09 18.14
CA VAL F 285 1.26 -42.57 18.32
C VAL F 285 2.06 -43.56 19.10
N ASP F 286 3.24 -43.87 18.63
CA ASP F 286 4.08 -44.82 19.29
C ASP F 286 4.83 -44.19 20.41
N GLN F 287 4.15 -43.98 21.51
CA GLN F 287 4.78 -43.45 22.72
C GLN F 287 6.05 -44.19 23.13
N ASN F 288 6.05 -45.51 22.97
CA ASN F 288 7.24 -46.28 23.35
C ASN F 288 8.41 -45.97 22.42
N ALA F 289 8.17 -45.86 21.13
CA ALA F 289 9.25 -45.60 20.17
C ALA F 289 9.91 -44.25 20.48
N ILE F 290 9.09 -43.27 20.82
CA ILE F 290 9.61 -41.95 21.22
C ILE F 290 10.45 -42.06 22.49
N GLN F 291 9.91 -42.76 23.49
CA GLN F 291 10.61 -42.87 24.77
C GLN F 291 11.94 -43.63 24.58
N GLU F 292 11.92 -44.69 23.75
CA GLU F 292 13.17 -45.41 23.45
C GLU F 292 14.14 -44.49 22.71
N GLU F 293 13.62 -43.69 21.82
CA GLU F 293 14.47 -42.87 20.99
C GLU F 293 15.10 -41.73 21.82
N VAL F 294 14.37 -41.23 22.80
CA VAL F 294 14.93 -40.32 23.81
C VAL F 294 16.12 -40.96 24.54
N SER F 295 15.94 -42.17 25.08
CA SER F 295 17.03 -42.93 25.74
C SER F 295 18.28 -43.16 24.88
N LYS F 296 18.10 -43.60 23.63
CA LYS F 296 19.25 -43.91 22.78
C LYS F 296 19.95 -42.61 22.47
N GLN F 297 19.17 -41.57 22.15
CA GLN F 297 19.78 -40.29 21.82
C GLN F 297 20.40 -39.61 23.03
N CYS F 298 19.85 -39.81 24.22
CA CYS F 298 20.42 -39.23 25.41
C CYS F 298 21.74 -39.92 25.76
N GLN F 299 21.82 -41.22 25.49
CA GLN F 299 23.05 -42.00 25.73
C GLN F 299 24.12 -41.54 24.72
N SER F 300 23.77 -41.42 23.44
CA SER F 300 24.68 -40.89 22.42
C SER F 300 25.19 -39.43 22.60
N LEU F 301 24.62 -38.66 23.54
CA LEU F 301 25.06 -37.29 23.79
C LEU F 301 26.22 -37.26 24.75
N PRO F 302 27.32 -36.59 24.37
CA PRO F 302 28.46 -36.45 25.31
C PRO F 302 28.06 -35.94 26.71
N ARG F 303 27.15 -34.96 26.76
CA ARG F 303 26.68 -34.43 28.03
C ARG F 303 25.24 -34.89 28.37
N GLY F 304 24.84 -36.05 27.86
CA GLY F 304 23.49 -36.62 28.11
C GLY F 304 23.07 -36.88 29.55
N GLU F 305 24.01 -37.33 30.38
CA GLU F 305 23.76 -37.47 31.82
C GLU F 305 23.31 -36.13 32.40
N PHE F 306 23.86 -35.04 31.90
CA PHE F 306 23.40 -33.73 32.32
C PHE F 306 21.91 -33.45 31.84
N ALA F 307 21.59 -33.78 30.59
CA ALA F 307 20.22 -33.59 30.07
C ALA F 307 19.20 -34.55 30.66
N ALA F 308 19.67 -35.72 31.12
CA ALA F 308 18.81 -36.74 31.74
C ALA F 308 18.19 -36.25 33.04
N LYS F 309 18.88 -35.34 33.72
CA LYS F 309 18.36 -34.69 34.89
C LYS F 309 17.09 -33.84 34.63
N ALA F 310 17.08 -32.96 33.60
CA ALA F 310 15.83 -32.28 33.17
C ALA F 310 14.78 -33.29 32.77
N LEU F 311 15.18 -34.31 32.02
CA LEU F 311 14.24 -35.36 31.65
C LEU F 311 13.63 -36.08 32.82
N SER F 312 14.33 -36.16 33.94
CA SER F 312 13.79 -36.84 35.13
C SER F 312 12.48 -36.19 35.60
N HIS F 313 12.25 -34.93 35.28
CA HIS F 313 10.95 -34.31 35.59
C HIS F 313 10.13 -33.85 34.39
N SER F 314 10.36 -34.42 33.21
CA SER F 314 9.47 -34.19 32.10
C SER F 314 8.20 -34.99 32.35
N PHE F 315 7.18 -34.73 31.55
CA PHE F 315 6.00 -35.54 31.56
C PHE F 315 5.33 -35.57 30.23
N ILE F 316 4.44 -36.56 30.08
CA ILE F 316 3.67 -36.73 28.86
C ILE F 316 2.18 -36.49 29.17
N VAL F 317 1.48 -35.84 28.26
CA VAL F 317 0.02 -35.64 28.34
C VAL F 317 -0.58 -36.18 27.07
N HIS F 318 -1.61 -36.98 27.24
CA HIS F 318 -2.34 -37.58 26.15
C HIS F 318 -3.66 -36.81 25.97
N ALA F 319 -3.88 -36.31 24.78
CA ALA F 319 -5.10 -35.63 24.44
C ALA F 319 -5.80 -36.53 23.44
N ARG F 320 -7.12 -36.51 23.53
CA ARG F 320 -7.99 -37.27 22.64
C ARG F 320 -7.88 -36.74 21.21
N ASP F 321 -7.79 -35.41 21.05
CA ASP F 321 -7.65 -34.77 19.73
C ASP F 321 -6.79 -33.49 19.83
N MET F 322 -6.54 -32.89 18.69
CA MET F 322 -5.73 -31.70 18.57
C MET F 322 -6.30 -30.50 19.33
N LEU F 323 -7.62 -30.32 19.23
CA LEU F 323 -8.26 -29.26 19.94
C LEU F 323 -7.98 -29.35 21.43
N GLU F 324 -8.15 -30.55 21.97
CA GLU F 324 -7.86 -30.79 23.37
C GLU F 324 -6.38 -30.55 23.72
N ALA F 325 -5.48 -30.94 22.85
CA ALA F 325 -4.04 -30.68 23.05
C ALA F 325 -3.68 -29.15 23.12
N ILE F 326 -4.20 -28.37 22.17
CA ILE F 326 -3.94 -26.92 22.10
C ILE F 326 -4.58 -26.25 23.29
N THR F 327 -5.75 -26.73 23.68
CA THR F 327 -6.41 -26.23 24.86
C THR F 327 -5.57 -26.47 26.09
N PHE F 328 -4.97 -27.65 26.20
CA PHE F 328 -4.07 -27.90 27.33
C PHE F 328 -2.87 -26.98 27.25
N SER F 329 -2.26 -26.89 26.06
CA SER F 329 -1.08 -26.04 25.86
C SER F 329 -1.35 -24.53 26.20
N ASN F 330 -2.50 -24.04 25.77
CA ASN F 330 -2.92 -22.68 26.10
C ASN F 330 -3.03 -22.44 27.58
N MET F 331 -3.52 -23.45 28.35
CA MET F 331 -3.53 -23.31 29.83
C MET F 331 -2.12 -23.29 30.43
N TYR F 332 -1.27 -24.19 29.93
CA TYR F 332 0.12 -24.30 30.36
C TYR F 332 0.87 -23.06 30.03
N ALA F 333 0.69 -22.57 28.82
CA ALA F 333 1.36 -21.32 28.37
C ALA F 333 2.91 -21.43 28.28
N PRO F 334 3.39 -22.29 27.40
CA PRO F 334 4.81 -22.62 27.33
C PRO F 334 5.67 -21.55 26.74
N GLU F 335 6.96 -21.51 27.05
CA GLU F 335 7.88 -20.61 26.40
C GLU F 335 8.02 -20.89 24.90
N HIS F 336 8.30 -22.15 24.57
CA HIS F 336 8.34 -22.61 23.19
C HIS F 336 7.24 -23.65 23.01
N LEU F 337 6.63 -23.63 21.81
CA LEU F 337 5.62 -24.58 21.44
C LEU F 337 5.93 -25.10 20.04
N ILE F 338 6.11 -26.41 19.93
CA ILE F 338 6.36 -27.04 18.62
C ILE F 338 5.15 -27.83 18.26
N ILE F 339 4.56 -27.59 17.13
CA ILE F 339 3.38 -28.30 16.76
C ILE F 339 3.72 -29.19 15.59
N ASN F 340 3.96 -30.45 15.89
CA ASN F 340 4.38 -31.41 14.86
C ASN F 340 3.19 -32.25 14.55
N VAL F 341 2.26 -31.67 13.80
CA VAL F 341 1.07 -32.38 13.44
C VAL F 341 0.80 -32.14 11.98
N LYS F 342 -0.02 -33.02 11.44
CA LYS F 342 -0.50 -32.83 10.10
C LYS F 342 -1.25 -31.51 10.07
N ASP F 343 -0.85 -30.66 9.13
CA ASP F 343 -1.52 -29.43 8.84
C ASP F 343 -1.43 -28.49 10.02
N ALA F 344 -0.21 -28.42 10.56
CA ALA F 344 0.08 -27.64 11.78
C ALA F 344 -0.37 -26.21 11.67
N GLU F 345 -0.20 -25.68 10.48
CA GLU F 345 -0.35 -24.28 10.17
C GLU F 345 -1.84 -23.84 10.27
N LYS F 346 -2.75 -24.76 10.07
CA LYS F 346 -4.15 -24.50 10.22
C LYS F 346 -4.58 -24.28 11.66
N TRP F 347 -3.80 -24.77 12.61
CA TRP F 347 -4.13 -24.64 14.04
C TRP F 347 -3.72 -23.31 14.71
N GLU F 348 -3.02 -22.49 13.99
CA GLU F 348 -2.51 -21.20 14.44
C GLU F 348 -3.53 -20.26 15.13
N SER F 349 -4.71 -20.13 14.58
CA SER F 349 -5.71 -19.28 15.15
C SER F 349 -6.19 -19.84 16.50
N PHE F 350 -5.90 -21.10 16.82
CA PHE F 350 -6.23 -21.66 18.11
C PHE F 350 -5.27 -21.37 19.20
N ILE F 351 -4.11 -20.86 18.86
CA ILE F 351 -3.06 -20.68 19.84
C ILE F 351 -3.34 -19.38 20.52
N GLU F 352 -3.34 -19.40 21.84
CA GLU F 352 -3.63 -18.21 22.63
C GLU F 352 -2.47 -17.75 23.50
N ASN F 353 -1.72 -18.67 24.10
CA ASN F 353 -0.59 -18.39 24.96
C ASN F 353 0.65 -19.26 24.61
N ALA F 354 1.70 -18.62 24.14
CA ALA F 354 2.98 -19.30 23.86
C ALA F 354 4.02 -18.24 23.50
N GLY F 355 5.27 -18.47 23.84
CA GLY F 355 6.29 -17.48 23.58
C GLY F 355 6.51 -17.47 22.10
N SER F 356 6.86 -18.60 21.56
CA SER F 356 7.18 -18.71 20.17
C SER F 356 6.78 -20.09 19.71
N VAL F 357 6.30 -20.16 18.48
CA VAL F 357 5.68 -21.35 17.95
C VAL F 357 6.43 -21.83 16.74
N PHE F 358 6.55 -23.14 16.65
CA PHE F 358 7.28 -23.78 15.60
C PHE F 358 6.35 -24.76 14.87
N LEU F 359 6.04 -24.52 13.60
CA LEU F 359 4.94 -25.30 12.91
C LEU F 359 5.48 -26.32 11.97
N GLY F 360 4.94 -27.52 12.06
CA GLY F 360 5.29 -28.56 11.11
C GLY F 360 6.48 -29.41 11.51
N SER F 361 7.03 -30.10 10.54
CA SER F 361 8.00 -31.18 10.79
C SER F 361 9.41 -30.76 10.57
N TRP F 362 9.61 -29.64 9.89
CA TRP F 362 10.95 -29.19 9.52
C TRP F 362 11.42 -27.96 10.27
N THR F 363 10.94 -27.75 11.48
CA THR F 363 11.12 -26.48 12.20
C THR F 363 11.48 -26.78 13.65
N PRO F 364 12.68 -27.31 13.90
CA PRO F 364 13.09 -27.51 15.28
C PRO F 364 13.29 -26.17 16.04
N GLU F 365 13.17 -26.26 17.37
CA GLU F 365 13.44 -25.15 18.29
C GLU F 365 14.73 -24.38 18.01
N SER F 366 15.78 -25.12 17.73
CA SER F 366 17.09 -24.49 17.49
C SER F 366 17.14 -23.51 16.35
N VAL F 367 16.24 -23.66 15.40
CA VAL F 367 16.18 -22.76 14.29
C VAL F 367 15.77 -21.38 14.81
N GLY F 368 14.85 -21.32 15.77
CA GLY F 368 14.41 -20.05 16.35
C GLY F 368 15.45 -19.58 17.33
N ASP F 369 16.08 -20.52 18.02
CA ASP F 369 17.20 -20.15 18.90
C ASP F 369 18.26 -19.35 18.15
N TYR F 370 18.50 -19.71 16.89
CA TYR F 370 19.73 -19.23 16.18
C TYR F 370 19.50 -18.29 15.03
N ALA F 371 18.62 -18.60 14.09
CA ALA F 371 18.58 -17.84 12.85
C ALA F 371 17.30 -17.68 12.06
N SER F 372 16.14 -18.29 12.44
CA SER F 372 14.85 -18.03 11.75
C SER F 372 14.60 -16.55 11.68
N GLY F 373 15.03 -15.87 12.74
CA GLY F 373 14.90 -14.43 12.84
C GLY F 373 13.96 -14.05 13.95
N THR F 374 13.23 -15.01 14.53
CA THR F 374 12.46 -14.70 15.76
C THR F 374 13.41 -14.50 16.95
N ASN F 375 12.86 -13.95 18.03
CA ASN F 375 13.61 -13.66 19.24
C ASN F 375 13.47 -14.82 20.18
N HIS F 376 14.58 -15.33 20.68
CA HIS F 376 14.53 -16.42 21.67
C HIS F 376 14.53 -15.91 23.13
N VAL F 377 14.59 -14.61 23.35
CA VAL F 377 14.37 -14.13 24.67
C VAL F 377 12.87 -14.04 24.91
N LEU F 378 12.35 -15.09 25.52
CA LEU F 378 10.97 -15.42 25.54
C LEU F 378 10.44 -15.64 26.95
N PRO F 379 9.13 -15.40 27.13
CA PRO F 379 8.49 -15.59 28.44
C PRO F 379 8.36 -17.05 28.96
N THR F 380 8.99 -17.28 30.11
CA THR F 380 8.95 -18.57 30.79
C THR F 380 7.95 -18.59 31.95
N TYR F 381 7.79 -19.77 32.54
CA TYR F 381 7.16 -19.98 33.86
C TYR F 381 5.67 -19.72 33.81
N GLY F 382 5.10 -19.61 32.60
CA GLY F 382 3.69 -19.20 32.41
C GLY F 382 3.50 -17.69 32.21
N TYR F 383 4.58 -16.92 32.22
CA TYR F 383 4.49 -15.50 31.89
C TYR F 383 4.05 -15.22 30.45
N ALA F 384 3.97 -16.25 29.57
CA ALA F 384 3.41 -16.01 28.20
C ALA F 384 1.90 -15.64 28.20
N ARG F 385 1.24 -15.78 29.33
CA ARG F 385 -0.13 -15.40 29.55
C ARG F 385 -0.29 -13.91 29.42
N MET F 386 0.70 -13.17 29.83
CA MET F 386 0.62 -11.71 29.76
C MET F 386 1.86 -10.96 29.27
N TYR F 387 2.98 -11.63 29.00
CA TYR F 387 4.17 -10.98 28.44
C TYR F 387 4.52 -11.59 27.10
N SER F 388 5.17 -10.79 26.25
CA SER F 388 5.69 -11.23 24.97
C SER F 388 7.16 -11.44 25.04
N GLY F 389 7.64 -12.19 24.05
CA GLY F 389 9.05 -12.14 23.72
C GLY F 389 9.54 -10.76 23.43
N VAL F 390 10.84 -10.58 23.65
CA VAL F 390 11.50 -9.32 23.31
C VAL F 390 11.29 -9.05 21.79
N SER F 391 10.95 -7.81 21.46
CA SER F 391 10.72 -7.41 20.10
C SER F 391 11.18 -5.96 19.90
N LEU F 392 10.97 -5.38 18.72
CA LEU F 392 11.34 -3.97 18.51
C LEU F 392 10.66 -3.07 19.56
N ASP F 393 9.36 -3.25 19.74
CA ASP F 393 8.63 -2.51 20.75
C ASP F 393 9.16 -2.49 22.18
N SER F 394 9.84 -3.57 22.58
CA SER F 394 10.47 -3.60 23.87
C SER F 394 11.48 -2.46 24.08
N PHE F 395 12.03 -1.92 22.97
CA PHE F 395 13.01 -0.85 23.02
C PHE F 395 12.47 0.54 22.71
N LEU F 396 11.15 0.71 22.69
CA LEU F 396 10.52 1.94 22.31
C LEU F 396 9.48 2.36 23.37
N LYS F 397 9.22 3.66 23.44
CA LYS F 397 8.01 4.18 24.10
C LYS F 397 7.21 4.83 23.00
N TYR F 398 5.89 4.81 23.18
CA TYR F 398 4.97 5.45 22.26
C TYR F 398 4.37 6.68 22.92
N ILE F 399 4.56 7.82 22.28
CA ILE F 399 4.04 9.09 22.70
C ILE F 399 2.79 9.38 21.91
N THR F 400 1.71 9.72 22.60
CA THR F 400 0.48 10.15 21.90
C THR F 400 0.48 11.68 21.75
N VAL F 401 -0.06 12.15 20.62
CA VAL F 401 -0.05 13.56 20.23
C VAL F 401 -1.42 13.96 19.74
N GLN F 402 -1.88 15.11 20.20
CA GLN F 402 -3.08 15.67 19.68
C GLN F 402 -2.90 17.13 19.39
N SER F 403 -3.62 17.56 18.37
CA SER F 403 -3.56 18.93 17.91
C SER F 403 -4.91 19.28 17.30
N LEU F 404 -5.55 20.28 17.87
CA LEU F 404 -6.84 20.75 17.41
C LEU F 404 -6.75 22.09 16.70
N THR F 405 -7.53 22.23 15.64
CA THR F 405 -7.86 23.54 15.09
C THR F 405 -8.93 24.16 15.96
N GLU F 406 -9.16 25.44 15.70
CA GLU F 406 -10.23 26.19 16.32
C GLU F 406 -11.59 25.51 16.16
N GLU F 407 -11.87 25.13 14.91
CA GLU F 407 -13.05 24.37 14.52
C GLU F 407 -13.14 23.01 15.24
N GLY F 408 -12.01 22.32 15.39
CA GLY F 408 -11.97 21.10 16.21
C GLY F 408 -12.45 21.36 17.61
N LEU F 409 -11.91 22.42 18.23
CA LEU F 409 -12.25 22.72 19.62
C LEU F 409 -13.72 23.17 19.77
N ARG F 410 -14.23 23.89 18.79
CA ARG F 410 -15.65 24.30 18.82
C ARG F 410 -16.59 23.10 18.81
N LYS F 411 -16.34 22.13 17.94
CA LYS F 411 -17.10 20.88 17.90
C LYS F 411 -16.93 20.08 19.20
N LEU F 412 -15.69 19.89 19.59
CA LEU F 412 -15.35 18.95 20.66
C LEU F 412 -15.40 19.57 22.04
N GLY F 413 -14.97 20.81 22.17
CA GLY F 413 -15.00 21.55 23.43
C GLY F 413 -16.24 21.37 24.28
N PRO F 414 -17.43 21.56 23.70
CA PRO F 414 -18.68 21.49 24.51
C PRO F 414 -18.92 20.11 25.17
N TYR F 415 -18.58 19.03 24.47
CA TYR F 415 -18.64 17.67 25.03
C TYR F 415 -17.73 17.54 26.20
N VAL F 416 -16.55 18.13 26.08
CA VAL F 416 -15.56 18.10 27.15
C VAL F 416 -16.07 18.85 28.38
N GLU F 417 -16.68 20.01 28.17
CA GLU F 417 -17.26 20.77 29.30
C GLU F 417 -18.23 19.89 30.10
N THR F 418 -19.19 19.29 29.40
CA THR F 418 -20.18 18.41 30.01
C THR F 418 -19.52 17.36 30.88
N MET F 419 -18.49 16.69 30.33
CA MET F 419 -17.88 15.58 31.04
C MET F 419 -17.10 16.06 32.25
N ALA F 420 -16.35 17.16 32.11
CA ALA F 420 -15.60 17.75 33.25
C ALA F 420 -16.54 18.21 34.42
N GLU F 421 -17.70 18.75 34.09
CA GLU F 421 -18.74 19.04 35.09
C GLU F 421 -19.27 17.80 35.75
N VAL F 422 -19.55 16.73 34.99
CA VAL F 422 -19.96 15.44 35.58
C VAL F 422 -18.90 14.92 36.60
N GLU F 423 -17.62 15.11 36.31
CA GLU F 423 -16.54 14.61 37.19
C GLU F 423 -16.19 15.58 38.30
N GLY F 424 -16.75 16.79 38.22
CA GLY F 424 -16.63 17.75 39.29
C GLY F 424 -15.33 18.49 39.15
N LEU F 425 -14.86 18.70 37.92
CA LEU F 425 -13.53 19.25 37.64
C LEU F 425 -13.66 20.55 36.86
N GLU F 426 -13.99 21.64 37.57
CA GLU F 426 -14.37 22.95 36.97
C GLU F 426 -13.19 23.62 36.27
N ALA F 427 -12.00 23.56 36.86
CA ALA F 427 -10.77 23.98 36.13
C ALA F 427 -10.58 23.27 34.75
N HIS F 428 -10.80 21.97 34.70
CA HIS F 428 -10.72 21.26 33.43
C HIS F 428 -11.71 21.80 32.37
N LYS F 429 -12.90 22.12 32.84
CA LYS F 429 -13.93 22.74 31.98
C LYS F 429 -13.51 24.12 31.54
N ARG F 430 -12.98 24.94 32.47
CA ARG F 430 -12.66 26.34 32.14
C ARG F 430 -11.49 26.51 31.19
N ALA F 431 -10.58 25.56 31.17
CA ALA F 431 -9.51 25.64 30.24
C ALA F 431 -10.11 25.60 28.83
N VAL F 432 -11.15 24.81 28.63
CA VAL F 432 -11.90 24.82 27.39
C VAL F 432 -12.84 26.02 27.16
N THR F 433 -13.59 26.37 28.18
CA THR F 433 -14.57 27.42 28.12
C THR F 433 -13.97 28.76 27.81
N LEU F 434 -12.85 29.06 28.42
CA LEU F 434 -12.11 30.28 28.17
C LEU F 434 -11.56 30.37 26.77
N ARG F 435 -11.13 29.23 26.24
CA ARG F 435 -10.76 29.13 24.84
C ARG F 435 -11.97 29.26 23.89
N LEU F 436 -13.10 28.65 24.23
CA LEU F 436 -14.29 28.74 23.34
C LEU F 436 -14.87 30.17 23.28
N GLN F 437 -14.72 30.94 24.35
CA GLN F 437 -15.15 32.35 24.36
C GLN F 437 -14.24 33.29 23.50
N ASP F 438 -12.91 33.15 23.63
CA ASP F 438 -11.95 33.83 22.73
C ASP F 438 -12.30 33.61 21.27
N ILE F 439 -12.60 32.36 20.91
CA ILE F 439 -12.93 32.02 19.52
C ILE F 439 -14.27 32.61 19.06
N GLU F 440 -15.30 32.44 19.88
CA GLU F 440 -16.59 33.12 19.63
C GLU F 440 -16.51 34.65 19.64
N ALA F 441 -15.62 35.23 20.46
CA ALA F 441 -15.43 36.69 20.47
C ALA F 441 -14.88 37.21 19.13
N ARG F 442 -14.03 36.43 18.47
CA ARG F 442 -13.48 36.81 17.15
C ARG F 442 -14.38 36.45 15.93
N GLN F 443 -15.34 35.55 16.12
CA GLN F 443 -16.33 35.16 15.10
C GLN F 443 -16.98 36.35 14.37
ZN ZN G . -32.75 -19.29 0.37
N1 IMD H . -32.92 -17.96 -1.19
C2 IMD H . -33.85 -17.01 -1.07
N3 IMD H . -33.93 -16.36 -2.24
C4 IMD H . -33.05 -16.91 -3.10
C5 IMD H . -32.40 -17.91 -2.43
C1 PEG I . -30.78 -9.61 -31.92
O1 PEG I . -31.00 -8.22 -32.28
C2 PEG I . -29.81 -10.33 -32.89
O2 PEG I . -28.58 -10.76 -32.27
C3 PEG I . -27.68 -9.68 -31.98
C4 PEG I . -26.28 -10.16 -31.58
O4 PEG I . -25.85 -9.48 -30.39
ZN ZN J . 3.54 -22.63 -30.43
N1 IMD K . 3.74 -23.85 -28.75
C2 IMD K . 5.04 -24.33 -28.67
N3 IMD K . 5.07 -25.28 -27.72
C4 IMD K . 3.84 -25.44 -27.19
C5 IMD K . 2.99 -24.53 -27.82
C1 PEG L . -7.44 -45.12 -7.48
O1 PEG L . -8.27 -44.17 -6.80
C2 PEG L . -6.01 -45.03 -6.97
O2 PEG L . -6.00 -45.16 -5.55
C3 PEG L . -5.77 -43.94 -4.84
C4 PEG L . -4.28 -43.56 -4.89
O4 PEG L . -3.94 -42.71 -3.79
ZN ZN M . -12.96 29.72 -20.65
N1 IMD N . -12.57 30.55 -18.79
C2 IMD N . -13.64 30.92 -18.08
N3 IMD N . -13.23 31.65 -17.03
C4 IMD N . -11.91 31.76 -17.08
C5 IMD N . -11.49 31.05 -18.18
C1 PEG O . 8.48 41.22 1.45
O1 PEG O . 8.70 40.26 2.47
C2 PEG O . 9.46 42.39 1.51
O2 PEG O . 8.84 43.61 1.06
C3 PEG O . 8.23 44.35 2.14
C4 PEG O . 7.35 45.49 1.61
O4 PEG O . 6.07 45.51 2.26
ZN ZN P . 31.58 19.65 -6.53
N1 IMD Q . 31.06 18.76 -8.34
C2 IMD Q . 32.01 17.90 -8.71
N3 IMD Q . 31.79 17.61 -9.99
C4 IMD Q . 30.71 18.29 -10.43
C5 IMD Q . 30.23 19.01 -9.38
C1 PEG R . 14.99 19.04 -35.94
O1 PEG R . 13.92 19.73 -35.29
C2 PEG R . 16.03 20.05 -36.43
O2 PEG R . 16.93 19.52 -37.40
C3 PEG R . 17.45 18.20 -37.18
C4 PEG R . 18.74 18.05 -37.95
O4 PEG R . 18.40 17.82 -39.32
ZN ZN S . -7.11 15.80 34.28
N1 IMD T . -8.34 14.10 34.25
C2 IMD T . -9.68 14.32 34.22
N3 IMD T . -10.33 13.17 34.47
C4 IMD T . -9.41 12.20 34.65
C5 IMD T . -8.16 12.77 34.50
C1 PEG U . -10.71 -17.75 39.61
O1 PEG U . -10.46 -16.95 38.44
C2 PEG U . -11.57 -17.03 40.66
O2 PEG U . -12.96 -17.25 40.38
C3 PEG U . -13.88 -16.67 41.30
C4 PEG U . -15.15 -16.27 40.53
O4 PEG U . -15.74 -17.45 40.00
ZN ZN V . 17.85 -23.48 23.04
N1 IMD W . 19.11 -21.84 22.96
C2 IMD W . 20.28 -21.98 22.28
N3 IMD W . 21.01 -20.87 22.42
C4 IMD W . 20.31 -20.00 23.18
C5 IMD W . 19.12 -20.61 23.51
C1 PEG X . 24.49 7.77 31.30
O1 PEG X . 24.55 7.43 29.90
C2 PEG X . 25.88 7.83 31.94
O2 PEG X . 25.79 7.67 33.39
C3 PEG X . 26.97 7.34 34.17
C4 PEG X . 28.30 8.01 33.74
O4 PEG X . 29.21 7.03 33.20
#